data_6PFG
#
_entry.id   6PFG
#
_cell.length_a   213.635
_cell.length_b   116.595
_cell.length_c   221.411
_cell.angle_alpha   90.00
_cell.angle_beta   95.21
_cell.angle_gamma   90.00
#
_symmetry.space_group_name_H-M   'C 1 2 1'
#
loop_
_entity.id
_entity.type
_entity.pdbx_description
1 polymer 'Bifunctional dihydrofolate reductase-thymidylate synthase'
2 non-polymer 'NADPH DIHYDRO-NICOTINAMIDE-ADENINE-DINUCLEOTIDE PHOSPHATE'
3 non-polymer "5-FLUORO-2'-DEOXYURIDINE-5'-MONOPHOSPHATE"
4 non-polymer '2-({4-[(2-amino-4-oxo-4,7-dihydro-3H-pyrrolo[2,3-d]pyrimidin-5-yl)methyl]benzene-1-carbonyl}amino)-4-carbamoylbenzoic acid'
5 non-polymer METHOTREXATE
6 non-polymer 'SULFATE ION'
7 water water
#
_entity_poly.entity_id   1
_entity_poly.type   'polypeptide(L)'
_entity_poly.pdbx_seq_one_letter_code
;MSEKNVSIVVAASVLSSGIGINGQLPWSISEDLKFFSKITNNKCDSNKKNALIMGRKTWDSIGRRPLKNRIIVVISSSLP
QDEADPNVVVFRNLEDSIENLMNDDSIENIFVCGGESIYRDALKDNFVDRIYLTRVALEDIEFDTYFPEIPETFLPVYMS
QTFCTKNISYDFMIFEKQEKKTLQNCDPARGQLKSIDDTVDLLGEIFGIRKMGNRHKFPKEEIYNTPSIRFGREHYEFQY
LDLLSRVLENGAYRENRTGISTYSIFGQMMRFDMRESFPLLTTKKVAIRSIFEELIWFIKGDTNGNHLIEKKVYIWSGNG
SKEYLERIGLGHREENDLGPIYGFQWRHYNGEYKTMHDDYTGVGVDQLAKLIETLKNNPKDRRHILTAWNPSALSQMALP
PCHVLSQYYVTNDNCLSCNLYQRSCDLGLGSPFNIASYAILTMMLAQVCGYEPGELAIFIGDAHIYENHLTQLKEQLSRT
PRPFPQLKFKRKVENIEDFKWEDIELIGYYPYPTIKMDMAV
;
_entity_poly.pdbx_strand_id   A,B,C,D,E
#
loop_
_chem_comp.id
_chem_comp.type
_chem_comp.name
_chem_comp.formula
MTX non-polymer METHOTREXATE 'C20 H22 N8 O5'
NDP non-polymer 'NADPH DIHYDRO-NICOTINAMIDE-ADENINE-DINUCLEOTIDE PHOSPHATE' 'C21 H30 N7 O17 P3'
OFJ non-polymer '2-({4-[(2-amino-4-oxo-4,7-dihydro-3H-pyrrolo[2,3-d]pyrimidin-5-yl)methyl]benzene-1-carbonyl}amino)-4-carbamoylbenzoic acid' 'C22 H18 N6 O5'
SO4 non-polymer 'SULFATE ION' 'O4 S -2'
UFP DNA linking 5-FLUORO-2'-DEOXYURIDINE-5'-MONOPHOSPHATE 'C9 H12 F N2 O8 P'
#
# COMPACT_ATOMS: atom_id res chain seq x y z
N GLU A 3 34.74 30.77 -31.68
CA GLU A 3 33.71 29.75 -31.73
C GLU A 3 33.15 29.46 -30.33
N LYS A 4 32.00 30.05 -30.03
CA LYS A 4 31.35 29.84 -28.74
C LYS A 4 29.86 29.55 -28.93
N ASN A 5 29.11 29.50 -27.84
CA ASN A 5 27.73 29.02 -27.88
C ASN A 5 26.75 30.13 -28.18
N VAL A 6 25.71 29.78 -28.93
CA VAL A 6 24.64 30.70 -29.31
C VAL A 6 23.31 30.06 -28.93
N SER A 7 22.51 30.78 -28.15
CA SER A 7 21.24 30.26 -27.65
C SER A 7 20.14 31.28 -27.88
N ILE A 8 19.04 30.83 -28.46
CA ILE A 8 17.81 31.61 -28.50
C ILE A 8 17.17 31.55 -27.12
N VAL A 9 16.65 32.68 -26.65
CA VAL A 9 15.84 32.73 -25.44
C VAL A 9 14.50 33.35 -25.82
N VAL A 10 13.42 32.62 -25.61
CA VAL A 10 12.11 33.09 -26.06
C VAL A 10 11.03 32.58 -25.11
N ALA A 11 9.96 33.37 -24.99
CA ALA A 11 8.74 32.96 -24.28
C ALA A 11 7.59 33.04 -25.28
N ALA A 12 7.01 31.89 -25.60
CA ALA A 12 5.98 31.81 -26.63
C ALA A 12 4.78 31.03 -26.11
N SER A 13 3.63 31.30 -26.73
CA SER A 13 2.41 30.60 -26.34
C SER A 13 2.47 29.14 -26.78
N VAL A 14 1.66 28.31 -26.14
CA VAL A 14 1.83 26.87 -26.22
C VAL A 14 1.42 26.33 -27.59
N LEU A 15 0.38 26.91 -28.21
CA LEU A 15 -0.15 26.39 -29.45
C LEU A 15 0.26 27.19 -30.67
N SER A 16 0.03 28.50 -30.68
CA SER A 16 0.30 29.34 -31.83
C SER A 16 1.65 30.04 -31.78
N SER A 17 2.39 29.90 -30.68
CA SER A 17 3.73 30.46 -30.52
C SER A 17 3.74 31.98 -30.59
N GLY A 18 2.69 32.63 -30.09
CA GLY A 18 2.68 34.08 -30.04
C GLY A 18 3.59 34.61 -28.93
N ILE A 19 4.29 35.70 -29.22
CA ILE A 19 5.27 36.24 -28.29
C ILE A 19 5.04 37.71 -28.01
N GLY A 20 4.20 38.37 -28.80
CA GLY A 20 4.02 39.80 -28.63
C GLY A 20 2.69 40.31 -29.14
N ILE A 21 2.32 41.50 -28.67
CA ILE A 21 1.11 42.18 -29.11
C ILE A 21 1.24 43.67 -28.87
N ASN A 22 1.08 44.47 -29.93
CA ASN A 22 1.10 45.93 -29.85
C ASN A 22 2.35 46.44 -29.15
N GLY A 23 3.49 45.87 -29.52
CA GLY A 23 4.77 46.33 -29.02
C GLY A 23 5.11 45.93 -27.60
N GLN A 24 4.34 45.02 -26.98
CA GLN A 24 4.63 44.56 -25.64
C GLN A 24 4.32 43.07 -25.55
N LEU A 25 4.48 42.52 -24.35
CA LEU A 25 4.22 41.11 -24.12
C LEU A 25 2.73 40.87 -23.86
N PRO A 26 2.18 39.74 -24.31
CA PRO A 26 0.79 39.41 -24.03
C PRO A 26 0.53 38.85 -22.63
N TRP A 27 1.51 38.93 -21.73
CA TRP A 27 1.36 38.43 -20.38
C TRP A 27 2.39 39.14 -19.49
N SER A 28 2.24 38.95 -18.19
CA SER A 28 3.16 39.51 -17.20
C SER A 28 3.53 38.40 -16.21
N ILE A 29 4.67 37.76 -16.44
CA ILE A 29 5.16 36.67 -15.61
C ILE A 29 6.53 37.07 -15.06
N SER A 30 6.59 37.36 -13.76
CA SER A 30 7.85 37.82 -13.16
C SER A 30 8.90 36.73 -13.18
N GLU A 31 8.52 35.49 -12.87
CA GLU A 31 9.47 34.39 -12.85
C GLU A 31 10.11 34.17 -14.22
N ASP A 32 9.37 34.44 -15.29
CA ASP A 32 9.95 34.29 -16.63
C ASP A 32 11.03 35.34 -16.89
N LEU A 33 10.82 36.57 -16.42
CA LEU A 33 11.86 37.59 -16.52
C LEU A 33 13.06 37.22 -15.67
N LYS A 34 12.83 36.68 -14.47
CA LYS A 34 13.94 36.23 -13.64
C LYS A 34 14.71 35.10 -14.31
N PHE A 35 14.01 34.21 -15.01
CA PHE A 35 14.67 33.15 -15.76
C PHE A 35 15.52 33.73 -16.88
N PHE A 36 14.95 34.69 -17.63
CA PHE A 36 15.72 35.37 -18.67
C PHE A 36 16.99 35.97 -18.10
N SER A 37 16.86 36.68 -16.97
CA SER A 37 18.02 37.33 -16.35
C SER A 37 19.08 36.31 -15.95
N LYS A 38 18.67 35.25 -15.26
CA LYS A 38 19.64 34.28 -14.76
C LYS A 38 20.27 33.48 -15.88
N ILE A 39 19.54 33.24 -16.98
CA ILE A 39 20.11 32.44 -18.06
C ILE A 39 21.00 33.30 -18.95
N THR A 40 20.74 34.61 -19.03
CA THR A 40 21.60 35.49 -19.83
C THR A 40 22.81 35.98 -19.05
N ASN A 41 22.74 35.98 -17.71
CA ASN A 41 23.88 36.31 -16.88
C ASN A 41 24.78 35.11 -16.58
N ASN A 42 24.30 33.89 -16.83
CA ASN A 42 25.05 32.68 -16.54
C ASN A 42 26.33 32.62 -17.38
N LYS A 43 27.48 32.75 -16.72
CA LYS A 43 28.77 32.72 -17.41
C LYS A 43 29.79 32.06 -16.53
N CYS A 44 30.91 31.65 -17.15
CA CYS A 44 31.99 30.96 -16.45
C CYS A 44 33.15 31.88 -16.08
N ASP A 45 33.56 32.76 -16.99
CA ASP A 45 34.68 33.67 -16.76
C ASP A 45 34.16 35.00 -16.20
N SER A 46 34.67 35.37 -15.03
CA SER A 46 34.23 36.63 -14.41
C SER A 46 34.76 37.85 -15.14
N ASN A 47 35.81 37.70 -15.96
CA ASN A 47 36.37 38.81 -16.72
C ASN A 47 35.76 38.93 -18.11
N LYS A 48 34.67 38.21 -18.38
CA LYS A 48 33.98 38.27 -19.66
C LYS A 48 32.51 38.62 -19.43
N LYS A 49 31.84 38.99 -20.52
CA LYS A 49 30.42 39.32 -20.49
C LYS A 49 29.69 38.51 -21.56
N ASN A 50 28.38 38.46 -21.45
CA ASN A 50 27.54 37.81 -22.45
C ASN A 50 26.89 38.87 -23.34
N ALA A 51 26.66 38.49 -24.60
CA ALA A 51 26.07 39.39 -25.59
C ALA A 51 24.62 38.98 -25.83
N LEU A 52 23.72 39.96 -25.80
CA LEU A 52 22.30 39.75 -26.01
C LEU A 52 21.87 40.47 -27.29
N ILE A 53 21.59 39.69 -28.33
CA ILE A 53 21.19 40.24 -29.62
C ILE A 53 19.68 40.40 -29.65
N MET A 54 19.21 41.57 -30.07
CA MET A 54 17.78 41.83 -30.16
C MET A 54 17.50 42.80 -31.28
N GLY A 55 16.28 42.77 -31.78
CA GLY A 55 15.85 43.71 -32.79
C GLY A 55 15.59 45.09 -32.22
N ARG A 56 15.35 46.05 -33.13
CA ARG A 56 15.18 47.43 -32.70
C ARG A 56 13.86 47.63 -31.97
N LYS A 57 12.78 47.01 -32.44
CA LYS A 57 11.51 47.14 -31.75
C LYS A 57 11.57 46.49 -30.37
N THR A 58 12.28 45.37 -30.26
CA THR A 58 12.53 44.78 -28.94
C THR A 58 13.32 45.74 -28.06
N TRP A 59 14.34 46.41 -28.63
CA TRP A 59 15.11 47.39 -27.90
C TRP A 59 14.24 48.55 -27.42
N ASP A 60 13.22 48.92 -28.20
CA ASP A 60 12.26 49.91 -27.74
C ASP A 60 11.39 49.35 -26.62
N SER A 61 11.07 48.06 -26.69
CA SER A 61 10.16 47.45 -25.71
C SER A 61 10.73 47.50 -24.30
N ILE A 62 12.04 47.42 -24.15
CA ILE A 62 12.66 47.40 -22.82
C ILE A 62 13.10 48.81 -22.44
N GLY A 63 12.54 49.82 -23.10
CA GLY A 63 12.80 51.20 -22.73
C GLY A 63 14.12 51.77 -23.19
N ARG A 64 14.84 51.07 -24.06
CA ARG A 64 16.14 51.52 -24.56
C ARG A 64 17.12 51.77 -23.41
N ARG A 65 17.10 50.89 -22.41
CA ARG A 65 18.02 51.00 -21.30
C ARG A 65 18.82 49.71 -21.14
N PRO A 66 20.09 49.79 -20.79
CA PRO A 66 20.94 48.59 -20.79
C PRO A 66 20.53 47.60 -19.71
N LEU A 67 20.94 46.36 -19.92
CA LEU A 67 20.73 45.28 -18.96
C LEU A 67 22.01 45.09 -18.16
N LYS A 68 21.88 45.07 -16.83
CA LYS A 68 23.03 45.05 -15.95
C LYS A 68 23.93 43.85 -16.23
N ASN A 69 25.25 44.09 -16.21
CA ASN A 69 26.32 43.11 -16.35
C ASN A 69 26.42 42.50 -17.74
N ARG A 70 25.55 42.87 -18.68
CA ARG A 70 25.55 42.28 -20.01
C ARG A 70 25.72 43.37 -21.06
N ILE A 71 26.04 42.93 -22.28
CA ILE A 71 26.22 43.83 -23.42
C ILE A 71 25.07 43.56 -24.39
N ILE A 72 24.33 44.62 -24.73
CA ILE A 72 23.19 44.51 -25.62
C ILE A 72 23.63 44.83 -27.05
N VAL A 73 23.17 44.00 -27.99
CA VAL A 73 23.47 44.15 -29.41
C VAL A 73 22.14 44.37 -30.13
N VAL A 74 21.96 45.57 -30.68
CA VAL A 74 20.71 45.94 -31.35
C VAL A 74 20.93 45.85 -32.86
N ILE A 75 20.06 45.08 -33.52
CA ILE A 75 20.06 44.98 -34.97
C ILE A 75 19.13 46.06 -35.51
N SER A 76 19.68 47.00 -36.26
CA SER A 76 18.88 48.09 -36.81
C SER A 76 19.60 48.66 -38.03
N SER A 77 18.81 49.08 -39.00
CA SER A 77 19.35 49.72 -40.19
C SER A 77 19.37 51.25 -40.09
N SER A 78 18.72 51.82 -39.07
CA SER A 78 18.62 53.26 -38.92
C SER A 78 19.20 53.80 -37.63
N LEU A 79 19.34 52.99 -36.59
CA LEU A 79 19.86 53.48 -35.32
C LEU A 79 21.29 53.96 -35.48
N PRO A 80 21.64 55.13 -34.94
CA PRO A 80 23.02 55.62 -35.05
C PRO A 80 23.97 54.70 -34.28
N GLN A 81 25.05 54.29 -34.97
CA GLN A 81 26.06 53.42 -34.36
C GLN A 81 26.82 54.23 -33.30
N ASP A 82 26.17 54.41 -32.15
CA ASP A 82 26.74 55.19 -31.07
C ASP A 82 27.88 54.43 -30.40
N GLU A 83 28.91 55.17 -29.99
CA GLU A 83 30.03 54.62 -29.24
C GLU A 83 30.11 55.15 -27.82
N ALA A 84 29.16 56.00 -27.42
CA ALA A 84 29.19 56.55 -26.06
C ALA A 84 28.90 55.46 -25.02
N ASP A 85 27.85 54.68 -25.24
CA ASP A 85 27.48 53.62 -24.31
C ASP A 85 28.27 52.37 -24.66
N PRO A 86 29.17 51.90 -23.80
CA PRO A 86 29.89 50.66 -24.10
C PRO A 86 29.08 49.40 -23.83
N ASN A 87 27.92 49.53 -23.20
CA ASN A 87 27.05 48.38 -22.91
C ASN A 87 26.01 48.13 -24.01
N VAL A 88 25.87 49.04 -24.96
CA VAL A 88 24.93 48.91 -26.06
C VAL A 88 25.66 49.18 -27.37
N VAL A 89 25.57 48.25 -28.30
CA VAL A 89 26.21 48.41 -29.61
C VAL A 89 25.19 48.05 -30.68
N VAL A 90 25.29 48.73 -31.83
CA VAL A 90 24.32 48.60 -32.91
C VAL A 90 25.02 48.01 -34.13
N PHE A 91 24.35 47.07 -34.80
CA PHE A 91 24.82 46.49 -36.05
C PHE A 91 23.74 46.62 -37.11
N ARG A 92 24.17 46.65 -38.37
CA ARG A 92 23.24 46.86 -39.47
C ARG A 92 22.57 45.58 -39.94
N ASN A 93 23.09 44.41 -39.58
CA ASN A 93 22.47 43.15 -39.94
C ASN A 93 22.93 42.09 -38.94
N LEU A 94 22.18 40.98 -38.91
CA LEU A 94 22.48 39.93 -37.93
C LEU A 94 23.81 39.25 -38.21
N GLU A 95 24.18 39.10 -39.49
CA GLU A 95 25.40 38.37 -39.83
C GLU A 95 26.65 39.08 -39.34
N ASP A 96 26.75 40.39 -39.58
CA ASP A 96 27.91 41.14 -39.10
C ASP A 96 28.00 41.13 -37.59
N SER A 97 26.86 41.05 -36.90
CA SER A 97 26.84 41.07 -35.43
C SER A 97 27.40 39.80 -34.81
N ILE A 98 27.59 38.73 -35.59
CA ILE A 98 28.13 37.48 -35.07
C ILE A 98 29.66 37.57 -35.01
N GLU A 99 30.20 38.76 -35.28
CA GLU A 99 31.63 38.99 -35.10
C GLU A 99 32.11 38.74 -33.66
N ASN A 100 31.19 38.67 -32.69
CA ASN A 100 31.56 38.22 -31.35
C ASN A 100 32.28 36.89 -31.38
N LEU A 101 32.01 36.05 -32.37
CA LEU A 101 32.74 34.79 -32.53
C LEU A 101 34.17 35.05 -33.01
N MET A 102 34.30 35.78 -34.13
CA MET A 102 35.59 35.94 -34.78
C MET A 102 36.61 36.57 -33.85
N ASN A 103 36.35 37.80 -33.41
CA ASN A 103 37.20 38.50 -32.46
C ASN A 103 36.45 38.64 -31.14
N ASP A 104 36.84 39.62 -30.34
CA ASP A 104 36.20 39.93 -29.06
C ASP A 104 36.14 38.69 -28.17
N ASP A 105 37.31 38.36 -27.61
CA ASP A 105 37.42 37.25 -26.68
C ASP A 105 36.81 37.56 -25.32
N SER A 106 36.38 38.80 -25.09
CA SER A 106 35.70 39.18 -23.87
C SER A 106 34.22 38.79 -23.87
N ILE A 107 33.71 38.24 -24.97
CA ILE A 107 32.33 37.76 -25.05
C ILE A 107 32.37 36.23 -24.94
N GLU A 108 31.70 35.70 -23.92
CA GLU A 108 31.71 34.27 -23.67
C GLU A 108 30.59 33.53 -24.39
N ASN A 109 29.35 33.99 -24.26
CA ASN A 109 28.20 33.33 -24.87
C ASN A 109 27.33 34.37 -25.55
N ILE A 110 26.53 33.93 -26.52
CA ILE A 110 25.67 34.80 -27.31
C ILE A 110 24.24 34.34 -27.19
N PHE A 111 23.32 35.29 -27.00
CA PHE A 111 21.90 35.00 -26.86
C PHE A 111 21.10 35.82 -27.86
N VAL A 112 20.28 35.14 -28.65
CA VAL A 112 19.29 35.78 -29.49
C VAL A 112 18.04 35.97 -28.64
N CYS A 113 17.74 37.23 -28.33
CA CYS A 113 16.83 37.56 -27.23
C CYS A 113 15.47 38.06 -27.66
N GLY A 114 15.22 38.26 -28.94
CA GLY A 114 13.87 38.65 -29.31
C GLY A 114 13.79 39.31 -30.66
N GLY A 115 12.58 39.28 -31.21
CA GLY A 115 12.30 39.74 -32.54
C GLY A 115 11.95 38.59 -33.46
N GLU A 116 10.70 38.56 -33.95
CA GLU A 116 10.30 37.50 -34.87
C GLU A 116 11.22 37.45 -36.09
N SER A 117 11.58 38.62 -36.63
CA SER A 117 12.53 38.64 -37.74
C SER A 117 13.90 38.13 -37.31
N ILE A 118 14.36 38.55 -36.12
CA ILE A 118 15.66 38.13 -35.63
C ILE A 118 15.68 36.62 -35.40
N TYR A 119 14.65 36.09 -34.74
CA TYR A 119 14.52 34.64 -34.58
C TYR A 119 14.53 33.94 -35.92
N ARG A 120 13.75 34.45 -36.87
CA ARG A 120 13.53 33.75 -38.13
C ARG A 120 14.83 33.67 -38.94
N ASP A 121 15.55 34.78 -39.06
CA ASP A 121 16.78 34.74 -39.84
C ASP A 121 18.00 34.35 -39.01
N ALA A 122 17.83 34.09 -37.72
CA ALA A 122 18.87 33.40 -36.97
C ALA A 122 18.74 31.89 -37.08
N LEU A 123 17.50 31.38 -37.17
CA LEU A 123 17.30 29.96 -37.42
C LEU A 123 17.55 29.61 -38.89
N LYS A 124 17.17 30.51 -39.81
CA LYS A 124 17.40 30.24 -41.23
C LYS A 124 18.89 30.24 -41.55
N ASP A 125 19.66 31.12 -40.92
CA ASP A 125 21.10 31.18 -41.13
C ASP A 125 21.86 30.13 -40.34
N ASN A 126 21.16 29.33 -39.52
CA ASN A 126 21.78 28.22 -38.80
C ASN A 126 22.87 28.72 -37.84
N PHE A 127 22.57 29.79 -37.12
CA PHE A 127 23.49 30.33 -36.12
C PHE A 127 23.21 29.80 -34.71
N VAL A 128 22.09 29.12 -34.51
CA VAL A 128 21.57 28.84 -33.18
C VAL A 128 22.00 27.44 -32.76
N ASP A 129 22.66 27.34 -31.61
CA ASP A 129 23.02 26.05 -31.03
C ASP A 129 21.97 25.54 -30.05
N ARG A 130 21.41 26.41 -29.21
CA ARG A 130 20.47 26.00 -28.19
C ARG A 130 19.23 26.88 -28.21
N ILE A 131 18.14 26.38 -27.63
CA ILE A 131 16.88 27.11 -27.55
C ILE A 131 16.31 26.94 -26.14
N TYR A 132 16.13 28.06 -25.43
CA TYR A 132 15.43 28.09 -24.15
C TYR A 132 14.04 28.66 -24.38
N LEU A 133 13.03 27.79 -24.33
CA LEU A 133 11.65 28.13 -24.66
C LEU A 133 10.79 28.10 -23.41
N THR A 134 10.12 29.20 -23.11
CA THR A 134 9.11 29.25 -22.05
C THR A 134 7.74 29.12 -22.71
N ARG A 135 7.10 27.98 -22.49
CA ARG A 135 5.79 27.70 -23.07
C ARG A 135 4.70 28.24 -22.14
N VAL A 136 3.95 29.23 -22.62
CA VAL A 136 2.90 29.89 -21.84
C VAL A 136 1.55 29.38 -22.30
N ALA A 137 0.69 29.02 -21.34
CA ALA A 137 -0.62 28.44 -21.65
C ALA A 137 -1.67 29.56 -21.74
N LEU A 138 -1.54 30.35 -22.80
CA LEU A 138 -2.47 31.44 -23.10
C LEU A 138 -2.68 31.46 -24.61
N GLU A 139 -3.88 31.14 -25.07
CA GLU A 139 -4.13 31.00 -26.50
C GLU A 139 -5.34 31.76 -27.02
N ASP A 140 -6.33 32.07 -26.19
CA ASP A 140 -7.51 32.78 -26.68
C ASP A 140 -7.37 34.28 -26.57
N ILE A 141 -6.18 34.80 -26.90
CA ILE A 141 -5.90 36.23 -26.91
C ILE A 141 -5.32 36.60 -28.27
N GLU A 142 -4.99 37.87 -28.42
CA GLU A 142 -4.56 38.43 -29.70
C GLU A 142 -3.04 38.52 -29.73
N PHE A 143 -2.44 38.04 -30.83
CA PHE A 143 -1.01 38.17 -31.08
C PHE A 143 -0.79 38.86 -32.42
N ASP A 144 0.33 39.57 -32.52
CA ASP A 144 0.80 40.08 -33.80
C ASP A 144 2.26 39.70 -34.08
N THR A 145 2.93 39.02 -33.16
CA THR A 145 4.31 38.58 -33.33
C THR A 145 4.42 37.14 -32.84
N TYR A 146 5.07 36.30 -33.63
CA TYR A 146 5.13 34.88 -33.35
C TYR A 146 6.57 34.38 -33.41
N PHE A 147 6.87 33.41 -32.57
CA PHE A 147 8.14 32.69 -32.67
C PHE A 147 8.05 31.66 -33.78
N PRO A 148 9.00 31.63 -34.72
CA PRO A 148 8.92 30.69 -35.84
C PRO A 148 8.97 29.25 -35.37
N GLU A 149 8.47 28.36 -36.23
CA GLU A 149 8.49 26.94 -35.92
C GLU A 149 9.92 26.44 -35.77
N ILE A 150 10.16 25.65 -34.73
CA ILE A 150 11.50 25.11 -34.49
C ILE A 150 11.84 24.10 -35.57
N PRO A 151 12.96 24.25 -36.28
CA PRO A 151 13.29 23.33 -37.37
C PRO A 151 13.59 21.94 -36.86
N GLU A 152 13.47 20.97 -37.78
CA GLU A 152 13.64 19.56 -37.44
C GLU A 152 15.06 19.23 -36.97
N THR A 153 16.02 20.11 -37.20
CA THR A 153 17.39 19.87 -36.74
C THR A 153 17.52 19.99 -35.22
N PHE A 154 16.49 20.47 -34.53
CA PHE A 154 16.50 20.59 -33.08
C PHE A 154 15.68 19.47 -32.45
N LEU A 155 16.13 19.01 -31.30
CA LEU A 155 15.41 18.02 -30.50
C LEU A 155 15.33 18.49 -29.05
N PRO A 156 14.20 18.24 -28.39
CA PRO A 156 14.09 18.65 -26.98
C PRO A 156 14.89 17.73 -26.07
N VAL A 157 15.58 18.34 -25.10
CA VAL A 157 16.39 17.60 -24.14
C VAL A 157 15.95 17.85 -22.70
N TYR A 158 15.00 18.76 -22.47
CA TYR A 158 14.55 19.05 -21.12
C TYR A 158 13.15 19.64 -21.17
N MET A 159 12.33 19.26 -20.19
CA MET A 159 10.98 19.83 -20.04
C MET A 159 10.68 19.90 -18.55
N SER A 160 10.58 21.12 -18.02
CA SER A 160 10.42 21.30 -16.58
C SER A 160 9.00 20.95 -16.15
N GLN A 161 8.79 20.94 -14.84
CA GLN A 161 7.45 20.85 -14.30
C GLN A 161 6.66 22.11 -14.64
N THR A 162 5.34 22.01 -14.53
CA THR A 162 4.48 23.16 -14.78
C THR A 162 4.52 24.10 -13.58
N PHE A 163 4.73 25.38 -13.86
CA PHE A 163 4.67 26.43 -12.84
C PHE A 163 3.46 27.31 -13.08
N CYS A 164 3.06 28.04 -12.03
CA CYS A 164 1.86 28.86 -12.06
C CYS A 164 2.16 30.27 -11.58
N THR A 165 1.74 31.26 -12.36
CA THR A 165 1.76 32.66 -11.96
C THR A 165 0.46 33.31 -12.38
N LYS A 166 -0.28 33.83 -11.41
CA LYS A 166 -1.56 34.49 -11.65
C LYS A 166 -2.52 33.58 -12.41
N ASN A 167 -2.59 32.32 -11.97
CA ASN A 167 -3.43 31.28 -12.56
C ASN A 167 -3.03 30.96 -14.00
N ILE A 168 -1.83 31.35 -14.41
CA ILE A 168 -1.31 31.07 -15.74
C ILE A 168 -0.26 29.97 -15.62
N SER A 169 -0.43 28.90 -16.38
CA SER A 169 0.51 27.79 -16.39
C SER A 169 1.61 28.04 -17.43
N TYR A 170 2.83 27.65 -17.07
CA TYR A 170 3.93 27.77 -18.02
C TYR A 170 4.99 26.72 -17.74
N ASP A 171 5.77 26.43 -18.78
CA ASP A 171 6.80 25.39 -18.80
C ASP A 171 8.12 25.99 -19.26
N PHE A 172 9.21 25.31 -18.93
CA PHE A 172 10.54 25.64 -19.45
C PHE A 172 11.12 24.43 -20.16
N MET A 173 11.56 24.64 -21.40
CA MET A 173 12.11 23.58 -22.22
C MET A 173 13.43 24.01 -22.85
N ILE A 174 14.29 23.03 -23.11
CA ILE A 174 15.55 23.23 -23.79
C ILE A 174 15.55 22.38 -25.07
N PHE A 175 15.88 23.00 -26.19
CA PHE A 175 16.09 22.30 -27.45
C PHE A 175 17.55 22.42 -27.85
N GLU A 176 18.11 21.34 -28.39
CA GLU A 176 19.49 21.35 -28.85
C GLU A 176 19.54 20.84 -30.28
N LYS A 177 20.43 21.43 -31.07
CA LYS A 177 20.63 21.03 -32.45
C LYS A 177 21.58 19.84 -32.49
N GLN A 178 21.14 18.74 -33.11
CA GLN A 178 21.93 17.52 -33.14
C GLN A 178 22.27 17.13 -34.57
N LEU A 193 30.52 5.02 -16.57
CA LEU A 193 31.41 4.50 -17.61
C LEU A 193 30.78 3.31 -18.32
N LYS A 194 31.22 3.05 -19.55
CA LYS A 194 30.73 1.91 -20.31
C LYS A 194 31.01 0.59 -19.61
N SER A 195 32.00 0.54 -18.71
CA SER A 195 32.34 -0.70 -18.03
C SER A 195 31.18 -1.21 -17.19
N ILE A 196 30.49 -0.31 -16.48
CA ILE A 196 29.36 -0.72 -15.65
C ILE A 196 28.24 -1.28 -16.51
N ASP A 197 27.93 -0.59 -17.61
CA ASP A 197 26.87 -1.06 -18.50
C ASP A 197 27.22 -2.41 -19.11
N ASP A 198 28.48 -2.60 -19.51
CA ASP A 198 28.90 -3.87 -20.08
C ASP A 198 28.82 -4.99 -19.06
N THR A 199 29.24 -4.73 -17.82
CA THR A 199 29.15 -5.76 -16.78
C THR A 199 27.69 -6.12 -16.49
N VAL A 200 26.81 -5.12 -16.45
CA VAL A 200 25.40 -5.40 -16.22
C VAL A 200 24.82 -6.21 -17.38
N ASP A 201 25.21 -5.88 -18.60
CA ASP A 201 24.74 -6.64 -19.76
C ASP A 201 25.23 -8.08 -19.73
N LEU A 202 26.48 -8.29 -19.33
CA LEU A 202 27.00 -9.66 -19.23
C LEU A 202 26.28 -10.44 -18.14
N LEU A 203 26.03 -9.80 -17.00
CA LEU A 203 25.29 -10.47 -15.93
C LEU A 203 23.87 -10.81 -16.38
N GLY A 204 23.25 -9.93 -17.17
CA GLY A 204 21.93 -10.21 -17.72
C GLY A 204 21.94 -11.25 -18.82
N GLU A 205 23.09 -11.46 -19.46
CA GLU A 205 23.20 -12.58 -20.41
C GLU A 205 23.35 -13.90 -19.67
N ILE A 206 24.14 -13.93 -18.60
CA ILE A 206 24.33 -15.14 -17.81
C ILE A 206 23.02 -15.51 -17.14
N PHE A 207 22.58 -14.70 -16.19
CA PHE A 207 21.29 -14.91 -15.55
C PHE A 207 20.18 -14.43 -16.46
N GLY A 208 19.11 -15.20 -16.56
CA GLY A 208 18.01 -14.82 -17.42
C GLY A 208 17.07 -13.86 -16.71
N ILE A 209 15.83 -14.31 -16.48
CA ILE A 209 14.92 -13.56 -15.62
C ILE A 209 15.28 -13.71 -14.15
N ARG A 210 16.34 -14.45 -13.84
CA ARG A 210 16.84 -14.53 -12.48
C ARG A 210 17.37 -13.17 -12.01
N LYS A 211 17.85 -12.35 -12.94
CA LYS A 211 18.31 -11.00 -12.63
C LYS A 211 17.13 -10.04 -12.72
N MET A 212 16.79 -9.40 -11.59
CA MET A 212 15.57 -8.62 -11.51
C MET A 212 15.55 -7.48 -12.53
N GLY A 213 16.72 -6.97 -12.91
CA GLY A 213 16.77 -5.96 -13.94
C GLY A 213 16.17 -6.42 -15.26
N ASN A 214 16.32 -7.71 -15.58
CA ASN A 214 15.73 -8.24 -16.81
C ASN A 214 14.21 -8.31 -16.74
N ARG A 215 13.64 -8.29 -15.53
CA ARG A 215 12.19 -8.23 -15.37
C ARG A 215 11.64 -6.80 -15.38
N HIS A 216 12.52 -5.80 -15.33
CA HIS A 216 12.14 -4.39 -15.40
C HIS A 216 12.98 -3.70 -16.48
N LYS A 217 12.88 -4.21 -17.71
CA LYS A 217 13.68 -3.68 -18.80
C LYS A 217 13.28 -2.25 -19.15
N PHE A 218 14.27 -1.44 -19.50
CA PHE A 218 14.00 -0.07 -19.91
C PHE A 218 13.20 -0.07 -21.20
N PRO A 219 12.19 0.79 -21.33
CA PRO A 219 11.35 0.77 -22.53
C PRO A 219 12.16 1.10 -23.78
N LYS A 220 11.85 0.40 -24.86
CA LYS A 220 12.47 0.67 -26.15
C LYS A 220 12.11 2.08 -26.62
N GLU A 221 12.97 2.63 -27.48
CA GLU A 221 12.77 4.00 -27.95
C GLU A 221 11.45 4.15 -28.70
N GLU A 222 11.03 3.11 -29.42
CA GLU A 222 9.82 3.20 -30.25
C GLU A 222 8.55 3.33 -29.41
N ILE A 223 8.60 3.01 -28.12
CA ILE A 223 7.44 3.11 -27.25
C ILE A 223 7.69 4.12 -26.12
N TYR A 224 8.71 4.97 -26.27
CA TYR A 224 9.08 5.96 -25.27
C TYR A 224 8.65 7.34 -25.74
N ASN A 225 7.85 8.03 -24.93
CA ASN A 225 7.34 9.34 -25.32
C ASN A 225 8.45 10.37 -25.32
N THR A 226 8.61 11.07 -26.46
CA THR A 226 9.64 12.09 -26.66
C THR A 226 10.99 11.56 -26.21
N PRO A 227 11.58 10.62 -26.97
CA PRO A 227 12.79 9.94 -26.49
C PRO A 227 14.00 10.83 -26.35
N SER A 228 14.05 11.96 -27.07
CA SER A 228 15.22 12.82 -27.01
C SER A 228 15.40 13.47 -25.65
N ILE A 229 14.35 13.53 -24.84
CA ILE A 229 14.45 14.03 -23.46
C ILE A 229 14.86 12.83 -22.61
N ARG A 230 16.16 12.68 -22.40
CA ARG A 230 16.69 11.53 -21.67
C ARG A 230 16.87 11.82 -20.18
N PHE A 231 17.49 12.94 -19.85
CA PHE A 231 17.81 13.26 -18.47
C PHE A 231 16.98 14.40 -17.89
N GLY A 232 16.03 14.93 -18.66
CA GLY A 232 15.24 16.05 -18.19
C GLY A 232 13.75 15.84 -18.26
N ARG A 233 13.29 14.64 -17.92
CA ARG A 233 11.86 14.31 -17.93
C ARG A 233 11.21 14.74 -16.61
N GLU A 234 11.24 16.06 -16.39
CA GLU A 234 10.77 16.64 -15.14
C GLU A 234 9.26 16.83 -15.11
N HIS A 235 8.65 17.14 -16.26
CA HIS A 235 7.20 17.29 -16.33
C HIS A 235 6.52 16.03 -15.82
N TYR A 236 5.67 16.18 -14.80
CA TYR A 236 5.13 15.02 -14.11
C TYR A 236 4.07 14.28 -14.90
N GLU A 237 3.71 14.74 -16.10
CA GLU A 237 2.91 13.88 -16.98
C GLU A 237 3.72 12.70 -17.48
N PHE A 238 5.05 12.82 -17.50
CA PHE A 238 5.90 11.69 -17.83
C PHE A 238 5.76 10.55 -16.83
N GLN A 239 5.28 10.82 -15.63
CA GLN A 239 5.06 9.76 -14.65
C GLN A 239 4.01 8.77 -15.14
N TYR A 240 3.07 9.23 -15.97
CA TYR A 240 2.04 8.38 -16.54
C TYR A 240 2.48 7.76 -17.87
N LEU A 241 3.10 8.57 -18.74
CA LEU A 241 3.52 8.07 -20.04
C LEU A 241 4.62 7.01 -19.90
N ASP A 242 5.54 7.22 -18.95
CA ASP A 242 6.60 6.24 -18.75
C ASP A 242 6.07 4.95 -18.14
N LEU A 243 5.00 5.02 -17.34
CA LEU A 243 4.35 3.80 -16.87
C LEU A 243 3.69 3.06 -18.03
N LEU A 244 3.04 3.80 -18.92
CA LEU A 244 2.53 3.20 -20.16
C LEU A 244 3.66 2.47 -20.90
N SER A 245 4.81 3.13 -21.03
CA SER A 245 5.93 2.54 -21.75
C SER A 245 6.45 1.28 -21.04
N ARG A 246 6.54 1.34 -19.71
CA ARG A 246 7.02 0.18 -18.95
C ARG A 246 6.07 -1.00 -19.11
N VAL A 247 4.77 -0.75 -19.10
CA VAL A 247 3.82 -1.84 -19.30
C VAL A 247 3.93 -2.40 -20.71
N LEU A 248 4.07 -1.52 -21.71
CA LEU A 248 4.23 -2.00 -23.08
C LEU A 248 5.49 -2.83 -23.23
N GLU A 249 6.53 -2.53 -22.44
CA GLU A 249 7.80 -3.23 -22.56
C GLU A 249 7.78 -4.57 -21.85
N ASN A 250 7.33 -4.60 -20.59
CA ASN A 250 7.46 -5.76 -19.72
C ASN A 250 6.15 -6.44 -19.39
N GLY A 251 5.03 -5.95 -19.90
CA GLY A 251 3.73 -6.46 -19.50
C GLY A 251 3.53 -7.90 -19.94
N ALA A 252 3.21 -8.78 -18.99
CA ALA A 252 2.87 -10.16 -19.31
C ALA A 252 1.44 -10.23 -19.84
N TYR A 253 1.25 -11.04 -20.88
CA TYR A 253 -0.08 -11.21 -21.47
C TYR A 253 -0.90 -12.14 -20.58
N ARG A 254 -2.01 -11.63 -20.04
CA ARG A 254 -2.80 -12.35 -19.05
C ARG A 254 -4.28 -12.16 -19.34
N GLU A 255 -5.05 -13.18 -18.99
CA GLU A 255 -6.51 -13.14 -19.07
C GLU A 255 -7.09 -12.66 -17.75
N ASN A 256 -8.33 -12.15 -17.81
CA ASN A 256 -9.01 -11.64 -16.63
C ASN A 256 -10.49 -11.98 -16.74
N ARG A 257 -11.27 -11.48 -15.78
CA ARG A 257 -12.70 -11.80 -15.74
C ARG A 257 -13.44 -11.33 -16.98
N THR A 258 -12.93 -10.30 -17.65
CA THR A 258 -13.55 -9.84 -18.89
C THR A 258 -12.99 -10.62 -20.08
N GLY A 259 -13.65 -10.47 -21.22
CA GLY A 259 -13.18 -11.15 -22.43
C GLY A 259 -11.94 -10.53 -23.04
N ILE A 260 -11.51 -9.36 -22.57
CA ILE A 260 -10.37 -8.65 -23.13
C ILE A 260 -9.15 -8.91 -22.26
N SER A 261 -8.14 -9.55 -22.83
CA SER A 261 -6.91 -9.80 -22.10
C SER A 261 -6.09 -8.52 -22.00
N THR A 262 -5.16 -8.51 -21.04
CA THR A 262 -4.33 -7.35 -20.78
C THR A 262 -2.85 -7.71 -20.85
N TYR A 263 -2.02 -6.68 -20.90
CA TYR A 263 -0.60 -6.77 -20.61
C TYR A 263 -0.38 -6.11 -19.25
N SER A 264 0.20 -6.85 -18.32
CA SER A 264 0.15 -6.49 -16.91
C SER A 264 1.54 -6.53 -16.27
N ILE A 265 1.78 -5.59 -15.35
CA ILE A 265 2.91 -5.63 -14.44
C ILE A 265 2.41 -5.31 -13.04
N PHE A 266 3.26 -5.56 -12.05
CA PHE A 266 2.87 -5.47 -10.65
C PHE A 266 3.82 -4.57 -9.88
N GLY A 267 3.26 -3.57 -9.20
CA GLY A 267 4.05 -2.69 -8.34
C GLY A 267 4.67 -1.50 -9.04
N GLN A 268 3.93 -0.40 -9.16
CA GLN A 268 4.43 0.80 -9.80
C GLN A 268 3.98 2.01 -9.01
N MET A 269 4.51 3.18 -9.35
CA MET A 269 4.11 4.39 -8.66
C MET A 269 4.26 5.61 -9.55
N MET A 270 3.48 6.64 -9.23
CA MET A 270 3.48 7.90 -9.96
C MET A 270 3.41 9.05 -8.97
N ARG A 271 4.21 10.09 -9.21
CA ARG A 271 4.18 11.31 -8.40
C ARG A 271 3.68 12.48 -9.23
N PHE A 272 2.90 13.35 -8.60
CA PHE A 272 2.39 14.54 -9.26
C PHE A 272 2.42 15.71 -8.28
N ASP A 273 2.85 16.86 -8.77
CA ASP A 273 2.75 18.08 -8.00
C ASP A 273 1.36 18.66 -8.13
N MET A 274 0.85 19.22 -7.02
CA MET A 274 -0.42 19.92 -7.03
C MET A 274 -0.32 21.33 -6.51
N ARG A 275 0.89 21.80 -6.17
CA ARG A 275 1.07 23.16 -5.70
C ARG A 275 1.00 24.17 -6.85
N GLU A 276 1.63 23.85 -7.99
CA GLU A 276 1.78 24.78 -9.08
C GLU A 276 0.99 24.40 -10.32
N SER A 277 0.21 23.33 -10.28
CA SER A 277 -0.57 22.89 -11.43
C SER A 277 -1.54 21.81 -10.99
N PHE A 278 -2.40 21.39 -11.91
CA PHE A 278 -3.38 20.35 -11.67
C PHE A 278 -3.10 19.17 -12.61
N PRO A 279 -2.86 17.97 -12.10
CA PRO A 279 -2.41 16.86 -12.97
C PRO A 279 -3.51 16.29 -13.85
N LEU A 280 -3.98 17.06 -14.82
CA LEU A 280 -4.92 16.59 -15.83
C LEU A 280 -4.15 16.40 -17.13
N LEU A 281 -4.16 15.17 -17.64
CA LEU A 281 -3.31 14.81 -18.78
C LEU A 281 -3.59 15.72 -19.97
N THR A 282 -2.51 16.11 -20.65
CA THR A 282 -2.62 16.98 -21.82
C THR A 282 -2.47 16.24 -23.14
N THR A 283 -1.88 15.04 -23.13
CA THR A 283 -1.74 14.25 -24.36
C THR A 283 -3.07 13.63 -24.82
N LYS A 284 -4.17 14.02 -24.18
CA LYS A 284 -5.48 13.46 -24.46
C LYS A 284 -6.54 14.25 -23.70
N LYS A 285 -7.63 14.63 -24.37
CA LYS A 285 -8.68 15.38 -23.72
C LYS A 285 -9.42 14.49 -22.74
N VAL A 286 -9.40 14.86 -21.46
CA VAL A 286 -9.97 14.05 -20.38
C VAL A 286 -11.31 14.66 -19.96
N ALA A 287 -12.31 13.81 -19.79
CA ALA A 287 -13.64 14.26 -19.38
C ALA A 287 -13.63 14.65 -17.90
N ILE A 288 -13.23 15.88 -17.61
CA ILE A 288 -13.07 16.31 -16.22
C ILE A 288 -14.41 16.40 -15.51
N ARG A 289 -15.49 16.73 -16.22
CA ARG A 289 -16.79 16.88 -15.58
C ARG A 289 -17.31 15.54 -15.05
N SER A 290 -17.16 14.47 -15.84
CA SER A 290 -17.57 13.14 -15.37
C SER A 290 -16.75 12.73 -14.14
N ILE A 291 -15.46 13.10 -14.13
CA ILE A 291 -14.61 12.80 -12.97
C ILE A 291 -15.15 13.51 -11.73
N PHE A 292 -15.43 14.81 -11.86
CA PHE A 292 -15.97 15.55 -10.72
C PHE A 292 -17.30 14.99 -10.26
N GLU A 293 -18.16 14.60 -11.20
CA GLU A 293 -19.46 14.09 -10.83
C GLU A 293 -19.34 12.76 -10.08
N GLU A 294 -18.45 11.89 -10.56
CA GLU A 294 -18.21 10.63 -9.84
C GLU A 294 -17.65 10.89 -8.44
N LEU A 295 -16.74 11.87 -8.31
CA LEU A 295 -16.15 12.15 -7.01
C LEU A 295 -17.18 12.71 -6.03
N ILE A 296 -17.99 13.67 -6.48
CA ILE A 296 -18.99 14.23 -5.59
C ILE A 296 -20.08 13.22 -5.30
N TRP A 297 -20.32 12.29 -6.23
CA TRP A 297 -21.22 11.17 -5.98
C TRP A 297 -20.67 10.28 -4.87
N PHE A 298 -19.36 10.04 -4.87
CA PHE A 298 -18.72 9.32 -3.77
C PHE A 298 -18.86 10.08 -2.46
N ILE A 299 -18.57 11.38 -2.48
CA ILE A 299 -18.50 12.16 -1.24
C ILE A 299 -19.85 12.22 -0.56
N LYS A 300 -20.92 12.42 -1.34
CA LYS A 300 -22.26 12.49 -0.76
C LYS A 300 -22.71 11.17 -0.16
N GLY A 301 -21.98 10.08 -0.39
CA GLY A 301 -22.38 8.78 0.10
C GLY A 301 -23.29 8.00 -0.81
N ASP A 302 -23.43 8.40 -2.07
CA ASP A 302 -24.44 7.86 -2.96
C ASP A 302 -23.94 6.61 -3.66
N THR A 303 -24.82 5.63 -3.82
CA THR A 303 -24.55 4.42 -4.58
C THR A 303 -25.58 4.20 -5.69
N ASN A 304 -26.40 5.21 -6.00
CA ASN A 304 -27.43 5.10 -7.01
C ASN A 304 -26.84 5.52 -8.36
N GLY A 305 -26.66 4.56 -9.26
CA GLY A 305 -26.12 4.85 -10.58
C GLY A 305 -27.03 5.70 -11.45
N ASN A 306 -28.33 5.70 -11.15
CA ASN A 306 -29.25 6.54 -11.92
C ASN A 306 -28.98 8.01 -11.68
N HIS A 307 -28.48 8.37 -10.49
CA HIS A 307 -28.14 9.77 -10.24
C HIS A 307 -26.98 10.22 -11.10
N LEU A 308 -26.09 9.29 -11.46
CA LEU A 308 -25.02 9.61 -12.40
C LEU A 308 -25.53 9.64 -13.83
N ILE A 309 -26.42 8.72 -14.19
CA ILE A 309 -26.95 8.69 -15.55
C ILE A 309 -27.77 9.94 -15.84
N GLU A 310 -28.50 10.43 -14.85
CA GLU A 310 -29.32 11.64 -15.03
C GLU A 310 -28.45 12.87 -15.28
N LYS A 311 -27.24 12.89 -14.75
CA LYS A 311 -26.29 13.96 -15.00
C LYS A 311 -25.41 13.70 -16.22
N LYS A 312 -25.86 12.79 -17.10
CA LYS A 312 -25.16 12.48 -18.36
C LYS A 312 -23.74 11.96 -18.10
N VAL A 313 -23.60 11.13 -17.07
CA VAL A 313 -22.34 10.46 -16.75
C VAL A 313 -22.62 8.96 -16.77
N TYR A 314 -22.00 8.25 -17.72
CA TYR A 314 -22.33 6.86 -17.98
C TYR A 314 -21.15 5.91 -17.72
N ILE A 315 -20.25 6.29 -16.81
CA ILE A 315 -19.08 5.45 -16.56
C ILE A 315 -19.42 4.21 -15.75
N TRP A 316 -20.49 4.24 -14.96
CA TRP A 316 -20.91 3.09 -14.16
C TRP A 316 -22.08 2.33 -14.78
N SER A 317 -22.38 2.58 -16.06
CA SER A 317 -23.46 1.86 -16.71
C SER A 317 -23.08 0.41 -16.99
N GLY A 318 -21.84 0.18 -17.42
CA GLY A 318 -21.43 -1.17 -17.77
C GLY A 318 -21.46 -2.12 -16.58
N ASN A 319 -20.98 -1.67 -15.42
CA ASN A 319 -20.97 -2.47 -14.22
C ASN A 319 -22.27 -2.36 -13.43
N GLY A 320 -23.31 -1.76 -14.01
CA GLY A 320 -24.58 -1.63 -13.32
C GLY A 320 -25.77 -1.91 -14.21
N SER A 321 -25.67 -2.90 -15.08
CA SER A 321 -26.77 -3.30 -15.95
C SER A 321 -27.44 -4.57 -15.40
N LYS A 322 -28.67 -4.79 -15.85
CA LYS A 322 -29.42 -5.97 -15.41
C LYS A 322 -28.69 -7.25 -15.78
N GLU A 323 -28.14 -7.32 -17.00
CA GLU A 323 -27.44 -8.52 -17.43
C GLU A 323 -26.18 -8.74 -16.60
N TYR A 324 -25.39 -7.69 -16.39
CA TYR A 324 -24.17 -7.84 -15.60
C TYR A 324 -24.49 -8.19 -14.15
N LEU A 325 -25.51 -7.56 -13.58
CA LEU A 325 -25.86 -7.85 -12.19
C LEU A 325 -26.37 -9.27 -12.03
N GLU A 326 -27.21 -9.73 -12.95
CA GLU A 326 -27.66 -11.12 -12.90
C GLU A 326 -26.51 -12.09 -13.13
N ARG A 327 -25.52 -11.70 -13.93
CA ARG A 327 -24.41 -12.58 -14.24
C ARG A 327 -23.47 -12.77 -13.05
N ILE A 328 -23.27 -11.72 -12.25
CA ILE A 328 -22.35 -11.79 -11.13
C ILE A 328 -23.08 -12.22 -9.88
N GLY A 329 -24.36 -12.58 -10.01
CA GLY A 329 -25.12 -13.10 -8.89
C GLY A 329 -25.95 -12.09 -8.13
N LEU A 330 -26.24 -10.94 -8.72
CA LEU A 330 -27.06 -9.93 -8.07
C LEU A 330 -28.34 -9.67 -8.86
N GLY A 331 -29.01 -10.75 -9.28
CA GLY A 331 -30.24 -10.60 -10.05
C GLY A 331 -31.36 -9.98 -9.24
N HIS A 332 -31.34 -10.15 -7.92
CA HIS A 332 -32.33 -9.53 -7.06
C HIS A 332 -32.20 -8.01 -7.01
N ARG A 333 -31.01 -7.49 -7.30
CA ARG A 333 -30.75 -6.06 -7.15
C ARG A 333 -31.45 -5.26 -8.25
N GLU A 334 -31.82 -4.02 -7.92
CA GLU A 334 -32.40 -3.12 -8.90
C GLU A 334 -31.37 -2.75 -9.97
N GLU A 335 -31.87 -2.20 -11.07
CA GLU A 335 -31.09 -1.94 -12.28
C GLU A 335 -29.72 -1.32 -12.00
N ASN A 336 -29.69 -0.11 -11.47
CA ASN A 336 -28.43 0.61 -11.25
C ASN A 336 -28.09 0.71 -9.77
N ASP A 337 -28.49 -0.27 -8.96
CA ASP A 337 -28.14 -0.32 -7.55
C ASP A 337 -26.80 -1.02 -7.42
N LEU A 338 -25.73 -0.24 -7.30
CA LEU A 338 -24.38 -0.81 -7.32
C LEU A 338 -23.98 -1.43 -5.99
N GLY A 339 -24.75 -1.25 -4.93
CA GLY A 339 -24.43 -1.82 -3.66
C GLY A 339 -23.46 -0.98 -2.85
N PRO A 340 -22.98 -1.51 -1.73
CA PRO A 340 -22.07 -0.74 -0.87
C PRO A 340 -20.66 -0.62 -1.45
N ILE A 341 -20.39 0.44 -2.19
CA ILE A 341 -19.12 0.60 -2.88
C ILE A 341 -18.48 1.89 -2.41
N TYR A 342 -17.63 2.50 -3.25
CA TYR A 342 -17.11 3.82 -2.96
C TYR A 342 -18.24 4.74 -2.53
N GLY A 343 -18.02 5.44 -1.42
CA GLY A 343 -19.00 6.35 -0.88
C GLY A 343 -20.00 5.73 0.06
N PHE A 344 -20.11 4.41 0.11
CA PHE A 344 -20.85 3.81 1.21
C PHE A 344 -19.92 3.32 2.31
N GLN A 345 -18.71 2.88 1.95
CA GLN A 345 -17.68 2.66 2.95
C GLN A 345 -17.05 3.97 3.40
N TRP A 346 -17.11 5.02 2.58
CA TRP A 346 -16.59 6.32 2.98
C TRP A 346 -17.43 6.94 4.09
N ARG A 347 -18.76 6.84 3.98
CA ARG A 347 -19.65 7.52 4.90
C ARG A 347 -20.36 6.58 5.87
N HIS A 348 -20.51 5.30 5.53
CA HIS A 348 -21.22 4.34 6.37
C HIS A 348 -20.48 3.00 6.37
N TYR A 349 -19.23 3.02 6.83
CA TYR A 349 -18.43 1.81 6.83
C TYR A 349 -19.02 0.77 7.78
N ASN A 350 -19.07 -0.49 7.32
CA ASN A 350 -19.68 -1.60 8.05
C ASN A 350 -21.17 -1.41 8.28
N GLY A 351 -21.81 -0.55 7.47
CA GLY A 351 -23.23 -0.34 7.61
C GLY A 351 -24.03 -1.42 6.89
N GLU A 352 -25.10 -1.87 7.53
CA GLU A 352 -25.97 -2.89 6.95
C GLU A 352 -26.65 -2.34 5.71
N TYR A 353 -26.23 -2.81 4.54
CA TYR A 353 -26.76 -2.31 3.28
C TYR A 353 -28.04 -3.08 2.92
N LYS A 354 -29.03 -2.32 2.43
CA LYS A 354 -30.28 -2.92 1.98
C LYS A 354 -30.48 -2.63 0.49
N THR A 355 -30.98 -1.45 0.17
CA THR A 355 -31.10 -0.97 -1.20
C THR A 355 -30.53 0.44 -1.28
N MET A 356 -30.53 0.99 -2.51
CA MET A 356 -30.06 2.36 -2.71
C MET A 356 -31.08 3.41 -2.34
N HIS A 357 -32.31 3.02 -2.01
CA HIS A 357 -33.37 3.96 -1.68
C HIS A 357 -33.52 4.16 -0.17
N ASP A 358 -32.87 3.33 0.64
CA ASP A 358 -33.05 3.40 2.08
C ASP A 358 -32.27 4.57 2.68
N ASP A 359 -32.59 4.86 3.95
CA ASP A 359 -31.95 5.94 4.69
C ASP A 359 -30.85 5.33 5.56
N TYR A 360 -29.61 5.75 5.33
CA TYR A 360 -28.46 5.24 6.07
C TYR A 360 -27.82 6.29 6.96
N THR A 361 -28.50 7.43 7.18
CA THR A 361 -27.96 8.47 8.04
C THR A 361 -27.85 7.98 9.47
N GLY A 362 -26.61 7.84 9.97
CA GLY A 362 -26.33 7.42 11.31
C GLY A 362 -25.69 6.05 11.43
N VAL A 363 -25.92 5.18 10.45
CA VAL A 363 -25.38 3.82 10.49
C VAL A 363 -23.97 3.83 9.91
N GLY A 364 -23.12 2.99 10.48
CA GLY A 364 -21.76 2.85 10.01
C GLY A 364 -20.84 3.97 10.48
N VAL A 365 -19.56 3.81 10.17
CA VAL A 365 -18.54 4.78 10.53
C VAL A 365 -18.38 5.78 9.39
N ASP A 366 -18.49 7.06 9.71
CA ASP A 366 -18.31 8.13 8.72
C ASP A 366 -16.82 8.43 8.64
N GLN A 367 -16.14 7.75 7.71
CA GLN A 367 -14.69 7.93 7.60
C GLN A 367 -14.33 9.34 7.14
N LEU A 368 -15.13 9.91 6.25
CA LEU A 368 -14.79 11.23 5.70
C LEU A 368 -14.87 12.31 6.76
N ALA A 369 -15.92 12.29 7.59
CA ALA A 369 -16.07 13.30 8.62
C ALA A 369 -14.97 13.21 9.66
N LYS A 370 -14.67 11.99 10.12
CA LYS A 370 -13.58 11.80 11.08
C LYS A 370 -12.25 12.20 10.46
N LEU A 371 -12.08 11.94 9.17
CA LEU A 371 -10.85 12.34 8.48
C LEU A 371 -10.68 13.84 8.48
N ILE A 372 -11.75 14.56 8.15
CA ILE A 372 -11.70 16.03 8.15
C ILE A 372 -11.43 16.56 9.55
N GLU A 373 -12.13 16.01 10.54
CA GLU A 373 -11.94 16.45 11.92
C GLU A 373 -10.50 16.23 12.37
N THR A 374 -9.92 15.09 12.03
CA THR A 374 -8.53 14.82 12.43
C THR A 374 -7.55 15.67 11.64
N LEU A 375 -7.85 15.94 10.37
CA LEU A 375 -6.95 16.75 9.56
C LEU A 375 -6.84 18.16 10.10
N LYS A 376 -7.96 18.74 10.56
CA LYS A 376 -7.89 20.09 11.08
C LYS A 376 -7.73 20.16 12.60
N ASN A 377 -7.78 19.03 13.31
CA ASN A 377 -7.55 19.02 14.75
C ASN A 377 -6.22 18.40 15.15
N ASN A 378 -5.70 17.45 14.38
CA ASN A 378 -4.41 16.82 14.68
C ASN A 378 -3.68 16.60 13.35
N PRO A 379 -3.10 17.67 12.79
CA PRO A 379 -2.54 17.54 11.44
C PRO A 379 -1.33 16.62 11.35
N LYS A 380 -0.46 16.64 12.35
CA LYS A 380 0.72 15.78 12.32
C LYS A 380 0.43 14.33 12.70
N ASP A 381 -0.84 13.99 12.95
CA ASP A 381 -1.21 12.61 13.20
C ASP A 381 -0.88 11.76 11.97
N ARG A 382 -0.44 10.53 12.22
CA ARG A 382 0.00 9.63 11.16
C ARG A 382 -1.04 8.57 10.82
N ARG A 383 -2.33 8.89 11.01
CA ARG A 383 -3.41 7.93 10.81
C ARG A 383 -4.54 8.49 9.96
N HIS A 384 -4.28 9.52 9.17
CA HIS A 384 -5.28 10.07 8.27
C HIS A 384 -5.54 9.11 7.12
N ILE A 385 -6.45 8.14 7.30
CA ILE A 385 -6.63 7.05 6.36
C ILE A 385 -8.10 6.93 5.98
N LEU A 386 -8.34 6.73 4.69
CA LEU A 386 -9.66 6.47 4.13
C LEU A 386 -9.59 5.17 3.34
N THR A 387 -10.35 4.17 3.78
CA THR A 387 -10.32 2.85 3.14
C THR A 387 -11.69 2.49 2.59
N ALA A 388 -11.68 1.69 1.52
CA ALA A 388 -12.90 1.16 0.94
C ALA A 388 -12.92 -0.35 0.89
N TRP A 389 -11.86 -1.02 1.31
CA TRP A 389 -11.78 -2.48 1.23
C TRP A 389 -12.43 -3.08 2.48
N ASN A 390 -13.67 -3.54 2.33
CA ASN A 390 -14.42 -4.16 3.42
C ASN A 390 -14.71 -5.61 3.05
N PRO A 391 -13.96 -6.56 3.58
CA PRO A 391 -14.21 -7.98 3.21
C PRO A 391 -15.62 -8.46 3.51
N SER A 392 -16.29 -7.86 4.49
CA SER A 392 -17.64 -8.29 4.83
C SER A 392 -18.67 -7.89 3.78
N ALA A 393 -18.37 -6.89 2.95
CA ALA A 393 -19.34 -6.38 1.99
C ALA A 393 -18.93 -6.60 0.54
N LEU A 394 -17.81 -7.25 0.27
CA LEU A 394 -17.34 -7.39 -1.11
C LEU A 394 -18.35 -8.12 -1.98
N SER A 395 -19.02 -9.13 -1.42
CA SER A 395 -19.96 -9.93 -2.20
C SER A 395 -21.18 -9.12 -2.63
N GLN A 396 -21.56 -8.11 -1.85
CA GLN A 396 -22.71 -7.29 -2.18
C GLN A 396 -22.41 -6.20 -3.20
N MET A 397 -21.14 -5.98 -3.54
CA MET A 397 -20.75 -4.90 -4.43
C MET A 397 -20.86 -5.33 -5.89
N ALA A 398 -21.30 -4.39 -6.73
CA ALA A 398 -21.27 -4.64 -8.18
C ALA A 398 -19.86 -4.76 -8.70
N LEU A 399 -18.89 -4.16 -8.01
CA LEU A 399 -17.49 -4.22 -8.36
C LEU A 399 -16.64 -3.88 -7.14
N PRO A 400 -15.68 -4.71 -6.78
CA PRO A 400 -14.83 -4.42 -5.62
C PRO A 400 -14.03 -3.14 -5.85
N PRO A 401 -13.61 -2.47 -4.78
CA PRO A 401 -12.94 -1.18 -4.94
C PRO A 401 -11.60 -1.33 -5.63
N CYS A 402 -11.35 -0.46 -6.62
CA CYS A 402 -10.07 -0.42 -7.31
C CYS A 402 -9.09 0.51 -6.59
N HIS A 403 -9.43 1.78 -6.44
CA HIS A 403 -8.67 2.66 -5.56
C HIS A 403 -9.01 2.26 -4.13
N VAL A 404 -8.13 1.44 -3.55
CA VAL A 404 -8.47 0.69 -2.35
C VAL A 404 -8.27 1.53 -1.09
N LEU A 405 -7.12 2.19 -0.97
CA LEU A 405 -6.83 2.89 0.27
C LEU A 405 -6.14 4.22 -0.03
N SER A 406 -6.37 5.20 0.85
CA SER A 406 -5.74 6.50 0.70
C SER A 406 -5.32 7.03 2.06
N GLN A 407 -4.19 7.74 2.08
CA GLN A 407 -3.67 8.35 3.28
C GLN A 407 -3.37 9.82 3.00
N TYR A 408 -3.49 10.64 4.04
CA TYR A 408 -3.34 12.08 3.88
C TYR A 408 -2.35 12.61 4.90
N TYR A 409 -1.63 13.66 4.50
CA TYR A 409 -0.48 14.14 5.24
C TYR A 409 -0.48 15.66 5.21
N VAL A 410 -0.24 16.29 6.36
CA VAL A 410 -0.19 17.73 6.47
C VAL A 410 1.27 18.12 6.66
N THR A 411 1.81 18.88 5.71
CA THR A 411 3.20 19.31 5.80
C THR A 411 3.34 20.43 6.82
N ASN A 412 4.59 20.74 7.15
CA ASN A 412 4.87 21.80 8.11
C ASN A 412 4.49 23.18 7.56
N ASP A 413 4.51 23.35 6.23
CA ASP A 413 4.03 24.58 5.61
C ASP A 413 2.56 24.50 5.21
N ASN A 414 1.78 23.67 5.90
CA ASN A 414 0.32 23.64 5.80
C ASN A 414 -0.16 23.27 4.39
N CYS A 415 0.47 22.25 3.81
CA CYS A 415 0.02 21.66 2.57
C CYS A 415 -0.49 20.24 2.81
N LEU A 416 -1.45 19.82 2.00
CA LEU A 416 -2.12 18.53 2.14
C LEU A 416 -1.68 17.63 0.98
N SER A 417 -0.97 16.55 1.31
CA SER A 417 -0.55 15.56 0.33
C SER A 417 -1.35 14.27 0.52
N CYS A 418 -1.45 13.50 -0.55
CA CYS A 418 -2.26 12.30 -0.58
C CYS A 418 -1.49 11.14 -1.22
N ASN A 419 -1.57 9.98 -0.59
CA ASN A 419 -1.10 8.72 -1.14
C ASN A 419 -2.31 7.82 -1.42
N LEU A 420 -2.25 7.11 -2.55
CA LEU A 420 -3.33 6.20 -2.94
C LEU A 420 -2.73 4.86 -3.32
N TYR A 421 -3.20 3.78 -2.68
CA TYR A 421 -2.94 2.43 -3.14
C TYR A 421 -4.14 1.93 -3.91
N GLN A 422 -3.89 1.54 -5.15
CA GLN A 422 -4.88 1.06 -6.11
C GLN A 422 -4.54 -0.37 -6.50
N ARG A 423 -5.46 -1.30 -6.23
CA ARG A 423 -5.16 -2.71 -6.45
C ARG A 423 -5.08 -3.06 -7.93
N SER A 424 -5.85 -2.37 -8.76
CA SER A 424 -5.97 -2.69 -10.18
C SER A 424 -6.12 -1.40 -10.95
N CYS A 425 -5.34 -1.24 -12.02
CA CYS A 425 -5.26 0.03 -12.75
C CYS A 425 -5.38 -0.22 -14.25
N ASP A 426 -6.54 0.10 -14.80
CA ASP A 426 -6.75 0.23 -16.24
C ASP A 426 -6.09 1.52 -16.70
N LEU A 427 -4.92 1.40 -17.32
CA LEU A 427 -4.14 2.56 -17.69
C LEU A 427 -4.78 3.38 -18.82
N GLY A 428 -5.63 2.75 -19.63
CA GLY A 428 -6.25 3.47 -20.73
C GLY A 428 -7.38 4.38 -20.29
N LEU A 429 -8.24 3.89 -19.41
CA LEU A 429 -9.41 4.62 -18.96
C LEU A 429 -9.35 5.01 -17.48
N GLY A 430 -9.06 4.04 -16.61
CA GLY A 430 -9.19 4.30 -15.18
C GLY A 430 -8.12 5.24 -14.63
N SER A 431 -6.89 5.15 -15.15
CA SER A 431 -5.79 5.85 -14.51
C SER A 431 -5.90 7.36 -14.59
N PRO A 432 -6.17 7.98 -15.75
CA PRO A 432 -6.33 9.45 -15.75
C PRO A 432 -7.47 9.91 -14.87
N PHE A 433 -8.58 9.18 -14.88
CA PHE A 433 -9.69 9.48 -13.99
C PHE A 433 -9.25 9.44 -12.53
N ASN A 434 -8.49 8.42 -12.14
CA ASN A 434 -8.05 8.32 -10.75
C ASN A 434 -7.14 9.48 -10.38
N ILE A 435 -6.20 9.82 -11.27
CA ILE A 435 -5.29 10.94 -11.01
C ILE A 435 -6.08 12.22 -10.76
N ALA A 436 -6.93 12.59 -11.73
CA ALA A 436 -7.70 13.82 -11.59
C ALA A 436 -8.64 13.77 -10.39
N SER A 437 -9.25 12.61 -10.14
CA SER A 437 -10.24 12.49 -9.09
C SER A 437 -9.61 12.69 -7.72
N TYR A 438 -8.49 12.01 -7.45
CA TYR A 438 -7.88 12.17 -6.14
C TYR A 438 -7.17 13.51 -6.01
N ALA A 439 -6.75 14.11 -7.13
CA ALA A 439 -6.28 15.50 -7.06
C ALA A 439 -7.40 16.43 -6.61
N ILE A 440 -8.58 16.30 -7.23
CA ILE A 440 -9.72 17.15 -6.86
C ILE A 440 -10.10 16.90 -5.40
N LEU A 441 -10.09 15.63 -4.97
CA LEU A 441 -10.46 15.31 -3.60
C LEU A 441 -9.49 15.91 -2.60
N THR A 442 -8.18 15.84 -2.89
CA THR A 442 -7.20 16.45 -2.01
C THR A 442 -7.37 17.96 -1.95
N MET A 443 -7.68 18.58 -3.09
CA MET A 443 -7.92 20.03 -3.10
C MET A 443 -9.15 20.40 -2.26
N MET A 444 -10.22 19.60 -2.38
CA MET A 444 -11.43 19.85 -1.60
C MET A 444 -11.14 19.72 -0.11
N LEU A 445 -10.43 18.65 0.28
CA LEU A 445 -10.09 18.47 1.69
C LEU A 445 -9.20 19.61 2.18
N ALA A 446 -8.28 20.08 1.34
CA ALA A 446 -7.41 21.17 1.74
C ALA A 446 -8.20 22.46 1.96
N GLN A 447 -9.15 22.77 1.08
CA GLN A 447 -9.95 23.97 1.28
C GLN A 447 -10.83 23.85 2.51
N VAL A 448 -11.45 22.69 2.71
CA VAL A 448 -12.34 22.51 3.85
C VAL A 448 -11.56 22.56 5.16
N CYS A 449 -10.31 22.10 5.15
CA CYS A 449 -9.50 22.05 6.36
C CYS A 449 -8.55 23.24 6.48
N GLY A 450 -8.54 24.16 5.52
CA GLY A 450 -7.71 25.34 5.60
C GLY A 450 -6.25 25.11 5.26
N TYR A 451 -5.97 24.24 4.29
CA TYR A 451 -4.61 23.99 3.83
C TYR A 451 -4.51 24.27 2.34
N GLU A 452 -3.30 24.18 1.83
CA GLU A 452 -3.04 24.25 0.40
C GLU A 452 -2.76 22.87 -0.15
N PRO A 453 -2.98 22.65 -1.44
CA PRO A 453 -2.69 21.33 -2.03
C PRO A 453 -1.19 21.06 -2.05
N GLY A 454 -0.83 19.79 -1.82
CA GLY A 454 0.56 19.40 -1.78
C GLY A 454 0.98 18.51 -2.94
N GLU A 455 1.25 17.24 -2.65
CA GLU A 455 1.66 16.28 -3.66
C GLU A 455 0.69 15.11 -3.69
N LEU A 456 0.68 14.40 -4.82
CA LEU A 456 -0.17 13.23 -5.01
C LEU A 456 0.69 12.07 -5.49
N ALA A 457 0.76 11.03 -4.69
CA ALA A 457 1.48 9.81 -5.06
C ALA A 457 0.47 8.67 -5.19
N ILE A 458 0.57 7.93 -6.29
CA ILE A 458 -0.30 6.80 -6.56
C ILE A 458 0.55 5.55 -6.65
N PHE A 459 0.27 4.58 -5.78
CA PHE A 459 0.95 3.29 -5.77
C PHE A 459 -0.01 2.23 -6.32
N ILE A 460 0.46 1.47 -7.30
CA ILE A 460 -0.39 0.59 -8.10
C ILE A 460 0.09 -0.84 -7.97
N GLY A 461 -0.86 -1.75 -7.75
CA GLY A 461 -0.58 -3.17 -7.82
C GLY A 461 -0.56 -3.67 -9.24
N ASP A 462 -1.70 -4.16 -9.73
CA ASP A 462 -1.78 -4.71 -11.09
C ASP A 462 -2.05 -3.57 -12.06
N ALA A 463 -0.98 -3.02 -12.62
CA ALA A 463 -1.09 -1.99 -13.66
C ALA A 463 -1.12 -2.69 -15.02
N HIS A 464 -2.20 -2.48 -15.78
CA HIS A 464 -2.37 -3.23 -17.01
C HIS A 464 -2.89 -2.34 -18.12
N ILE A 465 -2.71 -2.83 -19.35
CA ILE A 465 -3.24 -2.20 -20.56
C ILE A 465 -4.08 -3.24 -21.29
N TYR A 466 -5.34 -2.91 -21.55
CA TYR A 466 -6.21 -3.81 -22.31
C TYR A 466 -5.78 -3.83 -23.76
N GLU A 467 -5.82 -5.03 -24.37
CA GLU A 467 -5.25 -5.22 -25.69
C GLU A 467 -5.98 -4.44 -26.78
N ASN A 468 -7.25 -4.08 -26.55
CA ASN A 468 -7.97 -3.25 -27.51
C ASN A 468 -7.65 -1.77 -27.36
N HIS A 469 -6.71 -1.41 -26.50
CA HIS A 469 -6.25 -0.03 -26.35
C HIS A 469 -4.87 0.20 -26.94
N LEU A 470 -4.19 -0.86 -27.41
CA LEU A 470 -2.80 -0.76 -27.83
C LEU A 470 -2.62 0.29 -28.92
N THR A 471 -3.49 0.28 -29.93
CA THR A 471 -3.43 1.31 -30.96
C THR A 471 -3.59 2.70 -30.37
N GLN A 472 -4.56 2.86 -29.47
CA GLN A 472 -4.86 4.18 -28.92
C GLN A 472 -3.70 4.71 -28.08
N LEU A 473 -3.28 3.95 -27.06
CA LEU A 473 -2.26 4.44 -26.14
C LEU A 473 -0.95 4.74 -26.86
N LYS A 474 -0.58 3.90 -27.83
CA LYS A 474 0.62 4.18 -28.63
C LYS A 474 0.49 5.52 -29.33
N GLU A 475 -0.69 5.79 -29.91
CA GLU A 475 -0.96 7.12 -30.47
C GLU A 475 -0.71 8.19 -29.42
N GLN A 476 -1.23 7.99 -28.20
CA GLN A 476 -1.04 8.97 -27.15
C GLN A 476 0.44 9.15 -26.82
N LEU A 477 1.25 8.10 -27.01
CA LEU A 477 2.67 8.22 -26.74
C LEU A 477 3.43 9.00 -27.81
N SER A 478 2.79 9.30 -28.94
CA SER A 478 3.43 10.09 -29.98
C SER A 478 3.30 11.59 -29.76
N ARG A 479 2.56 12.01 -28.74
CA ARG A 479 2.25 13.42 -28.53
C ARG A 479 3.13 13.97 -27.40
N THR A 480 3.91 14.99 -27.70
CA THR A 480 4.75 15.62 -26.69
C THR A 480 3.87 16.35 -25.67
N PRO A 481 4.08 16.14 -24.38
CA PRO A 481 3.19 16.73 -23.38
C PRO A 481 3.26 18.25 -23.37
N ARG A 482 2.14 18.84 -23.00
CA ARG A 482 1.99 20.27 -22.80
C ARG A 482 1.85 20.57 -21.30
N PRO A 483 2.12 21.80 -20.87
CA PRO A 483 2.07 22.08 -19.43
C PRO A 483 0.69 21.83 -18.85
N PHE A 484 0.67 21.36 -17.60
CA PHE A 484 -0.58 21.07 -16.92
C PHE A 484 -1.42 22.34 -16.78
N PRO A 485 -2.74 22.22 -16.71
CA PRO A 485 -3.58 23.39 -16.45
C PRO A 485 -3.65 23.73 -14.97
N GLN A 486 -4.49 24.69 -14.63
CA GLN A 486 -4.79 25.03 -13.25
C GLN A 486 -6.25 24.74 -12.97
N LEU A 487 -6.56 24.38 -11.72
CA LEU A 487 -7.94 24.16 -11.30
C LEU A 487 -8.19 24.98 -10.04
N LYS A 488 -9.19 25.84 -10.08
CA LYS A 488 -9.50 26.72 -8.96
C LYS A 488 -10.97 26.57 -8.57
N PHE A 489 -11.25 26.87 -7.30
CA PHE A 489 -12.61 26.88 -6.77
C PHE A 489 -13.10 28.32 -6.73
N LYS A 490 -14.34 28.53 -7.19
CA LYS A 490 -14.87 29.90 -7.25
C LYS A 490 -15.35 30.39 -5.90
N ARG A 491 -15.75 29.50 -4.99
CA ARG A 491 -16.24 29.90 -3.68
C ARG A 491 -15.71 28.94 -2.62
N LYS A 492 -15.75 29.39 -1.38
CA LYS A 492 -15.35 28.58 -0.24
C LYS A 492 -16.61 27.97 0.37
N VAL A 493 -16.74 26.65 0.25
CA VAL A 493 -17.91 25.97 0.78
C VAL A 493 -17.79 25.79 2.29
N GLU A 494 -18.93 25.55 2.93
CA GLU A 494 -18.95 25.29 4.36
C GLU A 494 -18.86 23.81 4.68
N ASN A 495 -19.39 22.95 3.81
CA ASN A 495 -19.25 21.51 3.94
C ASN A 495 -18.76 20.93 2.61
N ILE A 496 -17.99 19.85 2.70
CA ILE A 496 -17.37 19.28 1.51
C ILE A 496 -18.42 18.75 0.54
N GLU A 497 -19.64 18.50 1.00
CA GLU A 497 -20.69 18.00 0.11
C GLU A 497 -21.32 19.09 -0.74
N ASP A 498 -21.00 20.36 -0.49
CA ASP A 498 -21.66 21.47 -1.15
C ASP A 498 -20.98 21.88 -2.46
N PHE A 499 -19.92 21.20 -2.87
CA PHE A 499 -19.23 21.55 -4.10
C PHE A 499 -20.12 21.27 -5.31
N LYS A 500 -20.13 22.21 -6.24
CA LYS A 500 -20.91 22.08 -7.48
C LYS A 500 -19.96 22.22 -8.66
N TRP A 501 -20.41 21.69 -9.82
CA TRP A 501 -19.58 21.74 -11.02
C TRP A 501 -19.32 23.18 -11.45
N GLU A 502 -20.30 24.07 -11.25
CA GLU A 502 -20.08 25.47 -11.60
C GLU A 502 -19.04 26.13 -10.72
N ASP A 503 -18.73 25.55 -9.56
CA ASP A 503 -17.73 26.11 -8.66
C ASP A 503 -16.31 25.85 -9.11
N ILE A 504 -16.10 25.00 -10.13
CA ILE A 504 -14.78 24.60 -10.56
C ILE A 504 -14.44 25.35 -11.85
N GLU A 505 -13.27 25.98 -11.87
CA GLU A 505 -12.77 26.70 -13.04
C GLU A 505 -11.47 26.06 -13.49
N LEU A 506 -11.43 25.61 -14.74
CA LEU A 506 -10.26 24.96 -15.32
C LEU A 506 -9.60 25.95 -16.27
N ILE A 507 -8.42 26.42 -15.88
CA ILE A 507 -7.74 27.53 -16.53
C ILE A 507 -6.54 26.98 -17.30
N GLY A 508 -6.49 27.25 -18.60
CA GLY A 508 -5.31 26.93 -19.39
C GLY A 508 -5.14 25.46 -19.72
N TYR A 509 -6.22 24.77 -20.10
CA TYR A 509 -6.19 23.37 -20.49
C TYR A 509 -6.31 23.30 -22.00
N TYR A 510 -5.20 22.98 -22.67
CA TYR A 510 -5.13 22.87 -24.12
C TYR A 510 -4.62 21.48 -24.49
N PRO A 511 -5.46 20.46 -24.36
CA PRO A 511 -5.01 19.09 -24.60
C PRO A 511 -5.02 18.73 -26.08
N TYR A 512 -4.46 17.55 -26.36
CA TYR A 512 -4.57 16.94 -27.67
C TYR A 512 -5.95 16.32 -27.84
N PRO A 513 -6.36 16.01 -29.07
CA PRO A 513 -7.73 15.51 -29.30
C PRO A 513 -8.05 14.26 -28.49
N THR A 514 -9.35 14.04 -28.32
CA THR A 514 -9.84 12.89 -27.56
C THR A 514 -9.45 11.58 -28.25
N ILE A 515 -9.15 10.58 -27.44
CA ILE A 515 -8.79 9.25 -27.92
C ILE A 515 -9.81 8.27 -27.36
N LYS A 516 -10.76 7.85 -28.19
CA LYS A 516 -11.83 6.95 -27.76
C LYS A 516 -11.28 5.56 -27.44
N MET A 517 -11.68 5.03 -26.27
CA MET A 517 -11.28 3.69 -25.84
C MET A 517 -12.46 3.01 -25.16
N ASP A 518 -12.77 1.78 -25.60
CA ASP A 518 -13.90 1.04 -25.06
C ASP A 518 -13.55 0.40 -23.73
N MET A 519 -14.54 0.35 -22.84
CA MET A 519 -14.36 -0.22 -21.50
C MET A 519 -14.67 -1.71 -21.51
N ALA A 520 -13.89 -2.47 -20.74
CA ALA A 520 -14.13 -3.89 -20.56
C ALA A 520 -15.06 -4.12 -19.38
N VAL A 521 -16.19 -4.77 -19.63
CA VAL A 521 -17.17 -5.02 -18.59
C VAL A 521 -16.86 -6.32 -17.85
N GLU B 3 49.76 1.25 -24.07
CA GLU B 3 48.95 1.66 -22.93
C GLU B 3 47.50 1.22 -23.09
N LYS B 4 47.15 0.12 -22.42
CA LYS B 4 45.78 -0.39 -22.45
C LYS B 4 45.30 -0.72 -21.05
N ASN B 5 44.14 -1.34 -20.94
CA ASN B 5 43.49 -1.52 -19.63
C ASN B 5 43.95 -2.80 -18.96
N VAL B 6 44.07 -2.74 -17.63
CA VAL B 6 44.49 -3.86 -16.80
C VAL B 6 43.46 -4.04 -15.69
N SER B 7 42.89 -5.24 -15.59
CA SER B 7 41.85 -5.52 -14.62
C SER B 7 42.16 -6.80 -13.88
N ILE B 8 42.11 -6.76 -12.56
CA ILE B 8 42.10 -7.95 -11.73
C ILE B 8 40.71 -8.57 -11.81
N VAL B 9 40.64 -9.90 -11.90
CA VAL B 9 39.39 -10.63 -11.77
C VAL B 9 39.58 -11.67 -10.68
N VAL B 10 38.74 -11.60 -9.65
CA VAL B 10 38.92 -12.46 -8.48
C VAL B 10 37.56 -12.79 -7.89
N ALA B 11 37.46 -13.98 -7.28
CA ALA B 11 36.31 -14.39 -6.49
C ALA B 11 36.80 -14.71 -5.09
N ALA B 12 36.36 -13.92 -4.12
CA ALA B 12 36.84 -14.04 -2.75
C ALA B 12 35.67 -14.09 -1.78
N SER B 13 35.91 -14.67 -0.61
CA SER B 13 34.89 -14.77 0.41
C SER B 13 34.60 -13.38 1.00
N VAL B 14 33.42 -13.25 1.60
CA VAL B 14 32.88 -11.93 1.92
C VAL B 14 33.66 -11.28 3.06
N LEU B 15 34.10 -12.07 4.04
CA LEU B 15 34.75 -11.51 5.22
C LEU B 15 36.26 -11.65 5.21
N SER B 16 36.78 -12.86 5.02
CA SER B 16 38.21 -13.12 5.11
C SER B 16 38.91 -13.10 3.75
N SER B 17 38.16 -12.97 2.66
CA SER B 17 38.73 -12.86 1.31
C SER B 17 39.49 -14.11 0.89
N GLY B 18 39.03 -15.28 1.34
CA GLY B 18 39.65 -16.52 0.90
C GLY B 18 39.27 -16.85 -0.53
N ILE B 19 40.23 -17.36 -1.29
CA ILE B 19 40.02 -17.61 -2.71
C ILE B 19 40.38 -19.05 -3.08
N GLY B 20 41.07 -19.76 -2.19
CA GLY B 20 41.52 -21.10 -2.52
C GLY B 20 41.76 -21.96 -1.30
N ILE B 21 41.78 -23.26 -1.54
CA ILE B 21 42.07 -24.25 -0.50
C ILE B 21 42.58 -25.53 -1.14
N ASN B 22 43.77 -25.97 -0.73
CA ASN B 22 44.38 -27.22 -1.21
C ASN B 22 44.45 -27.26 -2.74
N GLY B 23 44.84 -26.14 -3.33
CA GLY B 23 45.06 -26.09 -4.77
C GLY B 23 43.81 -26.05 -5.63
N GLN B 24 42.64 -25.84 -5.03
CA GLN B 24 41.40 -25.76 -5.79
C GLN B 24 40.52 -24.68 -5.18
N LEU B 25 39.31 -24.55 -5.73
CA LEU B 25 38.39 -23.52 -5.24
C LEU B 25 37.61 -24.04 -4.03
N PRO B 26 37.31 -23.18 -3.06
CA PRO B 26 36.50 -23.59 -1.91
C PRO B 26 35.00 -23.61 -2.17
N TRP B 27 34.57 -23.50 -3.42
CA TRP B 27 33.15 -23.50 -3.77
C TRP B 27 33.03 -23.92 -5.23
N SER B 28 31.79 -24.17 -5.66
CA SER B 28 31.50 -24.51 -7.05
C SER B 28 30.31 -23.66 -7.51
N ILE B 29 30.61 -22.55 -8.18
CA ILE B 29 29.60 -21.63 -8.68
C ILE B 29 29.78 -21.51 -10.18
N SER B 30 28.86 -22.10 -10.95
CA SER B 30 28.99 -22.13 -12.40
C SER B 30 28.85 -20.73 -13.00
N GLU B 31 27.89 -19.95 -12.49
CA GLU B 31 27.65 -18.62 -13.03
C GLU B 31 28.88 -17.73 -12.86
N ASP B 32 29.66 -17.94 -11.80
CA ASP B 32 30.87 -17.14 -11.61
C ASP B 32 31.92 -17.48 -12.66
N LEU B 33 32.05 -18.76 -13.00
CA LEU B 33 32.97 -19.13 -14.08
C LEU B 33 32.49 -18.56 -15.42
N LYS B 34 31.18 -18.56 -15.66
CA LYS B 34 30.66 -17.94 -16.88
C LYS B 34 30.93 -16.44 -16.88
N PHE B 35 30.85 -15.79 -15.72
CA PHE B 35 31.19 -14.38 -15.62
C PHE B 35 32.66 -14.14 -15.94
N PHE B 36 33.54 -14.98 -15.38
CA PHE B 36 34.96 -14.89 -15.70
C PHE B 36 35.18 -14.99 -17.20
N SER B 37 34.55 -15.98 -17.83
CA SER B 37 34.71 -16.17 -19.28
C SER B 37 34.24 -14.95 -20.06
N LYS B 38 33.04 -14.46 -19.73
CA LYS B 38 32.49 -13.34 -20.51
C LYS B 38 33.25 -12.05 -20.27
N ILE B 39 33.81 -11.86 -19.07
CA ILE B 39 34.52 -10.62 -18.80
C ILE B 39 35.93 -10.67 -19.37
N THR B 40 36.54 -11.86 -19.48
CA THR B 40 37.85 -11.94 -20.08
C THR B 40 37.81 -12.02 -21.61
N ASN B 41 36.69 -12.47 -22.18
CA ASN B 41 36.52 -12.47 -23.62
C ASN B 41 35.99 -11.16 -24.18
N ASN B 42 35.46 -10.28 -23.32
CA ASN B 42 34.89 -9.02 -23.76
C ASN B 42 35.96 -8.13 -24.41
N LYS B 43 35.85 -7.91 -25.72
CA LYS B 43 36.81 -7.11 -26.45
C LYS B 43 36.09 -6.32 -27.54
N CYS B 44 36.78 -5.31 -28.06
CA CYS B 44 36.24 -4.44 -29.11
C CYS B 44 36.73 -4.81 -30.50
N ASP B 45 38.02 -5.13 -30.65
CA ASP B 45 38.59 -5.48 -31.94
C ASP B 45 38.54 -7.00 -32.10
N SER B 46 37.89 -7.46 -33.19
CA SER B 46 37.79 -8.89 -33.43
C SER B 46 39.12 -9.50 -33.88
N ASN B 47 40.06 -8.68 -34.32
CA ASN B 47 41.37 -9.16 -34.75
C ASN B 47 42.40 -9.12 -33.63
N LYS B 48 41.98 -8.92 -32.39
CA LYS B 48 42.87 -8.91 -31.24
C LYS B 48 42.39 -9.91 -30.21
N LYS B 49 43.26 -10.22 -29.25
CA LYS B 49 42.95 -11.13 -28.17
C LYS B 49 43.27 -10.47 -26.82
N ASN B 50 42.74 -11.06 -25.76
CA ASN B 50 43.01 -10.63 -24.40
C ASN B 50 44.02 -11.57 -23.73
N ALA B 51 44.83 -11.00 -22.86
CA ALA B 51 45.87 -11.74 -22.15
C ALA B 51 45.45 -11.97 -20.71
N LEU B 52 45.57 -13.21 -20.24
CA LEU B 52 45.17 -13.58 -18.89
C LEU B 52 46.42 -13.98 -18.11
N ILE B 53 46.81 -13.15 -17.15
CA ILE B 53 47.99 -13.40 -16.33
C ILE B 53 47.58 -14.21 -15.11
N MET B 54 48.32 -15.27 -14.83
CA MET B 54 48.04 -16.13 -13.69
C MET B 54 49.34 -16.76 -13.19
N GLY B 55 49.34 -17.14 -11.91
CA GLY B 55 50.47 -17.84 -11.34
C GLY B 55 50.56 -19.29 -11.79
N ARG B 56 51.68 -19.92 -11.44
CA ARG B 56 51.92 -21.29 -11.90
C ARG B 56 51.00 -22.28 -11.21
N LYS B 57 50.77 -22.12 -9.89
CA LYS B 57 49.87 -23.01 -9.19
C LYS B 57 48.45 -22.85 -9.71
N THR B 58 48.06 -21.61 -10.04
CA THR B 58 46.78 -21.37 -10.69
C THR B 58 46.72 -22.07 -12.05
N TRP B 59 47.82 -22.01 -12.81
CA TRP B 59 47.91 -22.71 -14.09
C TRP B 59 47.77 -24.22 -13.91
N ASP B 60 48.26 -24.76 -12.80
CA ASP B 60 48.03 -26.16 -12.48
C ASP B 60 46.58 -26.44 -12.13
N SER B 61 45.92 -25.48 -11.47
CA SER B 61 44.56 -25.68 -11.01
C SER B 61 43.58 -25.84 -12.18
N ILE B 62 43.85 -25.20 -13.31
CA ILE B 62 42.94 -25.25 -14.45
C ILE B 62 43.36 -26.34 -15.43
N GLY B 63 44.18 -27.28 -14.96
CA GLY B 63 44.55 -28.43 -15.77
C GLY B 63 45.61 -28.20 -16.82
N ARG B 64 46.26 -27.05 -16.81
CA ARG B 64 47.31 -26.71 -17.78
C ARG B 64 46.81 -26.81 -19.22
N ARG B 65 45.57 -26.35 -19.44
CA ARG B 65 45.01 -26.32 -20.78
C ARG B 65 44.57 -24.90 -21.14
N PRO B 66 44.75 -24.50 -22.40
CA PRO B 66 44.47 -23.11 -22.77
C PRO B 66 42.99 -22.78 -22.69
N LEU B 67 42.71 -21.49 -22.57
CA LEU B 67 41.34 -20.98 -22.55
C LEU B 67 41.00 -20.44 -23.93
N LYS B 68 39.86 -20.88 -24.46
CA LYS B 68 39.48 -20.56 -25.83
C LYS B 68 39.45 -19.05 -26.08
N ASN B 69 39.95 -18.65 -27.24
CA ASN B 69 39.95 -17.29 -27.77
C ASN B 69 40.87 -16.34 -27.01
N ARG B 70 41.55 -16.80 -25.95
CA ARG B 70 42.39 -15.93 -25.15
C ARG B 70 43.82 -16.48 -25.09
N ILE B 71 44.74 -15.62 -24.68
CA ILE B 71 46.15 -15.96 -24.53
C ILE B 71 46.48 -15.96 -23.05
N ILE B 72 47.00 -17.08 -22.56
CA ILE B 72 47.33 -17.21 -21.14
C ILE B 72 48.79 -16.86 -20.94
N VAL B 73 49.06 -16.10 -19.89
CA VAL B 73 50.41 -15.67 -19.51
C VAL B 73 50.70 -16.24 -18.13
N VAL B 74 51.63 -17.19 -18.06
CA VAL B 74 51.96 -17.86 -16.81
C VAL B 74 53.25 -17.26 -16.26
N ILE B 75 53.20 -16.82 -15.01
CA ILE B 75 54.38 -16.33 -14.31
C ILE B 75 54.99 -17.50 -13.56
N SER B 76 56.21 -17.87 -13.94
CA SER B 76 56.90 -18.99 -13.30
C SER B 76 58.40 -18.83 -13.53
N SER B 77 59.18 -19.25 -12.55
CA SER B 77 60.63 -19.21 -12.65
C SER B 77 61.22 -20.52 -13.17
N SER B 78 60.43 -21.59 -13.24
CA SER B 78 60.94 -22.90 -13.65
C SER B 78 60.25 -23.47 -14.88
N LEU B 79 59.04 -23.02 -15.22
CA LEU B 79 58.34 -23.56 -16.37
C LEU B 79 59.11 -23.26 -17.65
N PRO B 80 59.29 -24.22 -18.55
CA PRO B 80 60.02 -23.96 -19.79
C PRO B 80 59.28 -22.97 -20.67
N GLN B 81 60.00 -21.94 -21.13
CA GLN B 81 59.43 -20.92 -22.01
C GLN B 81 59.18 -21.55 -23.38
N ASP B 82 58.11 -22.35 -23.45
CA ASP B 82 57.78 -23.06 -24.67
C ASP B 82 57.23 -22.12 -25.72
N GLU B 83 57.56 -22.39 -26.98
CA GLU B 83 57.04 -21.64 -28.11
C GLU B 83 56.11 -22.47 -28.98
N ALA B 84 55.86 -23.73 -28.62
CA ALA B 84 54.97 -24.57 -29.40
C ALA B 84 53.52 -24.10 -29.31
N ASP B 85 53.04 -23.85 -28.09
CA ASP B 85 51.67 -23.39 -27.90
C ASP B 85 51.63 -21.88 -28.05
N PRO B 86 50.95 -21.35 -29.06
CA PRO B 86 50.84 -19.88 -29.18
C PRO B 86 49.80 -19.28 -28.24
N ASN B 87 49.00 -20.10 -27.57
CA ASN B 87 47.98 -19.62 -26.65
C ASN B 87 48.48 -19.52 -25.21
N VAL B 88 49.66 -20.04 -24.92
CA VAL B 88 50.25 -20.00 -23.58
C VAL B 88 51.68 -19.52 -23.70
N VAL B 89 52.03 -18.47 -22.93
CA VAL B 89 53.37 -17.93 -22.91
C VAL B 89 53.79 -17.76 -21.46
N VAL B 90 55.09 -17.97 -21.20
CA VAL B 90 55.62 -17.99 -19.85
C VAL B 90 56.59 -16.82 -19.68
N PHE B 91 56.50 -16.15 -18.53
CA PHE B 91 57.42 -15.10 -18.16
C PHE B 91 58.01 -15.41 -16.80
N ARG B 92 59.22 -14.89 -16.56
CA ARG B 92 59.95 -15.16 -15.32
C ARG B 92 59.57 -14.24 -14.19
N ASN B 93 58.89 -13.13 -14.47
CA ASN B 93 58.44 -12.23 -13.42
C ASN B 93 57.24 -11.43 -13.95
N LEU B 94 56.50 -10.84 -13.03
CA LEU B 94 55.28 -10.11 -13.40
C LEU B 94 55.61 -8.86 -14.20
N GLU B 95 56.72 -8.19 -13.91
CA GLU B 95 57.04 -6.93 -14.57
C GLU B 95 57.29 -7.14 -16.06
N ASP B 96 58.10 -8.15 -16.41
CA ASP B 96 58.39 -8.43 -17.82
C ASP B 96 57.12 -8.80 -18.58
N SER B 97 56.15 -9.42 -17.91
CA SER B 97 54.92 -9.84 -18.57
C SER B 97 54.02 -8.67 -18.96
N ILE B 98 54.31 -7.46 -18.47
CA ILE B 98 53.53 -6.27 -18.82
C ILE B 98 54.03 -5.72 -20.15
N GLU B 99 54.92 -6.46 -20.82
CA GLU B 99 55.35 -6.11 -22.17
C GLU B 99 54.20 -6.02 -23.15
N ASN B 100 53.03 -6.60 -22.82
CA ASN B 100 51.84 -6.40 -23.65
C ASN B 100 51.52 -4.93 -23.88
N LEU B 101 51.91 -4.05 -22.95
CA LEU B 101 51.70 -2.63 -23.16
C LEU B 101 52.66 -2.07 -24.21
N MET B 102 53.96 -2.31 -24.03
CA MET B 102 54.97 -1.69 -24.88
C MET B 102 54.78 -2.08 -26.34
N ASN B 103 54.89 -3.37 -26.63
CA ASN B 103 54.68 -3.88 -27.97
C ASN B 103 53.40 -4.73 -27.98
N ASP B 104 53.31 -5.65 -28.94
CA ASP B 104 52.19 -6.57 -29.07
C ASP B 104 50.87 -5.81 -29.10
N ASP B 105 50.64 -5.15 -30.23
CA ASP B 105 49.39 -4.43 -30.45
C ASP B 105 48.21 -5.36 -30.71
N SER B 106 48.43 -6.66 -30.81
CA SER B 106 47.35 -7.63 -30.94
C SER B 106 46.69 -7.95 -29.61
N ILE B 107 47.19 -7.39 -28.50
CA ILE B 107 46.59 -7.58 -27.19
C ILE B 107 45.81 -6.31 -26.86
N GLU B 108 44.50 -6.47 -26.65
CA GLU B 108 43.64 -5.32 -26.40
C GLU B 108 43.53 -5.00 -24.90
N ASN B 109 43.24 -5.99 -24.07
CA ASN B 109 43.07 -5.79 -22.65
C ASN B 109 43.84 -6.87 -21.89
N ILE B 110 44.18 -6.57 -20.63
CA ILE B 110 44.97 -7.46 -19.80
C ILE B 110 44.20 -7.76 -18.52
N PHE B 111 44.18 -9.03 -18.13
CA PHE B 111 43.45 -9.47 -16.94
C PHE B 111 44.40 -10.26 -16.03
N VAL B 112 44.51 -9.82 -14.79
CA VAL B 112 45.20 -10.56 -13.74
C VAL B 112 44.18 -11.52 -13.13
N CYS B 113 44.36 -12.81 -13.38
CA CYS B 113 43.29 -13.79 -13.21
C CYS B 113 43.45 -14.70 -12.00
N GLY B 114 44.53 -14.61 -11.25
CA GLY B 114 44.63 -15.43 -10.07
C GLY B 114 46.03 -15.58 -9.56
N GLY B 115 46.11 -15.97 -8.28
CA GLY B 115 47.36 -16.06 -7.56
C GLY B 115 47.47 -15.00 -6.49
N GLU B 116 47.50 -15.41 -5.22
CA GLU B 116 47.67 -14.43 -4.14
C GLU B 116 48.94 -13.63 -4.32
N SER B 117 50.04 -14.29 -4.71
CA SER B 117 51.28 -13.56 -4.98
C SER B 117 51.12 -12.62 -6.17
N ILE B 118 50.49 -13.10 -7.24
CA ILE B 118 50.31 -12.28 -8.44
C ILE B 118 49.44 -11.06 -8.12
N TYR B 119 48.32 -11.29 -7.44
CA TYR B 119 47.47 -10.18 -6.99
C TYR B 119 48.28 -9.19 -6.14
N ARG B 120 49.04 -9.73 -5.17
CA ARG B 120 49.70 -8.87 -4.18
C ARG B 120 50.75 -7.98 -4.82
N ASP B 121 51.60 -8.54 -5.68
CA ASP B 121 52.64 -7.73 -6.30
C ASP B 121 52.17 -7.08 -7.61
N ALA B 122 50.93 -7.31 -8.03
CA ALA B 122 50.33 -6.48 -9.07
C ALA B 122 49.68 -5.24 -8.47
N LEU B 123 49.14 -5.36 -7.24
CA LEU B 123 48.64 -4.18 -6.54
C LEU B 123 49.78 -3.36 -5.96
N LYS B 124 50.83 -4.03 -5.47
CA LYS B 124 51.97 -3.30 -4.91
C LYS B 124 52.73 -2.53 -6.00
N ASP B 125 52.85 -3.12 -7.19
CA ASP B 125 53.51 -2.45 -8.29
C ASP B 125 52.63 -1.44 -9.02
N ASN B 126 51.37 -1.32 -8.60
CA ASN B 126 50.45 -0.30 -9.14
C ASN B 126 50.22 -0.50 -10.63
N PHE B 127 50.03 -1.75 -11.04
CA PHE B 127 49.74 -2.07 -12.44
C PHE B 127 48.23 -2.16 -12.73
N VAL B 128 47.40 -2.18 -11.69
CA VAL B 128 46.00 -2.58 -11.81
C VAL B 128 45.13 -1.34 -11.98
N ASP B 129 44.33 -1.31 -13.04
CA ASP B 129 43.37 -0.23 -13.25
C ASP B 129 42.00 -0.57 -12.68
N ARG B 130 41.51 -1.79 -12.85
CA ARG B 130 40.16 -2.15 -12.44
C ARG B 130 40.18 -3.44 -11.63
N ILE B 131 39.11 -3.67 -10.87
CA ILE B 131 38.95 -4.89 -10.08
C ILE B 131 37.52 -5.41 -10.23
N TYR B 132 37.38 -6.63 -10.74
CA TYR B 132 36.10 -7.34 -10.79
C TYR B 132 36.09 -8.38 -9.67
N LEU B 133 35.32 -8.11 -8.62
CA LEU B 133 35.31 -8.94 -7.42
C LEU B 133 33.97 -9.65 -7.29
N THR B 134 34.03 -10.98 -7.20
CA THR B 134 32.86 -11.80 -6.88
C THR B 134 32.92 -12.14 -5.39
N ARG B 135 32.00 -11.54 -4.62
CA ARG B 135 31.95 -11.76 -3.18
C ARG B 135 31.09 -12.97 -2.86
N VAL B 136 31.70 -14.00 -2.29
CA VAL B 136 31.01 -15.25 -1.96
C VAL B 136 30.73 -15.29 -0.47
N ALA B 137 29.50 -15.66 -0.10
CA ALA B 137 29.09 -15.69 1.30
C ALA B 137 29.32 -17.06 1.90
N LEU B 138 30.61 -17.39 2.06
CA LEU B 138 31.04 -18.65 2.67
C LEU B 138 32.23 -18.35 3.56
N GLU B 139 32.08 -18.53 4.88
CA GLU B 139 33.12 -18.14 5.81
C GLU B 139 33.51 -19.20 6.83
N ASP B 140 32.65 -20.17 7.12
CA ASP B 140 32.99 -21.21 8.09
C ASP B 140 33.67 -22.41 7.47
N ILE B 141 34.57 -22.18 6.51
CA ILE B 141 35.33 -23.23 5.86
C ILE B 141 36.81 -22.86 5.94
N GLU B 142 37.65 -23.73 5.37
CA GLU B 142 39.10 -23.60 5.47
C GLU B 142 39.66 -22.95 4.20
N PHE B 143 40.51 -21.94 4.39
CA PHE B 143 41.23 -21.31 3.29
C PHE B 143 42.74 -21.38 3.54
N ASP B 144 43.50 -21.42 2.45
CA ASP B 144 44.94 -21.25 2.52
C ASP B 144 45.45 -20.20 1.54
N THR B 145 44.58 -19.60 0.73
CA THR B 145 44.94 -18.56 -0.22
C THR B 145 43.92 -17.43 -0.13
N TYR B 146 44.42 -16.19 -0.04
CA TYR B 146 43.56 -15.04 0.21
C TYR B 146 43.83 -13.95 -0.81
N PHE B 147 42.79 -13.20 -1.13
CA PHE B 147 42.94 -12.00 -1.95
C PHE B 147 43.42 -10.85 -1.07
N PRO B 148 44.49 -10.15 -1.47
CA PRO B 148 45.02 -9.08 -0.62
C PRO B 148 44.01 -7.95 -0.44
N GLU B 149 44.23 -7.17 0.61
CA GLU B 149 43.35 -6.05 0.91
C GLU B 149 43.40 -5.03 -0.22
N ILE B 150 42.22 -4.55 -0.62
CA ILE B 150 42.11 -3.58 -1.71
C ILE B 150 42.69 -2.25 -1.23
N PRO B 151 43.65 -1.67 -1.94
CA PRO B 151 44.25 -0.42 -1.47
C PRO B 151 43.28 0.76 -1.56
N GLU B 152 43.58 1.79 -0.76
CA GLU B 152 42.71 2.95 -0.66
C GLU B 152 42.61 3.74 -1.96
N THR B 153 43.51 3.50 -2.93
CA THR B 153 43.43 4.17 -4.22
C THR B 153 42.26 3.69 -5.06
N PHE B 154 41.59 2.61 -4.67
CA PHE B 154 40.44 2.07 -5.39
C PHE B 154 39.15 2.46 -4.70
N LEU B 155 38.12 2.71 -5.50
CA LEU B 155 36.78 2.99 -4.99
C LEU B 155 35.77 2.12 -5.72
N PRO B 156 34.75 1.63 -5.00
CA PRO B 156 33.71 0.83 -5.67
C PRO B 156 32.76 1.72 -6.46
N VAL B 157 32.41 1.24 -7.66
CA VAL B 157 31.49 1.95 -8.54
C VAL B 157 30.28 1.12 -8.92
N TYR B 158 30.22 -0.14 -8.50
CA TYR B 158 29.10 -1.00 -8.86
C TYR B 158 28.98 -2.13 -7.85
N MET B 159 27.74 -2.48 -7.50
CA MET B 159 27.47 -3.63 -6.63
C MET B 159 26.16 -4.24 -7.11
N SER B 160 26.23 -5.46 -7.63
CA SER B 160 25.06 -6.09 -8.24
C SER B 160 24.09 -6.56 -7.16
N GLN B 161 22.93 -7.05 -7.61
CA GLN B 161 22.03 -7.75 -6.73
C GLN B 161 22.65 -9.07 -6.26
N THR B 162 22.11 -9.61 -5.18
CA THR B 162 22.59 -10.89 -4.68
C THR B 162 22.04 -12.01 -5.55
N PHE B 163 22.92 -12.92 -5.96
CA PHE B 163 22.54 -14.10 -6.70
C PHE B 163 22.75 -15.34 -5.83
N CYS B 164 22.08 -16.43 -6.22
CA CYS B 164 22.09 -17.66 -5.45
C CYS B 164 22.45 -18.83 -6.35
N THR B 165 23.41 -19.63 -5.91
CA THR B 165 23.75 -20.91 -6.55
C THR B 165 23.96 -21.94 -5.46
N LYS B 166 23.15 -23.00 -5.48
CA LYS B 166 23.23 -24.08 -4.49
C LYS B 166 23.12 -23.53 -3.07
N ASN B 167 22.17 -22.62 -2.88
CA ASN B 167 21.92 -21.95 -1.59
C ASN B 167 23.09 -21.09 -1.13
N ILE B 168 24.02 -20.76 -2.03
CA ILE B 168 25.16 -19.90 -1.72
C ILE B 168 24.91 -18.54 -2.35
N SER B 169 24.98 -17.49 -1.54
CA SER B 169 24.78 -16.12 -1.99
C SER B 169 26.09 -15.51 -2.46
N TYR B 170 26.02 -14.71 -3.52
CA TYR B 170 27.21 -14.02 -4.00
C TYR B 170 26.83 -12.73 -4.72
N ASP B 171 27.81 -11.84 -4.80
CA ASP B 171 27.68 -10.50 -5.36
C ASP B 171 28.76 -10.28 -6.42
N PHE B 172 28.52 -9.29 -7.28
CA PHE B 172 29.51 -8.82 -8.26
C PHE B 172 29.74 -7.33 -8.05
N MET B 173 31.01 -6.94 -7.91
CA MET B 173 31.39 -5.56 -7.67
C MET B 173 32.51 -5.15 -8.59
N ILE B 174 32.55 -3.85 -8.91
CA ILE B 174 33.62 -3.25 -9.71
C ILE B 174 34.28 -2.17 -8.87
N PHE B 175 35.61 -2.22 -8.80
CA PHE B 175 36.42 -1.18 -8.18
C PHE B 175 37.26 -0.52 -9.24
N GLU B 176 37.40 0.80 -9.16
CA GLU B 176 38.23 1.54 -10.09
C GLU B 176 39.22 2.42 -9.33
N LYS B 177 40.43 2.53 -9.86
CA LYS B 177 41.47 3.38 -9.30
C LYS B 177 41.30 4.78 -9.88
N GLN B 178 41.17 5.78 -9.00
CA GLN B 178 40.93 7.15 -9.42
C GLN B 178 42.08 8.04 -8.96
N GLU B 179 42.17 9.21 -9.60
CA GLU B 179 43.20 10.20 -9.27
C GLU B 179 42.77 11.59 -9.73
N LEU B 193 24.07 16.73 -20.22
CA LEU B 193 24.96 17.88 -20.39
C LEU B 193 24.80 18.87 -19.23
N LYS B 194 25.83 19.67 -18.99
CA LYS B 194 25.80 20.68 -17.94
C LYS B 194 24.68 21.69 -18.14
N SER B 195 24.18 21.86 -19.37
CA SER B 195 23.13 22.85 -19.61
C SER B 195 21.86 22.51 -18.85
N ILE B 196 21.48 21.23 -18.84
CA ILE B 196 20.27 20.82 -18.11
C ILE B 196 20.44 21.06 -16.62
N ASP B 197 21.60 20.68 -16.07
CA ASP B 197 21.84 20.88 -14.65
C ASP B 197 21.81 22.35 -14.28
N ASP B 198 22.42 23.21 -15.12
CA ASP B 198 22.41 24.64 -14.85
C ASP B 198 21.01 25.22 -14.91
N THR B 199 20.22 24.81 -15.90
CA THR B 199 18.85 25.31 -15.99
C THR B 199 18.02 24.87 -14.80
N VAL B 200 18.18 23.62 -14.37
CA VAL B 200 17.44 23.13 -13.21
C VAL B 200 17.86 23.88 -11.95
N ASP B 201 19.16 24.15 -11.80
CA ASP B 201 19.62 24.91 -10.64
C ASP B 201 19.05 26.33 -10.64
N LEU B 202 19.02 26.96 -11.81
CA LEU B 202 18.47 28.31 -11.90
C LEU B 202 16.97 28.31 -11.57
N LEU B 203 16.23 27.31 -12.07
CA LEU B 203 14.81 27.23 -11.75
C LEU B 203 14.59 26.98 -10.27
N GLY B 204 15.47 26.19 -9.64
CA GLY B 204 15.39 25.99 -8.20
C GLY B 204 15.81 27.19 -7.39
N GLU B 205 16.60 28.09 -7.97
CA GLU B 205 16.90 29.35 -7.29
C GLU B 205 15.73 30.32 -7.41
N ILE B 206 15.10 30.37 -8.58
CA ILE B 206 13.95 31.25 -8.79
C ILE B 206 12.79 30.78 -7.91
N PHE B 207 12.22 29.62 -8.22
CA PHE B 207 11.18 29.05 -7.39
C PHE B 207 11.79 28.38 -6.16
N GLY B 208 11.16 28.57 -5.02
CA GLY B 208 11.70 27.99 -3.81
C GLY B 208 11.29 26.56 -3.64
N ILE B 209 10.50 26.29 -2.60
CA ILE B 209 9.86 24.99 -2.44
C ILE B 209 8.69 24.89 -3.40
N ARG B 210 8.47 25.94 -4.20
CA ARG B 210 7.46 25.86 -5.26
C ARG B 210 7.84 24.85 -6.33
N LYS B 211 9.13 24.61 -6.54
CA LYS B 211 9.60 23.59 -7.47
C LYS B 211 9.75 22.28 -6.71
N MET B 212 8.98 21.26 -7.14
CA MET B 212 8.90 20.01 -6.36
C MET B 212 10.26 19.34 -6.20
N GLY B 213 11.18 19.53 -7.15
CA GLY B 213 12.51 18.97 -6.99
C GLY B 213 13.22 19.45 -5.74
N ASN B 214 12.99 20.71 -5.35
CA ASN B 214 13.59 21.22 -4.12
C ASN B 214 13.00 20.58 -2.88
N ARG B 215 11.82 19.98 -2.98
CA ARG B 215 11.24 19.22 -1.87
C ARG B 215 11.73 17.77 -1.83
N HIS B 216 12.42 17.31 -2.88
CA HIS B 216 13.00 15.97 -2.92
C HIS B 216 14.47 16.08 -3.32
N LYS B 217 15.25 16.82 -2.54
CA LYS B 217 16.66 17.04 -2.85
C LYS B 217 17.45 15.75 -2.75
N PHE B 218 18.41 15.58 -3.65
CA PHE B 218 19.28 14.42 -3.61
C PHE B 218 20.14 14.46 -2.35
N PRO B 219 20.33 13.34 -1.67
CA PRO B 219 21.07 13.36 -0.41
C PRO B 219 22.52 13.80 -0.62
N LYS B 220 23.02 14.59 0.33
CA LYS B 220 24.41 14.99 0.31
C LYS B 220 25.32 13.78 0.52
N GLU B 221 26.57 13.93 0.08
CA GLU B 221 27.51 12.82 0.11
C GLU B 221 27.75 12.31 1.53
N GLU B 222 27.71 13.21 2.52
CA GLU B 222 28.04 12.82 3.89
C GLU B 222 27.01 11.87 4.50
N ILE B 223 25.81 11.80 3.93
CA ILE B 223 24.77 10.92 4.43
C ILE B 223 24.38 9.87 3.40
N TYR B 224 25.21 9.67 2.38
CA TYR B 224 24.96 8.72 1.31
C TYR B 224 25.88 7.51 1.50
N ASN B 225 25.28 6.32 1.56
CA ASN B 225 26.05 5.11 1.80
C ASN B 225 26.89 4.76 0.57
N THR B 226 28.20 4.58 0.79
CA THR B 226 29.18 4.27 -0.26
C THR B 226 28.99 5.21 -1.43
N PRO B 227 29.38 6.48 -1.28
CA PRO B 227 29.03 7.49 -2.31
C PRO B 227 29.68 7.26 -3.66
N SER B 228 30.80 6.53 -3.71
CA SER B 228 31.48 6.32 -4.99
C SER B 228 30.66 5.48 -5.95
N ILE B 229 29.68 4.73 -5.45
CA ILE B 229 28.78 3.95 -6.31
C ILE B 229 27.65 4.89 -6.71
N ARG B 230 27.81 5.51 -7.87
CA ARG B 230 26.85 6.49 -8.36
C ARG B 230 25.80 5.88 -9.28
N PHE B 231 26.23 5.10 -10.26
CA PHE B 231 25.34 4.56 -11.28
C PHE B 231 25.14 3.04 -11.16
N GLY B 232 25.72 2.40 -10.16
CA GLY B 232 25.62 0.96 -10.04
C GLY B 232 25.11 0.49 -8.70
N ARG B 233 24.10 1.19 -8.17
CA ARG B 233 23.51 0.82 -6.88
C ARG B 233 22.42 -0.24 -7.09
N GLU B 234 22.85 -1.39 -7.59
CA GLU B 234 21.93 -2.46 -7.94
C GLU B 234 21.52 -3.31 -6.75
N HIS B 235 22.42 -3.50 -5.79
CA HIS B 235 22.08 -4.25 -4.58
C HIS B 235 20.88 -3.62 -3.89
N TYR B 236 19.82 -4.42 -3.72
CA TYR B 236 18.55 -3.90 -3.25
C TYR B 236 18.55 -3.52 -1.78
N GLU B 237 19.64 -3.74 -1.04
CA GLU B 237 19.73 -3.13 0.28
C GLU B 237 19.88 -1.62 0.18
N PHE B 238 20.37 -1.12 -0.96
CA PHE B 238 20.41 0.32 -1.19
C PHE B 238 19.01 0.94 -1.21
N GLN B 239 17.96 0.14 -1.45
CA GLN B 239 16.61 0.66 -1.41
C GLN B 239 16.24 1.15 -0.01
N TYR B 240 16.85 0.57 1.02
CA TYR B 240 16.62 0.98 2.40
C TYR B 240 17.58 2.08 2.84
N LEU B 241 18.87 1.93 2.52
CA LEU B 241 19.85 2.94 2.92
C LEU B 241 19.60 4.27 2.23
N ASP B 242 19.19 4.24 0.95
CA ASP B 242 18.90 5.47 0.24
C ASP B 242 17.64 6.14 0.77
N LEU B 243 16.67 5.36 1.26
CA LEU B 243 15.52 5.96 1.93
C LEU B 243 15.92 6.62 3.23
N LEU B 244 16.79 5.97 4.00
CA LEU B 244 17.38 6.61 5.18
C LEU B 244 18.02 7.94 4.81
N SER B 245 18.81 7.93 3.73
CA SER B 245 19.50 9.15 3.30
C SER B 245 18.51 10.24 2.88
N ARG B 246 17.47 9.85 2.15
CA ARG B 246 16.46 10.82 1.73
C ARG B 246 15.77 11.44 2.93
N VAL B 247 15.48 10.64 3.95
CA VAL B 247 14.85 11.19 5.15
C VAL B 247 15.82 12.14 5.86
N LEU B 248 17.09 11.75 5.97
CA LEU B 248 18.06 12.63 6.60
C LEU B 248 18.22 13.94 5.83
N GLU B 249 18.03 13.92 4.51
CA GLU B 249 18.22 15.10 3.70
C GLU B 249 16.99 16.01 3.74
N ASN B 250 15.80 15.44 3.53
CA ASN B 250 14.59 16.21 3.33
C ASN B 250 13.58 16.10 4.46
N GLY B 251 13.88 15.33 5.50
CA GLY B 251 12.90 15.06 6.54
C GLY B 251 12.55 16.31 7.34
N ALA B 252 11.27 16.64 7.40
CA ALA B 252 10.80 17.73 8.24
C ALA B 252 10.75 17.29 9.70
N TYR B 253 11.18 18.18 10.60
CA TYR B 253 11.17 17.89 12.03
C TYR B 253 9.75 18.01 12.56
N ARG B 254 9.20 16.91 13.06
CA ARG B 254 7.80 16.86 13.43
C ARG B 254 7.65 16.11 14.75
N GLU B 255 6.65 16.52 15.52
CA GLU B 255 6.26 15.85 16.75
C GLU B 255 5.18 14.81 16.47
N ASN B 256 5.06 13.85 17.39
CA ASN B 256 4.08 12.77 17.26
C ASN B 256 3.53 12.45 18.65
N ARG B 257 2.70 11.41 18.71
CA ARG B 257 2.06 11.03 19.96
C ARG B 257 3.06 10.66 21.05
N THR B 258 4.26 10.23 20.68
CA THR B 258 5.30 9.92 21.64
C THR B 258 6.10 11.19 21.96
N GLY B 259 6.91 11.11 23.00
CA GLY B 259 7.75 12.24 23.35
C GLY B 259 8.94 12.45 22.44
N ILE B 260 9.21 11.51 21.55
CA ILE B 260 10.38 11.56 20.67
C ILE B 260 9.94 12.06 19.30
N SER B 261 10.47 13.21 18.90
CA SER B 261 10.17 13.77 17.59
C SER B 261 10.94 13.02 16.50
N THR B 262 10.46 13.16 15.27
CA THR B 262 11.04 12.47 14.13
C THR B 262 11.39 13.48 13.04
N TYR B 263 12.17 12.99 12.08
CA TYR B 263 12.33 13.65 10.78
C TYR B 263 11.57 12.81 9.77
N SER B 264 10.63 13.43 9.07
CA SER B 264 9.60 12.70 8.33
C SER B 264 9.48 13.20 6.91
N ILE B 265 9.21 12.26 5.99
CA ILE B 265 8.78 12.57 4.63
C ILE B 265 7.59 11.68 4.30
N PHE B 266 6.92 12.00 3.20
CA PHE B 266 5.67 11.36 2.84
C PHE B 266 5.72 10.82 1.41
N GLY B 267 5.43 9.54 1.25
CA GLY B 267 5.36 8.90 -0.05
C GLY B 267 6.67 8.36 -0.57
N GLN B 268 7.02 7.12 -0.20
CA GLN B 268 8.26 6.51 -0.64
C GLN B 268 8.00 5.05 -0.98
N MET B 269 9.00 4.39 -1.57
CA MET B 269 8.85 2.98 -1.93
C MET B 269 10.20 2.28 -1.92
N MET B 270 10.14 0.96 -1.74
CA MET B 270 11.32 0.10 -1.74
C MET B 270 10.99 -1.19 -2.49
N ARG B 271 11.91 -1.64 -3.34
CA ARG B 271 11.78 -2.91 -4.04
C ARG B 271 12.86 -3.88 -3.56
N PHE B 272 12.50 -5.15 -3.48
CA PHE B 272 13.43 -6.20 -3.10
C PHE B 272 13.15 -7.45 -3.93
N ASP B 273 14.22 -8.07 -4.41
CA ASP B 273 14.09 -9.38 -5.06
C ASP B 273 14.02 -10.48 -4.01
N MET B 274 13.21 -11.49 -4.29
CA MET B 274 13.12 -12.67 -3.44
C MET B 274 13.38 -13.96 -4.18
N ARG B 275 13.71 -13.90 -5.47
CA ARG B 275 14.02 -15.11 -6.22
C ARG B 275 15.41 -15.62 -5.90
N GLU B 276 16.40 -14.73 -5.78
CA GLU B 276 17.78 -15.12 -5.63
C GLU B 276 18.37 -14.79 -4.27
N SER B 277 17.59 -14.26 -3.34
CA SER B 277 18.10 -13.90 -2.02
C SER B 277 16.92 -13.56 -1.11
N PHE B 278 17.24 -13.32 0.16
CA PHE B 278 16.25 -12.95 1.17
C PHE B 278 16.59 -11.57 1.72
N PRO B 279 15.70 -10.58 1.61
CA PRO B 279 16.08 -9.21 1.97
C PRO B 279 16.21 -8.98 3.47
N LEU B 280 17.23 -9.59 4.07
CA LEU B 280 17.57 -9.36 5.46
C LEU B 280 18.80 -8.45 5.50
N LEU B 281 18.66 -7.29 6.13
CA LEU B 281 19.71 -6.27 6.07
C LEU B 281 21.04 -6.80 6.61
N THR B 282 22.13 -6.43 5.94
CA THR B 282 23.46 -6.85 6.34
C THR B 282 24.25 -5.75 7.05
N THR B 283 23.86 -4.48 6.90
CA THR B 283 24.56 -3.39 7.59
C THR B 283 24.27 -3.33 9.07
N LYS B 284 23.57 -4.36 9.57
CA LYS B 284 23.16 -4.43 10.96
C LYS B 284 22.57 -5.81 11.23
N LYS B 285 22.99 -6.45 12.32
CA LYS B 285 22.46 -7.77 12.66
C LYS B 285 20.99 -7.63 13.07
N VAL B 286 20.11 -8.30 12.33
CA VAL B 286 18.67 -8.20 12.52
C VAL B 286 18.17 -9.43 13.26
N ALA B 287 17.31 -9.23 14.25
CA ALA B 287 16.75 -10.32 15.05
C ALA B 287 15.71 -11.07 14.22
N ILE B 288 16.19 -12.02 13.42
CA ILE B 288 15.32 -12.75 12.51
C ILE B 288 14.35 -13.63 13.28
N ARG B 289 14.77 -14.14 14.44
CA ARG B 289 13.91 -15.03 15.21
C ARG B 289 12.69 -14.30 15.73
N SER B 290 12.88 -13.08 16.26
CA SER B 290 11.75 -12.29 16.71
C SER B 290 10.81 -11.96 15.56
N ILE B 291 11.37 -11.72 14.37
CA ILE B 291 10.55 -11.45 13.19
C ILE B 291 9.67 -12.66 12.88
N PHE B 292 10.27 -13.85 12.83
CA PHE B 292 9.47 -15.04 12.54
C PHE B 292 8.42 -15.27 13.61
N GLU B 293 8.78 -15.06 14.88
CA GLU B 293 7.84 -15.32 15.96
C GLU B 293 6.65 -14.36 15.89
N GLU B 294 6.92 -13.08 15.63
CA GLU B 294 5.82 -12.13 15.45
C GLU B 294 4.96 -12.50 14.25
N LEU B 295 5.58 -12.95 13.15
CA LEU B 295 4.79 -13.27 11.96
C LEU B 295 3.89 -14.48 12.20
N ILE B 296 4.43 -15.53 12.81
CA ILE B 296 3.61 -16.71 13.07
C ILE B 296 2.57 -16.40 14.15
N TRP B 297 2.86 -15.47 15.04
CA TRP B 297 1.88 -14.98 16.00
C TRP B 297 0.73 -14.28 15.27
N PHE B 298 1.05 -13.50 14.25
CA PHE B 298 0.02 -12.90 13.40
C PHE B 298 -0.79 -13.98 12.70
N ILE B 299 -0.11 -14.96 12.09
CA ILE B 299 -0.78 -15.95 11.26
C ILE B 299 -1.77 -16.78 12.08
N LYS B 300 -1.37 -17.18 13.28
CA LYS B 300 -2.23 -17.98 14.14
C LYS B 300 -3.47 -17.24 14.61
N GLY B 301 -3.56 -15.94 14.38
CA GLY B 301 -4.69 -15.16 14.84
C GLY B 301 -4.56 -14.65 16.25
N ASP B 302 -3.38 -14.71 16.85
CA ASP B 302 -3.18 -14.45 18.25
C ASP B 302 -2.96 -12.97 18.51
N THR B 303 -3.54 -12.47 19.59
CA THR B 303 -3.34 -11.10 20.05
C THR B 303 -2.84 -11.04 21.49
N ASN B 304 -2.39 -12.17 22.04
CA ASN B 304 -1.91 -12.24 23.42
C ASN B 304 -0.40 -11.96 23.40
N GLY B 305 -0.01 -10.79 23.92
CA GLY B 305 1.40 -10.43 23.96
C GLY B 305 2.22 -11.30 24.89
N ASN B 306 1.58 -11.96 25.86
CA ASN B 306 2.31 -12.86 26.73
C ASN B 306 2.84 -14.06 25.98
N HIS B 307 2.16 -14.48 24.89
CA HIS B 307 2.68 -15.59 24.10
C HIS B 307 3.98 -15.22 23.41
N LEU B 308 4.18 -13.95 23.09
CA LEU B 308 5.46 -13.51 22.56
C LEU B 308 6.49 -13.34 23.67
N ILE B 309 6.06 -12.84 24.83
CA ILE B 309 7.00 -12.66 25.94
C ILE B 309 7.52 -14.01 26.43
N GLU B 310 6.66 -15.04 26.41
CA GLU B 310 7.09 -16.37 26.84
C GLU B 310 8.15 -16.95 25.91
N LYS B 311 8.14 -16.59 24.63
CA LYS B 311 9.16 -17.00 23.69
C LYS B 311 10.33 -16.01 23.63
N LYS B 312 10.47 -15.17 24.65
CA LYS B 312 11.58 -14.21 24.75
C LYS B 312 11.59 -13.21 23.59
N VAL B 313 10.41 -12.75 23.21
CA VAL B 313 10.25 -11.72 22.19
C VAL B 313 9.49 -10.57 22.85
N TYR B 314 10.15 -9.42 22.98
CA TYR B 314 9.62 -8.31 23.77
C TYR B 314 9.33 -7.07 22.93
N ILE B 315 9.04 -7.25 21.63
CA ILE B 315 8.84 -6.08 20.80
C ILE B 315 7.48 -5.43 21.07
N TRP B 316 6.51 -6.19 21.56
CA TRP B 316 5.18 -5.67 21.85
C TRP B 316 4.95 -5.41 23.34
N SER B 317 6.02 -5.39 24.14
CA SER B 317 5.87 -5.12 25.56
C SER B 317 5.53 -3.64 25.81
N GLY B 318 6.17 -2.74 25.07
CA GLY B 318 5.96 -1.32 25.30
C GLY B 318 4.53 -0.89 25.03
N ASN B 319 3.94 -1.36 23.94
CA ASN B 319 2.57 -1.02 23.58
C ASN B 319 1.55 -1.93 24.26
N GLY B 320 1.98 -2.73 25.22
CA GLY B 320 1.07 -3.60 25.95
C GLY B 320 1.35 -3.61 27.44
N SER B 321 1.67 -2.46 28.01
CA SER B 321 1.88 -2.35 29.46
C SER B 321 0.65 -1.73 30.10
N LYS B 322 0.52 -1.96 31.41
CA LYS B 322 -0.62 -1.41 32.14
C LYS B 322 -0.64 0.11 32.05
N GLU B 323 0.53 0.74 32.18
CA GLU B 323 0.61 2.20 32.11
C GLU B 323 0.23 2.73 30.73
N TYR B 324 0.78 2.11 29.68
CA TYR B 324 0.44 2.55 28.32
C TYR B 324 -1.03 2.33 28.01
N LEU B 325 -1.57 1.18 28.42
CA LEU B 325 -2.97 0.89 28.15
C LEU B 325 -3.88 1.86 28.90
N GLU B 326 -3.57 2.15 30.16
CA GLU B 326 -4.34 3.15 30.90
C GLU B 326 -4.20 4.53 30.28
N ARG B 327 -3.04 4.83 29.69
CA ARG B 327 -2.81 6.15 29.11
C ARG B 327 -3.60 6.33 27.82
N ILE B 328 -3.73 5.27 27.01
CA ILE B 328 -4.42 5.41 25.73
C ILE B 328 -5.91 5.12 25.89
N GLY B 329 -6.34 4.91 27.13
CA GLY B 329 -7.76 4.72 27.41
C GLY B 329 -8.22 3.28 27.46
N LEU B 330 -7.31 2.33 27.64
CA LEU B 330 -7.68 0.92 27.73
C LEU B 330 -7.28 0.36 29.09
N GLY B 331 -7.60 1.11 30.16
CA GLY B 331 -7.25 0.66 31.49
C GLY B 331 -8.00 -0.59 31.91
N HIS B 332 -9.17 -0.84 31.33
CA HIS B 332 -9.91 -2.06 31.61
C HIS B 332 -9.20 -3.29 31.08
N ARG B 333 -8.34 -3.13 30.08
CA ARG B 333 -7.73 -4.25 29.39
C ARG B 333 -6.71 -4.95 30.27
N GLU B 334 -6.58 -6.26 30.07
CA GLU B 334 -5.57 -7.02 30.78
C GLU B 334 -4.18 -6.58 30.32
N GLU B 335 -3.16 -6.93 31.13
CA GLU B 335 -1.81 -6.43 30.97
C GLU B 335 -1.36 -6.39 29.51
N ASN B 336 -1.24 -7.56 28.87
CA ASN B 336 -0.73 -7.63 27.50
C ASN B 336 -1.82 -7.99 26.49
N ASP B 337 -3.06 -7.57 26.74
CA ASP B 337 -4.15 -7.81 25.79
C ASP B 337 -4.15 -6.66 24.79
N LEU B 338 -3.58 -6.90 23.61
CA LEU B 338 -3.39 -5.86 22.62
C LEU B 338 -4.65 -5.51 21.85
N GLY B 339 -5.72 -6.30 21.98
CA GLY B 339 -6.94 -6.02 21.28
C GLY B 339 -6.94 -6.56 19.86
N PRO B 340 -7.96 -6.22 19.09
CA PRO B 340 -8.06 -6.75 17.72
C PRO B 340 -7.09 -6.10 16.76
N ILE B 341 -5.90 -6.67 16.60
CA ILE B 341 -4.86 -6.04 15.80
C ILE B 341 -4.46 -6.98 14.69
N TYR B 342 -3.22 -6.85 14.19
CA TYR B 342 -2.69 -7.80 13.22
C TYR B 342 -2.98 -9.23 13.66
N GLY B 343 -3.53 -10.02 12.75
CA GLY B 343 -3.87 -11.39 13.03
C GLY B 343 -5.25 -11.60 13.61
N PHE B 344 -5.90 -10.56 14.08
CA PHE B 344 -7.33 -10.68 14.38
C PHE B 344 -8.17 -10.15 13.25
N GLN B 345 -7.69 -9.14 12.52
CA GLN B 345 -8.29 -8.78 11.25
C GLN B 345 -7.89 -9.75 10.14
N TRP B 346 -6.76 -10.43 10.28
CA TRP B 346 -6.37 -11.43 9.30
C TRP B 346 -7.29 -12.64 9.34
N ARG B 347 -7.64 -13.10 10.54
CA ARG B 347 -8.39 -14.35 10.69
C ARG B 347 -9.84 -14.16 11.10
N HIS B 348 -10.18 -13.04 11.75
CA HIS B 348 -11.53 -12.80 12.24
C HIS B 348 -11.91 -11.34 11.99
N TYR B 349 -11.90 -10.94 10.72
CA TYR B 349 -12.18 -9.54 10.38
C TYR B 349 -13.62 -9.19 10.72
N ASN B 350 -13.79 -8.00 11.30
CA ASN B 350 -15.08 -7.49 11.76
C ASN B 350 -15.69 -8.34 12.87
N GLY B 351 -14.87 -9.13 13.55
CA GLY B 351 -15.38 -9.95 14.64
C GLY B 351 -15.49 -9.16 15.94
N GLU B 352 -16.57 -9.40 16.66
CA GLU B 352 -16.79 -8.73 17.93
C GLU B 352 -15.75 -9.19 18.94
N TYR B 353 -14.80 -8.32 19.27
CA TYR B 353 -13.72 -8.67 20.17
C TYR B 353 -14.14 -8.48 21.62
N LYS B 354 -13.74 -9.42 22.47
CA LYS B 354 -13.99 -9.34 23.90
C LYS B 354 -12.67 -9.25 24.65
N THR B 355 -12.02 -10.39 24.85
CA THR B 355 -10.69 -10.46 25.43
C THR B 355 -9.82 -11.37 24.58
N MET B 356 -8.56 -11.50 24.98
CA MET B 356 -7.63 -12.39 24.30
C MET B 356 -7.80 -13.85 24.71
N HIS B 357 -8.64 -14.14 25.70
CA HIS B 357 -8.84 -15.50 26.19
C HIS B 357 -10.04 -16.18 25.57
N ASP B 358 -10.91 -15.45 24.89
CA ASP B 358 -12.14 -16.02 24.37
C ASP B 358 -11.88 -16.82 23.09
N ASP B 359 -12.90 -17.56 22.68
CA ASP B 359 -12.83 -18.41 21.49
C ASP B 359 -13.46 -17.65 20.32
N TYR B 360 -12.66 -17.42 19.29
CA TYR B 360 -13.13 -16.69 18.11
C TYR B 360 -13.19 -17.58 16.87
N THR B 361 -13.09 -18.90 17.04
CA THR B 361 -13.16 -19.81 15.91
C THR B 361 -14.54 -19.73 15.26
N GLY B 362 -14.61 -19.20 14.04
CA GLY B 362 -15.84 -19.08 13.29
C GLY B 362 -16.33 -17.66 13.12
N VAL B 363 -15.99 -16.78 14.05
CA VAL B 363 -16.45 -15.39 13.97
C VAL B 363 -15.51 -14.59 13.09
N GLY B 364 -16.07 -13.64 12.35
CA GLY B 364 -15.30 -12.78 11.49
C GLY B 364 -14.92 -13.46 10.19
N VAL B 365 -14.31 -12.67 9.31
CA VAL B 365 -13.88 -13.14 8.00
C VAL B 365 -12.43 -13.62 8.10
N ASP B 366 -12.19 -14.85 7.66
CA ASP B 366 -10.83 -15.41 7.64
C ASP B 366 -10.19 -14.98 6.33
N GLN B 367 -9.51 -13.83 6.37
CA GLN B 367 -8.90 -13.28 5.16
C GLN B 367 -7.76 -14.15 4.66
N LEU B 368 -6.98 -14.73 5.57
CA LEU B 368 -5.81 -15.51 5.15
C LEU B 368 -6.24 -16.77 4.41
N ALA B 369 -7.26 -17.45 4.92
CA ALA B 369 -7.74 -18.68 4.28
C ALA B 369 -8.30 -18.41 2.89
N LYS B 370 -9.14 -17.38 2.77
CA LYS B 370 -9.68 -17.02 1.46
C LYS B 370 -8.58 -16.57 0.52
N LEU B 371 -7.55 -15.89 1.06
CA LEU B 371 -6.42 -15.47 0.24
C LEU B 371 -5.69 -16.68 -0.34
N ILE B 372 -5.41 -17.68 0.49
CA ILE B 372 -4.73 -18.88 0.01
C ILE B 372 -5.59 -19.61 -1.02
N GLU B 373 -6.88 -19.76 -0.73
CA GLU B 373 -7.77 -20.45 -1.65
C GLU B 373 -7.82 -19.75 -3.00
N THR B 374 -7.90 -18.41 -2.99
CA THR B 374 -7.95 -17.67 -4.24
C THR B 374 -6.61 -17.68 -4.95
N LEU B 375 -5.52 -17.67 -4.21
CA LEU B 375 -4.19 -17.69 -4.83
C LEU B 375 -3.97 -18.98 -5.58
N LYS B 376 -4.42 -20.12 -5.03
CA LYS B 376 -4.21 -21.38 -5.72
C LYS B 376 -5.39 -21.82 -6.59
N ASN B 377 -6.53 -21.11 -6.53
CA ASN B 377 -7.67 -21.43 -7.39
C ASN B 377 -7.88 -20.43 -8.52
N ASN B 378 -7.49 -19.16 -8.32
CA ASN B 378 -7.62 -18.13 -9.35
C ASN B 378 -6.38 -17.25 -9.28
N PRO B 379 -5.26 -17.71 -9.82
CA PRO B 379 -4.00 -16.98 -9.63
C PRO B 379 -3.98 -15.62 -10.31
N LYS B 380 -4.55 -15.51 -11.51
CA LYS B 380 -4.55 -14.24 -12.23
C LYS B 380 -5.61 -13.27 -11.73
N ASP B 381 -6.33 -13.62 -10.67
CA ASP B 381 -7.27 -12.70 -10.06
C ASP B 381 -6.53 -11.47 -9.53
N ARG B 382 -7.18 -10.31 -9.63
CA ARG B 382 -6.58 -9.05 -9.21
C ARG B 382 -7.14 -8.55 -7.87
N ARG B 383 -7.54 -9.47 -7.01
CA ARG B 383 -8.16 -9.12 -5.73
C ARG B 383 -7.54 -9.88 -4.56
N HIS B 384 -6.32 -10.41 -4.73
CA HIS B 384 -5.63 -11.08 -3.64
C HIS B 384 -5.18 -10.04 -2.62
N ILE B 385 -6.05 -9.69 -1.67
CA ILE B 385 -5.82 -8.57 -0.77
C ILE B 385 -6.01 -9.01 0.67
N LEU B 386 -5.09 -8.58 1.53
CA LEU B 386 -5.16 -8.79 2.96
C LEU B 386 -5.08 -7.43 3.64
N THR B 387 -6.14 -7.05 4.35
CA THR B 387 -6.19 -5.74 4.99
C THR B 387 -6.32 -5.89 6.51
N ALA B 388 -5.78 -4.91 7.22
CA ALA B 388 -5.90 -4.84 8.66
C ALA B 388 -6.54 -3.55 9.13
N TRP B 389 -6.86 -2.63 8.23
CA TRP B 389 -7.41 -1.33 8.61
C TRP B 389 -8.92 -1.48 8.76
N ASN B 390 -9.39 -1.60 10.00
CA ASN B 390 -10.81 -1.74 10.31
C ASN B 390 -11.25 -0.55 11.12
N PRO B 391 -11.92 0.44 10.51
CA PRO B 391 -12.33 1.63 11.28
C PRO B 391 -13.21 1.32 12.47
N SER B 392 -13.94 0.21 12.45
CA SER B 392 -14.81 -0.13 13.58
C SER B 392 -14.04 -0.57 14.81
N ALA B 393 -12.81 -1.03 14.64
CA ALA B 393 -12.03 -1.60 15.74
C ALA B 393 -10.81 -0.79 16.11
N LEU B 394 -10.57 0.35 15.45
CA LEU B 394 -9.35 1.12 15.72
C LEU B 394 -9.26 1.54 17.18
N SER B 395 -10.39 1.92 17.79
CA SER B 395 -10.38 2.37 19.17
C SER B 395 -10.03 1.26 20.15
N GLN B 396 -10.33 0.01 19.80
CA GLN B 396 -10.04 -1.12 20.68
C GLN B 396 -8.60 -1.61 20.57
N MET B 397 -7.83 -1.12 19.60
CA MET B 397 -6.49 -1.62 19.37
C MET B 397 -5.49 -0.91 20.28
N ALA B 398 -4.50 -1.67 20.78
CA ALA B 398 -3.41 -1.06 21.51
C ALA B 398 -2.58 -0.16 20.61
N LEU B 399 -2.60 -0.40 19.30
CA LEU B 399 -1.89 0.41 18.33
C LEU B 399 -2.53 0.16 16.97
N PRO B 400 -2.93 1.20 16.25
CA PRO B 400 -3.52 1.00 14.92
C PRO B 400 -2.50 0.37 13.97
N PRO B 401 -2.97 -0.32 12.93
CA PRO B 401 -2.05 -1.08 12.07
C PRO B 401 -1.10 -0.16 11.31
N CYS B 402 0.18 -0.53 11.31
CA CYS B 402 1.19 0.20 10.54
C CYS B 402 1.30 -0.37 9.12
N HIS B 403 1.64 -1.65 8.99
CA HIS B 403 1.52 -2.30 7.69
C HIS B 403 0.04 -2.51 7.42
N VAL B 404 -0.55 -1.60 6.66
CA VAL B 404 -2.00 -1.47 6.63
C VAL B 404 -2.61 -2.45 5.63
N LEU B 405 -2.07 -2.52 4.41
CA LEU B 405 -2.71 -3.35 3.40
C LEU B 405 -1.66 -4.05 2.56
N SER B 406 -1.99 -5.25 2.07
CA SER B 406 -1.08 -5.99 1.23
C SER B 406 -1.84 -6.67 0.10
N GLN B 407 -1.20 -6.73 -1.06
CA GLN B 407 -1.75 -7.36 -2.25
C GLN B 407 -0.75 -8.36 -2.79
N TYR B 408 -1.26 -9.42 -3.42
CA TYR B 408 -0.41 -10.50 -3.90
C TYR B 408 -0.72 -10.81 -5.35
N TYR B 409 0.31 -11.24 -6.08
CA TYR B 409 0.27 -11.32 -7.53
C TYR B 409 0.99 -12.59 -7.97
N VAL B 410 0.38 -13.34 -8.87
CA VAL B 410 0.96 -14.57 -9.40
C VAL B 410 1.42 -14.30 -10.83
N THR B 411 2.73 -14.42 -11.05
CA THR B 411 3.29 -14.19 -12.38
C THR B 411 2.98 -15.35 -13.31
N ASN B 412 3.25 -15.14 -14.60
CA ASN B 412 3.01 -16.20 -15.58
C ASN B 412 3.96 -17.37 -15.39
N ASP B 413 5.16 -17.13 -14.84
CA ASP B 413 6.09 -18.19 -14.49
C ASP B 413 5.93 -18.68 -13.06
N ASN B 414 4.72 -18.54 -12.50
CA ASN B 414 4.34 -19.16 -11.22
C ASN B 414 5.20 -18.64 -10.07
N CYS B 415 5.41 -17.33 -10.02
CA CYS B 415 6.05 -16.69 -8.89
C CYS B 415 5.06 -15.79 -8.17
N LEU B 416 5.25 -15.64 -6.86
CA LEU B 416 4.34 -14.89 -6.02
C LEU B 416 5.03 -13.62 -5.54
N SER B 417 4.52 -12.47 -5.99
CA SER B 417 5.02 -11.17 -5.57
C SER B 417 4.02 -10.50 -4.63
N CYS B 418 4.53 -9.59 -3.83
CA CYS B 418 3.75 -8.93 -2.78
C CYS B 418 3.98 -7.43 -2.81
N ASN B 419 2.90 -6.67 -2.71
CA ASN B 419 2.95 -5.23 -2.48
C ASN B 419 2.38 -4.95 -1.09
N LEU B 420 3.01 -4.02 -0.38
CA LEU B 420 2.57 -3.65 0.96
C LEU B 420 2.49 -2.13 1.06
N TYR B 421 1.32 -1.62 1.45
CA TYR B 421 1.17 -0.23 1.82
C TYR B 421 1.22 -0.12 3.34
N GLN B 422 2.17 0.69 3.81
CA GLN B 422 2.44 0.94 5.22
C GLN B 422 2.23 2.42 5.50
N ARG B 423 1.31 2.72 6.42
CA ARG B 423 0.95 4.11 6.68
C ARG B 423 2.05 4.88 7.42
N SER B 424 2.82 4.19 8.26
CA SER B 424 3.81 4.82 9.11
C SER B 424 5.00 3.89 9.24
N CYS B 425 6.21 4.42 9.06
CA CYS B 425 7.41 3.60 8.98
C CYS B 425 8.52 4.18 9.86
N ASP B 426 8.75 3.53 11.00
CA ASP B 426 9.94 3.73 11.82
C ASP B 426 11.11 3.07 11.11
N LEU B 427 11.95 3.88 10.44
CA LEU B 427 13.03 3.33 9.63
C LEU B 427 14.12 2.68 10.47
N GLY B 428 14.27 3.05 11.73
CA GLY B 428 15.31 2.49 12.57
C GLY B 428 15.00 1.09 13.06
N LEU B 429 13.77 0.88 13.53
CA LEU B 429 13.37 -0.40 14.11
C LEU B 429 12.32 -1.14 13.28
N GLY B 430 11.23 -0.47 12.91
CA GLY B 430 10.12 -1.16 12.30
C GLY B 430 10.40 -1.62 10.88
N SER B 431 11.16 -0.83 10.12
CA SER B 431 11.28 -1.10 8.68
C SER B 431 12.01 -2.40 8.35
N PRO B 432 13.18 -2.70 8.95
CA PRO B 432 13.81 -4.00 8.63
C PRO B 432 12.93 -5.17 9.03
N PHE B 433 12.27 -5.06 10.18
CA PHE B 433 11.33 -6.09 10.59
C PHE B 433 10.22 -6.29 9.57
N ASN B 434 9.65 -5.19 9.07
CA ASN B 434 8.57 -5.30 8.08
C ASN B 434 9.07 -5.95 6.80
N ILE B 435 10.23 -5.53 6.32
CA ILE B 435 10.80 -6.11 5.10
C ILE B 435 10.94 -7.61 5.25
N ALA B 436 11.69 -8.05 6.28
CA ALA B 436 11.93 -9.48 6.47
C ALA B 436 10.63 -10.23 6.71
N SER B 437 9.70 -9.62 7.46
CA SER B 437 8.46 -10.29 7.83
C SER B 437 7.60 -10.56 6.61
N TYR B 438 7.41 -9.55 5.76
CA TYR B 438 6.56 -9.78 4.59
C TYR B 438 7.27 -10.62 3.55
N ALA B 439 8.61 -10.62 3.53
CA ALA B 439 9.32 -11.60 2.71
C ALA B 439 9.00 -13.02 3.16
N ILE B 440 9.12 -13.27 4.47
CA ILE B 440 8.83 -14.59 5.02
C ILE B 440 7.38 -14.99 4.74
N LEU B 441 6.46 -14.03 4.89
CA LEU B 441 5.05 -14.32 4.67
C LEU B 441 4.79 -14.68 3.21
N THR B 442 5.39 -13.94 2.28
CA THR B 442 5.22 -14.27 0.87
C THR B 442 5.81 -15.63 0.54
N MET B 443 6.95 -15.98 1.15
CA MET B 443 7.53 -17.30 0.92
C MET B 443 6.62 -18.41 1.46
N MET B 444 6.05 -18.20 2.64
CA MET B 444 5.13 -19.19 3.20
C MET B 444 3.92 -19.37 2.30
N LEU B 445 3.32 -18.26 1.86
CA LEU B 445 2.17 -18.35 0.97
C LEU B 445 2.55 -19.04 -0.34
N ALA B 446 3.76 -18.79 -0.84
CA ALA B 446 4.20 -19.44 -2.07
C ALA B 446 4.33 -20.95 -1.89
N GLN B 447 4.91 -21.39 -0.77
CA GLN B 447 5.03 -22.83 -0.55
C GLN B 447 3.65 -23.46 -0.38
N VAL B 448 2.76 -22.82 0.36
CA VAL B 448 1.43 -23.39 0.59
C VAL B 448 0.62 -23.43 -0.69
N CYS B 449 0.83 -22.47 -1.59
CA CYS B 449 0.07 -22.40 -2.85
C CYS B 449 0.82 -22.98 -4.03
N GLY B 450 2.04 -23.49 -3.83
CA GLY B 450 2.77 -24.12 -4.90
C GLY B 450 3.44 -23.17 -5.88
N TYR B 451 3.94 -22.04 -5.41
CA TYR B 451 4.65 -21.08 -6.25
C TYR B 451 6.05 -20.86 -5.69
N GLU B 452 6.83 -20.09 -6.42
CA GLU B 452 8.13 -19.62 -6.00
C GLU B 452 8.05 -18.17 -5.55
N PRO B 453 8.95 -17.71 -4.67
CA PRO B 453 8.91 -16.31 -4.26
C PRO B 453 9.28 -15.38 -5.41
N GLY B 454 8.62 -14.23 -5.46
CA GLY B 454 8.84 -13.27 -6.52
C GLY B 454 9.54 -12.01 -6.07
N GLU B 455 8.81 -10.89 -6.06
CA GLU B 455 9.33 -9.60 -5.66
C GLU B 455 8.53 -9.06 -4.49
N LEU B 456 9.14 -8.14 -3.75
CA LEU B 456 8.49 -7.48 -2.62
C LEU B 456 8.60 -5.98 -2.80
N ALA B 457 7.46 -5.30 -2.93
CA ALA B 457 7.42 -3.85 -3.01
C ALA B 457 6.71 -3.30 -1.78
N ILE B 458 7.32 -2.30 -1.14
CA ILE B 458 6.77 -1.66 0.05
C ILE B 458 6.54 -0.20 -0.28
N PHE B 459 5.29 0.25 -0.15
CA PHE B 459 4.91 1.64 -0.36
C PHE B 459 4.60 2.26 1.00
N ILE B 460 5.23 3.40 1.28
CA ILE B 460 5.25 3.99 2.62
C ILE B 460 4.64 5.38 2.58
N GLY B 461 3.77 5.67 3.53
CA GLY B 461 3.27 7.01 3.75
C GLY B 461 4.26 7.86 4.53
N ASP B 462 4.12 7.88 5.85
CA ASP B 462 4.98 8.70 6.71
C ASP B 462 6.24 7.90 7.05
N ALA B 463 7.29 8.09 6.26
CA ALA B 463 8.58 7.46 6.53
C ALA B 463 9.40 8.40 7.39
N HIS B 464 9.79 7.94 8.57
CA HIS B 464 10.41 8.84 9.53
C HIS B 464 11.57 8.17 10.25
N ILE B 465 12.41 9.00 10.85
CA ILE B 465 13.52 8.59 11.70
C ILE B 465 13.35 9.29 13.04
N TYR B 466 13.30 8.50 14.11
CA TYR B 466 13.24 9.09 15.45
C TYR B 466 14.58 9.72 15.81
N GLU B 467 14.52 10.88 16.46
CA GLU B 467 15.74 11.67 16.67
C GLU B 467 16.75 10.98 17.58
N ASN B 468 16.32 10.04 18.41
CA ASN B 468 17.25 9.27 19.23
C ASN B 468 17.90 8.13 18.46
N HIS B 469 17.65 8.03 17.16
CA HIS B 469 18.31 7.05 16.30
C HIS B 469 19.36 7.66 15.38
N LEU B 470 19.49 9.00 15.36
CA LEU B 470 20.29 9.68 14.35
C LEU B 470 21.73 9.18 14.35
N THR B 471 22.37 9.11 15.52
CA THR B 471 23.72 8.59 15.58
C THR B 471 23.76 7.15 15.06
N GLN B 472 22.84 6.31 15.54
CA GLN B 472 22.89 4.89 15.21
C GLN B 472 22.77 4.68 13.72
N LEU B 473 21.73 5.23 13.10
CA LEU B 473 21.54 5.06 11.67
C LEU B 473 22.73 5.61 10.90
N LYS B 474 23.30 6.74 11.36
CA LYS B 474 24.48 7.26 10.70
C LYS B 474 25.61 6.24 10.74
N GLU B 475 25.82 5.60 11.89
CA GLU B 475 26.77 4.49 11.97
C GLU B 475 26.44 3.44 10.93
N GLN B 476 25.16 3.07 10.84
CA GLN B 476 24.75 2.07 9.85
C GLN B 476 25.04 2.54 8.43
N LEU B 477 24.98 3.85 8.18
CA LEU B 477 25.24 4.36 6.85
C LEU B 477 26.73 4.35 6.50
N SER B 478 27.60 4.12 7.47
CA SER B 478 29.04 4.05 7.19
C SER B 478 29.48 2.65 6.76
N ARG B 479 28.59 1.67 6.79
CA ARG B 479 28.93 0.28 6.52
C ARG B 479 28.50 -0.08 5.11
N THR B 480 29.45 -0.53 4.30
CA THR B 480 29.14 -0.95 2.95
C THR B 480 28.34 -2.25 2.98
N PRO B 481 27.23 -2.34 2.25
CA PRO B 481 26.39 -3.54 2.33
C PRO B 481 27.11 -4.79 1.85
N ARG B 482 26.73 -5.92 2.44
CA ARG B 482 27.16 -7.24 2.05
C ARG B 482 26.03 -7.99 1.36
N PRO B 483 26.32 -9.03 0.58
CA PRO B 483 25.26 -9.72 -0.14
C PRO B 483 24.22 -10.31 0.81
N PHE B 484 22.96 -10.28 0.37
CA PHE B 484 21.86 -10.81 1.17
C PHE B 484 22.07 -12.31 1.40
N PRO B 485 21.55 -12.84 2.50
CA PRO B 485 21.61 -14.30 2.71
C PRO B 485 20.51 -15.03 1.97
N GLN B 486 20.40 -16.33 2.21
CA GLN B 486 19.29 -17.14 1.72
C GLN B 486 18.48 -17.65 2.91
N LEU B 487 17.19 -17.85 2.67
CA LEU B 487 16.29 -18.40 3.67
C LEU B 487 15.52 -19.56 3.04
N LYS B 488 15.62 -20.73 3.65
CA LYS B 488 14.99 -21.94 3.12
C LYS B 488 14.13 -22.59 4.19
N PHE B 489 13.13 -23.34 3.74
CA PHE B 489 12.29 -24.12 4.63
C PHE B 489 12.74 -25.58 4.59
N LYS B 490 12.83 -26.20 5.77
CA LYS B 490 13.33 -27.56 5.85
C LYS B 490 12.28 -28.59 5.45
N ARG B 491 11.00 -28.26 5.62
CA ARG B 491 9.92 -29.19 5.27
C ARG B 491 8.79 -28.42 4.63
N LYS B 492 7.94 -29.14 3.91
CA LYS B 492 6.76 -28.58 3.28
C LYS B 492 5.56 -28.84 4.20
N VAL B 493 5.02 -27.76 4.77
CA VAL B 493 3.89 -27.90 5.67
C VAL B 493 2.61 -28.09 4.86
N GLU B 494 1.58 -28.62 5.52
CA GLU B 494 0.28 -28.77 4.88
C GLU B 494 -0.64 -27.58 5.16
N ASN B 495 -0.47 -26.92 6.30
CA ASN B 495 -1.18 -25.69 6.60
C ASN B 495 -0.19 -24.62 7.02
N ILE B 496 -0.49 -23.37 6.68
CA ILE B 496 0.44 -22.27 6.94
C ILE B 496 0.68 -22.05 8.42
N GLU B 497 -0.22 -22.52 9.28
CA GLU B 497 -0.06 -22.32 10.72
C GLU B 497 0.95 -23.27 11.34
N ASP B 498 1.46 -24.24 10.59
CA ASP B 498 2.32 -25.28 11.13
C ASP B 498 3.81 -24.90 11.10
N PHE B 499 4.15 -23.72 10.61
CA PHE B 499 5.55 -23.31 10.54
C PHE B 499 6.15 -23.12 11.92
N LYS B 500 7.37 -23.63 12.10
CA LYS B 500 8.11 -23.50 13.35
C LYS B 500 9.45 -22.85 13.08
N TRP B 501 10.05 -22.27 14.12
CA TRP B 501 11.34 -21.62 13.97
C TRP B 501 12.42 -22.62 13.54
N GLU B 502 12.33 -23.86 14.00
CA GLU B 502 13.30 -24.87 13.60
C GLU B 502 13.18 -25.22 12.12
N ASP B 503 12.05 -24.91 11.49
CA ASP B 503 11.84 -25.21 10.08
C ASP B 503 12.56 -24.25 9.15
N ILE B 504 13.11 -23.17 9.67
CA ILE B 504 13.73 -22.11 8.87
C ILE B 504 15.25 -22.25 8.96
N GLU B 505 15.91 -22.22 7.81
CA GLU B 505 17.36 -22.28 7.71
C GLU B 505 17.85 -20.99 7.06
N LEU B 506 18.71 -20.27 7.78
CA LEU B 506 19.27 -19.00 7.30
C LEU B 506 20.71 -19.25 6.89
N ILE B 507 20.97 -19.21 5.59
CA ILE B 507 22.23 -19.65 5.01
C ILE B 507 23.00 -18.42 4.54
N GLY B 508 24.22 -18.26 5.04
CA GLY B 508 25.10 -17.22 4.54
C GLY B 508 24.75 -15.81 5.00
N TYR B 509 24.42 -15.64 6.27
CA TYR B 509 24.10 -14.33 6.83
C TYR B 509 25.29 -13.87 7.67
N TYR B 510 26.04 -12.91 7.15
CA TYR B 510 27.23 -12.36 7.82
C TYR B 510 27.07 -10.86 7.97
N PRO B 511 26.23 -10.41 8.91
CA PRO B 511 25.94 -8.99 9.03
C PRO B 511 26.99 -8.25 9.85
N TYR B 512 26.86 -6.93 9.85
CA TYR B 512 27.63 -6.07 10.74
C TYR B 512 27.05 -6.13 12.16
N PRO B 513 27.82 -5.70 13.16
CA PRO B 513 27.35 -5.83 14.55
C PRO B 513 26.02 -5.13 14.81
N THR B 514 25.38 -5.57 15.88
CA THR B 514 24.07 -5.04 16.27
C THR B 514 24.18 -3.57 16.65
N ILE B 515 23.15 -2.81 16.30
CA ILE B 515 23.06 -1.38 16.63
C ILE B 515 21.83 -1.19 17.50
N LYS B 516 22.03 -1.02 18.80
CA LYS B 516 20.91 -0.86 19.73
C LYS B 516 20.18 0.46 19.49
N MET B 517 18.85 0.38 19.42
CA MET B 517 18.00 1.55 19.24
C MET B 517 16.74 1.39 20.09
N ASP B 518 16.44 2.40 20.90
CA ASP B 518 15.30 2.36 21.80
C ASP B 518 14.00 2.66 21.06
N MET B 519 12.93 1.99 21.48
CA MET B 519 11.63 2.15 20.86
C MET B 519 10.86 3.29 21.53
N ALA B 520 10.10 4.02 20.72
CA ALA B 520 9.22 5.08 21.21
C ALA B 520 7.86 4.48 21.52
N VAL B 521 7.42 4.63 22.76
CA VAL B 521 6.15 4.05 23.19
C VAL B 521 4.99 5.00 22.89
N GLU C 3 -10.38 -25.78 55.54
CA GLU C 3 -11.05 -26.22 54.32
C GLU C 3 -12.55 -25.92 54.36
N LYS C 4 -12.94 -24.83 53.70
CA LYS C 4 -14.35 -24.45 53.64
C LYS C 4 -14.74 -24.10 52.20
N ASN C 5 -15.94 -23.57 52.02
CA ASN C 5 -16.49 -23.40 50.68
C ASN C 5 -16.09 -22.07 50.06
N VAL C 6 -15.89 -22.08 48.75
CA VAL C 6 -15.52 -20.90 47.97
C VAL C 6 -16.49 -20.77 46.81
N SER C 7 -17.16 -19.63 46.71
CA SER C 7 -18.18 -19.41 45.70
C SER C 7 -17.95 -18.08 45.01
N ILE C 8 -17.94 -18.10 43.68
CA ILE C 8 -18.01 -16.89 42.89
C ILE C 8 -19.44 -16.36 42.93
N VAL C 9 -19.59 -15.05 43.04
CA VAL C 9 -20.88 -14.39 42.87
C VAL C 9 -20.71 -13.34 41.78
N VAL C 10 -21.51 -13.46 40.71
CA VAL C 10 -21.33 -12.57 39.56
C VAL C 10 -22.68 -12.34 38.91
N ALA C 11 -22.82 -11.15 38.31
CA ALA C 11 -23.96 -10.80 37.46
C ALA C 11 -23.41 -10.46 36.07
N ALA C 12 -23.75 -11.28 35.09
CA ALA C 12 -23.21 -11.13 33.74
C ALA C 12 -24.34 -11.17 32.72
N SER C 13 -24.07 -10.56 31.56
CA SER C 13 -25.05 -10.53 30.49
C SER C 13 -25.22 -11.91 29.86
N VAL C 14 -26.36 -12.09 29.19
CA VAL C 14 -26.82 -13.43 28.82
C VAL C 14 -25.95 -14.02 27.70
N LEU C 15 -25.48 -13.19 26.77
CA LEU C 15 -24.75 -13.68 25.62
C LEU C 15 -23.24 -13.46 25.72
N SER C 16 -22.80 -12.23 25.98
CA SER C 16 -21.38 -11.91 25.98
C SER C 16 -20.73 -11.93 27.36
N SER C 17 -21.52 -12.13 28.42
CA SER C 17 -21.00 -12.22 29.79
C SER C 17 -20.34 -10.93 30.24
N GLY C 18 -20.85 -9.78 29.77
CA GLY C 18 -20.34 -8.51 30.24
C GLY C 18 -20.83 -8.22 31.65
N ILE C 19 -19.93 -7.63 32.45
CA ILE C 19 -20.25 -7.40 33.86
C ILE C 19 -19.99 -5.95 34.26
N GLY C 20 -19.29 -5.19 33.42
CA GLY C 20 -18.94 -3.84 33.80
C GLY C 20 -18.68 -2.93 32.62
N ILE C 21 -18.73 -1.63 32.88
CA ILE C 21 -18.43 -0.62 31.88
C ILE C 21 -18.00 0.68 32.58
N ASN C 22 -16.80 1.16 32.23
CA ASN C 22 -16.27 2.43 32.76
C ASN C 22 -16.30 2.47 34.29
N GLY C 23 -15.89 1.37 34.91
CA GLY C 23 -15.77 1.32 36.35
C GLY C 23 -17.06 1.17 37.11
N GLN C 24 -18.18 0.87 36.43
CA GLN C 24 -19.45 0.66 37.10
C GLN C 24 -20.19 -0.46 36.42
N LEU C 25 -21.41 -0.71 36.88
CA LEU C 25 -22.24 -1.76 36.32
C LEU C 25 -23.00 -1.23 35.10
N PRO C 26 -23.22 -2.09 34.10
CA PRO C 26 -24.01 -1.68 32.93
C PRO C 26 -25.52 -1.72 33.15
N TRP C 27 -25.98 -1.88 34.38
CA TRP C 27 -27.40 -1.92 34.68
C TRP C 27 -27.59 -1.55 36.15
N SER C 28 -28.85 -1.36 36.53
CA SER C 28 -29.23 -1.06 37.92
C SER C 28 -30.42 -1.95 38.29
N ILE C 29 -30.14 -3.08 38.93
CA ILE C 29 -31.18 -4.03 39.34
C ILE C 29 -31.08 -4.19 40.85
N SER C 30 -32.07 -3.65 41.57
CA SER C 30 -32.05 -3.66 43.03
C SER C 30 -32.15 -5.09 43.59
N GLU C 31 -33.02 -5.91 43.00
CA GLU C 31 -33.19 -7.28 43.48
C GLU C 31 -31.89 -8.08 43.37
N ASP C 32 -31.06 -7.79 42.37
CA ASP C 32 -29.79 -8.49 42.25
C ASP C 32 -28.83 -8.09 43.37
N LEU C 33 -28.82 -6.82 43.75
CA LEU C 33 -28.02 -6.41 44.91
C LEU C 33 -28.53 -7.06 46.19
N LYS C 34 -29.86 -7.16 46.33
CA LYS C 34 -30.40 -7.85 47.50
C LYS C 34 -30.00 -9.32 47.51
N PHE C 35 -29.97 -9.94 46.33
CA PHE C 35 -29.51 -11.32 46.23
C PHE C 35 -28.05 -11.43 46.64
N PHE C 36 -27.21 -10.53 46.15
CA PHE C 36 -25.81 -10.51 46.56
C PHE C 36 -25.70 -10.43 48.08
N SER C 37 -26.45 -9.51 48.69
CA SER C 37 -26.39 -9.32 50.14
C SER C 37 -26.82 -10.59 50.86
N LYS C 38 -27.95 -11.18 50.46
CA LYS C 38 -28.46 -12.34 51.18
C LYS C 38 -27.59 -13.58 50.97
N ILE C 39 -26.95 -13.71 49.81
CA ILE C 39 -26.14 -14.89 49.57
C ILE C 39 -24.77 -14.76 50.23
N THR C 40 -24.25 -13.53 50.39
CA THR C 40 -22.98 -13.35 51.06
C THR C 40 -23.12 -13.29 52.57
N ASN C 41 -24.30 -12.94 53.09
CA ASN C 41 -24.54 -12.97 54.53
C ASN C 41 -24.98 -14.34 55.03
N ASN C 42 -25.41 -15.23 54.14
CA ASN C 42 -25.91 -16.54 54.53
C ASN C 42 -24.82 -17.38 55.19
N LYS C 43 -24.96 -17.63 56.49
CA LYS C 43 -23.97 -18.40 57.24
C LYS C 43 -24.67 -19.24 58.29
N CYS C 44 -23.94 -20.22 58.83
CA CYS C 44 -24.48 -21.13 59.83
C CYS C 44 -24.08 -20.77 61.25
N ASP C 45 -22.81 -20.39 61.48
CA ASP C 45 -22.33 -20.06 62.82
C ASP C 45 -22.45 -18.55 63.03
N SER C 46 -23.17 -18.16 64.08
CA SER C 46 -23.35 -16.74 64.38
C SER C 46 -22.07 -16.08 64.91
N ASN C 47 -21.11 -16.87 65.40
CA ASN C 47 -19.85 -16.34 65.89
C ASN C 47 -18.78 -16.29 64.80
N LYS C 48 -19.15 -16.50 63.56
CA LYS C 48 -18.23 -16.42 62.43
C LYS C 48 -18.77 -15.42 61.41
N LYS C 49 -17.91 -15.02 60.48
CA LYS C 49 -18.27 -14.11 59.41
C LYS C 49 -17.85 -14.72 58.08
N ASN C 50 -18.40 -14.16 57.00
CA ASN C 50 -18.02 -14.54 55.65
C ASN C 50 -17.06 -13.51 55.08
N ALA C 51 -16.14 -13.99 54.24
CA ALA C 51 -15.12 -13.15 53.62
C ALA C 51 -15.46 -12.92 52.16
N LEU C 52 -15.40 -11.67 51.72
CA LEU C 52 -15.73 -11.28 50.35
C LEU C 52 -14.46 -10.78 49.68
N ILE C 53 -13.92 -11.57 48.75
CA ILE C 53 -12.71 -11.22 48.02
C ILE C 53 -13.09 -10.41 46.79
N MET C 54 -12.42 -9.29 46.59
CA MET C 54 -12.67 -8.44 45.43
C MET C 54 -11.39 -7.72 45.04
N GLY C 55 -11.33 -7.34 43.76
CA GLY C 55 -10.21 -6.57 43.27
C GLY C 55 -10.25 -5.13 43.74
N ARG C 56 -9.15 -4.41 43.46
CA ARG C 56 -9.03 -3.04 43.95
C ARG C 56 -9.99 -2.10 43.22
N LYS C 57 -10.13 -2.27 41.91
CA LYS C 57 -11.06 -1.41 41.18
C LYS C 57 -12.51 -1.66 41.62
N THR C 58 -12.84 -2.91 41.89
CA THR C 58 -14.16 -3.21 42.47
C THR C 58 -14.31 -2.55 43.83
N TRP C 59 -13.26 -2.61 44.66
CA TRP C 59 -13.28 -1.94 45.96
C TRP C 59 -13.47 -0.43 45.80
N ASP C 60 -12.96 0.16 44.72
CA ASP C 60 -13.26 1.56 44.44
C ASP C 60 -14.71 1.74 44.00
N SER C 61 -15.26 0.76 43.28
CA SER C 61 -16.61 0.89 42.75
C SER C 61 -17.66 0.99 43.86
N ILE C 62 -17.44 0.33 44.99
CA ILE C 62 -18.43 0.32 46.05
C ILE C 62 -18.11 1.41 47.07
N GLY C 63 -17.31 2.39 46.65
CA GLY C 63 -17.03 3.55 47.47
C GLY C 63 -16.02 3.36 48.58
N ARG C 64 -15.33 2.22 48.61
CA ARG C 64 -14.35 1.92 49.66
C ARG C 64 -14.96 1.99 51.05
N ARG C 65 -16.18 1.48 51.17
CA ARG C 65 -16.82 1.42 52.47
C ARG C 65 -17.21 -0.02 52.81
N PRO C 66 -17.09 -0.42 54.06
CA PRO C 66 -17.29 -1.84 54.41
C PRO C 66 -18.73 -2.27 54.22
N LEU C 67 -18.90 -3.59 54.08
CA LEU C 67 -20.21 -4.21 53.96
C LEU C 67 -20.59 -4.78 55.32
N LYS C 68 -21.79 -4.43 55.78
CA LYS C 68 -22.23 -4.79 57.12
C LYS C 68 -22.18 -6.30 57.34
N ASN C 69 -21.72 -6.70 58.53
CA ASN C 69 -21.65 -8.07 59.03
C ASN C 69 -20.65 -8.94 58.30
N ARG C 70 -19.94 -8.43 57.29
CA ARG C 70 -19.01 -9.22 56.52
C ARG C 70 -17.62 -8.59 56.55
N ILE C 71 -16.62 -9.38 56.15
CA ILE C 71 -15.24 -8.95 56.09
C ILE C 71 -14.82 -8.89 54.63
N ILE C 72 -14.34 -7.73 54.19
CA ILE C 72 -13.93 -7.53 52.81
C ILE C 72 -12.43 -7.78 52.69
N VAL C 73 -12.05 -8.52 51.65
CA VAL C 73 -10.66 -8.85 51.36
C VAL C 73 -10.34 -8.24 50.00
N VAL C 74 -9.46 -7.25 49.98
CA VAL C 74 -9.10 -6.53 48.77
C VAL C 74 -7.77 -7.06 48.26
N ILE C 75 -7.74 -7.48 47.00
CA ILE C 75 -6.50 -7.89 46.35
C ILE C 75 -5.92 -6.66 45.66
N SER C 76 -4.74 -6.24 46.11
CA SER C 76 -4.10 -5.06 45.56
C SER C 76 -2.60 -5.13 45.81
N SER C 77 -1.84 -4.61 44.86
CA SER C 77 -0.39 -4.54 45.00
C SER C 77 0.10 -3.22 45.59
N SER C 78 -0.78 -2.21 45.68
CA SER C 78 -0.39 -0.90 46.15
C SER C 78 -1.16 -0.42 47.37
N LEU C 79 -2.35 -0.95 47.64
CA LEU C 79 -3.14 -0.48 48.76
C LEU C 79 -2.39 -0.74 50.07
N PRO C 80 -2.34 0.23 50.98
CA PRO C 80 -1.66 0.01 52.25
C PRO C 80 -2.37 -1.06 53.07
N GLN C 81 -1.60 -2.05 53.54
CA GLN C 81 -2.15 -3.12 54.37
C GLN C 81 -2.53 -2.53 55.72
N ASP C 82 -3.65 -1.81 55.73
CA ASP C 82 -4.10 -1.13 56.92
C ASP C 82 -4.66 -2.13 57.93
N GLU C 83 -4.41 -1.85 59.20
CA GLU C 83 -4.93 -2.65 60.30
C GLU C 83 -5.95 -1.90 61.14
N ALA C 84 -6.25 -0.64 60.79
CA ALA C 84 -7.22 0.13 61.55
C ALA C 84 -8.62 -0.44 61.40
N ASP C 85 -9.05 -0.68 60.16
CA ASP C 85 -10.38 -1.23 59.91
C ASP C 85 -10.32 -2.74 60.00
N PRO C 86 -10.99 -3.35 60.99
CA PRO C 86 -11.00 -4.83 61.06
C PRO C 86 -11.94 -5.48 60.07
N ASN C 87 -12.77 -4.71 59.37
CA ASN C 87 -13.69 -5.25 58.38
C ASN C 87 -13.12 -5.26 56.97
N VAL C 88 -11.95 -4.65 56.77
CA VAL C 88 -11.29 -4.60 55.47
C VAL C 88 -9.84 -5.00 55.64
N VAL C 89 -9.40 -5.98 54.87
CA VAL C 89 -8.02 -6.46 54.91
C VAL C 89 -7.51 -6.56 53.49
N VAL C 90 -6.21 -6.28 53.30
CA VAL C 90 -5.60 -6.20 51.98
C VAL C 90 -4.57 -7.30 51.85
N PHE C 91 -4.57 -7.96 50.68
CA PHE C 91 -3.57 -8.96 50.34
C PHE C 91 -2.93 -8.61 49.00
N ARG C 92 -1.69 -9.07 48.81
CA ARG C 92 -0.93 -8.75 47.61
C ARG C 92 -1.22 -9.66 46.43
N ASN C 93 -1.85 -10.81 46.66
CA ASN C 93 -2.23 -11.71 45.58
C ASN C 93 -3.39 -12.58 46.05
N LEU C 94 -4.08 -13.18 45.08
CA LEU C 94 -5.25 -13.98 45.40
C LEU C 94 -4.90 -15.24 46.18
N GLU C 95 -3.74 -15.84 45.89
CA GLU C 95 -3.37 -17.09 46.54
C GLU C 95 -3.18 -16.91 48.05
N ASP C 96 -2.42 -15.87 48.44
CA ASP C 96 -2.21 -15.61 49.86
C ASP C 96 -3.52 -15.30 50.58
N SER C 97 -4.49 -14.71 49.88
CA SER C 97 -5.76 -14.36 50.50
C SER C 97 -6.63 -15.58 50.81
N ILE C 98 -6.29 -16.76 50.29
CA ILE C 98 -7.04 -17.97 50.56
C ILE C 98 -6.58 -18.53 51.91
N GLU C 99 -5.72 -17.77 52.60
CA GLU C 99 -5.37 -18.10 53.98
C GLU C 99 -6.59 -18.16 54.90
N ASN C 100 -7.72 -17.60 54.49
CA ASN C 100 -8.97 -17.81 55.23
C ASN C 100 -9.24 -19.29 55.44
N LEU C 101 -8.77 -20.15 54.52
CA LEU C 101 -8.89 -21.58 54.70
C LEU C 101 -7.92 -22.10 55.76
N MET C 102 -6.62 -21.79 55.58
CA MET C 102 -5.58 -22.40 56.40
C MET C 102 -5.80 -22.11 57.88
N ASN C 103 -5.79 -20.83 58.25
CA ASN C 103 -6.04 -20.42 59.61
C ASN C 103 -7.37 -19.67 59.65
N ASP C 104 -7.54 -18.81 60.66
CA ASP C 104 -8.74 -17.99 60.79
C ASP C 104 -9.99 -18.84 60.76
N ASP C 105 -10.26 -19.53 61.87
CA ASP C 105 -11.47 -20.33 61.99
C ASP C 105 -12.71 -19.48 62.17
N SER C 106 -12.56 -18.17 62.29
CA SER C 106 -13.70 -17.25 62.36
C SER C 106 -14.31 -16.94 60.99
N ILE C 107 -13.73 -17.47 59.91
CA ILE C 107 -14.28 -17.30 58.58
C ILE C 107 -14.97 -18.60 58.19
N GLU C 108 -16.28 -18.52 57.91
CA GLU C 108 -17.04 -19.72 57.59
C GLU C 108 -17.05 -20.01 56.09
N ASN C 109 -17.38 -19.02 55.26
CA ASN C 109 -17.45 -19.22 53.81
C ASN C 109 -16.72 -18.08 53.11
N ILE C 110 -16.29 -18.35 51.88
CA ILE C 110 -15.51 -17.40 51.10
C ILE C 110 -16.23 -17.12 49.79
N PHE C 111 -16.30 -15.85 49.41
CA PHE C 111 -16.97 -15.43 48.20
C PHE C 111 -16.01 -14.59 47.36
N VAL C 112 -15.83 -14.99 46.10
CA VAL C 112 -15.14 -14.18 45.11
C VAL C 112 -16.19 -13.27 44.48
N CYS C 113 -16.08 -11.97 44.77
CA CYS C 113 -17.19 -11.06 44.57
C CYS C 113 -17.05 -10.11 43.39
N GLY C 114 -15.93 -10.10 42.68
CA GLY C 114 -15.89 -9.24 41.53
C GLY C 114 -14.50 -8.90 41.07
N GLY C 115 -14.43 -8.49 39.81
CA GLY C 115 -13.17 -8.24 39.14
C GLY C 115 -12.93 -9.30 38.08
N GLU C 116 -12.89 -8.89 36.81
CA GLU C 116 -12.60 -9.85 35.75
C GLU C 116 -11.28 -10.55 35.99
N SER C 117 -10.27 -9.81 36.46
CA SER C 117 -8.99 -10.44 36.78
C SER C 117 -9.14 -11.42 37.94
N ILE C 118 -9.87 -11.02 38.99
CA ILE C 118 -10.04 -11.90 40.15
C ILE C 118 -10.82 -13.15 39.76
N TYR C 119 -11.93 -12.99 39.04
CA TYR C 119 -12.67 -14.15 38.54
C TYR C 119 -11.79 -15.05 37.70
N ARG C 120 -11.03 -14.46 36.78
CA ARG C 120 -10.28 -15.24 35.80
C ARG C 120 -9.20 -16.06 36.47
N ASP C 121 -8.43 -15.45 37.38
CA ASP C 121 -7.38 -16.23 38.02
C ASP C 121 -7.86 -16.96 39.28
N ALA C 122 -9.13 -16.83 39.66
CA ALA C 122 -9.71 -17.75 40.62
C ALA C 122 -10.23 -19.01 39.95
N LEU C 123 -10.74 -18.90 38.72
CA LEU C 123 -11.12 -20.08 37.97
C LEU C 123 -9.89 -20.79 37.41
N LYS C 124 -8.88 -20.03 37.00
CA LYS C 124 -7.65 -20.62 36.46
C LYS C 124 -6.89 -21.38 37.55
N ASP C 125 -6.85 -20.84 38.76
CA ASP C 125 -6.16 -21.49 39.87
C ASP C 125 -7.00 -22.58 40.52
N ASN C 126 -8.23 -22.81 40.06
CA ASN C 126 -9.07 -23.90 40.54
C ASN C 126 -9.37 -23.76 42.03
N PHE C 127 -9.67 -22.53 42.46
CA PHE C 127 -10.04 -22.28 43.85
C PHE C 127 -11.55 -22.30 44.07
N VAL C 128 -12.35 -22.31 43.02
CA VAL C 128 -13.77 -22.02 43.10
C VAL C 128 -14.55 -23.32 43.18
N ASP C 129 -15.39 -23.45 44.21
CA ASP C 129 -16.28 -24.59 44.36
C ASP C 129 -17.64 -24.34 43.72
N ARG C 130 -18.21 -23.15 43.89
CA ARG C 130 -19.56 -22.87 43.40
C ARG C 130 -19.57 -21.56 42.62
N ILE C 131 -20.61 -21.38 41.80
CA ILE C 131 -20.80 -20.16 41.03
C ILE C 131 -22.27 -19.75 41.12
N TYR C 132 -22.53 -18.55 41.64
CA TYR C 132 -23.85 -17.95 41.64
C TYR C 132 -23.89 -16.89 40.55
N LEU C 133 -24.58 -17.20 39.45
CA LEU C 133 -24.59 -16.35 38.26
C LEU C 133 -25.97 -15.74 38.07
N THR C 134 -26.02 -14.40 37.99
CA THR C 134 -27.23 -13.69 37.60
C THR C 134 -27.11 -13.35 36.12
N ARG C 135 -27.92 -13.99 35.29
CA ARG C 135 -27.90 -13.76 33.85
C ARG C 135 -28.84 -12.61 33.52
N VAL C 136 -28.28 -11.51 33.02
CA VAL C 136 -29.05 -10.30 32.70
C VAL C 136 -29.25 -10.23 31.19
N ALA C 137 -30.48 -9.95 30.77
CA ALA C 137 -30.84 -9.95 29.35
C ALA C 137 -30.67 -8.54 28.77
N LEU C 138 -29.40 -8.13 28.67
CA LEU C 138 -29.00 -6.86 28.07
C LEU C 138 -27.74 -7.10 27.26
N GLU C 139 -27.82 -6.96 25.94
CA GLU C 139 -26.70 -7.29 25.08
C GLU C 139 -26.30 -6.23 24.08
N ASP C 140 -27.20 -5.32 23.69
CA ASP C 140 -26.86 -4.30 22.71
C ASP C 140 -26.33 -3.02 23.36
N ILE C 141 -25.50 -3.17 24.39
CA ILE C 141 -24.86 -2.05 25.08
C ILE C 141 -23.36 -2.32 25.11
N GLU C 142 -22.63 -1.40 25.71
CA GLU C 142 -21.17 -1.44 25.70
C GLU C 142 -20.64 -2.03 27.00
N PHE C 143 -19.72 -2.98 26.88
CA PHE C 143 -19.02 -3.57 28.01
C PHE C 143 -17.52 -3.39 27.81
N ASP C 144 -16.79 -3.28 28.93
CA ASP C 144 -15.34 -3.37 28.91
C ASP C 144 -14.80 -4.38 29.90
N THR C 145 -15.68 -5.03 30.67
CA THR C 145 -15.29 -6.03 31.65
C THR C 145 -16.23 -7.22 31.50
N TYR C 146 -15.67 -8.42 31.45
CA TYR C 146 -16.44 -9.61 31.15
C TYR C 146 -16.19 -10.68 32.21
N PHE C 147 -17.22 -11.47 32.47
CA PHE C 147 -17.03 -12.66 33.28
C PHE C 147 -16.43 -13.75 32.39
N PRO C 148 -15.33 -14.39 32.81
CA PRO C 148 -14.71 -15.39 31.95
C PRO C 148 -15.64 -16.56 31.68
N GLU C 149 -15.34 -17.27 30.60
CA GLU C 149 -16.15 -18.43 30.25
C GLU C 149 -16.06 -19.47 31.35
N ILE C 150 -17.21 -20.04 31.71
CA ILE C 150 -17.28 -21.04 32.77
C ILE C 150 -16.59 -22.30 32.27
N PRO C 151 -15.59 -22.81 33.00
CA PRO C 151 -14.86 -23.99 32.52
C PRO C 151 -15.72 -25.24 32.55
N GLU C 152 -15.30 -26.24 31.76
CA GLU C 152 -16.08 -27.45 31.59
C GLU C 152 -16.19 -28.28 32.87
N THR C 153 -15.36 -28.01 33.87
CA THR C 153 -15.45 -28.74 35.14
C THR C 153 -16.69 -28.37 35.95
N PHE C 154 -17.43 -27.33 35.54
CA PHE C 154 -18.63 -26.90 36.24
C PHE C 154 -19.87 -27.38 35.48
N LEU C 155 -20.90 -27.73 36.24
CA LEU C 155 -22.19 -28.09 35.68
C LEU C 155 -23.29 -27.32 36.38
N PRO C 156 -24.32 -26.90 35.63
CA PRO C 156 -25.43 -26.17 36.26
C PRO C 156 -26.35 -27.11 37.02
N VAL C 157 -26.78 -26.67 38.20
CA VAL C 157 -27.67 -27.44 39.06
C VAL C 157 -28.95 -26.70 39.38
N TYR C 158 -29.09 -25.45 38.97
CA TYR C 158 -30.30 -24.68 39.27
C TYR C 158 -30.43 -23.55 38.27
N MET C 159 -31.67 -23.30 37.85
CA MET C 159 -31.98 -22.16 36.98
C MET C 159 -33.35 -21.65 37.39
N SER C 160 -33.40 -20.44 37.94
CA SER C 160 -34.64 -19.92 38.47
C SER C 160 -35.58 -19.50 37.34
N GLN C 161 -36.80 -19.11 37.72
CA GLN C 161 -37.69 -18.47 36.79
C GLN C 161 -37.14 -17.10 36.38
N THR C 162 -37.67 -16.57 35.29
CA THR C 162 -37.27 -15.24 34.83
C THR C 162 -37.93 -14.18 35.69
N PHE C 163 -37.14 -13.22 36.17
CA PHE C 163 -37.66 -12.07 36.90
C PHE C 163 -37.49 -10.82 36.05
N CYS C 164 -38.25 -9.79 36.39
CA CYS C 164 -38.29 -8.55 35.62
C CYS C 164 -38.09 -7.35 36.53
N THR C 165 -37.15 -6.49 36.15
CA THR C 165 -36.97 -5.19 36.80
C THR C 165 -36.75 -4.15 35.72
N LYS C 166 -37.63 -3.15 35.68
CA LYS C 166 -37.57 -2.06 34.70
C LYS C 166 -37.53 -2.62 33.27
N ASN C 167 -38.42 -3.59 33.01
CA ASN C 167 -38.54 -4.26 31.72
C ASN C 167 -37.28 -5.04 31.35
N ILE C 168 -36.41 -5.31 32.30
CA ILE C 168 -35.19 -6.08 32.08
C ILE C 168 -35.37 -7.46 32.69
N SER C 169 -35.17 -8.49 31.87
CA SER C 169 -35.31 -9.88 32.30
C SER C 169 -33.98 -10.38 32.86
N TYR C 170 -34.07 -11.20 33.91
CA TYR C 170 -32.86 -11.79 34.47
C TYR C 170 -33.16 -13.14 35.14
N ASP C 171 -32.09 -13.91 35.30
CA ASP C 171 -32.12 -15.28 35.81
C ASP C 171 -31.17 -15.43 36.99
N PHE C 172 -31.39 -16.48 37.77
CA PHE C 172 -30.47 -16.90 38.82
C PHE C 172 -30.08 -18.35 38.59
N MET C 173 -28.79 -18.62 38.54
CA MET C 173 -28.28 -19.97 38.28
C MET C 173 -27.17 -20.31 39.27
N ILE C 174 -27.05 -21.61 39.56
CA ILE C 174 -25.99 -22.17 40.38
C ILE C 174 -25.21 -23.16 39.55
N PHE C 175 -23.89 -23.02 39.54
CA PHE C 175 -22.98 -23.98 38.94
C PHE C 175 -22.13 -24.61 40.03
N GLU C 176 -21.91 -25.91 39.91
CA GLU C 176 -21.08 -26.62 40.87
C GLU C 176 -19.99 -27.40 40.15
N LYS C 177 -18.81 -27.41 40.74
CA LYS C 177 -17.68 -28.18 40.23
C LYS C 177 -17.77 -29.60 40.79
N GLN C 178 -17.77 -30.58 39.91
CA GLN C 178 -17.91 -31.97 40.31
C GLN C 178 -16.68 -32.76 39.91
N GLU C 179 -16.59 -33.98 40.44
CA GLU C 179 -15.46 -34.87 40.14
C GLU C 179 -15.86 -36.32 40.40
N LEU C 193 -34.53 -42.73 50.00
CA LEU C 193 -33.53 -43.76 50.25
C LEU C 193 -33.52 -44.76 49.08
N LYS C 194 -32.38 -45.46 48.94
CA LYS C 194 -32.25 -46.47 47.91
C LYS C 194 -33.28 -47.59 48.04
N SER C 195 -33.81 -47.82 49.25
CA SER C 195 -34.78 -48.89 49.45
C SER C 195 -36.05 -48.64 48.64
N ILE C 196 -36.52 -47.39 48.64
CA ILE C 196 -37.73 -47.05 47.90
C ILE C 196 -37.50 -47.24 46.40
N ASP C 197 -36.36 -46.77 45.89
CA ASP C 197 -36.06 -46.91 44.47
C ASP C 197 -35.95 -48.38 44.09
N ASP C 198 -35.31 -49.19 44.92
CA ASP C 198 -35.17 -50.62 44.62
C ASP C 198 -36.53 -51.32 44.62
N THR C 199 -37.38 -50.99 45.60
CA THR C 199 -38.72 -51.58 45.64
C THR C 199 -39.53 -51.19 44.41
N VAL C 200 -39.45 -49.92 44.00
CA VAL C 200 -40.18 -49.47 42.82
C VAL C 200 -39.67 -50.18 41.57
N ASP C 201 -38.35 -50.35 41.46
CA ASP C 201 -37.78 -51.05 40.31
C ASP C 201 -38.22 -52.50 40.27
N LEU C 202 -38.24 -53.16 41.43
CA LEU C 202 -38.67 -54.56 41.47
C LEU C 202 -40.15 -54.68 41.11
N LEU C 203 -40.99 -53.77 41.62
CA LEU C 203 -42.40 -53.79 41.26
C LEU C 203 -42.60 -53.55 39.77
N GLY C 204 -41.78 -52.69 39.17
CA GLY C 204 -41.85 -52.48 37.74
C GLY C 204 -41.28 -53.62 36.93
N GLU C 205 -40.43 -54.46 37.53
CA GLU C 205 -39.99 -55.67 36.86
C GLU C 205 -41.07 -56.75 36.89
N ILE C 206 -41.76 -56.88 38.02
CA ILE C 206 -42.85 -57.84 38.16
C ILE C 206 -43.99 -57.46 37.23
N PHE C 207 -44.65 -56.35 37.51
CA PHE C 207 -45.69 -55.84 36.65
C PHE C 207 -45.07 -55.14 35.44
N GLY C 208 -45.63 -55.38 34.27
CA GLY C 208 -45.07 -54.75 33.08
C GLY C 208 -45.61 -53.35 32.92
N ILE C 209 -46.38 -53.12 31.85
CA ILE C 209 -47.13 -51.88 31.73
C ILE C 209 -48.34 -51.86 32.64
N ARG C 210 -48.55 -52.92 33.42
CA ARG C 210 -49.61 -52.92 34.42
C ARG C 210 -49.35 -51.88 35.50
N LYS C 211 -48.09 -51.55 35.75
CA LYS C 211 -47.72 -50.49 36.68
C LYS C 211 -47.63 -49.18 35.92
N MET C 212 -48.49 -48.22 36.28
CA MET C 212 -48.65 -47.00 35.49
C MET C 212 -47.34 -46.22 35.38
N GLY C 213 -46.46 -46.34 36.38
CA GLY C 213 -45.17 -45.69 36.29
C GLY C 213 -44.37 -46.13 35.08
N ASN C 214 -44.50 -47.40 34.68
CA ASN C 214 -43.82 -47.87 33.49
C ASN C 214 -44.41 -47.29 32.21
N ARG C 215 -45.64 -46.78 32.27
CA ARG C 215 -46.24 -46.07 31.14
C ARG C 215 -45.87 -44.60 31.12
N HIS C 216 -45.25 -44.09 32.19
CA HIS C 216 -44.77 -42.71 32.28
C HIS C 216 -43.31 -42.74 32.73
N LYS C 217 -42.47 -43.41 31.96
CA LYS C 217 -41.07 -43.54 32.34
C LYS C 217 -40.36 -42.20 32.28
N PHE C 218 -39.46 -41.98 33.23
CA PHE C 218 -38.67 -40.74 33.25
C PHE C 218 -37.76 -40.70 32.03
N PRO C 219 -37.63 -39.55 31.37
CA PRO C 219 -36.84 -39.49 30.14
C PRO C 219 -35.37 -39.82 30.40
N LYS C 220 -34.78 -40.55 29.46
CA LYS C 220 -33.36 -40.85 29.52
C LYS C 220 -32.54 -39.56 29.41
N GLU C 221 -31.30 -39.63 29.92
CA GLU C 221 -30.45 -38.44 29.95
C GLU C 221 -30.18 -37.89 28.57
N GLU C 222 -30.07 -38.76 27.55
CA GLU C 222 -29.72 -38.32 26.21
C GLU C 222 -30.81 -37.47 25.56
N ILE C 223 -32.04 -37.52 26.08
CA ILE C 223 -33.14 -36.72 25.54
C ILE C 223 -33.67 -35.73 26.58
N TYR C 224 -32.89 -35.49 27.64
CA TYR C 224 -33.27 -34.60 28.72
C TYR C 224 -32.45 -33.33 28.59
N ASN C 225 -33.13 -32.18 28.52
CA ASN C 225 -32.45 -30.91 28.31
C ASN C 225 -31.70 -30.50 29.57
N THR C 226 -30.40 -30.21 29.41
CA THR C 226 -29.51 -29.82 30.50
C THR C 226 -29.68 -30.79 31.66
N PRO C 227 -29.19 -32.03 31.52
CA PRO C 227 -29.52 -33.07 32.52
C PRO C 227 -28.97 -32.80 33.90
N SER C 228 -27.90 -32.02 34.03
CA SER C 228 -27.31 -31.78 35.34
C SER C 228 -28.22 -30.99 36.27
N ILE C 229 -29.22 -30.30 35.73
CA ILE C 229 -30.20 -29.57 36.54
C ILE C 229 -31.29 -30.59 36.87
N ARG C 230 -31.15 -31.24 38.03
CA ARG C 230 -32.06 -32.30 38.44
C ARG C 230 -33.18 -31.76 39.34
N PHE C 231 -32.82 -30.99 40.36
CA PHE C 231 -33.77 -30.53 41.36
C PHE C 231 -34.07 -29.04 41.26
N GLY C 232 -33.53 -28.35 40.27
CA GLY C 232 -33.74 -26.92 40.15
C GLY C 232 -34.26 -26.49 38.80
N ARG C 233 -35.18 -27.27 38.22
CA ARG C 233 -35.76 -26.95 36.91
C ARG C 233 -36.93 -25.98 37.08
N GLU C 234 -36.59 -24.80 37.61
CA GLU C 234 -37.59 -23.80 37.94
C GLU C 234 -37.99 -22.95 36.73
N HIS C 235 -37.06 -22.70 35.82
CA HIS C 235 -37.36 -21.93 34.61
C HIS C 235 -38.49 -22.62 33.86
N TYR C 236 -39.57 -21.87 33.62
CA TYR C 236 -40.77 -22.49 33.09
C TYR C 236 -40.67 -22.87 31.61
N GLU C 237 -39.56 -22.56 30.93
CA GLU C 237 -39.37 -23.15 29.61
C GLU C 237 -39.12 -24.66 29.71
N PHE C 238 -38.65 -25.13 30.87
CA PHE C 238 -38.53 -26.57 31.11
C PHE C 238 -39.89 -27.25 31.06
N GLN C 239 -40.98 -26.52 31.26
CA GLN C 239 -42.30 -27.12 31.15
C GLN C 239 -42.59 -27.61 29.73
N TYR C 240 -41.95 -26.99 28.74
CA TYR C 240 -42.09 -27.40 27.34
C TYR C 240 -41.04 -28.45 26.96
N LEU C 241 -39.79 -28.23 27.35
CA LEU C 241 -38.72 -29.15 27.00
C LEU C 241 -38.91 -30.51 27.66
N ASP C 242 -39.39 -30.53 28.91
CA ASP C 242 -39.63 -31.79 29.59
C ASP C 242 -40.81 -32.54 28.98
N LEU C 243 -41.80 -31.82 28.45
CA LEU C 243 -42.87 -32.50 27.73
C LEU C 243 -42.35 -33.11 26.43
N LEU C 244 -41.48 -32.38 25.72
CA LEU C 244 -40.78 -32.94 24.57
C LEU C 244 -40.06 -34.24 24.95
N SER C 245 -39.33 -34.20 26.07
CA SER C 245 -38.58 -35.36 26.51
C SER C 245 -39.49 -36.52 26.87
N ARG C 246 -40.60 -36.23 27.55
CA ARG C 246 -41.55 -37.29 27.91
C ARG C 246 -42.15 -37.93 26.68
N VAL C 247 -42.47 -37.14 25.66
CA VAL C 247 -43.01 -37.72 24.43
C VAL C 247 -41.94 -38.57 23.73
N LEU C 248 -40.70 -38.08 23.69
CA LEU C 248 -39.63 -38.86 23.08
C LEU C 248 -39.41 -40.17 23.82
N GLU C 249 -39.65 -40.19 25.13
CA GLU C 249 -39.40 -41.39 25.92
C GLU C 249 -40.54 -42.39 25.82
N ASN C 250 -41.77 -41.94 25.98
CA ASN C 250 -42.92 -42.82 26.12
C ASN C 250 -43.88 -42.78 24.94
N GLY C 251 -43.60 -41.97 23.91
CA GLY C 251 -44.55 -41.76 22.85
C GLY C 251 -44.79 -43.02 22.04
N ALA C 252 -46.04 -43.44 21.92
CA ALA C 252 -46.39 -44.55 21.06
C ALA C 252 -46.41 -44.11 19.60
N TYR C 253 -45.89 -44.96 18.72
CA TYR C 253 -45.87 -44.67 17.30
C TYR C 253 -47.26 -44.91 16.72
N ARG C 254 -47.87 -43.85 16.19
CA ARG C 254 -49.25 -43.90 15.74
C ARG C 254 -49.40 -43.18 14.42
N GLU C 255 -50.32 -43.66 13.59
CA GLU C 255 -50.69 -43.00 12.34
C GLU C 255 -51.86 -42.05 12.59
N ASN C 256 -52.00 -41.08 11.69
CA ASN C 256 -53.07 -40.09 11.79
C ASN C 256 -53.54 -39.74 10.38
N ARG C 257 -54.43 -38.75 10.30
CA ARG C 257 -55.04 -38.38 9.02
C ARG C 257 -54.01 -37.92 7.99
N THR C 258 -52.86 -37.43 8.41
CA THR C 258 -51.81 -37.05 7.49
C THR C 258 -50.91 -38.25 7.20
N GLY C 259 -50.06 -38.10 6.18
CA GLY C 259 -49.13 -39.16 5.84
C GLY C 259 -47.97 -39.29 6.81
N ILE C 260 -47.80 -38.34 7.72
CA ILE C 260 -46.68 -38.32 8.65
C ILE C 260 -47.16 -38.88 9.99
N SER C 261 -46.57 -39.99 10.39
CA SER C 261 -46.91 -40.58 11.68
C SER C 261 -46.27 -39.80 12.82
N THR C 262 -46.81 -39.99 14.02
CA THR C 262 -46.34 -39.28 15.20
C THR C 262 -45.95 -40.27 16.30
N TYR C 263 -45.25 -39.73 17.29
CA TYR C 263 -45.08 -40.37 18.58
C TYR C 263 -45.93 -39.58 19.58
N SER C 264 -46.85 -40.26 20.25
CA SER C 264 -47.94 -39.60 20.96
C SER C 264 -48.08 -40.11 22.38
N ILE C 265 -48.44 -39.21 23.29
CA ILE C 265 -48.93 -39.56 24.62
C ILE C 265 -50.18 -38.74 24.91
N PHE C 266 -50.89 -39.11 25.97
CA PHE C 266 -52.21 -38.56 26.27
C PHE C 266 -52.25 -38.03 27.69
N GLY C 267 -52.65 -36.77 27.85
CA GLY C 267 -52.82 -36.18 29.16
C GLY C 267 -51.56 -35.56 29.72
N GLN C 268 -51.29 -34.29 29.39
CA GLN C 268 -50.11 -33.59 29.89
C GLN C 268 -50.50 -32.16 30.23
N MET C 269 -49.58 -31.44 30.88
CA MET C 269 -49.86 -30.05 31.23
C MET C 269 -48.58 -29.25 31.32
N MET C 270 -48.72 -27.93 31.15
CA MET C 270 -47.62 -26.98 31.23
C MET C 270 -48.07 -25.74 31.97
N ARG C 271 -47.22 -25.24 32.88
CA ARG C 271 -47.48 -24.00 33.60
C ARG C 271 -46.46 -22.96 33.19
N PHE C 272 -46.91 -21.70 33.10
CA PHE C 272 -46.05 -20.58 32.77
C PHE C 272 -46.45 -19.37 33.60
N ASP C 273 -45.46 -18.67 34.11
CA ASP C 273 -45.71 -17.39 34.76
C ASP C 273 -45.82 -16.31 33.69
N MET C 274 -46.70 -15.34 33.92
CA MET C 274 -46.81 -14.18 33.05
C MET C 274 -46.67 -12.88 33.81
N ARG C 275 -46.41 -12.92 35.11
CA ARG C 275 -46.24 -11.69 35.89
C ARG C 275 -44.87 -11.07 35.66
N GLU C 276 -43.82 -11.89 35.60
CA GLU C 276 -42.45 -11.42 35.54
C GLU C 276 -41.75 -11.69 34.22
N SER C 277 -42.45 -12.27 33.25
CA SER C 277 -41.86 -12.57 31.95
C SER C 277 -42.98 -12.97 30.99
N PHE C 278 -42.60 -13.18 29.73
CA PHE C 278 -43.52 -13.60 28.68
C PHE C 278 -43.06 -14.94 28.13
N PRO C 279 -43.89 -15.98 28.16
CA PRO C 279 -43.42 -17.33 27.79
C PRO C 279 -43.19 -17.51 26.29
N LEU C 280 -42.19 -16.83 25.76
CA LEU C 280 -41.73 -17.01 24.39
C LEU C 280 -40.45 -17.83 24.42
N LEU C 281 -40.46 -19.00 23.79
CA LEU C 281 -39.34 -19.93 23.91
C LEU C 281 -38.04 -19.30 23.46
N THR C 282 -36.97 -19.57 24.21
CA THR C 282 -35.66 -19.04 23.91
C THR C 282 -34.73 -20.04 23.25
N THR C 283 -35.01 -21.34 23.38
CA THR C 283 -34.20 -22.37 22.73
C THR C 283 -34.43 -22.45 21.23
N LYS C 284 -35.20 -21.50 20.68
CA LYS C 284 -35.56 -21.48 19.28
C LYS C 284 -36.27 -20.16 18.98
N LYS C 285 -35.87 -19.47 17.91
CA LYS C 285 -36.49 -18.20 17.55
C LYS C 285 -37.91 -18.43 17.06
N VAL C 286 -38.89 -17.84 17.75
CA VAL C 286 -40.31 -18.06 17.45
C VAL C 286 -40.84 -16.85 16.70
N ALA C 287 -41.60 -17.12 15.63
CA ALA C 287 -42.18 -16.06 14.81
C ALA C 287 -43.35 -15.40 15.53
N ILE C 288 -43.05 -14.42 16.38
CA ILE C 288 -44.07 -13.80 17.21
C ILE C 288 -45.06 -12.98 16.38
N ARG C 289 -44.63 -12.43 15.25
CA ARG C 289 -45.52 -11.58 14.46
C ARG C 289 -46.67 -12.39 13.86
N SER C 290 -46.38 -13.58 13.34
CA SER C 290 -47.44 -14.44 12.81
C SER C 290 -48.41 -14.84 13.91
N ILE C 291 -47.88 -15.09 15.11
CA ILE C 291 -48.73 -15.43 16.25
C ILE C 291 -49.70 -14.29 16.56
N PHE C 292 -49.17 -13.07 16.67
CA PHE C 292 -50.03 -11.93 16.95
C PHE C 292 -51.05 -11.72 15.85
N GLU C 293 -50.65 -11.89 14.59
CA GLU C 293 -51.58 -11.66 13.50
C GLU C 293 -52.70 -12.68 13.50
N GLU C 294 -52.37 -13.95 13.75
CA GLU C 294 -53.39 -14.97 13.88
C GLU C 294 -54.33 -14.69 15.05
N LEU C 295 -53.77 -14.21 16.17
CA LEU C 295 -54.63 -13.95 17.34
C LEU C 295 -55.58 -12.79 17.09
N ILE C 296 -55.08 -11.69 16.51
CA ILE C 296 -55.97 -10.56 16.23
C ILE C 296 -56.94 -10.92 15.13
N TRP C 297 -56.55 -11.83 14.24
CA TRP C 297 -57.47 -12.36 13.24
C TRP C 297 -58.61 -13.14 13.90
N PHE C 298 -58.28 -13.93 14.92
CA PHE C 298 -59.31 -14.61 15.71
C PHE C 298 -60.22 -13.59 16.41
N ILE C 299 -59.63 -12.59 17.05
CA ILE C 299 -60.40 -11.66 17.88
C ILE C 299 -61.40 -10.89 17.03
N LYS C 300 -60.98 -10.44 15.84
CA LYS C 300 -61.85 -9.69 14.95
C LYS C 300 -63.02 -10.52 14.43
N GLY C 301 -63.04 -11.83 14.68
CA GLY C 301 -64.09 -12.68 14.18
C GLY C 301 -63.86 -13.21 12.78
N ASP C 302 -62.67 -13.07 12.24
CA ASP C 302 -62.42 -13.31 10.84
C ASP C 302 -62.12 -14.78 10.56
N THR C 303 -62.66 -15.27 9.44
CA THR C 303 -62.37 -16.61 8.95
C THR C 303 -61.83 -16.57 7.52
N ASN C 304 -61.45 -15.41 7.02
CA ASN C 304 -60.93 -15.25 5.67
C ASN C 304 -59.43 -15.46 5.70
N GLY C 305 -58.98 -16.59 5.16
CA GLY C 305 -57.55 -16.91 5.15
C GLY C 305 -56.71 -15.99 4.28
N ASN C 306 -57.33 -15.30 3.32
CA ASN C 306 -56.58 -14.37 2.49
C ASN C 306 -56.09 -13.16 3.29
N HIS C 307 -56.81 -12.78 4.35
CA HIS C 307 -56.39 -11.64 5.16
C HIS C 307 -55.07 -11.92 5.89
N LEU C 308 -54.79 -13.19 6.21
CA LEU C 308 -53.50 -13.53 6.80
C LEU C 308 -52.41 -13.57 5.75
N ILE C 309 -52.72 -14.08 4.56
CA ILE C 309 -51.74 -14.14 3.49
C ILE C 309 -51.32 -12.74 3.04
N GLU C 310 -52.27 -11.80 3.05
CA GLU C 310 -51.95 -10.42 2.67
C GLU C 310 -50.98 -9.78 3.66
N LYS C 311 -51.04 -10.19 4.92
CA LYS C 311 -50.11 -9.73 5.94
C LYS C 311 -48.86 -10.61 6.03
N LYS C 312 -48.59 -11.41 5.00
CA LYS C 312 -47.39 -12.26 4.93
C LYS C 312 -47.38 -13.28 6.06
N VAL C 313 -48.54 -13.85 6.37
CA VAL C 313 -48.68 -14.93 7.35
C VAL C 313 -49.31 -16.11 6.63
N TYR C 314 -48.57 -17.21 6.51
CA TYR C 314 -48.97 -18.34 5.67
C TYR C 314 -49.18 -19.62 6.49
N ILE C 315 -49.55 -19.49 7.77
CA ILE C 315 -49.70 -20.68 8.60
C ILE C 315 -50.98 -21.44 8.28
N TRP C 316 -52.00 -20.78 7.73
CA TRP C 316 -53.26 -21.44 7.38
C TRP C 316 -53.35 -21.72 5.88
N SER C 317 -52.24 -21.65 5.15
CA SER C 317 -52.27 -21.94 3.72
C SER C 317 -52.45 -23.42 3.46
N GLY C 318 -51.78 -24.27 4.24
CA GLY C 318 -51.86 -25.70 4.01
C GLY C 318 -53.26 -26.26 4.19
N ASN C 319 -53.94 -25.84 5.25
CA ASN C 319 -55.29 -26.28 5.53
C ASN C 319 -56.35 -25.45 4.83
N GLY C 320 -55.95 -24.58 3.91
CA GLY C 320 -56.90 -23.76 3.17
C GLY C 320 -56.61 -23.65 1.69
N SER C 321 -56.19 -24.75 1.07
CA SER C 321 -55.95 -24.79 -0.36
C SER C 321 -57.11 -25.48 -1.07
N LYS C 322 -57.23 -25.23 -2.37
CA LYS C 322 -58.30 -25.84 -3.16
C LYS C 322 -58.22 -27.35 -3.11
N GLU C 323 -57.01 -27.91 -3.20
CA GLU C 323 -56.85 -29.36 -3.17
C GLU C 323 -57.24 -29.92 -1.82
N TYR C 324 -56.78 -29.30 -0.72
CA TYR C 324 -57.12 -29.78 0.61
C TYR C 324 -58.61 -29.65 0.89
N LEU C 325 -59.22 -28.53 0.48
CA LEU C 325 -60.64 -28.34 0.72
C LEU C 325 -61.48 -29.33 -0.08
N GLU C 326 -61.11 -29.56 -1.35
CA GLU C 326 -61.83 -30.56 -2.14
C GLU C 326 -61.63 -31.96 -1.59
N ARG C 327 -60.48 -32.22 -0.97
CA ARG C 327 -60.20 -33.57 -0.48
C ARG C 327 -61.03 -33.89 0.76
N ILE C 328 -61.27 -32.90 1.61
CA ILE C 328 -62.00 -33.14 2.86
C ILE C 328 -63.50 -32.92 2.65
N GLY C 329 -63.90 -32.69 1.39
CA GLY C 329 -65.30 -32.57 1.06
C GLY C 329 -65.85 -31.16 1.03
N LEU C 330 -64.99 -30.15 0.90
CA LEU C 330 -65.44 -28.77 0.83
C LEU C 330 -65.05 -28.14 -0.50
N GLY C 331 -65.27 -28.86 -1.60
CA GLY C 331 -64.92 -28.35 -2.90
C GLY C 331 -65.74 -27.14 -3.32
N HIS C 332 -66.95 -27.00 -2.79
CA HIS C 332 -67.78 -25.84 -3.06
C HIS C 332 -67.21 -24.56 -2.44
N ARG C 333 -66.39 -24.69 -1.41
CA ARG C 333 -65.88 -23.54 -0.68
C ARG C 333 -64.85 -22.79 -1.50
N GLU C 334 -64.78 -21.47 -1.27
CA GLU C 334 -63.77 -20.64 -1.92
C GLU C 334 -62.38 -21.01 -1.40
N GLU C 335 -61.36 -20.56 -2.14
CA GLU C 335 -59.97 -20.97 -1.93
C GLU C 335 -59.55 -20.99 -0.46
N ASN C 336 -59.53 -19.82 0.20
CA ASN C 336 -59.08 -19.71 1.57
C ASN C 336 -60.23 -19.44 2.55
N ASP C 337 -61.43 -19.93 2.23
CA ASP C 337 -62.57 -19.78 3.13
C ASP C 337 -62.53 -20.97 4.09
N LEU C 338 -62.01 -20.73 5.30
CA LEU C 338 -61.78 -21.80 6.26
C LEU C 338 -63.04 -22.26 6.97
N GLY C 339 -64.14 -21.52 6.84
CA GLY C 339 -65.38 -21.89 7.49
C GLY C 339 -65.48 -21.39 8.91
N PRO C 340 -66.51 -21.82 9.63
CA PRO C 340 -66.71 -21.33 11.00
C PRO C 340 -65.73 -21.94 11.99
N ILE C 341 -64.60 -21.28 12.22
CA ILE C 341 -63.53 -21.83 13.04
C ILE C 341 -63.27 -20.88 14.20
N TYR C 342 -62.05 -20.91 14.74
CA TYR C 342 -61.65 -19.92 15.73
C TYR C 342 -62.02 -18.52 15.26
N GLY C 343 -62.66 -17.77 16.15
CA GLY C 343 -63.09 -16.43 15.83
C GLY C 343 -64.47 -16.34 15.22
N PHE C 344 -65.02 -17.44 14.72
CA PHE C 344 -66.44 -17.43 14.40
C PHE C 344 -67.26 -18.04 15.52
N GLN C 345 -66.71 -19.04 16.21
CA GLN C 345 -67.31 -19.48 17.45
C GLN C 345 -67.03 -18.54 18.60
N TRP C 346 -65.95 -17.76 18.52
CA TRP C 346 -65.65 -16.77 19.55
C TRP C 346 -66.67 -15.63 19.51
N ARG C 347 -67.01 -15.15 18.31
CA ARG C 347 -67.85 -13.97 18.16
C ARG C 347 -69.27 -14.26 17.69
N HIS C 348 -69.51 -15.39 17.02
CA HIS C 348 -70.84 -15.71 16.49
C HIS C 348 -71.13 -17.19 16.71
N TYR C 349 -71.13 -17.62 17.97
CA TYR C 349 -71.35 -19.03 18.29
C TYR C 349 -72.76 -19.45 17.88
N ASN C 350 -72.86 -20.63 17.27
CA ASN C 350 -74.10 -21.18 16.75
C ASN C 350 -74.70 -20.31 15.64
N GLY C 351 -73.88 -19.47 15.01
CA GLY C 351 -74.37 -18.63 13.94
C GLY C 351 -74.39 -19.38 12.61
N GLU C 352 -75.44 -19.13 11.83
CA GLU C 352 -75.59 -19.77 10.53
C GLU C 352 -74.50 -19.27 9.60
N TYR C 353 -73.53 -20.12 9.30
CA TYR C 353 -72.41 -19.73 8.45
C TYR C 353 -72.77 -19.88 6.98
N LYS C 354 -72.37 -18.90 6.18
CA LYS C 354 -72.59 -18.95 4.73
C LYS C 354 -71.24 -18.96 4.01
N THR C 355 -70.65 -17.78 3.84
CA THR C 355 -69.31 -17.64 3.27
C THR C 355 -68.51 -16.69 4.17
N MET C 356 -67.25 -16.48 3.80
CA MET C 356 -66.40 -15.56 4.55
C MET C 356 -66.64 -14.10 4.18
N HIS C 357 -67.45 -13.83 3.17
CA HIS C 357 -67.72 -12.47 2.73
C HIS C 357 -69.01 -11.89 3.30
N ASP C 358 -69.85 -12.70 3.93
CA ASP C 358 -71.14 -12.23 4.41
C ASP C 358 -70.98 -11.41 5.70
N ASP C 359 -72.05 -10.72 6.06
CA ASP C 359 -72.08 -9.89 7.25
C ASP C 359 -72.73 -10.68 8.38
N TYR C 360 -71.99 -10.92 9.45
CA TYR C 360 -72.46 -11.70 10.58
C TYR C 360 -72.64 -10.87 11.84
N THR C 361 -72.61 -9.54 11.73
CA THR C 361 -72.79 -8.69 12.90
C THR C 361 -74.18 -8.85 13.48
N GLY C 362 -74.26 -9.43 14.68
CA GLY C 362 -75.51 -9.64 15.38
C GLY C 362 -75.92 -11.10 15.52
N VAL C 363 -75.47 -11.96 14.61
CA VAL C 363 -75.86 -13.37 14.63
C VAL C 363 -74.92 -14.13 15.56
N GLY C 364 -75.48 -15.12 16.25
CA GLY C 364 -74.70 -15.95 17.15
C GLY C 364 -74.41 -15.27 18.47
N VAL C 365 -73.81 -16.05 19.38
CA VAL C 365 -73.44 -15.57 20.70
C VAL C 365 -72.02 -15.02 20.65
N ASP C 366 -71.84 -13.77 21.08
CA ASP C 366 -70.53 -13.15 21.13
C ASP C 366 -69.87 -13.53 22.45
N GLN C 367 -69.10 -14.62 22.42
CA GLN C 367 -68.48 -15.14 23.64
C GLN C 367 -67.43 -14.17 24.19
N LEU C 368 -66.67 -13.52 23.30
CA LEU C 368 -65.59 -12.65 23.76
C LEU C 368 -66.13 -11.42 24.48
N ALA C 369 -67.19 -10.81 23.94
CA ALA C 369 -67.77 -9.63 24.56
C ALA C 369 -68.35 -9.96 25.93
N LYS C 370 -69.13 -11.05 26.01
CA LYS C 370 -69.67 -11.46 27.30
C LYS C 370 -68.56 -11.84 28.27
N LEU C 371 -67.47 -12.43 27.77
CA LEU C 371 -66.34 -12.76 28.63
C LEU C 371 -65.73 -11.51 29.25
N ILE C 372 -65.50 -10.49 28.43
CA ILE C 372 -64.94 -9.24 28.94
C ILE C 372 -65.88 -8.59 29.94
N GLU C 373 -67.18 -8.56 29.59
CA GLU C 373 -68.17 -7.95 30.47
C GLU C 373 -68.21 -8.64 31.83
N THR C 374 -68.18 -9.98 31.82
CA THR C 374 -68.20 -10.72 33.08
C THR C 374 -66.89 -10.59 33.84
N LEU C 375 -65.77 -10.52 33.14
CA LEU C 375 -64.48 -10.40 33.80
C LEU C 375 -64.39 -9.10 34.58
N LYS C 376 -64.91 -8.01 34.02
CA LYS C 376 -64.84 -6.76 34.77
C LYS C 376 -66.09 -6.44 35.58
N ASN C 377 -67.17 -7.24 35.46
CA ASN C 377 -68.36 -7.02 36.28
C ASN C 377 -68.54 -8.06 37.38
N ASN C 378 -68.05 -9.28 37.18
CA ASN C 378 -68.16 -10.33 38.19
C ASN C 378 -66.86 -11.13 38.16
N PRO C 379 -65.79 -10.58 38.74
CA PRO C 379 -64.48 -11.23 38.59
C PRO C 379 -64.38 -12.58 39.28
N LYS C 380 -64.99 -12.73 40.46
CA LYS C 380 -64.90 -14.00 41.18
C LYS C 380 -65.87 -15.04 40.63
N ASP C 381 -66.59 -14.73 39.55
CA ASP C 381 -67.44 -15.72 38.91
C ASP C 381 -66.59 -16.88 38.39
N ARG C 382 -67.15 -18.09 38.48
CA ARG C 382 -66.43 -19.30 38.10
C ARG C 382 -66.87 -19.84 36.73
N ARG C 383 -67.33 -18.96 35.84
CA ARG C 383 -67.85 -19.39 34.54
C ARG C 383 -67.26 -18.60 33.38
N HIS C 384 -66.12 -17.94 33.57
CA HIS C 384 -65.46 -17.24 32.48
C HIS C 384 -64.86 -18.22 31.49
N ILE C 385 -65.66 -18.64 30.50
CA ILE C 385 -65.29 -19.72 29.60
C ILE C 385 -65.47 -19.27 28.16
N LEU C 386 -64.50 -19.61 27.32
CA LEU C 386 -64.53 -19.38 25.89
C LEU C 386 -64.32 -20.72 25.19
N THR C 387 -65.32 -21.16 24.43
CA THR C 387 -65.25 -22.46 23.77
C THR C 387 -65.32 -22.29 22.26
N ALA C 388 -64.67 -23.22 21.56
CA ALA C 388 -64.72 -23.28 20.11
C ALA C 388 -65.25 -24.61 19.59
N TRP C 389 -65.54 -25.57 20.47
CA TRP C 389 -65.99 -26.89 20.05
C TRP C 389 -67.50 -26.84 19.87
N ASN C 390 -67.94 -26.72 18.61
CA ASN C 390 -69.36 -26.68 18.28
C ASN C 390 -69.68 -27.89 17.41
N PRO C 391 -70.27 -28.94 17.97
CA PRO C 391 -70.55 -30.15 17.16
C PRO C 391 -71.44 -29.88 15.95
N SER C 392 -72.28 -28.85 15.99
CA SER C 392 -73.16 -28.56 14.87
C SER C 392 -72.40 -28.00 13.66
N ALA C 393 -71.21 -27.45 13.86
CA ALA C 393 -70.47 -26.79 12.79
C ALA C 393 -69.16 -27.48 12.44
N LEU C 394 -68.82 -28.60 13.09
CA LEU C 394 -67.52 -29.23 12.84
C LEU C 394 -67.35 -29.63 11.38
N SER C 395 -68.42 -30.11 10.75
CA SER C 395 -68.31 -30.58 9.37
C SER C 395 -68.00 -29.44 8.40
N GLN C 396 -68.43 -28.22 8.72
CA GLN C 396 -68.18 -27.08 7.85
C GLN C 396 -66.79 -26.48 8.01
N MET C 397 -66.03 -26.92 9.01
CA MET C 397 -64.72 -26.35 9.29
C MET C 397 -63.65 -27.01 8.43
N ALA C 398 -62.67 -26.21 7.99
CA ALA C 398 -61.51 -26.77 7.31
C ALA C 398 -60.68 -27.64 8.24
N LEU C 399 -60.76 -27.38 9.53
CA LEU C 399 -60.04 -28.14 10.56
C LEU C 399 -60.74 -27.91 11.90
N PRO C 400 -61.07 -28.98 12.61
CA PRO C 400 -61.71 -28.81 13.93
C PRO C 400 -60.79 -28.10 14.89
N PRO C 401 -61.34 -27.43 15.90
CA PRO C 401 -60.50 -26.61 16.80
C PRO C 401 -59.53 -27.49 17.60
N CYS C 402 -58.27 -27.06 17.66
CA CYS C 402 -57.27 -27.73 18.48
C CYS C 402 -57.24 -27.17 19.89
N HIS C 403 -56.97 -25.88 20.04
CA HIS C 403 -57.18 -25.25 21.34
C HIS C 403 -58.67 -25.13 21.55
N VAL C 404 -59.23 -26.09 22.28
CA VAL C 404 -60.67 -26.32 22.27
C VAL C 404 -61.37 -25.39 23.26
N LEU C 405 -60.89 -25.31 24.49
CA LEU C 405 -61.63 -24.54 25.49
C LEU C 405 -60.66 -23.77 26.37
N SER C 406 -61.11 -22.61 26.86
CA SER C 406 -60.28 -21.80 27.75
C SER C 406 -61.14 -21.21 28.86
N GLN C 407 -60.55 -21.10 30.04
CA GLN C 407 -61.20 -20.54 31.20
C GLN C 407 -60.30 -19.45 31.79
N TYR C 408 -60.92 -18.44 32.40
CA TYR C 408 -60.18 -17.31 32.91
C TYR C 408 -60.56 -17.05 34.35
N TYR C 409 -59.58 -16.56 35.11
CA TYR C 409 -59.68 -16.49 36.56
C TYR C 409 -59.06 -15.18 37.03
N VAL C 410 -59.76 -14.47 37.92
CA VAL C 410 -59.28 -13.21 38.46
C VAL C 410 -58.84 -13.45 39.91
N THR C 411 -57.56 -13.24 40.17
CA THR C 411 -57.03 -13.45 41.51
C THR C 411 -57.45 -12.31 42.43
N ASN C 412 -57.22 -12.50 43.73
CA ASN C 412 -57.59 -11.48 44.70
C ASN C 412 -56.71 -10.24 44.57
N ASP C 413 -55.48 -10.39 44.06
CA ASP C 413 -54.64 -9.24 43.75
C ASP C 413 -54.79 -8.78 42.31
N ASN C 414 -55.95 -9.04 41.70
CA ASN C 414 -56.35 -8.45 40.43
C ASN C 414 -55.39 -8.84 39.29
N CYS C 415 -55.05 -10.12 39.24
CA CYS C 415 -54.31 -10.68 38.12
C CYS C 415 -55.22 -11.64 37.36
N LEU C 416 -54.98 -11.77 36.06
CA LEU C 416 -55.81 -12.59 35.17
C LEU C 416 -55.02 -13.81 34.74
N SER C 417 -55.47 -14.99 35.16
CA SER C 417 -54.88 -16.25 34.76
C SER C 417 -55.78 -16.97 33.76
N CYS C 418 -55.17 -17.85 32.97
CA CYS C 418 -55.85 -18.53 31.88
C CYS C 418 -55.51 -20.01 31.90
N ASN C 419 -56.53 -20.85 31.76
CA ASN C 419 -56.38 -22.28 31.51
C ASN C 419 -56.86 -22.58 30.10
N LEU C 420 -56.15 -23.48 29.43
CA LEU C 420 -56.50 -23.88 28.06
C LEU C 420 -56.47 -25.40 27.98
N TYR C 421 -57.58 -25.99 27.53
CA TYR C 421 -57.60 -27.39 27.15
C TYR C 421 -57.49 -27.48 25.63
N GLN C 422 -56.48 -28.22 25.18
CA GLN C 422 -56.11 -28.41 23.78
C GLN C 422 -56.20 -29.89 23.46
N ARG C 423 -57.07 -30.25 22.50
CA ARG C 423 -57.30 -31.66 22.21
C ARG C 423 -56.12 -32.33 21.52
N SER C 424 -55.37 -31.57 20.72
CA SER C 424 -54.28 -32.13 19.92
C SER C 424 -53.16 -31.11 19.86
N CYS C 425 -51.92 -31.56 20.10
CA CYS C 425 -50.80 -30.65 20.24
C CYS C 425 -49.61 -31.16 19.42
N ASP C 426 -49.36 -30.49 18.31
CA ASP C 426 -48.11 -30.61 17.55
C ASP C 426 -47.03 -29.87 18.33
N LEU C 427 -46.18 -30.62 19.04
CA LEU C 427 -45.19 -30.00 19.92
C LEU C 427 -44.09 -29.29 19.16
N GLY C 428 -43.84 -29.64 17.90
CA GLY C 428 -42.80 -29.01 17.13
C GLY C 428 -43.16 -27.62 16.63
N LEU C 429 -44.37 -27.48 16.10
CA LEU C 429 -44.83 -26.23 15.50
C LEU C 429 -45.97 -25.57 16.27
N GLY C 430 -47.02 -26.33 16.58
CA GLY C 430 -48.21 -25.71 17.14
C GLY C 430 -48.03 -25.25 18.58
N SER C 431 -47.26 -25.99 19.37
CA SER C 431 -47.24 -25.74 20.81
C SER C 431 -46.61 -24.40 21.18
N PRO C 432 -45.44 -24.00 20.66
CA PRO C 432 -44.93 -22.66 21.00
C PRO C 432 -45.88 -21.56 20.57
N PHE C 433 -46.48 -21.72 19.40
CA PHE C 433 -47.48 -20.77 18.94
C PHE C 433 -48.65 -20.67 19.92
N ASN C 434 -49.14 -21.80 20.40
CA ASN C 434 -50.27 -21.78 21.33
C ASN C 434 -49.88 -21.10 22.64
N ILE C 435 -48.71 -21.43 23.17
CA ILE C 435 -48.25 -20.81 24.41
C ILE C 435 -48.21 -19.29 24.26
N ALA C 436 -47.48 -18.81 23.25
CA ALA C 436 -47.35 -17.36 23.06
C ALA C 436 -48.69 -16.72 22.76
N SER C 437 -49.55 -17.40 21.98
CA SER C 437 -50.81 -16.82 21.56
C SER C 437 -51.75 -16.62 22.74
N TYR C 438 -51.90 -17.64 23.58
CA TYR C 438 -52.79 -17.48 24.72
C TYR C 438 -52.18 -16.58 25.79
N ALA C 439 -50.86 -16.50 25.86
CA ALA C 439 -50.25 -15.48 26.72
C ALA C 439 -50.65 -14.08 26.26
N ILE C 440 -50.50 -13.80 24.96
CA ILE C 440 -50.86 -12.50 24.42
C ILE C 440 -52.36 -12.22 24.64
N LEU C 441 -53.20 -13.24 24.43
CA LEU C 441 -54.64 -13.04 24.60
C LEU C 441 -54.99 -12.72 26.04
N THR C 442 -54.37 -13.43 26.99
CA THR C 442 -54.62 -13.14 28.39
C THR C 442 -54.15 -11.74 28.76
N MET C 443 -53.01 -11.31 28.20
CA MET C 443 -52.53 -9.95 28.46
C MET C 443 -53.50 -8.91 27.89
N MET C 444 -54.01 -9.14 26.69
CA MET C 444 -54.98 -8.22 26.09
C MET C 444 -56.24 -8.13 26.95
N LEU C 445 -56.76 -9.29 27.37
CA LEU C 445 -57.94 -9.29 28.22
C LEU C 445 -57.66 -8.58 29.54
N ALA C 446 -56.46 -8.76 30.09
CA ALA C 446 -56.12 -8.10 31.34
C ALA C 446 -56.08 -6.58 31.18
N GLN C 447 -55.49 -6.08 30.09
CA GLN C 447 -55.46 -4.63 29.90
C GLN C 447 -56.87 -4.09 29.66
N VAL C 448 -57.66 -4.78 28.85
CA VAL C 448 -59.00 -4.30 28.54
C VAL C 448 -59.89 -4.32 29.79
N CYS C 449 -59.65 -5.27 30.70
CA CYS C 449 -60.45 -5.40 31.91
C CYS C 449 -59.82 -4.74 33.13
N GLY C 450 -58.65 -4.14 32.98
CA GLY C 450 -58.02 -3.45 34.10
C GLY C 450 -57.34 -4.35 35.10
N TYR C 451 -56.72 -5.44 34.64
CA TYR C 451 -55.97 -6.33 35.51
C TYR C 451 -54.54 -6.44 35.01
N GLU C 452 -53.73 -7.16 35.77
CA GLU C 452 -52.37 -7.53 35.40
C GLU C 452 -52.35 -8.99 34.93
N PRO C 453 -51.37 -9.37 34.11
CA PRO C 453 -51.28 -10.77 33.69
C PRO C 453 -50.93 -11.68 34.85
N GLY C 454 -51.51 -12.89 34.84
CA GLY C 454 -51.29 -13.85 35.90
C GLY C 454 -50.50 -15.07 35.48
N GLU C 455 -51.15 -16.23 35.42
CA GLU C 455 -50.50 -17.48 35.05
C GLU C 455 -51.21 -18.09 33.85
N LEU C 456 -50.48 -18.96 33.14
CA LEU C 456 -51.01 -19.65 31.98
C LEU C 456 -50.79 -21.15 32.16
N ALA C 457 -51.88 -21.91 32.23
CA ALA C 457 -51.83 -23.36 32.31
C ALA C 457 -52.44 -23.96 31.05
N ILE C 458 -51.73 -24.89 30.42
CA ILE C 458 -52.19 -25.54 29.21
C ILE C 458 -52.32 -27.03 29.50
N PHE C 459 -53.52 -27.57 29.32
CA PHE C 459 -53.80 -28.99 29.49
C PHE C 459 -54.02 -29.62 28.12
N ILE C 460 -53.29 -30.70 27.85
CA ILE C 460 -53.16 -31.27 26.53
C ILE C 460 -53.66 -32.71 26.54
N GLY C 461 -54.48 -33.05 25.55
CA GLY C 461 -54.85 -34.43 25.32
C GLY C 461 -53.76 -35.18 24.56
N ASP C 462 -53.87 -35.21 23.23
CA ASP C 462 -52.93 -35.95 22.38
C ASP C 462 -51.74 -35.04 22.10
N ALA C 463 -50.69 -35.16 22.92
CA ALA C 463 -49.44 -34.45 22.71
C ALA C 463 -48.54 -35.34 21.87
N HIS C 464 -48.13 -34.85 20.70
CA HIS C 464 -47.41 -35.70 19.77
C HIS C 464 -46.26 -34.94 19.11
N ILE C 465 -45.33 -35.72 18.57
CA ILE C 465 -44.21 -35.22 17.79
C ILE C 465 -44.24 -35.92 16.44
N TYR C 466 -44.28 -35.13 15.38
CA TYR C 466 -44.23 -35.69 14.03
C TYR C 466 -42.82 -36.22 13.75
N GLU C 467 -42.75 -37.36 13.07
CA GLU C 467 -41.47 -38.05 12.93
C GLU C 467 -40.46 -37.27 12.09
N ASN C 468 -40.91 -36.34 11.26
CA ASN C 468 -40.00 -35.49 10.51
C ASN C 468 -39.47 -34.32 11.33
N HIS C 469 -39.80 -34.25 12.62
CA HIS C 469 -39.26 -33.24 13.52
C HIS C 469 -38.21 -33.78 14.48
N LEU C 470 -37.99 -35.11 14.49
CA LEU C 470 -37.16 -35.73 15.51
C LEU C 470 -35.75 -35.15 15.51
N THR C 471 -35.14 -35.02 14.34
CA THR C 471 -33.82 -34.40 14.26
C THR C 471 -33.86 -32.97 14.79
N GLN C 472 -34.88 -32.21 14.40
CA GLN C 472 -34.95 -30.80 14.79
C GLN C 472 -35.11 -30.66 16.31
N LEU C 473 -36.17 -31.28 16.86
CA LEU C 473 -36.47 -31.11 18.28
C LEU C 473 -35.32 -31.59 19.15
N LYS C 474 -34.68 -32.70 18.79
CA LYS C 474 -33.52 -33.16 19.53
C LYS C 474 -32.43 -32.09 19.53
N GLU C 475 -32.19 -31.47 18.37
CA GLU C 475 -31.30 -30.31 18.33
C GLU C 475 -31.72 -29.26 19.34
N GLN C 476 -33.02 -28.93 19.36
CA GLN C 476 -33.51 -27.93 20.31
C GLN C 476 -33.27 -28.38 21.75
N LEU C 477 -33.27 -29.68 22.02
CA LEU C 477 -33.04 -30.15 23.37
C LEU C 477 -31.58 -30.03 23.79
N SER C 478 -30.67 -29.73 22.86
CA SER C 478 -29.27 -29.56 23.19
C SER C 478 -28.93 -28.15 23.66
N ARG C 479 -29.89 -27.23 23.64
CA ARG C 479 -29.64 -25.83 23.93
C ARG C 479 -30.17 -25.50 25.33
N THR C 480 -29.28 -25.02 26.20
CA THR C 480 -29.69 -24.64 27.54
C THR C 480 -30.54 -23.37 27.48
N PRO C 481 -31.70 -23.34 28.15
CA PRO C 481 -32.61 -22.19 28.01
C PRO C 481 -32.01 -20.91 28.58
N ARG C 482 -32.43 -19.79 27.99
CA ARG C 482 -32.12 -18.44 28.43
C ARG C 482 -33.35 -17.80 29.03
N PRO C 483 -33.20 -16.74 29.83
CA PRO C 483 -34.36 -16.14 30.48
C PRO C 483 -35.38 -15.63 29.46
N PHE C 484 -36.65 -15.75 29.83
CA PHE C 484 -37.74 -15.31 28.97
C PHE C 484 -37.63 -13.79 28.73
N PRO C 485 -38.14 -13.31 27.59
CA PRO C 485 -38.17 -11.86 27.36
C PRO C 485 -39.36 -11.20 28.06
N GLN C 486 -39.55 -9.91 27.80
CA GLN C 486 -40.72 -9.19 28.25
C GLN C 486 -41.54 -8.75 27.05
N LEU C 487 -42.85 -8.64 27.24
CA LEU C 487 -43.75 -8.15 26.20
C LEU C 487 -44.61 -7.05 26.80
N LYS C 488 -44.56 -5.86 26.21
CA LYS C 488 -45.30 -4.72 26.72
C LYS C 488 -46.15 -4.11 25.61
N PHE C 489 -47.21 -3.43 26.02
CA PHE C 489 -48.07 -2.69 25.11
C PHE C 489 -47.72 -1.21 25.15
N LYS C 490 -47.62 -0.60 23.97
CA LYS C 490 -47.21 0.81 23.88
C LYS C 490 -48.35 1.75 24.22
N ARG C 491 -49.60 1.34 24.02
CA ARG C 491 -50.74 2.20 24.29
C ARG C 491 -51.86 1.36 24.91
N LYS C 492 -52.79 2.05 25.54
CA LYS C 492 -53.98 1.43 26.13
C LYS C 492 -55.13 1.55 25.14
N VAL C 493 -55.56 0.43 24.58
CA VAL C 493 -56.65 0.45 23.61
C VAL C 493 -57.99 0.59 24.34
N GLU C 494 -59.00 1.01 23.59
CA GLU C 494 -60.35 1.11 24.13
C GLU C 494 -61.17 -0.14 23.86
N ASN C 495 -60.91 -0.83 22.77
CA ASN C 495 -61.54 -2.11 22.46
C ASN C 495 -60.47 -3.13 22.12
N ILE C 496 -60.73 -4.40 22.45
CA ILE C 496 -59.74 -5.45 22.25
C ILE C 496 -59.42 -5.67 20.78
N GLU C 497 -60.30 -5.21 19.88
CA GLU C 497 -60.08 -5.37 18.45
C GLU C 497 -59.09 -4.36 17.88
N ASP C 498 -58.70 -3.36 18.66
CA ASP C 498 -57.87 -2.25 18.18
C ASP C 498 -56.38 -2.51 18.28
N PHE C 499 -55.97 -3.67 18.80
CA PHE C 499 -54.55 -3.95 18.95
C PHE C 499 -53.87 -4.10 17.58
N LYS C 500 -52.71 -3.48 17.44
CA LYS C 500 -51.92 -3.55 16.22
C LYS C 500 -50.52 -4.07 16.55
N TRP C 501 -49.85 -4.61 15.52
CA TRP C 501 -48.51 -5.15 15.72
C TRP C 501 -47.53 -4.07 16.18
N GLU C 502 -47.72 -2.83 15.72
CA GLU C 502 -46.87 -1.73 16.15
C GLU C 502 -47.02 -1.43 17.63
N ASP C 503 -48.14 -1.84 18.25
CA ASP C 503 -48.39 -1.60 19.66
C ASP C 503 -47.61 -2.54 20.59
N ILE C 504 -46.96 -3.58 20.06
CA ILE C 504 -46.31 -4.59 20.87
C ILE C 504 -44.81 -4.34 20.88
N GLU C 505 -44.21 -4.35 22.06
CA GLU C 505 -42.77 -4.18 22.25
C GLU C 505 -42.21 -5.43 22.92
N LEU C 506 -41.25 -6.06 22.25
CA LEU C 506 -40.62 -7.29 22.75
C LEU C 506 -39.21 -6.93 23.23
N ILE C 507 -39.01 -6.98 24.54
CA ILE C 507 -37.80 -6.46 25.18
C ILE C 507 -36.97 -7.63 25.67
N GLY C 508 -35.72 -7.70 25.23
CA GLY C 508 -34.77 -8.66 25.77
C GLY C 508 -34.98 -10.10 25.31
N TYR C 509 -35.24 -10.30 24.02
CA TYR C 509 -35.43 -11.62 23.46
C TYR C 509 -34.17 -12.00 22.68
N TYR C 510 -33.38 -12.92 23.25
CA TYR C 510 -32.14 -13.38 22.64
C TYR C 510 -32.21 -14.89 22.46
N PRO C 511 -32.97 -15.35 21.48
CA PRO C 511 -33.17 -16.80 21.31
C PRO C 511 -32.03 -17.44 20.55
N TYR C 512 -32.07 -18.77 20.50
CA TYR C 512 -31.19 -19.54 19.64
C TYR C 512 -31.71 -19.49 18.20
N PRO C 513 -30.86 -19.83 17.22
CA PRO C 513 -31.28 -19.70 15.82
C PRO C 513 -32.53 -20.49 15.49
N THR C 514 -33.16 -20.09 14.39
CA THR C 514 -34.39 -20.70 13.93
C THR C 514 -34.17 -22.16 13.56
N ILE C 515 -35.17 -22.99 13.85
CA ILE C 515 -35.15 -24.42 13.53
C ILE C 515 -36.33 -24.68 12.60
N LYS C 516 -36.05 -24.85 11.30
CA LYS C 516 -37.09 -25.07 10.31
C LYS C 516 -37.74 -26.45 10.49
N MET C 517 -39.06 -26.47 10.49
CA MET C 517 -39.83 -27.72 10.60
C MET C 517 -41.04 -27.65 9.69
N ASP C 518 -41.21 -28.68 8.86
CA ASP C 518 -42.31 -28.73 7.90
C ASP C 518 -43.61 -29.11 8.58
N MET C 519 -44.72 -28.53 8.11
CA MET C 519 -46.04 -28.81 8.66
C MET C 519 -46.68 -29.99 7.95
N ALA C 520 -47.42 -30.80 8.72
CA ALA C 520 -48.16 -31.92 8.16
C ALA C 520 -49.57 -31.45 7.79
N VAL C 521 -49.93 -31.62 6.53
CA VAL C 521 -51.24 -31.20 6.04
C VAL C 521 -52.28 -32.30 6.24
N GLU D 3 11.15 -25.84 -51.55
CA GLU D 3 11.23 -27.15 -50.91
C GLU D 3 12.38 -27.21 -49.90
N LYS D 4 12.04 -27.06 -48.62
CA LYS D 4 13.02 -27.11 -47.56
C LYS D 4 12.55 -28.02 -46.43
N ASN D 5 13.26 -28.02 -45.30
CA ASN D 5 13.01 -28.99 -44.24
C ASN D 5 11.96 -28.48 -43.27
N VAL D 6 11.14 -29.40 -42.76
CA VAL D 6 10.08 -29.12 -41.80
C VAL D 6 10.24 -30.07 -40.62
N SER D 7 10.32 -29.48 -39.42
CA SER D 7 10.55 -30.25 -38.20
C SER D 7 9.56 -29.84 -37.13
N ILE D 8 8.89 -30.82 -36.54
CA ILE D 8 8.14 -30.62 -35.31
C ILE D 8 9.12 -30.52 -34.16
N VAL D 9 8.86 -29.59 -33.23
CA VAL D 9 9.60 -29.50 -31.98
C VAL D 9 8.59 -29.58 -30.86
N VAL D 10 8.74 -30.56 -29.97
CA VAL D 10 7.74 -30.78 -28.93
C VAL D 10 8.42 -31.34 -27.69
N ALA D 11 7.85 -31.01 -26.53
CA ALA D 11 8.23 -31.60 -25.25
C ALA D 11 6.99 -32.26 -24.68
N ALA D 12 7.02 -33.58 -24.56
CA ALA D 12 5.86 -34.35 -24.13
C ALA D 12 6.25 -35.32 -23.03
N SER D 13 5.26 -35.71 -22.24
CA SER D 13 5.50 -36.65 -21.16
C SER D 13 5.77 -38.04 -21.72
N VAL D 14 6.42 -38.88 -20.91
CA VAL D 14 7.02 -40.10 -21.42
C VAL D 14 5.96 -41.14 -21.80
N LEU D 15 4.87 -41.20 -21.04
CA LEU D 15 3.86 -42.24 -21.24
C LEU D 15 2.62 -41.74 -21.95
N SER D 16 1.99 -40.67 -21.46
CA SER D 16 0.74 -40.18 -22.02
C SER D 16 0.93 -39.05 -23.03
N SER D 17 2.15 -38.55 -23.20
CA SER D 17 2.47 -37.51 -24.19
C SER D 17 1.75 -36.20 -23.90
N GLY D 18 1.54 -35.88 -22.62
CA GLY D 18 0.95 -34.59 -22.29
C GLY D 18 1.94 -33.46 -22.48
N ILE D 19 1.45 -32.33 -22.99
CA ILE D 19 2.33 -31.22 -23.32
C ILE D 19 1.86 -29.92 -22.68
N GLY D 20 0.63 -29.90 -22.16
CA GLY D 20 0.10 -28.67 -21.62
C GLY D 20 -0.98 -28.90 -20.58
N ILE D 21 -1.22 -27.86 -19.78
CA ILE D 21 -2.27 -27.87 -18.77
C ILE D 21 -2.67 -26.43 -18.44
N ASN D 22 -3.97 -26.13 -18.59
CA ASN D 22 -4.53 -24.82 -18.25
C ASN D 22 -3.77 -23.69 -18.94
N GLY D 23 -3.45 -23.88 -20.22
CA GLY D 23 -2.83 -22.85 -21.01
C GLY D 23 -1.36 -22.62 -20.75
N GLN D 24 -0.70 -23.50 -20.01
CA GLN D 24 0.74 -23.38 -19.75
C GLN D 24 1.37 -24.76 -19.75
N LEU D 25 2.67 -24.79 -19.46
CA LEU D 25 3.39 -26.06 -19.44
C LEU D 25 3.23 -26.74 -18.09
N PRO D 26 3.18 -28.09 -18.09
CA PRO D 26 3.13 -28.83 -16.82
C PRO D 26 4.46 -28.99 -16.12
N TRP D 27 5.50 -28.27 -16.56
CA TRP D 27 6.82 -28.36 -15.95
C TRP D 27 7.58 -27.08 -16.29
N SER D 28 8.72 -26.91 -15.63
CA SER D 28 9.62 -25.78 -15.87
C SER D 28 11.04 -26.32 -15.99
N ILE D 29 11.51 -26.52 -17.22
CA ILE D 29 12.84 -27.05 -17.48
C ILE D 29 13.57 -26.02 -18.35
N SER D 30 14.55 -25.35 -17.74
CA SER D 30 15.26 -24.27 -18.45
C SER D 30 16.08 -24.82 -19.61
N GLU D 31 16.74 -25.96 -19.41
CA GLU D 31 17.57 -26.54 -20.46
C GLU D 31 16.73 -26.91 -21.68
N ASP D 32 15.46 -27.29 -21.48
CA ASP D 32 14.61 -27.60 -22.62
C ASP D 32 14.27 -26.35 -23.42
N LEU D 33 14.04 -25.22 -22.73
CA LEU D 33 13.83 -23.96 -23.44
C LEU D 33 15.08 -23.56 -24.21
N LYS D 34 16.25 -23.76 -23.60
CA LYS D 34 17.50 -23.47 -24.32
C LYS D 34 17.65 -24.37 -25.54
N PHE D 35 17.23 -25.63 -25.42
CA PHE D 35 17.27 -26.54 -26.57
C PHE D 35 16.33 -26.07 -27.67
N PHE D 36 15.10 -25.68 -27.31
CA PHE D 36 14.17 -25.14 -28.28
C PHE D 36 14.79 -23.94 -29.01
N SER D 37 15.38 -23.02 -28.25
CA SER D 37 15.98 -21.83 -28.84
C SER D 37 17.10 -22.21 -29.81
N LYS D 38 18.01 -23.09 -29.38
CA LYS D 38 19.15 -23.43 -30.22
C LYS D 38 18.74 -24.25 -31.44
N ILE D 39 17.69 -25.05 -31.33
CA ILE D 39 17.28 -25.87 -32.46
C ILE D 39 16.46 -25.06 -33.45
N THR D 40 15.74 -24.03 -32.99
CA THR D 40 15.00 -23.17 -33.92
C THR D 40 15.86 -22.06 -34.51
N ASN D 41 16.95 -21.68 -33.85
CA ASN D 41 17.88 -20.70 -34.40
C ASN D 41 18.95 -21.33 -35.29
N ASN D 42 19.11 -22.65 -35.25
CA ASN D 42 20.13 -23.34 -36.03
C ASN D 42 19.87 -23.18 -37.52
N LYS D 43 20.73 -22.43 -38.21
CA LYS D 43 20.59 -22.19 -39.64
C LYS D 43 21.96 -22.14 -40.29
N CYS D 44 21.97 -22.26 -41.61
CA CYS D 44 23.19 -22.25 -42.40
C CYS D 44 23.48 -20.90 -43.04
N ASP D 45 22.45 -20.25 -43.60
CA ASP D 45 22.62 -18.97 -44.26
C ASP D 45 22.35 -17.85 -43.26
N SER D 46 23.33 -16.96 -43.10
CA SER D 46 23.18 -15.85 -42.16
C SER D 46 22.21 -14.80 -42.67
N ASN D 47 21.91 -14.79 -43.97
CA ASN D 47 20.97 -13.84 -44.56
C ASN D 47 19.55 -14.39 -44.62
N LYS D 48 19.27 -15.51 -43.95
CA LYS D 48 17.95 -16.11 -43.93
C LYS D 48 17.50 -16.27 -42.48
N LYS D 49 16.20 -16.52 -42.32
CA LYS D 49 15.60 -16.74 -41.01
C LYS D 49 14.81 -18.04 -41.03
N ASN D 50 14.49 -18.52 -39.84
CA ASN D 50 13.65 -19.70 -39.67
C ASN D 50 12.23 -19.30 -39.28
N ALA D 51 11.26 -20.08 -39.73
CA ALA D 51 9.85 -19.83 -39.48
C ALA D 51 9.34 -20.81 -38.43
N LEU D 52 8.65 -20.28 -37.42
CA LEU D 52 8.12 -21.07 -36.31
C LEU D 52 6.59 -21.02 -36.37
N ILE D 53 5.98 -22.13 -36.75
CA ILE D 53 4.53 -22.23 -36.85
C ILE D 53 3.96 -22.67 -35.50
N MET D 54 2.94 -21.97 -35.03
CA MET D 54 2.31 -22.30 -33.76
C MET D 54 0.85 -21.88 -33.82
N GLY D 55 0.03 -22.52 -32.98
CA GLY D 55 -1.36 -22.16 -32.86
C GLY D 55 -1.55 -20.86 -32.10
N ARG D 56 -2.79 -20.38 -32.09
CA ARG D 56 -3.09 -19.10 -31.46
C ARG D 56 -2.97 -19.18 -29.95
N LYS D 57 -3.47 -20.27 -29.35
CA LYS D 57 -3.35 -20.42 -27.90
C LYS D 57 -1.90 -20.53 -27.48
N THR D 58 -1.09 -21.22 -28.28
CA THR D 58 0.35 -21.26 -28.04
C THR D 58 0.96 -19.87 -28.15
N TRP D 59 0.50 -19.08 -29.13
CA TRP D 59 0.95 -17.70 -29.28
C TRP D 59 0.58 -16.86 -28.07
N ASP D 60 -0.56 -17.15 -27.43
CA ASP D 60 -0.90 -16.50 -26.18
C ASP D 60 0.00 -16.98 -25.05
N SER D 61 0.39 -18.25 -25.07
CA SER D 61 1.20 -18.81 -23.99
C SER D 61 2.55 -18.11 -23.87
N ILE D 62 3.11 -17.64 -24.98
CA ILE D 62 4.42 -17.02 -24.99
C ILE D 62 4.32 -15.49 -24.89
N GLY D 63 3.17 -14.98 -24.44
CA GLY D 63 3.01 -13.56 -24.19
C GLY D 63 2.77 -12.70 -25.41
N ARG D 64 2.57 -13.31 -26.59
CA ARG D 64 2.36 -12.59 -27.84
C ARG D 64 3.52 -11.65 -28.13
N ARG D 65 4.74 -12.10 -27.87
CA ARG D 65 5.93 -11.32 -28.15
C ARG D 65 6.87 -12.11 -29.05
N PRO D 66 7.54 -11.45 -29.98
CA PRO D 66 8.36 -12.16 -30.98
C PRO D 66 9.56 -12.85 -30.35
N LEU D 67 10.07 -13.86 -31.06
CA LEU D 67 11.26 -14.58 -30.68
C LEU D 67 12.45 -14.08 -31.49
N LYS D 68 13.54 -13.78 -30.78
CA LYS D 68 14.69 -13.14 -31.40
C LYS D 68 15.22 -13.96 -32.58
N ASN D 69 15.58 -13.26 -33.66
CA ASN D 69 16.20 -13.78 -34.87
C ASN D 69 15.29 -14.68 -35.69
N ARG D 70 14.06 -14.94 -35.25
CA ARG D 70 13.17 -15.85 -35.95
C ARG D 70 11.87 -15.15 -36.31
N ILE D 71 11.12 -15.77 -37.23
CA ILE D 71 9.83 -15.27 -37.69
C ILE D 71 8.76 -16.22 -37.20
N ILE D 72 7.79 -15.68 -36.47
CA ILE D 72 6.71 -16.49 -35.91
C ILE D 72 5.53 -16.47 -36.87
N VAL D 73 4.93 -17.65 -37.06
CA VAL D 73 3.77 -17.84 -37.93
C VAL D 73 2.64 -18.35 -37.05
N VAL D 74 1.61 -17.53 -36.87
CA VAL D 74 0.48 -17.86 -36.01
C VAL D 74 -0.68 -18.31 -36.89
N ILE D 75 -1.20 -19.49 -36.60
CA ILE D 75 -2.39 -20.01 -37.27
C ILE D 75 -3.60 -19.61 -36.44
N SER D 76 -4.47 -18.79 -37.02
CA SER D 76 -5.65 -18.32 -36.30
C SER D 76 -6.70 -17.89 -37.32
N SER D 77 -7.96 -18.11 -36.97
CA SER D 77 -9.07 -17.70 -37.82
C SER D 77 -9.61 -16.32 -37.47
N SER D 78 -9.21 -15.75 -36.33
CA SER D 78 -9.71 -14.46 -35.89
C SER D 78 -8.65 -13.39 -35.71
N LEU D 79 -7.38 -13.75 -35.55
CA LEU D 79 -6.34 -12.76 -35.34
C LEU D 79 -6.20 -11.85 -36.56
N PRO D 80 -6.13 -10.54 -36.38
CA PRO D 80 -5.96 -9.64 -37.53
C PRO D 80 -4.61 -9.86 -38.19
N GLN D 81 -4.63 -10.04 -39.51
CA GLN D 81 -3.40 -10.23 -40.29
C GLN D 81 -2.63 -8.93 -40.31
N ASP D 82 -1.98 -8.64 -39.19
CA ASP D 82 -1.25 -7.39 -39.03
C ASP D 82 0.04 -7.42 -39.85
N GLU D 83 0.40 -6.26 -40.40
CA GLU D 83 1.65 -6.09 -41.13
C GLU D 83 2.63 -5.18 -40.41
N ALA D 84 2.28 -4.68 -39.22
CA ALA D 84 3.19 -3.81 -38.49
C ALA D 84 4.43 -4.57 -38.02
N ASP D 85 4.23 -5.73 -37.40
CA ASP D 85 5.33 -6.55 -36.91
C ASP D 85 5.82 -7.43 -38.04
N PRO D 86 7.05 -7.23 -38.54
CA PRO D 86 7.56 -8.11 -39.60
C PRO D 86 8.05 -9.46 -39.09
N ASN D 87 8.13 -9.65 -37.78
CA ASN D 87 8.58 -10.91 -37.20
C ASN D 87 7.42 -11.85 -36.87
N VAL D 88 6.18 -11.38 -36.97
CA VAL D 88 5.00 -12.19 -36.68
C VAL D 88 4.02 -12.03 -37.83
N VAL D 89 3.59 -13.15 -38.40
CA VAL D 89 2.64 -13.16 -39.49
C VAL D 89 1.55 -14.17 -39.18
N VAL D 90 0.32 -13.89 -39.61
CA VAL D 90 -0.85 -14.69 -39.28
C VAL D 90 -1.40 -15.31 -40.55
N PHE D 91 -1.77 -16.59 -40.46
CA PHE D 91 -2.42 -17.31 -41.54
C PHE D 91 -3.70 -17.94 -41.04
N ARG D 92 -4.65 -18.13 -41.96
CA ARG D 92 -5.97 -18.64 -41.60
C ARG D 92 -6.02 -20.16 -41.51
N ASN D 93 -5.04 -20.87 -42.08
CA ASN D 93 -4.99 -22.32 -41.97
C ASN D 93 -3.55 -22.77 -42.16
N LEU D 94 -3.28 -24.01 -41.73
CA LEU D 94 -1.92 -24.53 -41.78
C LEU D 94 -1.44 -24.73 -43.22
N GLU D 95 -2.33 -25.09 -44.14
CA GLU D 95 -1.93 -25.38 -45.51
C GLU D 95 -1.40 -24.13 -46.20
N ASP D 96 -2.13 -23.01 -46.09
CA ASP D 96 -1.67 -21.77 -46.70
C ASP D 96 -0.36 -21.30 -46.12
N SER D 97 -0.09 -21.61 -44.86
CA SER D 97 1.14 -21.17 -44.19
C SER D 97 2.38 -21.90 -44.69
N ILE D 98 2.23 -22.98 -45.45
CA ILE D 98 3.36 -23.73 -46.00
C ILE D 98 3.86 -23.06 -47.27
N GLU D 99 3.31 -21.89 -47.60
CA GLU D 99 3.82 -21.09 -48.71
C GLU D 99 5.30 -20.73 -48.55
N ASN D 100 5.86 -20.84 -47.35
CA ASN D 100 7.30 -20.69 -47.18
C ASN D 100 8.09 -21.57 -48.13
N LEU D 101 7.52 -22.71 -48.53
CA LEU D 101 8.17 -23.56 -49.52
C LEU D 101 8.10 -22.92 -50.91
N MET D 102 6.90 -22.54 -51.34
CA MET D 102 6.70 -22.08 -52.72
C MET D 102 7.55 -20.84 -53.02
N ASN D 103 7.33 -19.75 -52.28
CA ASN D 103 8.10 -18.55 -52.44
C ASN D 103 8.92 -18.31 -51.16
N ASP D 104 9.31 -17.06 -50.93
CA ASP D 104 10.06 -16.66 -49.74
C ASP D 104 11.32 -17.51 -49.57
N ASP D 105 12.30 -17.21 -50.42
CA ASP D 105 13.59 -17.89 -50.35
C ASP D 105 14.43 -17.42 -49.18
N SER D 106 13.97 -16.41 -48.43
CA SER D 106 14.65 -15.96 -47.22
C SER D 106 14.34 -16.84 -46.01
N ILE D 107 13.47 -17.84 -46.17
CA ILE D 107 13.15 -18.78 -45.10
C ILE D 107 13.91 -20.07 -45.38
N GLU D 108 14.76 -20.47 -44.44
CA GLU D 108 15.61 -21.64 -44.63
C GLU D 108 14.95 -22.93 -44.13
N ASN D 109 14.45 -22.93 -42.90
CA ASN D 109 13.85 -24.11 -42.30
C ASN D 109 12.52 -23.74 -41.66
N ILE D 110 11.65 -24.74 -41.49
CA ILE D 110 10.33 -24.54 -40.93
C ILE D 110 10.17 -25.43 -39.71
N PHE D 111 9.62 -24.87 -38.63
CA PHE D 111 9.41 -25.59 -37.39
C PHE D 111 7.96 -25.48 -36.94
N VAL D 112 7.33 -26.62 -36.72
CA VAL D 112 6.02 -26.69 -36.08
C VAL D 112 6.26 -26.75 -34.57
N CYS D 113 5.91 -25.67 -33.87
CA CYS D 113 6.42 -25.42 -32.54
C CYS D 113 5.40 -25.64 -31.42
N GLY D 114 4.16 -25.95 -31.73
CA GLY D 114 3.23 -26.22 -30.65
C GLY D 114 1.79 -26.11 -31.06
N GLY D 115 0.94 -26.75 -30.27
CA GLY D 115 -0.47 -26.86 -30.54
C GLY D 115 -0.86 -28.28 -30.90
N GLU D 116 -1.68 -28.92 -30.05
CA GLU D 116 -2.14 -30.27 -30.33
C GLU D 116 -2.86 -30.33 -31.67
N SER D 117 -3.71 -29.35 -31.97
CA SER D 117 -4.37 -29.31 -33.26
C SER D 117 -3.37 -29.11 -34.39
N ILE D 118 -2.40 -28.19 -34.20
CA ILE D 118 -1.40 -27.92 -35.22
C ILE D 118 -0.56 -29.17 -35.46
N TYR D 119 -0.08 -29.81 -34.39
CA TYR D 119 0.66 -31.06 -34.52
C TYR D 119 -0.17 -32.11 -35.26
N ARG D 120 -1.44 -32.26 -34.86
CA ARG D 120 -2.25 -33.35 -35.38
C ARG D 120 -2.51 -33.19 -36.87
N ASP D 121 -2.89 -31.99 -37.32
CA ASP D 121 -3.15 -31.82 -38.74
C ASP D 121 -1.91 -31.43 -39.53
N ALA D 122 -0.75 -31.31 -38.88
CA ALA D 122 0.51 -31.28 -39.62
C ALA D 122 1.05 -32.67 -39.88
N LEU D 123 0.81 -33.60 -38.95
CA LEU D 123 1.16 -34.99 -39.19
C LEU D 123 0.15 -35.68 -40.11
N LYS D 124 -1.13 -35.33 -39.98
CA LYS D 124 -2.15 -35.91 -40.85
C LYS D 124 -1.96 -35.47 -42.30
N ASP D 125 -1.58 -34.21 -42.50
CA ASP D 125 -1.33 -33.69 -43.84
C ASP D 125 0.05 -34.07 -44.38
N ASN D 126 0.86 -34.77 -43.58
CA ASN D 126 2.16 -35.29 -44.02
C ASN D 126 3.09 -34.16 -44.47
N PHE D 127 3.13 -33.08 -43.68
CA PHE D 127 4.04 -31.97 -43.94
C PHE D 127 5.35 -32.09 -43.19
N VAL D 128 5.45 -33.02 -42.24
CA VAL D 128 6.53 -33.04 -41.25
C VAL D 128 7.62 -33.99 -41.72
N ASP D 129 8.85 -33.48 -41.81
CA ASP D 129 10.00 -34.31 -42.13
C ASP D 129 10.69 -34.87 -40.90
N ARG D 130 10.86 -34.06 -39.85
CA ARG D 130 11.60 -34.49 -38.67
C ARG D 130 10.80 -34.17 -37.42
N ILE D 131 11.15 -34.85 -36.31
CA ILE D 131 10.50 -34.63 -35.03
C ILE D 131 11.58 -34.59 -33.94
N TYR D 132 11.66 -33.47 -33.23
CA TYR D 132 12.52 -33.34 -32.07
C TYR D 132 11.64 -33.44 -30.82
N LEU D 133 11.76 -34.56 -30.11
CA LEU D 133 10.90 -34.87 -28.97
C LEU D 133 11.71 -34.83 -27.69
N THR D 134 11.26 -34.01 -26.73
CA THR D 134 11.81 -34.00 -25.39
C THR D 134 10.88 -34.83 -24.50
N ARG D 135 11.36 -36.00 -24.08
CA ARG D 135 10.56 -36.90 -23.25
C ARG D 135 10.76 -36.53 -21.78
N VAL D 136 9.68 -36.09 -21.13
CA VAL D 136 9.72 -35.67 -19.73
C VAL D 136 9.10 -36.76 -18.87
N ALA D 137 9.77 -37.11 -17.77
CA ALA D 137 9.33 -38.20 -16.90
C ALA D 137 8.43 -37.67 -15.79
N LEU D 138 7.25 -37.23 -16.19
CA LEU D 138 6.22 -36.74 -15.27
C LEU D 138 4.87 -37.23 -15.77
N GLU D 139 4.24 -38.13 -15.01
CA GLU D 139 3.02 -38.79 -15.47
C GLU D 139 1.86 -38.79 -14.49
N ASP D 140 2.11 -38.65 -13.19
CA ASP D 140 1.01 -38.66 -12.22
C ASP D 140 0.48 -37.26 -11.95
N ILE D 141 0.36 -36.44 -13.00
CA ILE D 141 -0.18 -35.10 -12.92
C ILE D 141 -1.28 -34.96 -13.97
N GLU D 142 -1.86 -33.77 -14.04
CA GLU D 142 -3.01 -33.51 -14.88
C GLU D 142 -2.58 -32.86 -16.19
N PHE D 143 -3.09 -33.38 -17.30
CA PHE D 143 -2.90 -32.81 -18.62
C PHE D 143 -4.24 -32.54 -19.26
N ASP D 144 -4.29 -31.52 -20.13
CA ASP D 144 -5.44 -31.28 -20.99
C ASP D 144 -5.05 -31.16 -22.46
N THR D 145 -3.77 -31.23 -22.78
CA THR D 145 -3.28 -31.14 -24.15
C THR D 145 -2.22 -32.21 -24.34
N TYR D 146 -2.33 -32.97 -25.43
CA TYR D 146 -1.46 -34.11 -25.66
C TYR D 146 -0.84 -34.03 -27.05
N PHE D 147 0.39 -34.55 -27.15
CA PHE D 147 1.02 -34.71 -28.45
C PHE D 147 0.46 -35.95 -29.14
N PRO D 148 0.02 -35.84 -30.39
CA PRO D 148 -0.59 -36.99 -31.06
C PRO D 148 0.40 -38.14 -31.23
N GLU D 149 -0.15 -39.33 -31.41
CA GLU D 149 0.69 -40.51 -31.60
C GLU D 149 1.52 -40.37 -32.87
N ILE D 150 2.80 -40.69 -32.76
CA ILE D 150 3.70 -40.59 -33.92
C ILE D 150 3.33 -41.66 -34.94
N PRO D 151 3.07 -41.30 -36.20
CA PRO D 151 2.66 -42.30 -37.18
C PRO D 151 3.81 -43.25 -37.50
N GLU D 152 3.43 -44.41 -38.03
CA GLU D 152 4.40 -45.47 -38.31
C GLU D 152 5.42 -45.09 -39.38
N THR D 153 5.17 -44.02 -40.14
CA THR D 153 6.11 -43.57 -41.15
C THR D 153 7.37 -42.95 -40.55
N PHE D 154 7.40 -42.72 -39.24
CA PHE D 154 8.57 -42.15 -38.58
C PHE D 154 9.33 -43.24 -37.83
N LEU D 155 10.65 -43.12 -37.81
CA LEU D 155 11.51 -44.01 -37.05
C LEU D 155 12.51 -43.20 -36.24
N PRO D 156 12.82 -43.62 -35.02
CA PRO D 156 13.81 -42.91 -34.21
C PRO D 156 15.24 -43.17 -34.69
N VAL D 157 16.03 -42.11 -34.73
CA VAL D 157 17.42 -42.17 -35.15
C VAL D 157 18.38 -41.68 -34.08
N TYR D 158 17.89 -41.18 -32.96
CA TYR D 158 18.76 -40.66 -31.91
C TYR D 158 18.01 -40.66 -30.59
N MET D 159 18.72 -41.00 -29.51
CA MET D 159 18.17 -40.95 -28.16
C MET D 159 19.30 -40.55 -27.22
N SER D 160 19.19 -39.35 -26.65
CA SER D 160 20.26 -38.82 -25.83
C SER D 160 20.32 -39.52 -24.48
N GLN D 161 21.36 -39.20 -23.72
CA GLN D 161 21.43 -39.63 -22.34
C GLN D 161 20.35 -38.91 -21.52
N THR D 162 20.04 -39.49 -20.36
CA THR D 162 19.06 -38.90 -19.48
C THR D 162 19.67 -37.70 -18.75
N PHE D 163 18.96 -36.58 -18.77
CA PHE D 163 19.36 -35.39 -18.04
C PHE D 163 18.40 -35.13 -16.89
N CYS D 164 18.84 -34.33 -15.92
CA CYS D 164 18.08 -34.06 -14.71
C CYS D 164 18.00 -32.56 -14.47
N THR D 165 16.78 -32.08 -14.24
CA THR D 165 16.55 -30.71 -13.80
C THR D 165 15.49 -30.73 -12.70
N LYS D 166 15.85 -30.25 -11.51
CA LYS D 166 14.95 -30.21 -10.36
C LYS D 166 14.38 -31.59 -10.06
N ASN D 167 15.26 -32.59 -10.07
CA ASN D 167 14.92 -34.00 -9.83
C ASN D 167 13.96 -34.56 -10.89
N ILE D 168 13.84 -33.89 -12.03
CA ILE D 168 13.00 -34.35 -13.14
C ILE D 168 13.92 -34.88 -14.23
N SER D 169 13.67 -36.13 -14.65
CA SER D 169 14.45 -36.76 -15.71
C SER D 169 13.83 -36.48 -17.06
N TYR D 170 14.67 -36.25 -18.06
CA TYR D 170 14.18 -36.03 -19.41
C TYR D 170 15.22 -36.47 -20.44
N ASP D 171 14.71 -36.75 -21.64
CA ASP D 171 15.49 -37.28 -22.75
C ASP D 171 15.26 -36.41 -23.99
N PHE D 172 16.19 -36.52 -24.94
CA PHE D 172 16.05 -35.89 -26.25
C PHE D 172 16.12 -36.95 -27.34
N MET D 173 15.14 -36.97 -28.23
CA MET D 173 15.07 -37.94 -29.30
C MET D 173 14.76 -37.26 -30.62
N ILE D 174 15.25 -37.86 -31.71
CA ILE D 174 14.98 -37.40 -33.07
C ILE D 174 14.30 -38.53 -33.82
N PHE D 175 13.18 -38.21 -34.47
CA PHE D 175 12.47 -39.12 -35.35
C PHE D 175 12.53 -38.58 -36.77
N GLU D 176 12.74 -39.46 -37.74
CA GLU D 176 12.78 -39.07 -39.14
C GLU D 176 11.82 -39.94 -39.95
N LYS D 177 11.18 -39.32 -40.93
CA LYS D 177 10.31 -40.02 -41.86
C LYS D 177 11.16 -40.57 -43.00
N GLN D 178 11.08 -41.88 -43.22
CA GLN D 178 11.89 -42.55 -44.23
C GLN D 178 11.01 -43.18 -45.29
N GLU D 179 11.64 -43.57 -46.40
CA GLU D 179 10.94 -44.22 -47.50
C GLU D 179 11.90 -45.09 -48.30
N LEU D 193 33.56 -45.37 -46.80
CA LEU D 193 33.23 -45.76 -48.17
C LEU D 193 32.94 -47.26 -48.24
N LYS D 194 32.18 -47.67 -49.27
CA LYS D 194 31.86 -49.07 -49.48
C LYS D 194 33.11 -49.93 -49.67
N SER D 195 34.22 -49.34 -50.11
CA SER D 195 35.44 -50.09 -50.36
C SER D 195 35.95 -50.75 -49.09
N ILE D 196 35.94 -50.02 -47.97
CA ILE D 196 36.42 -50.57 -46.70
C ILE D 196 35.55 -51.74 -46.26
N ASP D 197 34.23 -51.58 -46.35
CA ASP D 197 33.33 -52.66 -45.96
C ASP D 197 33.52 -53.89 -46.84
N ASP D 198 33.68 -53.69 -48.15
CA ASP D 198 33.87 -54.83 -49.05
C ASP D 198 35.19 -55.54 -48.75
N THR D 199 36.27 -54.77 -48.51
CA THR D 199 37.55 -55.40 -48.18
C THR D 199 37.46 -56.18 -46.88
N VAL D 200 36.78 -55.62 -45.87
CA VAL D 200 36.62 -56.33 -44.60
C VAL D 200 35.82 -57.60 -44.80
N ASP D 201 34.77 -57.55 -45.63
CA ASP D 201 33.98 -58.75 -45.91
C ASP D 201 34.81 -59.81 -46.62
N LEU D 202 35.65 -59.39 -47.57
CA LEU D 202 36.49 -60.35 -48.28
C LEU D 202 37.50 -60.98 -47.33
N LEU D 203 38.11 -60.19 -46.45
CA LEU D 203 39.04 -60.74 -45.48
C LEU D 203 38.34 -61.70 -44.52
N GLY D 204 37.09 -61.40 -44.15
CA GLY D 204 36.33 -62.31 -43.31
C GLY D 204 35.85 -63.55 -44.04
N GLU D 205 35.78 -63.50 -45.37
CA GLU D 205 35.50 -64.70 -46.15
C GLU D 205 36.74 -65.58 -46.24
N ILE D 206 37.91 -64.97 -46.44
CA ILE D 206 39.16 -65.71 -46.52
C ILE D 206 39.46 -66.34 -45.17
N PHE D 207 39.80 -65.52 -44.17
CA PHE D 207 40.04 -66.02 -42.83
C PHE D 207 38.72 -66.27 -42.14
N GLY D 208 38.64 -67.38 -41.42
CA GLY D 208 37.39 -67.70 -40.74
C GLY D 208 37.28 -66.99 -39.41
N ILE D 209 37.26 -67.77 -38.33
CA ILE D 209 37.34 -67.20 -36.98
C ILE D 209 38.78 -66.79 -36.71
N ARG D 210 39.67 -66.97 -37.70
CA ARG D 210 41.03 -66.47 -37.56
C ARG D 210 41.07 -64.96 -37.50
N LYS D 211 40.10 -64.29 -38.13
CA LYS D 211 39.96 -62.84 -38.04
C LYS D 211 39.09 -62.48 -36.84
N MET D 212 39.66 -61.74 -35.89
CA MET D 212 38.99 -61.48 -34.62
C MET D 212 37.64 -60.78 -34.83
N GLY D 213 37.50 -60.00 -35.90
CA GLY D 213 36.21 -59.39 -36.19
C GLY D 213 35.10 -60.39 -36.35
N ASN D 214 35.40 -61.56 -36.93
CA ASN D 214 34.40 -62.61 -37.07
C ASN D 214 34.02 -63.22 -35.73
N ARG D 215 34.86 -63.08 -34.70
CA ARG D 215 34.52 -63.55 -33.37
C ARG D 215 33.72 -62.53 -32.57
N HIS D 216 33.62 -61.30 -33.06
CA HIS D 216 32.81 -60.25 -32.45
C HIS D 216 31.91 -59.63 -33.52
N LYS D 217 31.07 -60.48 -34.11
CA LYS D 217 30.20 -60.04 -35.19
C LYS D 217 29.15 -59.06 -34.68
N PHE D 218 28.82 -58.08 -35.50
CA PHE D 218 27.80 -57.11 -35.15
C PHE D 218 26.44 -57.80 -35.03
N PRO D 219 25.64 -57.47 -34.03
CA PRO D 219 24.36 -58.18 -33.85
C PRO D 219 23.42 -57.96 -35.02
N LYS D 220 22.71 -59.02 -35.38
CA LYS D 220 21.70 -58.93 -36.43
C LYS D 220 20.55 -58.03 -36.00
N GLU D 221 19.83 -57.50 -37.00
CA GLU D 221 18.77 -56.54 -36.73
C GLU D 221 17.67 -57.13 -35.86
N GLU D 222 17.38 -58.43 -36.02
CA GLU D 222 16.27 -59.05 -35.30
C GLU D 222 16.53 -59.14 -33.80
N ILE D 223 17.78 -59.01 -33.36
CA ILE D 223 18.12 -59.07 -31.95
C ILE D 223 18.72 -57.75 -31.46
N TYR D 224 18.53 -56.68 -32.22
CA TYR D 224 19.07 -55.36 -31.89
C TYR D 224 17.94 -54.48 -31.41
N ASN D 225 18.10 -53.91 -30.21
CA ASN D 225 17.05 -53.08 -29.63
C ASN D 225 16.95 -51.75 -30.37
N THR D 226 15.74 -51.43 -30.85
CA THR D 226 15.44 -50.22 -31.61
C THR D 226 16.47 -50.05 -32.72
N PRO D 227 16.41 -50.88 -33.77
CA PRO D 227 17.50 -50.91 -34.76
C PRO D 227 17.64 -49.64 -35.55
N SER D 228 16.58 -48.83 -35.68
CA SER D 228 16.66 -47.62 -36.49
C SER D 228 17.60 -46.58 -35.89
N ILE D 229 17.92 -46.66 -34.60
CA ILE D 229 18.87 -45.75 -33.97
C ILE D 229 20.26 -46.36 -34.20
N ARG D 230 20.92 -45.91 -35.27
CA ARG D 230 22.20 -46.48 -35.66
C ARG D 230 23.37 -45.68 -35.09
N PHE D 231 23.36 -44.36 -35.24
CA PHE D 231 24.48 -43.53 -34.86
C PHE D 231 24.19 -42.67 -33.63
N GLY D 232 23.02 -42.81 -33.02
CA GLY D 232 22.67 -41.97 -31.88
C GLY D 232 22.24 -42.77 -30.66
N ARG D 233 22.94 -43.87 -30.40
CA ARG D 233 22.64 -44.71 -29.24
C ARG D 233 23.36 -44.17 -28.00
N GLU D 234 22.98 -42.94 -27.65
CA GLU D 234 23.65 -42.23 -26.56
C GLU D 234 23.13 -42.63 -25.20
N HIS D 235 21.84 -42.95 -25.09
CA HIS D 235 21.25 -43.40 -23.83
C HIS D 235 22.03 -44.61 -23.31
N TYR D 236 22.54 -44.49 -22.09
CA TYR D 236 23.45 -45.49 -21.55
C TYR D 236 22.73 -46.78 -21.13
N GLU D 237 21.41 -46.87 -21.25
CA GLU D 237 20.77 -48.17 -21.13
C GLU D 237 21.11 -49.08 -22.31
N PHE D 238 21.48 -48.50 -23.45
CA PHE D 238 21.95 -49.29 -24.57
C PHE D 238 23.22 -50.07 -24.23
N GLN D 239 23.96 -49.66 -23.19
CA GLN D 239 25.14 -50.40 -22.79
C GLN D 239 24.78 -51.80 -22.30
N TYR D 240 23.56 -52.00 -21.80
CA TYR D 240 23.08 -53.30 -21.36
C TYR D 240 22.39 -54.06 -22.48
N LEU D 241 21.53 -53.38 -23.23
CA LEU D 241 20.79 -54.04 -24.32
C LEU D 241 21.73 -54.48 -25.43
N ASP D 242 22.74 -53.67 -25.76
CA ASP D 242 23.69 -54.06 -26.79
C ASP D 242 24.57 -55.22 -26.33
N LEU D 243 24.85 -55.31 -25.03
CA LEU D 243 25.55 -56.49 -24.52
C LEU D 243 24.69 -57.73 -24.63
N LEU D 244 23.40 -57.61 -24.31
CA LEU D 244 22.45 -58.70 -24.56
C LEU D 244 22.49 -59.14 -26.02
N SER D 245 22.46 -58.17 -26.93
CA SER D 245 22.47 -58.48 -28.37
C SER D 245 23.78 -59.16 -28.77
N ARG D 246 24.91 -58.66 -28.27
CA ARG D 246 26.20 -59.26 -28.60
C ARG D 246 26.27 -60.70 -28.11
N VAL D 247 25.74 -60.97 -26.91
CA VAL D 247 25.74 -62.34 -26.42
C VAL D 247 24.84 -63.22 -27.27
N LEU D 248 23.66 -62.71 -27.65
CA LEU D 248 22.78 -63.48 -28.53
C LEU D 248 23.44 -63.76 -29.88
N GLU D 249 24.30 -62.86 -30.35
CA GLU D 249 24.91 -63.01 -31.66
C GLU D 249 26.12 -63.96 -31.62
N ASN D 250 27.03 -63.75 -30.67
CA ASN D 250 28.31 -64.44 -30.66
C ASN D 250 28.46 -65.43 -29.51
N GLY D 251 27.43 -65.59 -28.67
CA GLY D 251 27.57 -66.40 -27.48
C GLY D 251 27.76 -67.86 -27.82
N ALA D 252 28.84 -68.47 -27.32
CA ALA D 252 29.05 -69.90 -27.48
C ALA D 252 28.16 -70.67 -26.50
N TYR D 253 27.58 -71.76 -26.96
CA TYR D 253 26.72 -72.59 -26.13
C TYR D 253 27.60 -73.45 -25.22
N ARG D 254 27.47 -73.25 -23.91
CA ARG D 254 28.36 -73.89 -22.94
C ARG D 254 27.57 -74.39 -21.75
N GLU D 255 28.04 -75.47 -21.16
CA GLU D 255 27.50 -76.02 -19.93
C GLU D 255 28.25 -75.44 -18.73
N ASN D 256 27.60 -75.48 -17.57
CA ASN D 256 28.18 -74.94 -16.34
C ASN D 256 27.77 -75.85 -15.18
N ARG D 257 28.13 -75.41 -13.96
CA ARG D 257 27.87 -76.22 -12.77
C ARG D 257 26.38 -76.49 -12.55
N THR D 258 25.52 -75.60 -13.06
CA THR D 258 24.09 -75.83 -12.98
C THR D 258 23.60 -76.66 -14.15
N GLY D 259 22.37 -77.14 -14.05
CA GLY D 259 21.78 -77.92 -15.13
C GLY D 259 21.36 -77.09 -16.34
N ILE D 260 21.39 -75.77 -16.22
CA ILE D 260 20.93 -74.88 -17.28
C ILE D 260 22.15 -74.35 -18.02
N SER D 261 22.24 -74.68 -19.30
CA SER D 261 23.35 -74.20 -20.12
C SER D 261 23.17 -72.72 -20.46
N THR D 262 24.27 -72.09 -20.84
CA THR D 262 24.27 -70.67 -21.17
C THR D 262 24.85 -70.44 -22.56
N TYR D 263 24.63 -69.24 -23.06
CA TYR D 263 25.36 -68.70 -24.19
C TYR D 263 26.29 -67.62 -23.65
N SER D 264 27.59 -67.78 -23.88
CA SER D 264 28.60 -67.04 -23.15
C SER D 264 29.61 -66.40 -24.08
N ILE D 265 30.06 -65.19 -23.71
CA ILE D 265 31.22 -64.54 -24.32
C ILE D 265 32.11 -64.02 -23.19
N PHE D 266 33.32 -63.60 -23.55
CA PHE D 266 34.34 -63.25 -22.58
C PHE D 266 34.90 -61.87 -22.89
N GLY D 267 34.89 -61.00 -21.87
CA GLY D 267 35.48 -59.67 -22.00
C GLY D 267 34.57 -58.60 -22.56
N GLN D 268 33.78 -57.96 -21.70
CA GLN D 268 32.87 -56.90 -22.13
C GLN D 268 32.91 -55.78 -21.10
N MET D 269 32.28 -54.65 -21.44
CA MET D 269 32.25 -53.52 -20.52
C MET D 269 31.00 -52.69 -20.75
N MET D 270 30.60 -51.98 -19.70
CA MET D 270 29.43 -51.10 -19.73
C MET D 270 29.75 -49.82 -18.98
N ARG D 271 29.35 -48.68 -19.55
CA ARG D 271 29.51 -47.38 -18.90
C ARG D 271 28.13 -46.81 -18.58
N PHE D 272 28.04 -46.14 -17.42
CA PHE D 272 26.80 -45.50 -17.01
C PHE D 272 27.12 -44.17 -16.36
N ASP D 273 26.34 -43.16 -16.72
CA ASP D 273 26.44 -41.87 -16.04
C ASP D 273 25.63 -41.91 -14.75
N MET D 274 26.15 -41.25 -13.71
CA MET D 274 25.44 -41.11 -12.45
C MET D 274 25.30 -39.66 -12.01
N ARG D 275 25.76 -38.70 -12.81
CA ARG D 275 25.62 -37.29 -12.46
C ARG D 275 24.21 -36.79 -12.71
N GLU D 276 23.61 -37.19 -13.83
CA GLU D 276 22.32 -36.66 -14.25
C GLU D 276 21.20 -37.70 -14.22
N SER D 277 21.45 -38.91 -13.74
CA SER D 277 20.43 -39.95 -13.70
C SER D 277 20.95 -41.11 -12.86
N PHE D 278 20.09 -42.10 -12.65
CA PHE D 278 20.41 -43.31 -11.91
C PHE D 278 20.24 -44.51 -12.82
N PRO D 279 21.28 -45.32 -13.04
CA PRO D 279 21.18 -46.39 -14.05
C PRO D 279 20.31 -47.56 -13.61
N LEU D 280 19.01 -47.34 -13.49
CA LEU D 280 18.05 -48.41 -13.22
C LEU D 280 17.30 -48.69 -14.51
N LEU D 281 17.37 -49.93 -14.98
CA LEU D 281 16.84 -50.28 -16.29
C LEU D 281 15.35 -49.98 -16.39
N THR D 282 14.94 -49.45 -17.54
CA THR D 282 13.55 -49.10 -17.78
C THR D 282 12.82 -50.10 -18.67
N THR D 283 13.55 -50.94 -19.41
CA THR D 283 12.91 -51.96 -20.24
C THR D 283 12.36 -53.14 -19.43
N LYS D 284 12.36 -53.02 -18.11
CA LYS D 284 11.90 -54.07 -17.21
C LYS D 284 11.85 -53.53 -15.79
N LYS D 285 10.75 -53.77 -15.08
CA LYS D 285 10.62 -53.30 -13.71
C LYS D 285 11.59 -54.07 -12.81
N VAL D 286 12.50 -53.34 -12.17
CA VAL D 286 13.57 -53.94 -11.36
C VAL D 286 13.21 -53.79 -9.89
N ALA D 287 13.38 -54.87 -9.12
CA ALA D 287 13.10 -54.88 -7.69
C ALA D 287 14.21 -54.11 -6.97
N ILE D 288 14.04 -52.80 -6.91
CA ILE D 288 15.07 -51.93 -6.32
C ILE D 288 15.19 -52.15 -4.82
N ARG D 289 14.09 -52.52 -4.15
CA ARG D 289 14.12 -52.69 -2.70
C ARG D 289 15.01 -53.87 -2.31
N SER D 290 14.89 -54.99 -3.03
CA SER D 290 15.75 -56.13 -2.78
C SER D 290 17.21 -55.79 -3.02
N ILE D 291 17.47 -54.98 -4.05
CA ILE D 291 18.84 -54.53 -4.34
C ILE D 291 19.41 -53.74 -3.17
N PHE D 292 18.65 -52.76 -2.69
CA PHE D 292 19.12 -51.97 -1.55
C PHE D 292 19.31 -52.83 -0.32
N GLU D 293 18.40 -53.78 -0.08
CA GLU D 293 18.51 -54.61 1.10
C GLU D 293 19.74 -55.49 1.04
N GLU D 294 20.03 -56.07 -0.13
CA GLU D 294 21.26 -56.85 -0.29
C GLU D 294 22.49 -55.98 -0.11
N LEU D 295 22.46 -54.74 -0.63
CA LEU D 295 23.64 -53.88 -0.51
C LEU D 295 23.90 -53.49 0.94
N ILE D 296 22.84 -53.10 1.67
CA ILE D 296 23.03 -52.73 3.08
C ILE D 296 23.37 -53.95 3.91
N TRP D 297 22.91 -55.14 3.49
CA TRP D 297 23.32 -56.38 4.13
C TRP D 297 24.81 -56.62 3.96
N PHE D 298 25.33 -56.32 2.77
CA PHE D 298 26.77 -56.37 2.54
C PHE D 298 27.51 -55.36 3.40
N ILE D 299 27.03 -54.11 3.42
CA ILE D 299 27.75 -53.02 4.07
C ILE D 299 27.87 -53.26 5.57
N LYS D 300 26.80 -53.73 6.20
CA LYS D 300 26.82 -53.99 7.63
C LYS D 300 27.77 -55.12 8.03
N GLY D 301 28.32 -55.86 7.07
CA GLY D 301 29.19 -56.96 7.37
C GLY D 301 28.48 -58.28 7.60
N ASP D 302 27.20 -58.38 7.25
CA ASP D 302 26.37 -59.52 7.63
C ASP D 302 26.50 -60.64 6.60
N THR D 303 26.53 -61.88 7.09
CA THR D 303 26.51 -63.06 6.25
C THR D 303 25.35 -63.99 6.58
N ASN D 304 24.38 -63.51 7.35
CA ASN D 304 23.22 -64.31 7.76
C ASN D 304 22.13 -64.16 6.71
N GLY D 305 21.90 -65.23 5.94
CA GLY D 305 20.88 -65.20 4.90
C GLY D 305 19.47 -65.07 5.42
N ASN D 306 19.22 -65.43 6.69
CA ASN D 306 17.89 -65.29 7.26
C ASN D 306 17.49 -63.83 7.43
N HIS D 307 18.46 -62.93 7.63
CA HIS D 307 18.14 -61.52 7.78
C HIS D 307 17.57 -60.93 6.50
N LEU D 308 17.92 -61.50 5.34
CA LEU D 308 17.32 -61.07 4.08
C LEU D 308 15.92 -61.68 3.91
N ILE D 309 15.74 -62.93 4.33
CA ILE D 309 14.44 -63.57 4.21
C ILE D 309 13.41 -62.88 5.11
N GLU D 310 13.86 -62.43 6.30
CA GLU D 310 12.94 -61.74 7.21
C GLU D 310 12.44 -60.43 6.62
N LYS D 311 13.25 -59.78 5.78
CA LYS D 311 12.86 -58.57 5.08
C LYS D 311 12.21 -58.86 3.73
N LYS D 312 11.72 -60.10 3.53
CA LYS D 312 11.03 -60.49 2.31
C LYS D 312 11.92 -60.35 1.07
N VAL D 313 13.19 -60.72 1.22
CA VAL D 313 14.15 -60.73 0.11
C VAL D 313 14.68 -62.16 0.00
N TYR D 314 14.39 -62.82 -1.13
CA TYR D 314 14.66 -64.23 -1.30
C TYR D 314 15.67 -64.50 -2.41
N ILE D 315 16.56 -63.55 -2.68
CA ILE D 315 17.50 -63.74 -3.79
C ILE D 315 18.60 -64.73 -3.43
N TRP D 316 18.91 -64.88 -2.14
CA TRP D 316 19.96 -65.80 -1.70
C TRP D 316 19.38 -67.10 -1.13
N SER D 317 18.10 -67.38 -1.37
CA SER D 317 17.51 -68.61 -0.86
C SER D 317 18.01 -69.84 -1.61
N GLY D 318 18.15 -69.73 -2.93
CA GLY D 318 18.58 -70.87 -3.72
C GLY D 318 19.98 -71.34 -3.36
N ASN D 319 20.90 -70.39 -3.19
CA ASN D 319 22.27 -70.71 -2.82
C ASN D 319 22.47 -70.85 -1.32
N GLY D 320 21.39 -70.90 -0.55
CA GLY D 320 21.48 -71.07 0.89
C GLY D 320 20.45 -72.04 1.44
N SER D 321 20.18 -73.12 0.72
CA SER D 321 19.26 -74.15 1.16
C SER D 321 20.03 -75.36 1.70
N LYS D 322 19.33 -76.17 2.50
CA LYS D 322 19.95 -77.37 3.07
C LYS D 322 20.43 -78.31 1.97
N GLU D 323 19.62 -78.50 0.92
CA GLU D 323 20.01 -79.39 -0.16
C GLU D 323 21.23 -78.86 -0.91
N TYR D 324 21.23 -77.56 -1.23
CA TYR D 324 22.35 -76.96 -1.94
C TYR D 324 23.62 -76.98 -1.08
N LEU D 325 23.49 -76.67 0.21
CA LEU D 325 24.66 -76.66 1.08
C LEU D 325 25.23 -78.06 1.26
N GLU D 326 24.37 -79.07 1.45
CA GLU D 326 24.85 -80.44 1.55
C GLU D 326 25.45 -80.91 0.23
N ARG D 327 24.95 -80.41 -0.90
CA ARG D 327 25.43 -80.86 -2.20
C ARG D 327 26.82 -80.33 -2.50
N ILE D 328 27.12 -79.09 -2.08
CA ILE D 328 28.40 -78.46 -2.39
C ILE D 328 29.42 -78.77 -1.29
N GLY D 329 29.03 -79.60 -0.33
CA GLY D 329 29.95 -80.03 0.71
C GLY D 329 29.92 -79.22 1.98
N LEU D 330 28.85 -78.48 2.24
CA LEU D 330 28.73 -77.71 3.47
C LEU D 330 27.53 -78.16 4.28
N GLY D 331 27.37 -79.48 4.43
CA GLY D 331 26.25 -80.01 5.19
C GLY D 331 26.32 -79.66 6.66
N HIS D 332 27.53 -79.44 7.19
CA HIS D 332 27.68 -79.02 8.58
C HIS D 332 27.14 -77.62 8.83
N ARG D 333 27.07 -76.79 7.80
CA ARG D 333 26.68 -75.40 7.95
C ARG D 333 25.19 -75.29 8.25
N GLU D 334 24.81 -74.25 8.99
CA GLU D 334 23.42 -73.99 9.27
C GLU D 334 22.68 -73.63 7.97
N GLU D 335 21.35 -73.71 8.03
CA GLU D 335 20.47 -73.58 6.87
C GLU D 335 20.85 -72.44 5.94
N ASN D 336 20.75 -71.19 6.42
CA ASN D 336 21.02 -70.02 5.59
C ASN D 336 22.32 -69.33 5.98
N ASP D 337 23.30 -70.09 6.46
CA ASP D 337 24.62 -69.56 6.78
C ASP D 337 25.46 -69.63 5.51
N LEU D 338 25.57 -68.50 4.80
CA LEU D 338 26.23 -68.47 3.51
C LEU D 338 27.75 -68.49 3.62
N GLY D 339 28.31 -68.30 4.80
CA GLY D 339 29.74 -68.30 4.99
C GLY D 339 30.37 -66.96 4.71
N PRO D 340 31.71 -66.92 4.70
CA PRO D 340 32.41 -65.64 4.50
C PRO D 340 32.36 -65.16 3.06
N ILE D 341 31.37 -64.33 2.74
CA ILE D 341 31.13 -63.90 1.36
C ILE D 341 31.20 -62.37 1.31
N TYR D 342 30.51 -61.78 0.33
CA TYR D 342 30.38 -60.32 0.28
C TYR D 342 30.00 -59.78 1.65
N GLY D 343 30.73 -58.77 2.09
CA GLY D 343 30.50 -58.16 3.38
C GLY D 343 31.25 -58.79 4.52
N PHE D 344 31.83 -59.98 4.34
CA PHE D 344 32.78 -60.49 5.31
C PHE D 344 34.21 -60.23 4.90
N GLN D 345 34.49 -60.24 3.59
CA GLN D 345 35.77 -59.73 3.10
C GLN D 345 35.77 -58.20 3.07
N TRP D 346 34.60 -57.59 3.00
CA TRP D 346 34.52 -56.12 3.02
C TRP D 346 34.92 -55.57 4.38
N ARG D 347 34.45 -56.19 5.46
CA ARG D 347 34.62 -55.66 6.81
C ARG D 347 35.63 -56.44 7.65
N HIS D 348 35.84 -57.72 7.36
CA HIS D 348 36.73 -58.56 8.16
C HIS D 348 37.56 -59.45 7.23
N TYR D 349 38.34 -58.83 6.35
CA TYR D 349 39.11 -59.59 5.38
C TYR D 349 40.18 -60.43 6.08
N ASN D 350 40.32 -61.68 5.62
CA ASN D 350 41.24 -62.66 6.19
C ASN D 350 40.90 -63.01 7.64
N GLY D 351 39.65 -62.77 8.05
CA GLY D 351 39.24 -63.13 9.39
C GLY D 351 38.83 -64.59 9.47
N GLU D 352 39.22 -65.23 10.58
CA GLU D 352 38.89 -66.64 10.79
C GLU D 352 37.38 -66.78 10.98
N TYR D 353 36.72 -67.36 9.99
CA TYR D 353 35.28 -67.50 10.02
C TYR D 353 34.87 -68.74 10.80
N LYS D 354 33.82 -68.61 11.61
CA LYS D 354 33.28 -69.74 12.36
C LYS D 354 31.85 -70.02 11.93
N THR D 355 30.90 -69.28 12.47
CA THR D 355 29.50 -69.33 12.07
C THR D 355 28.98 -67.92 11.86
N MET D 356 27.71 -67.81 11.45
CA MET D 356 27.10 -66.50 11.24
C MET D 356 26.62 -65.86 12.53
N HIS D 357 26.68 -66.57 13.66
CA HIS D 357 26.21 -66.04 14.93
C HIS D 357 27.33 -65.46 15.78
N ASP D 358 28.59 -65.69 15.41
CA ASP D 358 29.70 -65.23 16.23
C ASP D 358 29.94 -63.74 16.04
N ASP D 359 30.75 -63.17 16.93
CA ASP D 359 31.09 -61.75 16.91
C ASP D 359 32.45 -61.59 16.24
N TYR D 360 32.49 -60.86 15.14
CA TYR D 360 33.72 -60.64 14.38
C TYR D 360 34.20 -59.19 14.44
N THR D 361 33.63 -58.38 15.33
CA THR D 361 34.04 -56.99 15.46
C THR D 361 35.48 -56.91 15.94
N GLY D 362 36.37 -56.42 15.08
CA GLY D 362 37.78 -56.26 15.39
C GLY D 362 38.70 -57.19 14.60
N VAL D 363 38.21 -58.34 14.20
CA VAL D 363 39.02 -59.31 13.48
C VAL D 363 39.00 -58.97 12.00
N GLY D 364 40.12 -59.22 11.33
CA GLY D 364 40.23 -58.99 9.91
C GLY D 364 40.44 -57.52 9.57
N VAL D 365 40.67 -57.28 8.28
CA VAL D 365 40.91 -55.94 7.76
C VAL D 365 39.58 -55.34 7.33
N ASP D 366 39.26 -54.14 7.84
CA ASP D 366 38.04 -53.42 7.47
C ASP D 366 38.35 -52.64 6.20
N GLN D 367 38.07 -53.25 5.05
CA GLN D 367 38.36 -52.60 3.78
C GLN D 367 37.48 -51.37 3.57
N LEU D 368 36.22 -51.43 3.98
CA LEU D 368 35.30 -50.33 3.71
C LEU D 368 35.71 -49.08 4.51
N ALA D 369 36.08 -49.26 5.78
CA ALA D 369 36.48 -48.12 6.60
C ALA D 369 37.75 -47.49 6.06
N LYS D 370 38.75 -48.30 5.73
CA LYS D 370 39.98 -47.78 5.16
C LYS D 370 39.72 -47.11 3.82
N LEU D 371 38.78 -47.65 3.04
CA LEU D 371 38.41 -47.05 1.76
C LEU D 371 37.83 -45.65 1.95
N ILE D 372 36.89 -45.52 2.89
CA ILE D 372 36.30 -44.21 3.16
C ILE D 372 37.35 -43.23 3.67
N GLU D 373 38.20 -43.69 4.60
CA GLU D 373 39.24 -42.84 5.15
C GLU D 373 40.19 -42.34 4.07
N THR D 374 40.57 -43.23 3.14
CA THR D 374 41.47 -42.83 2.06
C THR D 374 40.76 -41.93 1.06
N LEU D 375 39.48 -42.17 0.81
CA LEU D 375 38.73 -41.35 -0.14
C LEU D 375 38.61 -39.91 0.35
N LYS D 376 38.39 -39.71 1.66
CA LYS D 376 38.26 -38.35 2.16
C LYS D 376 39.56 -37.78 2.71
N ASN D 377 40.63 -38.57 2.81
CA ASN D 377 41.92 -38.08 3.26
C ASN D 377 42.96 -37.98 2.15
N ASN D 378 42.86 -38.82 1.12
CA ASN D 378 43.80 -38.80 -0.01
C ASN D 378 43.00 -39.05 -1.28
N PRO D 379 42.32 -38.03 -1.79
CA PRO D 379 41.41 -38.28 -2.92
C PRO D 379 42.13 -38.68 -4.20
N LYS D 380 43.30 -38.09 -4.48
CA LYS D 380 44.05 -38.41 -5.69
C LYS D 380 44.81 -39.72 -5.58
N ASP D 381 44.68 -40.45 -4.48
CA ASP D 381 45.30 -41.76 -4.35
C ASP D 381 44.74 -42.71 -5.40
N ARG D 382 45.60 -43.58 -5.93
CA ARG D 382 45.22 -44.52 -6.98
C ARG D 382 45.08 -45.94 -6.45
N ARG D 383 44.70 -46.10 -5.18
CA ARG D 383 44.61 -47.42 -4.56
C ARG D 383 43.28 -47.61 -3.81
N HIS D 384 42.26 -46.82 -4.14
CA HIS D 384 40.95 -46.99 -3.53
C HIS D 384 40.28 -48.26 -4.04
N ILE D 385 40.56 -49.39 -3.41
CA ILE D 385 40.15 -50.69 -3.92
C ILE D 385 39.43 -51.48 -2.84
N LEU D 386 38.33 -52.12 -3.23
CA LEU D 386 37.57 -53.03 -2.37
C LEU D 386 37.49 -54.37 -3.09
N THR D 387 38.06 -55.40 -2.47
CA THR D 387 38.11 -56.73 -3.07
C THR D 387 37.37 -57.75 -2.21
N ALA D 388 36.82 -58.77 -2.87
CA ALA D 388 36.16 -59.87 -2.19
C ALA D 388 36.77 -61.22 -2.52
N TRP D 389 37.76 -61.29 -3.41
CA TRP D 389 38.35 -62.56 -3.83
C TRP D 389 39.44 -62.96 -2.84
N ASN D 390 39.12 -63.87 -1.94
CA ASN D 390 40.07 -64.37 -0.94
C ASN D 390 40.27 -65.86 -1.18
N PRO D 391 41.38 -66.27 -1.81
CA PRO D 391 41.60 -67.70 -2.07
C PRO D 391 41.61 -68.56 -0.80
N SER D 392 41.95 -67.98 0.34
CA SER D 392 41.97 -68.76 1.58
C SER D 392 40.58 -69.11 2.09
N ALA D 393 39.55 -68.37 1.67
CA ALA D 393 38.20 -68.56 2.17
C ALA D 393 37.22 -69.03 1.12
N LEU D 394 37.68 -69.27 -0.12
CA LEU D 394 36.76 -69.67 -1.19
C LEU D 394 36.04 -70.97 -0.85
N SER D 395 36.73 -71.91 -0.21
CA SER D 395 36.13 -73.21 0.08
C SER D 395 35.01 -73.09 1.10
N GLN D 396 35.07 -72.10 1.98
CA GLN D 396 34.03 -71.92 3.00
C GLN D 396 32.81 -71.18 2.48
N MET D 397 32.86 -70.61 1.28
CA MET D 397 31.76 -69.82 0.75
C MET D 397 30.71 -70.71 0.10
N ALA D 398 29.44 -70.36 0.31
CA ALA D 398 28.37 -71.01 -0.43
C ALA D 398 28.44 -70.70 -1.92
N LEU D 399 29.06 -69.59 -2.30
CA LEU D 399 29.24 -69.18 -3.69
C LEU D 399 30.39 -68.18 -3.76
N PRO D 400 31.37 -68.43 -4.63
CA PRO D 400 32.48 -67.48 -4.78
C PRO D 400 32.01 -66.13 -5.28
N PRO D 401 32.77 -65.06 -5.00
CA PRO D 401 32.31 -63.71 -5.36
C PRO D 401 32.22 -63.53 -6.87
N CYS D 402 31.11 -62.96 -7.33
CA CYS D 402 30.93 -62.62 -8.74
C CYS D 402 31.47 -61.23 -9.04
N HIS D 403 30.91 -60.21 -8.38
CA HIS D 403 31.53 -58.87 -8.42
C HIS D 403 32.77 -58.92 -7.54
N VAL D 404 33.93 -59.12 -8.18
CA VAL D 404 35.12 -59.55 -7.47
C VAL D 404 35.87 -58.38 -6.88
N LEU D 405 36.11 -57.33 -7.68
CA LEU D 405 36.92 -56.21 -7.25
C LEU D 405 36.32 -54.91 -7.76
N SER D 406 36.52 -53.85 -6.99
CA SER D 406 36.04 -52.53 -7.36
C SER D 406 37.09 -51.49 -7.01
N GLN D 407 37.19 -50.46 -7.84
CA GLN D 407 38.12 -49.36 -7.63
C GLN D 407 37.34 -48.05 -7.70
N TYR D 408 37.82 -47.05 -6.97
CA TYR D 408 37.12 -45.78 -6.86
C TYR D 408 38.06 -44.63 -7.15
N TYR D 409 37.50 -43.56 -7.72
CA TYR D 409 38.29 -42.49 -8.31
C TYR D 409 37.64 -41.16 -7.98
N VAL D 410 38.44 -40.18 -7.56
CA VAL D 410 37.96 -38.85 -7.22
C VAL D 410 38.42 -37.91 -8.34
N THR D 411 37.46 -37.33 -9.04
CA THR D 411 37.76 -36.40 -10.12
C THR D 411 38.22 -35.05 -9.56
N ASN D 412 38.72 -34.20 -10.45
CA ASN D 412 39.17 -32.88 -10.01
C ASN D 412 38.00 -32.01 -9.59
N ASP D 413 36.80 -32.25 -10.12
CA ASP D 413 35.59 -31.56 -9.68
C ASP D 413 34.83 -32.32 -8.60
N ASN D 414 35.52 -33.14 -7.81
CA ASN D 414 34.98 -33.75 -6.59
C ASN D 414 33.78 -34.65 -6.89
N CYS D 415 33.93 -35.49 -7.91
CA CYS D 415 32.97 -36.54 -8.22
C CYS D 415 33.62 -37.90 -7.97
N LEU D 416 32.80 -38.87 -7.61
CA LEU D 416 33.26 -40.22 -7.26
C LEU D 416 32.81 -41.18 -8.35
N SER D 417 33.78 -41.75 -9.07
CA SER D 417 33.53 -42.75 -10.08
C SER D 417 33.96 -44.12 -9.58
N CYS D 418 33.35 -45.16 -10.13
CA CYS D 418 33.57 -46.53 -9.69
C CYS D 418 33.77 -47.45 -10.88
N ASN D 419 34.78 -48.32 -10.78
CA ASN D 419 34.99 -49.42 -11.71
C ASN D 419 34.74 -50.73 -10.98
N LEU D 420 34.10 -51.68 -11.67
CA LEU D 420 33.80 -52.98 -11.11
C LEU D 420 34.21 -54.06 -12.10
N TYR D 421 35.02 -55.02 -11.66
CA TYR D 421 35.29 -56.22 -12.43
C TYR D 421 34.42 -57.36 -11.93
N GLN D 422 33.67 -57.96 -12.84
CA GLN D 422 32.74 -59.05 -12.54
C GLN D 422 33.18 -60.28 -13.32
N ARG D 423 33.51 -61.36 -12.60
CA ARG D 423 34.04 -62.55 -13.27
C ARG D 423 32.97 -63.29 -14.04
N SER D 424 31.73 -63.25 -13.58
CA SER D 424 30.63 -64.00 -14.18
C SER D 424 29.37 -63.17 -14.08
N CYS D 425 28.64 -63.04 -15.20
CA CYS D 425 27.51 -62.12 -15.28
C CYS D 425 26.32 -62.83 -15.90
N ASP D 426 25.34 -63.17 -15.06
CA ASP D 426 24.02 -63.58 -15.50
C ASP D 426 23.28 -62.33 -15.98
N LEU D 427 23.20 -62.16 -17.30
CA LEU D 427 22.63 -60.94 -17.86
C LEU D 427 21.12 -60.84 -17.63
N GLY D 428 20.45 -61.96 -17.39
CA GLY D 428 19.01 -61.93 -17.17
C GLY D 428 18.64 -61.43 -15.78
N LEU D 429 19.34 -61.93 -14.76
CA LEU D 429 19.03 -61.60 -13.38
C LEU D 429 20.13 -60.80 -12.68
N GLY D 430 21.38 -61.24 -12.77
CA GLY D 430 22.43 -60.64 -11.96
C GLY D 430 22.83 -59.26 -12.40
N SER D 431 22.82 -59.00 -13.72
CA SER D 431 23.41 -57.77 -14.24
C SER D 431 22.66 -56.51 -13.80
N PRO D 432 21.32 -56.42 -13.93
CA PRO D 432 20.65 -55.20 -13.45
C PRO D 432 20.84 -54.98 -11.96
N PHE D 433 20.79 -56.05 -11.17
CA PHE D 433 21.06 -55.95 -9.74
C PHE D 433 22.44 -55.39 -9.48
N ASN D 434 23.46 -55.88 -10.18
CA ASN D 434 24.81 -55.40 -9.98
C ASN D 434 24.94 -53.93 -10.35
N ILE D 435 24.36 -53.54 -11.49
CA ILE D 435 24.41 -52.15 -11.92
C ILE D 435 23.81 -51.24 -10.85
N ALA D 436 22.55 -51.51 -10.47
CA ALA D 436 21.88 -50.66 -9.50
C ALA D 436 22.59 -50.69 -8.15
N SER D 437 23.09 -51.85 -7.74
CA SER D 437 23.72 -51.98 -6.43
C SER D 437 25.00 -51.17 -6.34
N TYR D 438 25.87 -51.28 -7.34
CA TYR D 438 27.11 -50.52 -7.27
C TYR D 438 26.88 -49.03 -7.53
N ALA D 439 25.82 -48.68 -8.28
CA ALA D 439 25.44 -47.27 -8.36
C ALA D 439 25.06 -46.73 -6.98
N ILE D 440 24.20 -47.46 -6.26
CA ILE D 440 23.78 -47.03 -4.93
C ILE D 440 24.98 -46.96 -4.00
N LEU D 441 25.88 -47.93 -4.08
CA LEU D 441 27.05 -47.94 -3.22
C LEU D 441 27.96 -46.76 -3.50
N THR D 442 28.16 -46.42 -4.79
CA THR D 442 28.96 -45.26 -5.11
C THR D 442 28.32 -43.97 -4.60
N MET D 443 26.99 -43.88 -4.68
CA MET D 443 26.31 -42.70 -4.16
C MET D 443 26.46 -42.60 -2.64
N MET D 444 26.34 -43.73 -1.95
CA MET D 444 26.53 -43.73 -0.50
C MET D 444 27.93 -43.31 -0.12
N LEU D 445 28.94 -43.87 -0.80
CA LEU D 445 30.32 -43.49 -0.52
C LEU D 445 30.56 -42.01 -0.81
N ALA D 446 29.94 -41.49 -1.88
CA ALA D 446 30.10 -40.08 -2.21
C ALA D 446 29.49 -39.19 -1.14
N GLN D 447 28.31 -39.55 -0.64
CA GLN D 447 27.69 -38.75 0.42
C GLN D 447 28.51 -38.82 1.71
N VAL D 448 29.00 -40.00 2.06
CA VAL D 448 29.78 -40.14 3.30
C VAL D 448 31.11 -39.40 3.19
N CYS D 449 31.68 -39.32 1.99
CA CYS D 449 32.97 -38.66 1.79
C CYS D 449 32.83 -37.24 1.27
N GLY D 450 31.62 -36.75 1.06
CA GLY D 450 31.43 -35.37 0.64
C GLY D 450 31.69 -35.10 -0.82
N TYR D 451 31.33 -36.04 -1.70
CA TYR D 451 31.48 -35.87 -3.14
C TYR D 451 30.12 -36.04 -3.82
N GLU D 452 30.11 -35.81 -5.13
CA GLU D 452 28.97 -36.07 -5.99
C GLU D 452 29.17 -37.37 -6.76
N PRO D 453 28.10 -38.03 -7.19
CA PRO D 453 28.28 -39.26 -7.99
C PRO D 453 28.88 -38.95 -9.35
N GLY D 454 29.74 -39.85 -9.81
CA GLY D 454 30.42 -39.67 -11.07
C GLY D 454 29.97 -40.64 -12.15
N GLU D 455 30.84 -41.58 -12.52
CA GLU D 455 30.54 -42.57 -13.54
C GLU D 455 30.69 -43.97 -12.96
N LEU D 456 30.05 -44.92 -13.62
CA LEU D 456 30.11 -46.33 -13.22
C LEU D 456 30.53 -47.15 -14.43
N ALA D 457 31.68 -47.80 -14.34
CA ALA D 457 32.16 -48.71 -15.38
C ALA D 457 32.20 -50.13 -14.83
N ILE D 458 31.61 -51.06 -15.59
CA ILE D 458 31.57 -52.46 -15.21
C ILE D 458 32.31 -53.26 -16.28
N PHE D 459 33.35 -53.97 -15.86
CA PHE D 459 34.12 -54.84 -16.74
C PHE D 459 33.78 -56.29 -16.40
N ILE D 460 33.43 -57.07 -17.42
CA ILE D 460 32.83 -58.38 -17.25
C ILE D 460 33.71 -59.42 -17.94
N GLY D 461 33.99 -60.52 -17.23
CA GLY D 461 34.63 -61.66 -17.83
C GLY D 461 33.65 -62.52 -18.60
N ASP D 462 33.08 -63.53 -17.94
CA ASP D 462 32.15 -64.45 -18.59
C ASP D 462 30.75 -63.84 -18.52
N ALA D 463 30.37 -63.12 -19.58
CA ALA D 463 29.04 -62.57 -19.71
C ALA D 463 28.17 -63.59 -20.44
N HIS D 464 27.10 -64.04 -19.80
CA HIS D 464 26.33 -65.15 -20.35
C HIS D 464 24.84 -64.91 -20.16
N ILE D 465 24.06 -65.64 -20.95
CA ILE D 465 22.60 -65.65 -20.89
C ILE D 465 22.16 -67.10 -20.72
N TYR D 466 21.39 -67.38 -19.67
CA TYR D 466 20.87 -68.71 -19.45
C TYR D 466 19.77 -69.03 -20.48
N GLU D 467 19.77 -70.27 -20.96
CA GLU D 467 18.92 -70.65 -22.09
C GLU D 467 17.44 -70.59 -21.74
N ASN D 468 17.07 -70.65 -20.46
CA ASN D 468 15.68 -70.49 -20.06
C ASN D 468 15.25 -69.04 -19.97
N HIS D 469 16.11 -68.10 -20.35
CA HIS D 469 15.77 -66.68 -20.39
C HIS D 469 15.58 -66.16 -21.82
N LEU D 470 15.84 -67.00 -22.83
CA LEU D 470 15.87 -66.52 -24.21
C LEU D 470 14.56 -65.87 -24.60
N THR D 471 13.44 -66.52 -24.30
CA THR D 471 12.13 -65.91 -24.58
C THR D 471 11.99 -64.58 -23.86
N GLN D 472 12.37 -64.55 -22.57
CA GLN D 472 12.18 -63.35 -21.76
C GLN D 472 13.02 -62.19 -22.28
N LEU D 473 14.34 -62.38 -22.36
CA LEU D 473 15.23 -61.29 -22.73
C LEU D 473 14.90 -60.74 -24.12
N LYS D 474 14.54 -61.61 -25.06
CA LYS D 474 14.13 -61.14 -26.37
C LYS D 474 12.93 -60.21 -26.25
N GLU D 475 11.96 -60.56 -25.42
CA GLU D 475 10.86 -59.65 -25.11
C GLU D 475 11.40 -58.31 -24.63
N GLN D 476 12.35 -58.34 -23.69
CA GLN D 476 12.93 -57.11 -23.18
C GLN D 476 13.62 -56.32 -24.28
N LEU D 477 14.16 -57.01 -25.29
CA LEU D 477 14.79 -56.31 -26.40
C LEU D 477 13.81 -55.67 -27.36
N SER D 478 12.53 -55.99 -27.25
CA SER D 478 11.51 -55.38 -28.12
C SER D 478 11.00 -54.05 -27.58
N ARG D 479 11.44 -53.64 -26.39
CA ARG D 479 10.91 -52.45 -25.73
C ARG D 479 11.92 -51.31 -25.86
N THR D 480 11.49 -50.21 -26.46
CA THR D 480 12.35 -49.05 -26.62
C THR D 480 12.61 -48.42 -25.25
N PRO D 481 13.87 -48.12 -24.91
CA PRO D 481 14.17 -47.63 -23.57
C PRO D 481 13.53 -46.28 -23.29
N ARG D 482 13.23 -46.06 -22.01
CA ARG D 482 12.75 -44.80 -21.47
C ARG D 482 13.83 -44.15 -20.62
N PRO D 483 13.75 -42.83 -20.40
CA PRO D 483 14.82 -42.16 -19.65
C PRO D 483 14.99 -42.72 -18.25
N PHE D 484 16.24 -42.73 -17.78
CA PHE D 484 16.55 -43.23 -16.45
C PHE D 484 15.83 -42.39 -15.40
N PRO D 485 15.52 -42.97 -14.24
CA PRO D 485 14.95 -42.18 -13.15
C PRO D 485 16.04 -41.47 -12.35
N GLN D 486 15.64 -40.83 -11.25
CA GLN D 486 16.59 -40.25 -10.30
C GLN D 486 16.46 -40.96 -8.97
N LEU D 487 17.56 -41.01 -8.23
CA LEU D 487 17.57 -41.61 -6.90
C LEU D 487 18.22 -40.60 -5.96
N LYS D 488 17.50 -40.22 -4.91
CA LYS D 488 17.99 -39.23 -3.95
C LYS D 488 17.92 -39.79 -2.54
N PHE D 489 18.78 -39.27 -1.68
CA PHE D 489 18.79 -39.61 -0.27
C PHE D 489 18.10 -38.50 0.51
N LYS D 490 17.23 -38.91 1.45
CA LYS D 490 16.44 -37.93 2.19
C LYS D 490 17.24 -37.25 3.30
N ARG D 491 18.26 -37.91 3.84
CA ARG D 491 19.05 -37.34 4.92
C ARG D 491 20.52 -37.66 4.70
N LYS D 492 21.38 -36.89 5.37
CA LYS D 492 22.82 -37.11 5.33
C LYS D 492 23.20 -37.91 6.57
N VAL D 493 23.61 -39.16 6.37
CA VAL D 493 23.99 -40.01 7.49
C VAL D 493 25.40 -39.67 7.95
N GLU D 494 25.71 -40.07 9.19
CA GLU D 494 27.05 -39.90 9.72
C GLU D 494 27.94 -41.11 9.47
N ASN D 495 27.36 -42.30 9.42
CA ASN D 495 28.09 -43.51 9.05
C ASN D 495 27.32 -44.23 7.95
N ILE D 496 28.06 -44.91 7.08
CA ILE D 496 27.47 -45.56 5.92
C ILE D 496 26.52 -46.69 6.30
N GLU D 497 26.63 -47.21 7.52
CA GLU D 497 25.77 -48.31 7.95
C GLU D 497 24.37 -47.87 8.34
N ASP D 498 24.11 -46.57 8.44
CA ASP D 498 22.85 -46.05 8.94
C ASP D 498 21.79 -45.89 7.87
N PHE D 499 22.09 -46.23 6.61
CA PHE D 499 21.12 -46.07 5.54
C PHE D 499 19.95 -47.03 5.71
N LYS D 500 18.74 -46.51 5.51
CA LYS D 500 17.52 -47.29 5.58
C LYS D 500 16.76 -47.18 4.27
N TRP D 501 15.86 -48.15 4.04
CA TRP D 501 15.08 -48.16 2.80
C TRP D 501 14.20 -46.92 2.68
N GLU D 502 13.68 -46.42 3.78
CA GLU D 502 12.87 -45.21 3.75
C GLU D 502 13.69 -43.97 3.38
N ASP D 503 15.01 -44.03 3.51
CA ASP D 503 15.87 -42.89 3.20
C ASP D 503 16.05 -42.67 1.71
N ILE D 504 15.60 -43.61 0.87
CA ILE D 504 15.82 -43.55 -0.57
C ILE D 504 14.52 -43.12 -1.25
N GLU D 505 14.62 -42.12 -2.13
CA GLU D 505 13.47 -41.64 -2.90
C GLU D 505 13.77 -41.85 -4.37
N LEU D 506 12.91 -42.58 -5.05
CA LEU D 506 13.06 -42.90 -6.47
C LEU D 506 12.07 -42.05 -7.25
N ILE D 507 12.58 -41.09 -8.01
CA ILE D 507 11.78 -40.06 -8.67
C ILE D 507 11.76 -40.33 -10.16
N GLY D 508 10.55 -40.48 -10.72
CA GLY D 508 10.40 -40.58 -12.16
C GLY D 508 10.81 -41.90 -12.77
N TYR D 509 10.42 -43.01 -12.16
CA TYR D 509 10.71 -44.35 -12.67
C TYR D 509 9.42 -44.92 -13.26
N TYR D 510 9.37 -44.99 -14.60
CA TYR D 510 8.20 -45.50 -15.32
C TYR D 510 8.65 -46.64 -16.23
N PRO D 511 8.92 -47.81 -15.65
CA PRO D 511 9.48 -48.91 -16.45
C PRO D 511 8.41 -49.70 -17.19
N TYR D 512 8.87 -50.61 -18.04
CA TYR D 512 8.03 -51.60 -18.67
C TYR D 512 7.71 -52.71 -17.68
N PRO D 513 6.67 -53.52 -17.95
CA PRO D 513 6.26 -54.54 -16.97
C PRO D 513 7.37 -55.51 -16.60
N THR D 514 7.20 -56.12 -15.43
CA THR D 514 8.18 -57.08 -14.92
C THR D 514 8.25 -58.31 -15.82
N ILE D 515 9.45 -58.85 -15.98
CA ILE D 515 9.69 -60.04 -16.78
C ILE D 515 10.27 -61.10 -15.85
N LYS D 516 9.44 -62.06 -15.45
CA LYS D 516 9.86 -63.11 -14.52
C LYS D 516 10.89 -64.03 -15.18
N MET D 517 11.98 -64.28 -14.46
CA MET D 517 13.03 -65.18 -14.93
C MET D 517 13.53 -66.01 -13.75
N ASP D 518 13.57 -67.33 -13.92
CA ASP D 518 13.98 -68.23 -12.86
C ASP D 518 15.49 -68.25 -12.71
N MET D 519 15.94 -68.40 -11.47
CA MET D 519 17.36 -68.44 -11.14
C MET D 519 17.88 -69.87 -11.22
N ALA D 520 19.11 -70.00 -11.71
CA ALA D 520 19.79 -71.29 -11.76
C ALA D 520 20.55 -71.51 -10.46
N VAL D 521 20.23 -72.59 -9.76
CA VAL D 521 20.87 -72.89 -8.48
C VAL D 521 22.16 -73.66 -8.70
N GLU E 3 33.14 44.05 21.36
CA GLU E 3 32.03 45.00 21.36
C GLU E 3 31.48 45.23 19.96
N LYS E 4 30.38 44.56 19.64
CA LYS E 4 29.75 44.72 18.34
C LYS E 4 28.25 44.92 18.48
N ASN E 5 27.53 44.92 17.36
CA ASN E 5 26.13 45.31 17.35
C ASN E 5 25.21 44.12 17.62
N VAL E 6 24.12 44.39 18.32
CA VAL E 6 23.11 43.38 18.65
C VAL E 6 21.74 43.93 18.23
N SER E 7 21.05 43.16 17.40
CA SER E 7 19.77 43.59 16.84
C SER E 7 18.75 42.47 16.98
N ILE E 8 17.58 42.82 17.53
CA ILE E 8 16.43 41.94 17.46
C ILE E 8 15.86 41.97 16.05
N VAL E 9 15.44 40.81 15.56
CA VAL E 9 14.70 40.72 14.30
C VAL E 9 13.40 39.99 14.59
N VAL E 10 12.26 40.65 14.32
CA VAL E 10 10.97 40.07 14.68
C VAL E 10 9.91 40.51 13.68
N ALA E 11 8.91 39.65 13.49
CA ALA E 11 7.71 39.96 12.73
C ALA E 11 6.52 39.77 13.67
N ALA E 12 5.82 40.86 13.98
CA ALA E 12 4.73 40.84 14.95
C ALA E 12 3.50 41.53 14.37
N SER E 13 2.34 41.16 14.89
CA SER E 13 1.10 41.75 14.41
C SER E 13 1.00 43.22 14.87
N VAL E 14 0.16 43.97 14.16
CA VAL E 14 0.22 45.43 14.23
C VAL E 14 -0.30 45.94 15.59
N LEU E 15 -1.31 45.28 16.15
CA LEU E 15 -1.93 45.78 17.38
C LEU E 15 -1.49 45.01 18.63
N SER E 16 -1.61 43.68 18.62
CA SER E 16 -1.31 42.88 19.80
C SER E 16 0.10 42.30 19.80
N SER E 17 0.87 42.47 18.72
CA SER E 17 2.25 42.02 18.63
C SER E 17 2.38 40.50 18.73
N GLY E 18 1.39 39.77 18.20
CA GLY E 18 1.50 38.32 18.18
C GLY E 18 2.48 37.87 17.11
N ILE E 19 3.25 36.83 17.44
CA ILE E 19 4.31 36.36 16.55
C ILE E 19 4.20 34.86 16.26
N GLY E 20 3.38 34.15 17.03
CA GLY E 20 3.33 32.71 16.86
C GLY E 20 2.02 32.11 17.32
N ILE E 21 1.76 30.89 16.85
CA ILE E 21 0.59 30.12 17.24
C ILE E 21 0.87 28.64 17.04
N ASN E 22 0.73 27.86 18.11
CA ASN E 22 0.89 26.41 18.06
C ASN E 22 2.23 26.01 17.43
N GLY E 23 3.30 26.70 17.85
CA GLY E 23 4.63 26.36 17.41
C GLY E 23 5.00 26.79 16.02
N GLN E 24 4.20 27.62 15.36
CA GLN E 24 4.53 28.10 14.03
C GLN E 24 4.09 29.56 13.91
N LEU E 25 4.25 30.12 12.71
CA LEU E 25 3.88 31.49 12.44
C LEU E 25 2.39 31.59 12.10
N PRO E 26 1.74 32.69 12.50
CA PRO E 26 0.34 32.89 12.14
C PRO E 26 0.10 33.41 10.73
N TRP E 27 1.12 33.40 9.87
CA TRP E 27 1.00 33.88 8.50
C TRP E 27 2.10 33.23 7.67
N SER E 28 2.01 33.42 6.36
CA SER E 28 3.04 32.96 5.43
C SER E 28 3.35 34.10 4.46
N ILE E 29 4.41 34.86 4.75
CA ILE E 29 4.81 36.00 3.93
C ILE E 29 6.24 35.76 3.48
N SER E 30 6.41 35.45 2.19
CA SER E 30 7.72 35.09 1.67
C SER E 30 8.70 36.26 1.72
N GLU E 31 8.23 37.46 1.37
CA GLU E 31 9.11 38.62 1.34
C GLU E 31 9.68 38.92 2.72
N ASP E 32 8.93 38.61 3.78
CA ASP E 32 9.46 38.83 5.13
C ASP E 32 10.58 37.85 5.45
N LEU E 33 10.45 36.61 4.99
CA LEU E 33 11.56 35.67 5.15
C LEU E 33 12.78 36.11 4.37
N LYS E 34 12.58 36.63 3.16
CA LYS E 34 13.72 37.16 2.39
C LYS E 34 14.36 38.34 3.10
N PHE E 35 13.54 39.18 3.74
CA PHE E 35 14.07 40.29 4.53
C PHE E 35 14.91 39.78 5.69
N PHE E 36 14.39 38.78 6.41
CA PHE E 36 15.16 38.17 7.49
C PHE E 36 16.50 37.66 6.98
N SER E 37 16.48 36.92 5.87
CA SER E 37 17.72 36.37 5.32
C SER E 37 18.71 37.46 4.96
N LYS E 38 18.24 38.49 4.25
CA LYS E 38 19.15 39.55 3.80
C LYS E 38 19.66 40.39 4.95
N ILE E 39 18.86 40.59 6.00
CA ILE E 39 19.32 41.43 7.09
C ILE E 39 20.24 40.66 8.02
N THR E 40 20.09 39.34 8.13
CA THR E 40 20.98 38.55 8.96
C THR E 40 22.26 38.14 8.24
N ASN E 41 22.25 38.11 6.90
CA ASN E 41 23.46 37.85 6.14
C ASN E 41 24.29 39.11 5.88
N ASN E 42 23.71 40.30 6.06
CA ASN E 42 24.41 41.54 5.77
C ASN E 42 25.61 41.73 6.68
N LYS E 43 26.81 41.67 6.10
CA LYS E 43 28.04 41.80 6.86
C LYS E 43 29.07 42.55 6.02
N CYS E 44 30.12 43.02 6.70
CA CYS E 44 31.19 43.78 6.05
C CYS E 44 32.42 42.93 5.74
N ASP E 45 32.85 42.08 6.66
CA ASP E 45 34.02 41.26 6.48
C ASP E 45 33.60 39.90 5.92
N SER E 46 34.16 39.53 4.76
CA SER E 46 33.82 38.25 4.15
C SER E 46 34.41 37.07 4.91
N ASN E 47 35.41 37.32 5.75
CA ASN E 47 36.03 36.27 6.56
C ASN E 47 35.38 36.14 7.94
N LYS E 48 34.23 36.78 8.15
CA LYS E 48 33.49 36.69 9.39
C LYS E 48 32.07 36.22 9.11
N LYS E 49 31.38 35.82 10.16
CA LYS E 49 29.99 35.36 10.07
C LYS E 49 29.15 36.11 11.09
N ASN E 50 27.84 36.04 10.90
CA ASN E 50 26.89 36.60 11.86
C ASN E 50 26.29 35.48 12.71
N ALA E 51 25.98 35.82 13.96
CA ALA E 51 25.43 34.88 14.92
C ALA E 51 23.95 35.14 15.11
N LEU E 52 23.14 34.08 15.05
CA LEU E 52 21.69 34.17 15.18
C LEU E 52 21.28 33.44 16.45
N ILE E 53 20.88 34.19 17.47
CA ILE E 53 20.44 33.62 18.74
C ILE E 53 18.96 33.34 18.68
N MET E 54 18.56 32.14 19.10
CA MET E 54 17.14 31.78 19.11
C MET E 54 16.91 30.77 20.23
N GLY E 55 15.66 30.73 20.70
CA GLY E 55 15.27 29.74 21.70
C GLY E 55 15.14 28.36 21.10
N ARG E 56 14.95 27.38 21.98
CA ARG E 56 14.91 25.99 21.53
C ARG E 56 13.66 25.69 20.73
N LYS E 57 12.51 26.20 21.17
CA LYS E 57 11.28 25.96 20.42
C LYS E 57 11.33 26.59 19.05
N THR E 58 11.93 27.79 18.94
CA THR E 58 12.16 28.39 17.63
C THR E 58 13.09 27.53 16.79
N TRP E 59 14.14 26.98 17.42
CA TRP E 59 15.05 26.07 16.73
C TRP E 59 14.31 24.82 16.23
N ASP E 60 13.28 24.38 16.96
CA ASP E 60 12.41 23.31 16.46
C ASP E 60 11.56 23.79 15.30
N SER E 61 11.13 25.06 15.34
CA SER E 61 10.23 25.58 14.32
C SER E 61 10.86 25.60 12.94
N ILE E 62 12.18 25.78 12.86
CA ILE E 62 12.86 25.86 11.58
C ILE E 62 13.45 24.50 11.17
N GLY E 63 12.97 23.42 11.79
CA GLY E 63 13.37 22.08 11.42
C GLY E 63 14.70 21.62 11.96
N ARG E 64 15.33 22.39 12.85
CA ARG E 64 16.64 22.04 13.40
C ARG E 64 17.68 21.85 12.30
N ARG E 65 17.64 22.71 11.29
CA ARG E 65 18.61 22.69 10.21
C ARG E 65 19.31 24.03 10.10
N PRO E 66 20.61 24.04 9.80
CA PRO E 66 21.37 25.29 9.85
C PRO E 66 20.94 26.26 8.77
N LEU E 67 21.24 27.53 9.02
CA LEU E 67 20.99 28.61 8.08
C LEU E 67 22.27 28.94 7.33
N LYS E 68 22.19 28.97 5.99
CA LYS E 68 23.37 29.14 5.15
C LYS E 68 24.14 30.39 5.52
N ASN E 69 25.47 30.27 5.55
CA ASN E 69 26.45 31.34 5.76
C ASN E 69 26.42 31.91 7.17
N ARG E 70 25.54 31.44 8.05
CA ARG E 70 25.42 32.00 9.38
C ARG E 70 25.61 30.92 10.44
N ILE E 71 25.85 31.36 11.67
CA ILE E 71 26.05 30.48 12.81
C ILE E 71 24.86 30.65 13.74
N ILE E 72 24.18 29.54 14.04
CA ILE E 72 23.00 29.56 14.90
C ILE E 72 23.43 29.27 16.34
N VAL E 73 22.87 30.05 17.27
CA VAL E 73 23.14 29.91 18.70
C VAL E 73 21.81 29.59 19.36
N VAL E 74 21.69 28.39 19.90
CA VAL E 74 20.46 27.92 20.52
C VAL E 74 20.59 28.02 22.02
N ILE E 75 19.63 28.71 22.64
CA ILE E 75 19.55 28.78 24.09
C ILE E 75 18.66 27.66 24.57
N SER E 76 19.23 26.74 25.35
CA SER E 76 18.48 25.59 25.85
C SER E 76 19.16 25.06 27.10
N SER E 77 18.34 24.54 28.01
CA SER E 77 18.87 23.94 29.23
C SER E 77 19.07 22.43 29.09
N SER E 78 18.56 21.81 28.03
CA SER E 78 18.66 20.37 27.86
C SER E 78 19.35 19.92 26.59
N LEU E 79 19.44 20.77 25.57
CA LEU E 79 20.04 20.35 24.31
C LEU E 79 21.51 20.00 24.52
N PRO E 80 21.99 18.88 24.00
CA PRO E 80 23.41 18.53 24.16
C PRO E 80 24.30 19.52 23.43
N GLN E 81 25.30 20.03 24.14
CA GLN E 81 26.27 20.97 23.57
C GLN E 81 27.14 20.21 22.58
N ASP E 82 26.56 19.96 21.41
CA ASP E 82 27.24 19.19 20.38
C ASP E 82 28.35 20.02 19.73
N GLU E 83 29.44 19.36 19.38
CA GLU E 83 30.55 19.99 18.68
C GLU E 83 30.70 19.49 17.25
N ALA E 84 29.84 18.58 16.81
CA ALA E 84 29.93 18.06 15.45
C ALA E 84 29.58 19.14 14.42
N ASP E 85 28.46 19.83 14.63
CA ASP E 85 28.02 20.87 13.71
C ASP E 85 28.70 22.18 14.07
N PRO E 86 29.59 22.73 13.24
CA PRO E 86 30.19 24.03 13.55
C PRO E 86 29.27 25.20 13.26
N ASN E 87 28.13 24.97 12.62
CA ASN E 87 27.17 26.01 12.30
C ASN E 87 26.08 26.16 13.36
N VAL E 88 26.01 25.24 14.32
CA VAL E 88 25.03 25.29 15.40
C VAL E 88 25.77 25.08 16.72
N VAL E 89 25.58 25.99 17.66
CA VAL E 89 26.19 25.90 18.98
C VAL E 89 25.12 26.16 20.02
N VAL E 90 25.24 25.50 21.17
CA VAL E 90 24.23 25.54 22.22
C VAL E 90 24.81 26.20 23.47
N PHE E 91 24.02 27.09 24.08
CA PHE E 91 24.35 27.73 25.34
C PHE E 91 23.23 27.52 26.34
N ARG E 92 23.59 27.54 27.62
CA ARG E 92 22.63 27.27 28.70
C ARG E 92 21.84 28.50 29.12
N ASN E 93 22.27 29.69 28.75
CA ASN E 93 21.52 30.90 29.06
C ASN E 93 21.91 31.99 28.08
N LEU E 94 21.07 33.02 27.98
CA LEU E 94 21.29 34.08 27.02
C LEU E 94 22.54 34.90 27.37
N GLU E 95 22.81 35.08 28.66
CA GLU E 95 23.94 35.93 29.08
C GLU E 95 25.27 35.34 28.62
N ASP E 96 25.47 34.04 28.87
CA ASP E 96 26.70 33.39 28.44
C ASP E 96 26.87 33.43 26.93
N SER E 97 25.75 33.39 26.19
CA SER E 97 25.84 33.39 24.74
C SER E 97 26.29 34.73 24.17
N ILE E 98 26.31 35.80 24.98
CA ILE E 98 26.81 37.08 24.49
C ILE E 98 28.33 37.14 24.50
N GLU E 99 28.98 36.02 24.82
CA GLU E 99 30.43 35.90 24.67
C GLU E 99 30.90 36.14 23.24
N ASN E 100 29.99 36.09 22.25
CA ASN E 100 30.36 36.53 20.91
C ASN E 100 30.99 37.92 20.93
N LEU E 101 30.62 38.75 21.91
CA LEU E 101 31.26 40.05 22.06
C LEU E 101 32.68 39.92 22.58
N MET E 102 32.86 39.22 23.70
CA MET E 102 34.15 39.19 24.40
C MET E 102 35.25 38.63 23.51
N ASN E 103 35.10 37.38 23.10
CA ASN E 103 36.05 36.75 22.21
C ASN E 103 35.37 36.51 20.86
N ASP E 104 35.89 35.55 20.10
CA ASP E 104 35.34 35.15 18.81
C ASP E 104 35.20 36.38 17.90
N ASP E 105 36.36 36.83 17.41
CA ASP E 105 36.40 37.95 16.48
C ASP E 105 35.91 37.57 15.09
N SER E 106 35.60 36.29 14.86
CA SER E 106 35.02 35.86 13.60
C SER E 106 33.52 36.14 13.52
N ILE E 107 32.92 36.65 14.60
CA ILE E 107 31.52 37.04 14.61
C ILE E 107 31.46 38.56 14.49
N GLU E 108 30.80 39.04 13.44
CA GLU E 108 30.74 40.48 13.19
C GLU E 108 29.55 41.12 13.88
N ASN E 109 28.35 40.58 13.69
CA ASN E 109 27.14 41.13 14.26
C ASN E 109 26.31 40.02 14.90
N ILE E 110 25.43 40.41 15.82
CA ILE E 110 24.62 39.45 16.58
C ILE E 110 23.16 39.80 16.37
N PHE E 111 22.35 38.77 16.14
CA PHE E 111 20.92 38.93 15.91
C PHE E 111 20.16 38.04 16.88
N VAL E 112 19.26 38.65 17.64
CA VAL E 112 18.29 37.92 18.45
C VAL E 112 17.09 37.64 17.54
N CYS E 113 16.92 36.37 17.18
CA CYS E 113 16.09 36.02 16.03
C CYS E 113 14.74 35.41 16.37
N GLY E 114 14.44 35.16 17.64
CA GLY E 114 13.11 34.66 17.91
C GLY E 114 12.99 33.96 19.24
N GLY E 115 11.75 33.87 19.70
CA GLY E 115 11.43 33.36 21.01
C GLY E 115 10.95 34.48 21.91
N GLU E 116 9.68 34.43 22.33
CA GLU E 116 9.18 35.45 23.24
C GLU E 116 10.03 35.54 24.50
N SER E 117 10.45 34.38 25.03
CA SER E 117 11.32 34.40 26.20
C SER E 117 12.67 35.06 25.88
N ILE E 118 13.24 34.71 24.72
CA ILE E 118 14.53 35.28 24.33
C ILE E 118 14.40 36.78 24.12
N TYR E 119 13.38 37.22 23.37
CA TYR E 119 13.13 38.64 23.19
C TYR E 119 12.98 39.35 24.53
N ARG E 120 12.18 38.76 25.42
CA ARG E 120 11.82 39.43 26.65
C ARG E 120 13.03 39.62 27.56
N ASP E 121 13.84 38.57 27.74
CA ASP E 121 14.99 38.74 28.62
C ASP E 121 16.23 39.25 27.89
N ALA E 122 16.15 39.49 26.58
CA ALA E 122 17.18 40.28 25.92
C ALA E 122 16.89 41.77 26.02
N LEU E 123 15.60 42.15 26.02
CA LEU E 123 15.26 43.55 26.27
C LEU E 123 15.38 43.89 27.75
N LYS E 124 15.00 42.96 28.63
CA LYS E 124 15.12 43.20 30.07
C LYS E 124 16.58 43.31 30.51
N ASP E 125 17.45 42.48 29.95
CA ASP E 125 18.87 42.52 30.28
C ASP E 125 19.62 43.62 29.54
N ASN E 126 18.94 44.38 28.68
CA ASN E 126 19.52 45.54 28.01
C ASN E 126 20.71 45.14 27.13
N PHE E 127 20.56 44.07 26.37
CA PHE E 127 21.58 43.62 25.43
C PHE E 127 21.35 44.13 24.01
N VAL E 128 20.19 44.72 23.74
CA VAL E 128 19.72 44.97 22.38
C VAL E 128 20.04 46.40 21.99
N ASP E 129 20.73 46.58 20.86
CA ASP E 129 21.00 47.89 20.30
C ASP E 129 19.95 48.32 19.29
N ARG E 130 19.51 47.40 18.42
CA ARG E 130 18.58 47.75 17.35
C ARG E 130 17.41 46.78 17.32
N ILE E 131 16.32 47.19 16.67
CA ILE E 131 15.13 46.35 16.51
C ILE E 131 14.65 46.49 15.07
N TYR E 132 14.62 45.37 14.34
CA TYR E 132 14.02 45.30 13.00
C TYR E 132 12.65 44.64 13.15
N LEU E 133 11.59 45.44 13.02
CA LEU E 133 10.22 44.99 13.27
C LEU E 133 9.44 44.98 11.96
N THR E 134 8.88 43.82 11.63
CA THR E 134 7.93 43.71 10.52
C THR E 134 6.53 43.73 11.12
N ARG E 135 5.80 44.81 10.87
CA ARG E 135 4.44 44.96 11.40
C ARG E 135 3.46 44.32 10.42
N VAL E 136 2.79 43.26 10.85
CA VAL E 136 1.85 42.52 10.02
C VAL E 136 0.43 42.91 10.42
N ALA E 137 -0.40 43.20 9.43
CA ALA E 137 -1.77 43.67 9.67
C ALA E 137 -2.74 42.49 9.69
N LEU E 138 -2.61 41.68 10.75
CA LEU E 138 -3.50 40.55 11.01
C LEU E 138 -3.77 40.50 12.50
N GLU E 139 -5.02 40.75 12.91
CA GLU E 139 -5.32 40.87 14.33
C GLU E 139 -6.50 40.05 14.82
N ASP E 140 -7.44 39.67 13.95
CA ASP E 140 -8.58 38.88 14.41
C ASP E 140 -8.34 37.38 14.30
N ILE E 141 -7.13 36.94 14.65
CA ILE E 141 -6.75 35.55 14.67
C ILE E 141 -6.17 35.22 16.03
N GLU E 142 -5.76 33.97 16.20
CA GLU E 142 -5.31 33.46 17.49
C GLU E 142 -3.80 33.49 17.58
N PHE E 143 -3.27 34.02 18.68
CA PHE E 143 -1.86 34.00 18.98
C PHE E 143 -1.65 33.35 20.34
N ASP E 144 -0.49 32.71 20.52
CA ASP E 144 -0.07 32.25 21.83
C ASP E 144 1.33 32.73 22.20
N THR E 145 2.00 33.45 21.29
CA THR E 145 3.34 33.97 21.52
C THR E 145 3.37 35.42 21.06
N TYR E 146 3.95 36.29 21.88
CA TYR E 146 3.90 37.72 21.62
C TYR E 146 5.28 38.33 21.69
N PHE E 147 5.50 39.36 20.89
CA PHE E 147 6.70 40.18 21.03
C PHE E 147 6.48 41.17 22.16
N PRO E 148 7.39 41.26 23.13
CA PRO E 148 7.16 42.16 24.27
C PRO E 148 7.07 43.61 23.83
N GLU E 149 6.46 44.43 24.70
CA GLU E 149 6.33 45.84 24.41
C GLU E 149 7.71 46.48 24.33
N ILE E 150 7.90 47.32 23.31
CA ILE E 150 9.19 47.98 23.08
C ILE E 150 9.42 48.99 24.19
N PRO E 151 10.53 48.90 24.92
CA PRO E 151 10.76 49.83 26.04
C PRO E 151 11.00 51.25 25.57
N GLU E 152 10.78 52.20 26.48
CA GLU E 152 10.86 53.61 26.16
C GLU E 152 12.26 54.06 25.76
N THR E 153 13.29 53.26 26.04
CA THR E 153 14.64 53.62 25.64
C THR E 153 14.85 53.52 24.13
N PHE E 154 13.90 52.97 23.38
CA PHE E 154 13.99 52.84 21.93
C PHE E 154 13.15 53.90 21.24
N LEU E 155 13.64 54.36 20.09
CA LEU E 155 12.90 55.30 19.26
C LEU E 155 12.90 54.81 17.82
N PRO E 156 11.80 54.99 17.10
CA PRO E 156 11.78 54.60 15.69
C PRO E 156 12.52 55.60 14.82
N VAL E 157 13.28 55.08 13.87
CA VAL E 157 14.06 55.89 12.94
C VAL E 157 13.71 55.61 11.49
N TYR E 158 12.86 54.63 11.21
CA TYR E 158 12.51 54.30 9.84
C TYR E 158 11.17 53.58 9.84
N MET E 159 10.35 53.88 8.85
CA MET E 159 9.08 53.19 8.64
C MET E 159 8.83 53.14 7.14
N SER E 160 8.86 51.93 6.58
CA SER E 160 8.76 51.77 5.14
C SER E 160 7.33 52.02 4.67
N GLN E 161 7.16 52.00 3.35
CA GLN E 161 5.84 51.97 2.76
C GLN E 161 5.16 50.64 3.07
N THR E 162 3.84 50.62 2.91
CA THR E 162 3.08 49.39 3.12
C THR E 162 3.26 48.48 1.91
N PHE E 163 3.57 47.21 2.19
CA PHE E 163 3.66 46.17 1.18
C PHE E 163 2.51 45.19 1.35
N CYS E 164 2.22 44.44 0.29
CA CYS E 164 1.09 43.52 0.25
C CYS E 164 1.53 42.15 -0.21
N THR E 165 1.16 41.12 0.56
CA THR E 165 1.35 39.73 0.16
C THR E 165 0.08 38.96 0.53
N LYS E 166 -0.56 38.37 -0.48
CA LYS E 166 -1.79 37.60 -0.30
C LYS E 166 -2.86 38.43 0.42
N ASN E 167 -3.01 39.68 -0.02
CA ASN E 167 -3.95 40.65 0.54
C ASN E 167 -3.63 41.00 2.00
N ILE E 168 -2.42 40.71 2.46
CA ILE E 168 -1.97 41.04 3.80
C ILE E 168 -1.02 42.22 3.73
N SER E 169 -1.32 43.28 4.48
CA SER E 169 -0.48 44.47 4.53
C SER E 169 0.58 44.33 5.61
N TYR E 170 1.77 44.84 5.32
CA TYR E 170 2.84 44.83 6.32
C TYR E 170 3.81 45.97 6.09
N ASP E 171 4.55 46.28 7.17
CA ASP E 171 5.49 47.38 7.26
C ASP E 171 6.84 46.86 7.74
N PHE E 172 7.88 47.64 7.47
CA PHE E 172 9.22 47.40 8.00
C PHE E 172 9.67 48.65 8.76
N MET E 173 10.08 48.47 10.01
CA MET E 173 10.51 49.56 10.87
C MET E 173 11.82 49.22 11.56
N ILE E 174 12.58 50.27 11.86
CA ILE E 174 13.82 50.17 12.62
C ILE E 174 13.68 51.01 13.87
N PHE E 175 14.00 50.42 15.02
CA PHE E 175 14.08 51.11 16.29
C PHE E 175 15.51 51.09 16.77
N GLU E 176 15.96 52.20 17.34
CA GLU E 176 17.30 52.28 17.88
C GLU E 176 17.26 52.78 19.31
N LYS E 177 18.10 52.19 20.15
CA LYS E 177 18.25 52.60 21.54
C LYS E 177 19.26 53.75 21.58
N GLN E 178 18.86 54.88 22.16
CA GLN E 178 19.70 56.06 22.21
C GLN E 178 19.99 56.43 23.65
N GLU E 179 21.01 57.29 23.83
CA GLU E 179 21.41 57.76 25.15
C GLU E 179 22.01 59.15 25.07
N LEU E 193 27.31 69.21 6.41
CA LEU E 193 28.16 69.79 7.45
C LEU E 193 27.46 70.98 8.11
N LYS E 194 27.89 71.29 9.34
CA LYS E 194 27.35 72.43 10.08
C LYS E 194 27.56 73.76 9.36
N SER E 195 28.55 73.84 8.46
CA SER E 195 28.83 75.10 7.78
C SER E 195 27.64 75.54 6.92
N ILE E 196 27.04 74.60 6.19
CA ILE E 196 25.89 74.93 5.35
C ILE E 196 24.72 75.39 6.19
N ASP E 197 24.43 74.67 7.28
CA ASP E 197 23.32 75.04 8.15
C ASP E 197 23.53 76.42 8.76
N ASP E 198 24.76 76.71 9.19
CA ASP E 198 25.06 78.01 9.78
C ASP E 198 24.92 79.12 8.74
N THR E 199 25.41 78.89 7.53
CA THR E 199 25.27 79.89 6.48
C THR E 199 23.80 80.16 6.16
N VAL E 200 22.99 79.09 6.08
CA VAL E 200 21.58 79.26 5.80
C VAL E 200 20.89 80.02 6.93
N ASP E 201 21.24 79.72 8.18
CA ASP E 201 20.64 80.43 9.31
C ASP E 201 21.02 81.90 9.30
N LEU E 202 22.28 82.21 8.98
CA LEU E 202 22.70 83.61 8.92
C LEU E 202 21.98 84.34 7.78
N LEU E 203 21.83 83.69 6.63
CA LEU E 203 21.10 84.31 5.53
C LEU E 203 19.64 84.55 5.89
N GLY E 204 19.05 83.62 6.66
CA GLY E 204 17.69 83.84 7.13
C GLY E 204 17.57 84.88 8.22
N GLU E 205 18.66 85.16 8.93
CA GLU E 205 18.65 86.27 9.88
C GLU E 205 18.76 87.61 9.16
N ILE E 206 19.61 87.68 8.13
CA ILE E 206 19.75 88.90 7.34
C ILE E 206 18.46 89.20 6.61
N PHE E 207 18.11 88.36 5.64
CA PHE E 207 16.84 88.51 4.93
C PHE E 207 15.70 87.95 5.78
N GLY E 208 14.59 88.67 5.81
CA GLY E 208 13.48 88.21 6.63
C GLY E 208 12.66 87.17 5.90
N ILE E 209 11.40 87.51 5.60
CA ILE E 209 10.60 86.68 4.70
C ILE E 209 11.01 86.86 3.25
N ARG E 210 12.02 87.70 2.99
CA ARG E 210 12.57 87.83 1.65
C ARG E 210 13.22 86.52 1.19
N LYS E 211 13.71 85.72 2.12
CA LYS E 211 14.28 84.42 1.81
C LYS E 211 13.16 83.38 1.87
N MET E 212 12.89 82.74 0.73
CA MET E 212 11.72 81.88 0.59
C MET E 212 11.74 80.73 1.59
N GLY E 213 12.92 80.29 2.01
CA GLY E 213 13.01 79.26 3.03
C GLY E 213 12.33 79.66 4.33
N ASN E 214 12.39 80.94 4.69
CA ASN E 214 11.72 81.40 5.91
C ASN E 214 10.19 81.37 5.77
N ARG E 215 9.68 81.34 4.54
CA ARG E 215 8.25 81.18 4.32
C ARG E 215 7.82 79.72 4.27
N HIS E 216 8.78 78.79 4.22
CA HIS E 216 8.53 77.36 4.24
C HIS E 216 9.39 76.71 5.32
N LYS E 217 9.21 77.17 6.56
CA LYS E 217 10.02 76.68 7.67
C LYS E 217 9.71 75.23 7.99
N PHE E 218 10.75 74.47 8.35
CA PHE E 218 10.55 73.09 8.75
C PHE E 218 9.76 73.05 10.06
N PRO E 219 8.79 72.14 10.19
CA PRO E 219 7.95 72.13 11.39
C PRO E 219 8.75 71.83 12.64
N LYS E 220 8.39 72.52 13.74
CA LYS E 220 8.99 72.25 15.03
C LYS E 220 8.65 70.84 15.48
N GLU E 221 9.47 70.31 16.39
CA GLU E 221 9.30 68.93 16.83
C GLU E 221 7.94 68.70 17.49
N GLU E 222 7.41 69.70 18.18
CA GLU E 222 6.15 69.51 18.91
C GLU E 222 4.96 69.30 17.99
N ILE E 223 5.07 69.65 16.71
CA ILE E 223 3.98 69.47 15.77
C ILE E 223 4.37 68.52 14.64
N TYR E 224 5.45 67.76 14.82
CA TYR E 224 5.93 66.81 13.83
C TYR E 224 5.61 65.40 14.29
N ASN E 225 4.93 64.64 13.45
CA ASN E 225 4.52 63.29 13.82
C ASN E 225 5.73 62.36 13.88
N THR E 226 5.87 61.66 15.00
CA THR E 226 6.96 60.72 15.27
C THR E 226 8.29 61.37 14.92
N PRO E 227 8.75 62.34 15.71
CA PRO E 227 9.90 63.15 15.29
C PRO E 227 11.21 62.38 15.16
N SER E 228 11.36 61.25 15.85
CA SER E 228 12.61 60.51 15.79
C SER E 228 12.86 59.90 14.41
N ILE E 229 11.82 59.77 13.58
CA ILE E 229 11.98 59.28 12.21
C ILE E 229 12.32 60.51 11.37
N ARG E 230 13.61 60.76 11.19
CA ARG E 230 14.08 61.94 10.48
C ARG E 230 14.34 61.65 9.00
N PHE E 231 15.06 60.55 8.72
CA PHE E 231 15.48 60.23 7.37
C PHE E 231 14.75 59.03 6.78
N GLY E 232 13.79 58.45 7.49
CA GLY E 232 13.12 57.27 7.02
C GLY E 232 11.61 57.39 7.00
N ARG E 233 11.10 58.55 6.56
CA ARG E 233 9.66 58.79 6.49
C ARG E 233 9.09 58.28 5.18
N GLU E 234 9.22 56.97 4.99
CA GLU E 234 8.83 56.36 3.73
C GLU E 234 7.34 56.06 3.66
N HIS E 235 6.72 55.71 4.79
CA HIS E 235 5.28 55.46 4.81
C HIS E 235 4.53 56.68 4.28
N TYR E 236 3.75 56.48 3.22
CA TYR E 236 3.16 57.61 2.52
C TYR E 236 2.01 58.25 3.29
N GLU E 237 1.62 57.74 4.46
CA GLU E 237 0.73 58.53 5.30
C GLU E 237 1.44 59.75 5.86
N PHE E 238 2.77 59.71 5.93
CA PHE E 238 3.53 60.90 6.31
C PHE E 238 3.34 62.04 5.31
N GLN E 239 2.92 61.73 4.08
CA GLN E 239 2.65 62.79 3.11
C GLN E 239 1.49 63.67 3.55
N TYR E 240 0.58 63.14 4.35
CA TYR E 240 -0.54 63.90 4.89
C TYR E 240 -0.20 64.54 6.23
N LEU E 241 0.42 63.77 7.14
CA LEU E 241 0.75 64.30 8.46
C LEU E 241 1.78 65.42 8.36
N ASP E 242 2.76 65.28 7.46
CA ASP E 242 3.76 66.32 7.30
C ASP E 242 3.16 67.59 6.69
N LEU E 243 2.15 67.44 5.84
CA LEU E 243 1.44 68.62 5.34
C LEU E 243 0.66 69.31 6.47
N LEU E 244 0.02 68.51 7.33
CA LEU E 244 -0.58 69.06 8.54
C LEU E 244 0.44 69.87 9.34
N SER E 245 1.63 69.30 9.53
CA SER E 245 2.68 69.98 10.29
C SER E 245 3.13 71.27 9.61
N ARG E 246 3.29 71.23 8.28
CA ARG E 246 3.72 72.42 7.55
C ARG E 246 2.68 73.53 7.68
N VAL E 247 1.40 73.19 7.64
CA VAL E 247 0.37 74.21 7.81
C VAL E 247 0.39 74.76 9.23
N LEU E 248 0.54 73.89 10.23
CA LEU E 248 0.61 74.38 11.60
C LEU E 248 1.81 75.28 11.81
N GLU E 249 2.90 75.05 11.07
CA GLU E 249 4.10 75.84 11.27
C GLU E 249 4.03 77.19 10.55
N ASN E 250 3.65 77.18 9.27
CA ASN E 250 3.75 78.37 8.43
C ASN E 250 2.39 78.95 8.03
N GLY E 251 1.28 78.35 8.48
CA GLY E 251 -0.03 78.78 8.01
C GLY E 251 -0.36 80.19 8.46
N ALA E 252 -0.68 81.06 7.51
CA ALA E 252 -1.16 82.40 7.82
C ALA E 252 -2.61 82.35 8.26
N TYR E 253 -2.93 83.14 9.28
CA TYR E 253 -4.29 83.21 9.82
C TYR E 253 -5.16 84.07 8.90
N ARG E 254 -6.19 83.46 8.33
CA ARG E 254 -6.99 84.13 7.31
C ARG E 254 -8.47 83.84 7.53
N GLU E 255 -9.30 84.81 7.17
CA GLU E 255 -10.75 84.65 7.18
C GLU E 255 -11.22 84.16 5.81
N ASN E 256 -12.41 83.56 5.79
CA ASN E 256 -13.00 83.04 4.56
C ASN E 256 -14.51 83.28 4.60
N ARG E 257 -15.20 82.76 3.59
CA ARG E 257 -16.64 82.98 3.47
C ARG E 257 -17.43 82.42 4.66
N THR E 258 -16.89 81.44 5.37
CA THR E 258 -17.53 80.94 6.57
C THR E 258 -17.08 81.75 7.77
N GLY E 259 -17.78 81.56 8.89
CA GLY E 259 -17.38 82.28 10.10
C GLY E 259 -16.12 81.75 10.75
N ILE E 260 -15.62 80.61 10.31
CA ILE E 260 -14.47 79.95 10.92
C ILE E 260 -13.23 80.28 10.11
N SER E 261 -12.27 80.96 10.74
CA SER E 261 -11.01 81.28 10.08
C SER E 261 -10.10 80.05 10.03
N THR E 262 -9.12 80.10 9.14
CA THR E 262 -8.20 79.01 8.93
C THR E 262 -6.76 79.49 9.08
N TYR E 263 -5.86 78.52 9.18
CA TYR E 263 -4.43 78.72 8.97
C TYR E 263 -4.09 78.08 7.63
N SER E 264 -3.53 78.88 6.72
CA SER E 264 -3.48 78.51 5.31
C SER E 264 -2.08 78.68 4.73
N ILE E 265 -1.72 77.76 3.82
CA ILE E 265 -0.56 77.93 2.95
C ILE E 265 -0.98 77.60 1.52
N PHE E 266 -0.11 77.93 0.57
CA PHE E 266 -0.43 77.84 -0.85
C PHE E 266 0.63 77.05 -1.59
N GLY E 267 0.20 76.02 -2.33
CA GLY E 267 1.09 75.22 -3.16
C GLY E 267 1.74 74.06 -2.44
N GLN E 268 1.05 72.91 -2.39
CA GLN E 268 1.59 71.73 -1.71
C GLN E 268 1.25 70.50 -2.54
N MET E 269 1.82 69.35 -2.16
CA MET E 269 1.54 68.12 -2.89
C MET E 269 1.71 66.92 -1.97
N MET E 270 1.04 65.83 -2.36
CA MET E 270 1.10 64.56 -1.65
C MET E 270 1.16 63.42 -2.66
N ARG E 271 2.04 62.44 -2.40
CA ARG E 271 2.15 61.24 -3.21
C ARG E 271 1.71 60.02 -2.41
N PHE E 272 1.04 59.08 -3.08
CA PHE E 272 0.61 57.85 -2.46
C PHE E 272 0.78 56.70 -3.44
N ASP E 273 1.29 55.58 -2.93
CA ASP E 273 1.32 54.35 -3.71
C ASP E 273 -0.04 53.68 -3.67
N MET E 274 -0.43 53.08 -4.80
CA MET E 274 -1.65 52.29 -4.86
C MET E 274 -1.41 50.88 -5.38
N ARG E 275 -0.16 50.50 -5.64
CA ARG E 275 0.13 49.15 -6.10
C ARG E 275 0.10 48.14 -4.96
N GLU E 276 0.65 48.51 -3.80
CA GLU E 276 0.83 47.58 -2.70
C GLU E 276 -0.05 47.91 -1.49
N SER E 277 -0.90 48.92 -1.57
CA SER E 277 -1.75 49.30 -0.45
C SER E 277 -2.78 50.30 -0.93
N PHE E 278 -3.71 50.65 -0.03
CA PHE E 278 -4.76 51.61 -0.29
C PHE E 278 -4.63 52.79 0.67
N PRO E 279 -4.47 54.02 0.19
CA PRO E 279 -4.14 55.13 1.09
C PRO E 279 -5.32 55.59 1.94
N LEU E 280 -5.76 54.75 2.87
CA LEU E 280 -6.78 55.10 3.84
C LEU E 280 -6.08 55.38 5.16
N LEU E 281 -6.23 56.60 5.68
CA LEU E 281 -5.45 57.02 6.84
C LEU E 281 -5.69 56.10 8.02
N THR E 282 -4.62 55.79 8.74
CA THR E 282 -4.69 54.93 9.92
C THR E 282 -4.64 55.70 11.23
N THR E 283 -4.14 56.94 11.22
CA THR E 283 -4.07 57.74 12.45
C THR E 283 -5.43 58.28 12.87
N LYS E 284 -6.47 57.81 12.20
CA LYS E 284 -7.84 58.24 12.44
C LYS E 284 -8.79 57.36 11.64
N LYS E 285 -9.86 56.86 12.28
CA LYS E 285 -10.82 56.02 11.58
C LYS E 285 -11.60 56.86 10.57
N VAL E 286 -11.49 56.49 9.29
CA VAL E 286 -12.10 57.26 8.20
C VAL E 286 -13.35 56.54 7.73
N ALA E 287 -14.41 57.31 7.51
CA ALA E 287 -15.70 56.78 7.05
C ALA E 287 -15.61 56.40 5.58
N ILE E 288 -15.12 55.19 5.33
CA ILE E 288 -14.89 54.74 3.96
C ILE E 288 -16.20 54.55 3.20
N ARG E 289 -17.27 54.16 3.89
CA ARG E 289 -18.54 53.92 3.22
C ARG E 289 -19.12 55.23 2.67
N SER E 290 -19.06 56.30 3.46
CA SER E 290 -19.54 57.60 2.97
C SER E 290 -18.72 58.05 1.77
N ILE E 291 -17.42 57.78 1.78
CA ILE E 291 -16.57 58.13 0.65
C ILE E 291 -17.02 57.38 -0.60
N PHE E 292 -17.21 56.07 -0.49
CA PHE E 292 -17.64 55.29 -1.65
C PHE E 292 -19.00 55.76 -2.14
N GLU E 293 -19.91 56.05 -1.22
CA GLU E 293 -21.26 56.45 -1.62
C GLU E 293 -21.23 57.78 -2.36
N GLU E 294 -20.45 58.74 -1.85
CA GLU E 294 -20.29 60.01 -2.56
C GLU E 294 -19.65 59.80 -3.93
N LEU E 295 -18.69 58.89 -4.03
CA LEU E 295 -18.02 58.68 -5.31
C LEU E 295 -18.95 58.07 -6.34
N ILE E 296 -19.73 57.05 -5.94
CA ILE E 296 -20.65 56.44 -6.90
C ILE E 296 -21.78 57.41 -7.22
N TRP E 297 -22.11 58.29 -6.27
CA TRP E 297 -23.07 59.36 -6.53
C TRP E 297 -22.54 60.31 -7.59
N PHE E 298 -21.24 60.63 -7.55
CA PHE E 298 -20.62 61.41 -8.61
C PHE E 298 -20.68 60.67 -9.94
N ILE E 299 -20.30 59.39 -9.93
CA ILE E 299 -20.16 58.63 -11.17
C ILE E 299 -21.51 58.51 -11.88
N LYS E 300 -22.57 58.25 -11.12
CA LYS E 300 -23.90 58.13 -11.72
C LYS E 300 -24.42 59.44 -12.30
N GLY E 301 -23.73 60.56 -12.05
CA GLY E 301 -24.17 61.84 -12.54
C GLY E 301 -25.15 62.56 -11.65
N ASP E 302 -25.32 62.12 -10.42
CA ASP E 302 -26.40 62.58 -9.55
C ASP E 302 -25.99 63.84 -8.79
N THR E 303 -26.95 64.76 -8.66
CA THR E 303 -26.76 65.97 -7.85
C THR E 303 -27.83 66.10 -6.78
N ASN E 304 -28.60 65.04 -6.53
CA ASN E 304 -29.67 65.06 -5.53
C ASN E 304 -29.09 64.60 -4.18
N GLY E 305 -28.98 65.55 -3.23
CA GLY E 305 -28.46 65.22 -1.93
C GLY E 305 -29.33 64.28 -1.12
N ASN E 306 -30.62 64.18 -1.47
CA ASN E 306 -31.49 63.25 -0.76
C ASN E 306 -31.09 61.82 -1.02
N HIS E 307 -30.49 61.53 -2.18
CA HIS E 307 -30.05 60.16 -2.43
C HIS E 307 -28.89 59.79 -1.51
N LEU E 308 -28.09 60.77 -1.08
CA LEU E 308 -27.06 60.50 -0.09
C LEU E 308 -27.65 60.42 1.32
N ILE E 309 -28.62 61.28 1.62
CA ILE E 309 -29.22 61.26 2.95
C ILE E 309 -29.99 59.95 3.17
N GLU E 310 -30.62 59.42 2.12
CA GLU E 310 -31.35 58.16 2.23
C GLU E 310 -30.42 57.00 2.53
N LYS E 311 -29.19 57.06 2.06
CA LYS E 311 -28.18 56.06 2.38
C LYS E 311 -27.39 56.43 3.64
N LYS E 312 -27.93 57.34 4.46
CA LYS E 312 -27.33 57.73 5.74
C LYS E 312 -25.94 58.33 5.58
N VAL E 313 -25.78 59.16 4.55
CA VAL E 313 -24.56 59.91 4.31
C VAL E 313 -24.93 61.38 4.33
N TYR E 314 -24.42 62.13 5.31
CA TYR E 314 -24.86 63.50 5.57
C TYR E 314 -23.74 64.52 5.34
N ILE E 315 -22.78 64.21 4.47
CA ILE E 315 -21.67 65.14 4.28
C ILE E 315 -22.08 66.36 3.46
N TRP E 316 -23.10 66.23 2.63
CA TRP E 316 -23.57 67.35 1.79
C TRP E 316 -24.83 68.02 2.34
N SER E 317 -25.20 67.75 3.60
CA SER E 317 -26.38 68.36 4.16
C SER E 317 -26.17 69.85 4.42
N GLY E 318 -24.99 70.23 4.92
CA GLY E 318 -24.76 71.61 5.28
C GLY E 318 -24.84 72.56 4.09
N ASN E 319 -24.25 72.17 2.97
CA ASN E 319 -24.27 72.98 1.77
C ASN E 319 -25.53 72.76 0.94
N GLY E 320 -26.53 72.06 1.49
CA GLY E 320 -27.77 71.84 0.79
C GLY E 320 -28.97 72.03 1.69
N SER E 321 -28.92 73.03 2.57
CA SER E 321 -30.04 73.36 3.43
C SER E 321 -30.75 74.59 2.89
N LYS E 322 -32.01 74.75 3.31
CA LYS E 322 -32.79 75.90 2.86
C LYS E 322 -32.12 77.20 3.27
N GLU E 323 -31.59 77.26 4.50
CA GLU E 323 -30.95 78.47 4.98
C GLU E 323 -29.67 78.78 4.20
N TYR E 324 -28.82 77.77 3.99
CA TYR E 324 -27.58 78.00 3.25
C TYR E 324 -27.86 78.37 1.80
N LEU E 325 -28.82 77.69 1.16
CA LEU E 325 -29.13 77.99 -0.23
C LEU E 325 -29.72 79.39 -0.38
N GLU E 326 -30.62 79.78 0.53
CA GLU E 326 -31.15 81.14 0.50
C GLU E 326 -30.04 82.16 0.79
N ARG E 327 -29.06 81.79 1.59
CA ARG E 327 -28.00 82.74 1.96
C ARG E 327 -27.06 83.02 0.80
N ILE E 328 -26.77 82.00 -0.02
CA ILE E 328 -25.82 82.18 -1.11
C ILE E 328 -26.55 82.60 -2.38
N GLY E 329 -27.86 82.84 -2.27
CA GLY E 329 -28.64 83.32 -3.38
C GLY E 329 -29.36 82.29 -4.21
N LEU E 330 -29.59 81.09 -3.66
CA LEU E 330 -30.30 80.05 -4.39
C LEU E 330 -31.58 79.66 -3.65
N GLY E 331 -32.34 80.67 -3.20
CA GLY E 331 -33.57 80.41 -2.46
C GLY E 331 -34.64 79.73 -3.29
N HIS E 332 -34.59 79.89 -4.61
CA HIS E 332 -35.51 79.19 -5.50
C HIS E 332 -35.29 77.70 -5.52
N ARG E 333 -34.09 77.26 -5.17
CA ARG E 333 -33.71 75.86 -5.30
C ARG E 333 -34.43 74.99 -4.27
N GLU E 334 -34.69 73.75 -4.65
CA GLU E 334 -35.28 72.80 -3.71
C GLU E 334 -34.28 72.48 -2.61
N GLU E 335 -34.79 71.89 -1.52
CA GLU E 335 -34.04 71.70 -0.29
C GLU E 335 -32.61 71.22 -0.55
N ASN E 336 -32.45 70.02 -1.09
CA ASN E 336 -31.13 69.43 -1.29
C ASN E 336 -30.72 69.37 -2.76
N ASP E 337 -31.16 70.33 -3.57
CA ASP E 337 -30.77 70.40 -4.97
C ASP E 337 -29.46 71.18 -5.06
N LEU E 338 -28.36 70.46 -5.18
CA LEU E 338 -27.03 71.06 -5.13
C LEU E 338 -26.62 71.75 -6.42
N GLY E 339 -27.37 71.57 -7.51
CA GLY E 339 -27.04 72.19 -8.76
C GLY E 339 -26.01 71.42 -9.56
N PRO E 340 -25.54 72.01 -10.66
CA PRO E 340 -24.58 71.30 -11.53
C PRO E 340 -23.19 71.24 -10.93
N ILE E 341 -22.89 70.18 -10.19
CA ILE E 341 -21.63 70.09 -9.45
C ILE E 341 -20.88 68.85 -9.94
N TYR E 342 -20.01 68.30 -9.08
CA TYR E 342 -19.36 67.03 -9.38
C TYR E 342 -20.39 66.02 -9.86
N GLY E 343 -20.09 65.37 -10.97
CA GLY E 343 -20.97 64.38 -11.54
C GLY E 343 -21.99 64.94 -12.51
N PHE E 344 -22.23 66.24 -12.50
CA PHE E 344 -22.97 66.82 -13.60
C PHE E 344 -22.04 67.43 -14.63
N GLN E 345 -20.89 67.94 -14.22
CA GLN E 345 -19.83 68.25 -15.16
C GLN E 345 -19.10 67.00 -15.62
N TRP E 346 -19.11 65.94 -14.81
CA TRP E 346 -18.47 64.69 -15.23
C TRP E 346 -19.25 64.03 -16.37
N ARG E 347 -20.57 64.03 -16.28
CA ARG E 347 -21.41 63.29 -17.23
C ARG E 347 -22.15 64.18 -18.22
N HIS E 348 -22.41 65.45 -17.87
CA HIS E 348 -23.17 66.34 -18.73
C HIS E 348 -22.51 67.73 -18.72
N TYR E 349 -21.25 67.78 -19.14
CA TYR E 349 -20.51 69.05 -19.11
C TYR E 349 -21.13 70.05 -20.06
N ASN E 350 -21.25 71.30 -19.59
CA ASN E 350 -21.90 72.40 -20.32
C ASN E 350 -23.38 72.14 -20.58
N GLY E 351 -24.00 71.24 -19.81
CA GLY E 351 -25.41 70.98 -19.99
C GLY E 351 -26.26 72.00 -19.24
N GLU E 352 -27.34 72.43 -19.88
CA GLU E 352 -28.26 73.39 -19.27
C GLU E 352 -28.98 72.74 -18.10
N TYR E 353 -28.63 73.15 -16.88
CA TYR E 353 -29.21 72.56 -15.69
C TYR E 353 -30.55 73.22 -15.36
N LYS E 354 -31.51 72.41 -14.94
CA LYS E 354 -32.80 72.92 -14.50
C LYS E 354 -33.01 72.60 -13.02
N THR E 355 -33.42 71.37 -12.74
CA THR E 355 -33.53 70.86 -11.37
C THR E 355 -32.88 69.49 -11.31
N MET E 356 -32.88 68.92 -10.10
CA MET E 356 -32.32 67.59 -9.89
C MET E 356 -33.27 66.47 -10.29
N HIS E 357 -34.51 66.80 -10.67
CA HIS E 357 -35.51 65.80 -11.04
C HIS E 357 -35.59 65.57 -12.54
N ASP E 358 -34.98 66.43 -13.34
CA ASP E 358 -35.12 66.36 -14.78
C ASP E 358 -34.22 65.28 -15.38
N ASP E 359 -34.48 64.96 -16.64
CA ASP E 359 -33.73 63.96 -17.38
C ASP E 359 -32.64 64.64 -18.20
N TYR E 360 -31.39 64.28 -17.93
CA TYR E 360 -30.25 64.87 -18.61
C TYR E 360 -29.52 63.86 -19.50
N THR E 361 -30.13 62.71 -19.77
CA THR E 361 -29.51 61.72 -20.63
C THR E 361 -29.38 62.27 -22.05
N GLY E 362 -28.14 62.50 -22.49
CA GLY E 362 -27.85 63.01 -23.82
C GLY E 362 -27.31 64.42 -23.84
N VAL E 363 -27.64 65.24 -22.84
CA VAL E 363 -27.21 66.62 -22.80
C VAL E 363 -25.82 66.70 -22.19
N GLY E 364 -25.02 67.63 -22.71
CA GLY E 364 -23.68 67.85 -22.20
C GLY E 364 -22.68 66.83 -22.69
N VAL E 365 -21.42 67.06 -22.36
CA VAL E 365 -20.32 66.19 -22.74
C VAL E 365 -20.10 65.18 -21.62
N ASP E 366 -20.11 63.89 -21.97
CA ASP E 366 -19.86 62.81 -21.02
C ASP E 366 -18.35 62.63 -20.92
N GLN E 367 -17.74 63.34 -19.97
CA GLN E 367 -16.30 63.27 -19.81
C GLN E 367 -15.84 61.89 -19.37
N LEU E 368 -16.62 61.26 -18.48
CA LEU E 368 -16.20 59.97 -17.92
C LEU E 368 -16.17 58.89 -18.99
N ALA E 369 -17.19 58.85 -19.86
CA ALA E 369 -17.24 57.84 -20.91
C ALA E 369 -16.10 58.03 -21.90
N LYS E 370 -15.87 59.27 -22.33
CA LYS E 370 -14.76 59.54 -23.24
C LYS E 370 -13.42 59.22 -22.58
N LEU E 371 -13.31 59.47 -21.28
CA LEU E 371 -12.09 59.14 -20.55
C LEU E 371 -11.83 57.64 -20.57
N ILE E 372 -12.86 56.84 -20.29
CA ILE E 372 -12.69 55.39 -20.31
C ILE E 372 -12.34 54.91 -21.72
N GLU E 373 -13.04 55.44 -22.72
CA GLU E 373 -12.79 55.04 -24.11
C GLU E 373 -11.37 55.36 -24.53
N THR E 374 -10.88 56.56 -24.18
CA THR E 374 -9.52 56.95 -24.53
C THR E 374 -8.48 56.19 -23.71
N LEU E 375 -8.80 55.87 -22.45
CA LEU E 375 -7.85 55.13 -21.62
C LEU E 375 -7.62 53.74 -22.18
N LYS E 376 -8.67 53.08 -22.67
CA LYS E 376 -8.46 51.73 -23.20
C LYS E 376 -8.25 51.68 -24.70
N ASN E 377 -8.39 52.80 -25.41
CA ASN E 377 -8.12 52.81 -26.85
C ASN E 377 -6.84 53.55 -27.22
N ASN E 378 -6.41 54.53 -26.43
CA ASN E 378 -5.18 55.28 -26.69
C ASN E 378 -4.52 55.53 -25.34
N PRO E 379 -3.86 54.51 -24.77
CA PRO E 379 -3.37 54.65 -23.39
C PRO E 379 -2.25 55.67 -23.25
N LYS E 380 -1.33 55.75 -24.20
CA LYS E 380 -0.21 56.68 -24.10
C LYS E 380 -0.60 58.11 -24.46
N ASP E 381 -1.88 58.36 -24.72
CA ASP E 381 -2.35 59.71 -24.96
C ASP E 381 -2.13 60.57 -23.71
N ARG E 382 -1.79 61.83 -23.93
CA ARG E 382 -1.48 62.76 -22.84
C ARG E 382 -2.64 63.72 -22.56
N ARG E 383 -3.87 63.29 -22.81
CA ARG E 383 -5.04 64.14 -22.67
C ARG E 383 -6.17 63.46 -21.89
N HIS E 384 -5.84 62.43 -21.10
CA HIS E 384 -6.84 61.80 -20.23
C HIS E 384 -7.19 62.73 -19.09
N ILE E 385 -8.16 63.63 -19.30
CA ILE E 385 -8.43 64.71 -18.37
C ILE E 385 -9.92 64.75 -18.04
N LEU E 386 -10.22 64.90 -16.75
CA LEU E 386 -11.58 65.09 -16.24
C LEU E 386 -11.62 66.37 -15.44
N THR E 387 -12.42 67.33 -15.89
CA THR E 387 -12.50 68.64 -15.23
C THR E 387 -13.91 68.88 -14.72
N ALA E 388 -13.99 69.66 -13.65
CA ALA E 388 -15.27 70.09 -13.10
C ALA E 388 -15.41 71.60 -13.04
N TRP E 389 -14.36 72.35 -13.42
CA TRP E 389 -14.39 73.80 -13.33
C TRP E 389 -15.04 74.35 -14.59
N ASN E 390 -16.32 74.72 -14.48
CA ASN E 390 -17.09 75.28 -15.59
C ASN E 390 -17.49 76.70 -15.21
N PRO E 391 -16.78 77.71 -15.71
CA PRO E 391 -17.13 79.10 -15.34
C PRO E 391 -18.56 79.48 -15.67
N SER E 392 -19.17 78.83 -16.67
CA SER E 392 -20.54 79.16 -17.03
C SER E 392 -21.55 78.67 -16.00
N ALA E 393 -21.19 77.69 -15.18
CA ALA E 393 -22.13 77.09 -14.24
C ALA E 393 -21.78 77.33 -12.77
N LEU E 394 -20.71 78.09 -12.48
CA LEU E 394 -20.29 78.26 -11.09
C LEU E 394 -21.39 78.92 -10.25
N SER E 395 -22.10 79.89 -10.82
CA SER E 395 -23.10 80.62 -10.06
C SER E 395 -24.28 79.72 -9.67
N GLN E 396 -24.56 78.69 -10.47
CA GLN E 396 -25.66 77.78 -10.17
C GLN E 396 -25.30 76.71 -9.16
N MET E 397 -24.02 76.58 -8.80
CA MET E 397 -23.60 75.49 -7.92
C MET E 397 -23.80 75.88 -6.47
N ALA E 398 -24.21 74.91 -5.66
CA ALA E 398 -24.27 75.13 -4.21
C ALA E 398 -22.89 75.35 -3.64
N LEU E 399 -21.86 74.84 -4.30
CA LEU E 399 -20.47 75.02 -3.90
C LEU E 399 -19.59 74.75 -5.11
N PRO E 400 -18.68 75.65 -5.46
CA PRO E 400 -17.79 75.42 -6.59
C PRO E 400 -16.89 74.22 -6.33
N PRO E 401 -16.39 73.57 -7.39
CA PRO E 401 -15.62 72.34 -7.19
C PRO E 401 -14.33 72.59 -6.42
N CYS E 402 -14.06 71.72 -5.45
CA CYS E 402 -12.81 71.76 -4.71
C CYS E 402 -11.74 70.92 -5.40
N HIS E 403 -11.99 69.62 -5.57
CA HIS E 403 -11.12 68.83 -6.44
C HIS E 403 -11.46 69.22 -7.88
N VAL E 404 -10.64 70.11 -8.44
CA VAL E 404 -11.02 70.83 -9.65
C VAL E 404 -10.70 70.02 -10.90
N LEU E 405 -9.51 69.46 -11.00
CA LEU E 405 -9.13 68.80 -12.23
C LEU E 405 -8.36 67.52 -11.93
N SER E 406 -8.50 66.52 -12.81
CA SER E 406 -7.77 65.28 -12.63
C SER E 406 -7.28 64.75 -13.98
N GLN E 407 -6.09 64.16 -13.97
CA GLN E 407 -5.48 63.59 -15.16
C GLN E 407 -5.06 62.16 -14.87
N TYR E 408 -5.07 61.33 -15.90
CA TYR E 408 -4.81 59.90 -15.75
C TYR E 408 -3.76 59.46 -16.75
N TYR E 409 -2.97 58.46 -16.34
CA TYR E 409 -1.75 58.09 -17.04
C TYR E 409 -1.61 56.57 -17.02
N VAL E 410 -1.28 55.99 -18.17
CA VAL E 410 -1.10 54.55 -18.29
C VAL E 410 0.39 54.27 -18.42
N THR E 411 0.95 53.55 -17.46
CA THR E 411 2.36 53.22 -17.49
C THR E 411 2.63 52.13 -18.52
N ASN E 412 3.91 51.91 -18.80
CA ASN E 412 4.30 50.89 -19.77
C ASN E 412 4.00 49.49 -19.25
N ASP E 413 4.00 49.31 -17.92
CA ASP E 413 3.61 48.04 -17.32
C ASP E 413 2.12 48.00 -16.96
N ASN E 414 1.29 48.77 -17.67
CA ASN E 414 -0.17 48.66 -17.62
C ASN E 414 -0.72 48.98 -16.23
N CYS E 415 -0.22 50.04 -15.63
CA CYS E 415 -0.76 50.59 -14.39
C CYS E 415 -1.39 51.95 -14.66
N LEU E 416 -2.41 52.30 -13.87
CA LEU E 416 -3.15 53.54 -14.04
C LEU E 416 -2.84 54.47 -12.86
N SER E 417 -2.17 55.58 -13.15
CA SER E 417 -1.87 56.60 -12.15
C SER E 417 -2.76 57.83 -12.36
N CYS E 418 -2.95 58.58 -11.27
CA CYS E 418 -3.86 59.71 -11.25
C CYS E 418 -3.20 60.92 -10.60
N ASN E 419 -3.34 62.08 -11.23
CA ASN E 419 -2.99 63.37 -10.66
C ASN E 419 -4.26 64.17 -10.43
N LEU E 420 -4.32 64.88 -9.31
CA LEU E 420 -5.49 65.69 -8.97
C LEU E 420 -5.03 67.07 -8.53
N TYR E 421 -5.54 68.11 -9.17
CA TYR E 421 -5.39 69.47 -8.69
C TYR E 421 -6.66 69.88 -7.95
N GLN E 422 -6.48 70.28 -6.69
CA GLN E 422 -7.53 70.68 -5.77
C GLN E 422 -7.26 72.12 -5.35
N ARG E 423 -8.23 73.00 -5.63
CA ARG E 423 -8.02 74.43 -5.39
C ARG E 423 -8.01 74.78 -3.91
N SER E 424 -8.77 74.05 -3.11
CA SER E 424 -8.97 74.37 -1.69
C SER E 424 -9.08 73.07 -0.93
N CYS E 425 -8.34 72.96 0.18
CA CYS E 425 -8.19 71.69 0.89
C CYS E 425 -8.39 71.91 2.38
N ASP E 426 -9.55 71.48 2.87
CA ASP E 426 -9.82 71.30 4.29
C ASP E 426 -9.08 70.05 4.76
N LEU E 427 -7.94 70.25 5.42
CA LEU E 427 -7.09 69.14 5.79
C LEU E 427 -7.69 68.26 6.89
N GLY E 428 -8.60 68.79 7.69
CA GLY E 428 -9.21 68.02 8.76
C GLY E 428 -10.27 67.05 8.28
N LEU E 429 -11.15 67.51 7.39
CA LEU E 429 -12.29 66.71 6.92
C LEU E 429 -12.19 66.35 5.45
N GLY E 430 -11.95 67.33 4.58
CA GLY E 430 -12.03 67.07 3.15
C GLY E 430 -10.88 66.23 2.61
N SER E 431 -9.67 66.44 3.13
CA SER E 431 -8.49 65.85 2.51
C SER E 431 -8.45 64.32 2.59
N PRO E 432 -8.68 63.69 3.75
CA PRO E 432 -8.71 62.21 3.75
C PRO E 432 -9.76 61.65 2.82
N PHE E 433 -10.93 62.31 2.78
CA PHE E 433 -11.97 61.93 1.85
C PHE E 433 -11.49 62.00 0.40
N ASN E 434 -10.81 63.09 0.05
CA ASN E 434 -10.32 63.25 -1.32
C ASN E 434 -9.30 62.17 -1.67
N ILE E 435 -8.37 61.90 -0.76
CA ILE E 435 -7.35 60.88 -0.99
C ILE E 435 -8.02 59.54 -1.28
N ALA E 436 -8.86 59.08 -0.35
CA ALA E 436 -9.51 57.78 -0.50
C ALA E 436 -10.41 57.76 -1.73
N SER E 437 -11.11 58.87 -2.01
CA SER E 437 -12.07 58.90 -3.10
C SER E 437 -11.38 58.77 -4.44
N TYR E 438 -10.31 59.55 -4.66
CA TYR E 438 -9.63 59.46 -5.94
C TYR E 438 -8.83 58.17 -6.08
N ALA E 439 -8.39 57.58 -4.95
CA ALA E 439 -7.83 56.25 -5.02
C ALA E 439 -8.85 55.24 -5.52
N ILE E 440 -10.06 55.24 -4.92
CA ILE E 440 -11.12 54.32 -5.34
C ILE E 440 -11.48 54.55 -6.80
N LEU E 441 -11.57 55.81 -7.21
CA LEU E 441 -11.94 56.11 -8.59
C LEU E 441 -10.88 55.59 -9.57
N THR E 442 -9.60 55.78 -9.24
CA THR E 442 -8.54 55.27 -10.11
C THR E 442 -8.59 53.76 -10.18
N MET E 443 -8.89 53.09 -9.06
CA MET E 443 -9.01 51.63 -9.08
C MET E 443 -10.18 51.17 -9.95
N MET E 444 -11.32 51.86 -9.84
CA MET E 444 -12.48 51.52 -10.67
C MET E 444 -12.15 51.68 -12.15
N LEU E 445 -11.54 52.81 -12.51
CA LEU E 445 -11.15 53.02 -13.90
C LEU E 445 -10.17 51.96 -14.36
N ALA E 446 -9.25 51.54 -13.49
CA ALA E 446 -8.29 50.51 -13.85
C ALA E 446 -8.97 49.19 -14.13
N GLN E 447 -9.94 48.80 -13.28
CA GLN E 447 -10.63 47.54 -13.54
C GLN E 447 -11.47 47.62 -14.81
N VAL E 448 -12.15 48.73 -15.03
CA VAL E 448 -13.00 48.85 -16.22
C VAL E 448 -12.15 48.89 -17.50
N CYS E 449 -10.93 49.42 -17.43
CA CYS E 449 -10.07 49.52 -18.59
C CYS E 449 -9.02 48.42 -18.66
N GLY E 450 -9.01 47.50 -17.70
CA GLY E 450 -8.09 46.38 -17.74
C GLY E 450 -6.66 46.69 -17.33
N TYR E 451 -6.48 47.58 -16.36
CA TYR E 451 -5.16 47.91 -15.83
C TYR E 451 -5.12 47.64 -14.34
N GLU E 452 -3.93 47.81 -13.77
CA GLU E 452 -3.72 47.75 -12.33
C GLU E 452 -3.59 49.15 -11.77
N PRO E 453 -3.88 49.35 -10.48
CA PRO E 453 -3.71 50.68 -9.90
C PRO E 453 -2.25 51.07 -9.82
N GLY E 454 -1.99 52.37 -10.05
CA GLY E 454 -0.62 52.89 -10.05
C GLY E 454 -0.31 53.78 -8.87
N GLU E 455 -0.14 55.08 -9.12
CA GLU E 455 0.18 56.06 -8.09
C GLU E 455 -0.87 57.16 -8.07
N LEU E 456 -0.97 57.86 -6.94
CA LEU E 456 -1.90 58.97 -6.78
C LEU E 456 -1.14 60.19 -6.29
N ALA E 457 -1.14 61.25 -7.08
CA ALA E 457 -0.53 62.52 -6.70
C ALA E 457 -1.62 63.59 -6.59
N ILE E 458 -1.61 64.32 -5.49
CA ILE E 458 -2.58 65.39 -5.24
C ILE E 458 -1.82 66.70 -5.10
N PHE E 459 -2.13 67.66 -5.96
CA PHE E 459 -1.55 69.00 -5.94
C PHE E 459 -2.58 69.99 -5.43
N ILE E 460 -2.20 70.78 -4.43
CA ILE E 460 -3.12 71.58 -3.63
C ILE E 460 -2.76 73.05 -3.73
N GLY E 461 -3.76 73.89 -3.95
CA GLY E 461 -3.60 75.33 -3.85
C GLY E 461 -3.66 75.78 -2.41
N ASP E 462 -4.85 76.15 -1.94
CA ASP E 462 -5.05 76.66 -0.58
C ASP E 462 -5.23 75.49 0.37
N ALA E 463 -4.13 75.03 0.98
CA ALA E 463 -4.19 73.98 1.99
C ALA E 463 -4.34 74.64 3.35
N HIS E 464 -5.42 74.33 4.06
CA HIS E 464 -5.73 75.06 5.28
C HIS E 464 -6.23 74.13 6.36
N ILE E 465 -6.16 74.62 7.60
CA ILE E 465 -6.70 73.95 8.78
C ILE E 465 -7.65 74.92 9.45
N TYR E 466 -8.91 74.49 9.65
CA TYR E 466 -9.87 75.31 10.36
C TYR E 466 -9.53 75.36 11.84
N GLU E 467 -9.70 76.54 12.45
CA GLU E 467 -9.20 76.75 13.80
C GLU E 467 -9.94 75.90 14.83
N ASN E 468 -11.15 75.43 14.53
CA ASN E 468 -11.85 74.53 15.43
C ASN E 468 -11.40 73.09 15.28
N HIS E 469 -10.37 72.83 14.48
CA HIS E 469 -9.78 71.50 14.36
C HIS E 469 -8.42 71.38 15.03
N LEU E 470 -7.87 72.48 15.57
CA LEU E 470 -6.50 72.49 16.06
C LEU E 470 -6.27 71.44 17.14
N THR E 471 -7.16 71.38 18.14
CA THR E 471 -7.05 70.34 19.14
C THR E 471 -7.12 68.94 18.52
N GLN E 472 -8.06 68.74 17.60
CA GLN E 472 -8.25 67.42 17.02
C GLN E 472 -7.02 66.98 16.22
N LEU E 473 -6.61 67.79 15.23
CA LEU E 473 -5.50 67.40 14.37
C LEU E 473 -4.22 67.20 15.16
N LYS E 474 -3.97 68.06 16.16
CA LYS E 474 -2.81 67.86 17.01
C LYS E 474 -2.86 66.50 17.71
N GLU E 475 -4.04 66.14 18.21
CA GLU E 475 -4.23 64.79 18.74
C GLU E 475 -3.86 63.75 17.69
N GLN E 476 -4.34 63.93 16.46
CA GLN E 476 -4.01 62.99 15.40
C GLN E 476 -2.51 62.94 15.14
N LEU E 477 -1.81 64.07 15.36
CA LEU E 477 -0.38 64.08 15.13
C LEU E 477 0.40 63.32 16.20
N SER E 478 -0.25 62.95 17.31
CA SER E 478 0.42 62.19 18.35
C SER E 478 0.41 60.69 18.09
N ARG E 479 -0.27 60.23 17.04
CA ARG E 479 -0.46 58.81 16.79
C ARG E 479 0.49 58.35 15.69
N THR E 480 1.35 57.39 16.02
CA THR E 480 2.27 56.86 15.03
C THR E 480 1.49 56.06 13.99
N PRO E 481 1.72 56.29 12.70
CA PRO E 481 0.91 55.61 11.68
C PRO E 481 1.13 54.10 11.67
N ARG E 482 0.08 53.39 11.26
CA ARG E 482 0.10 51.96 11.05
C ARG E 482 0.02 51.67 9.55
N PRO E 483 0.43 50.48 9.12
CA PRO E 483 0.45 50.18 7.68
C PRO E 483 -0.93 50.34 7.05
N PHE E 484 -0.94 50.83 5.82
CA PHE E 484 -2.17 51.03 5.08
C PHE E 484 -2.90 49.70 4.90
N PRO E 485 -4.22 49.71 4.78
CA PRO E 485 -4.94 48.47 4.48
C PRO E 485 -4.92 48.14 2.99
N GLN E 486 -5.67 47.11 2.60
CA GLN E 486 -5.90 46.77 1.21
C GLN E 486 -7.38 46.97 0.89
N LEU E 487 -7.65 47.31 -0.36
CA LEU E 487 -9.02 47.45 -0.84
C LEU E 487 -9.13 46.63 -2.13
N LYS E 488 -10.07 45.68 -2.15
CA LYS E 488 -10.24 44.80 -3.29
C LYS E 488 -11.70 44.83 -3.74
N PHE E 489 -11.91 44.50 -5.00
CA PHE E 489 -13.24 44.38 -5.58
C PHE E 489 -13.63 42.91 -5.65
N LYS E 490 -14.86 42.60 -5.23
CA LYS E 490 -15.30 41.21 -5.19
C LYS E 490 -15.70 40.68 -6.56
N ARG E 491 -16.12 41.56 -7.46
CA ARG E 491 -16.55 41.15 -8.80
C ARG E 491 -16.05 42.12 -9.84
N LYS E 492 -16.04 41.68 -11.09
CA LYS E 492 -15.67 42.51 -12.22
C LYS E 492 -16.94 43.05 -12.85
N VAL E 493 -17.16 44.36 -12.73
CA VAL E 493 -18.35 44.97 -13.28
C VAL E 493 -18.19 45.17 -14.78
N GLU E 494 -19.30 45.33 -15.48
CA GLU E 494 -19.26 45.61 -16.90
C GLU E 494 -19.29 47.11 -17.19
N ASN E 495 -19.93 47.90 -16.35
CA ASN E 495 -19.90 49.36 -16.45
C ASN E 495 -19.52 49.94 -15.10
N ILE E 496 -18.83 51.08 -15.14
CA ILE E 496 -18.33 51.69 -13.91
C ILE E 496 -19.46 52.12 -12.99
N GLU E 497 -20.67 52.26 -13.52
CA GLU E 497 -21.81 52.68 -12.70
C GLU E 497 -22.38 51.54 -11.87
N ASP E 498 -21.92 50.31 -12.07
CA ASP E 498 -22.51 49.15 -11.42
C ASP E 498 -21.87 48.82 -10.07
N PHE E 499 -20.88 49.58 -9.64
CA PHE E 499 -20.23 49.29 -8.37
C PHE E 499 -21.18 49.52 -7.20
N LYS E 500 -21.17 48.59 -6.26
CA LYS E 500 -21.99 48.66 -5.05
C LYS E 500 -21.09 48.56 -3.83
N TRP E 501 -21.61 49.02 -2.69
CA TRP E 501 -20.83 48.98 -1.47
C TRP E 501 -20.49 47.55 -1.07
N GLU E 502 -21.40 46.60 -1.35
CA GLU E 502 -21.12 45.20 -1.03
C GLU E 502 -19.99 44.62 -1.88
N ASP E 503 -19.67 45.25 -3.01
CA ASP E 503 -18.61 44.77 -3.89
C ASP E 503 -17.21 45.09 -3.38
N ILE E 504 -17.09 45.92 -2.34
CA ILE E 504 -15.79 46.39 -1.85
C ILE E 504 -15.42 45.63 -0.59
N GLU E 505 -14.18 45.13 -0.55
CA GLU E 505 -13.65 44.41 0.60
C GLU E 505 -12.45 45.18 1.13
N LEU E 506 -12.51 45.58 2.40
CA LEU E 506 -11.46 46.33 3.06
C LEU E 506 -10.72 45.40 4.01
N ILE E 507 -9.48 45.06 3.67
CA ILE E 507 -8.72 44.02 4.37
C ILE E 507 -7.61 44.67 5.18
N GLY E 508 -7.61 44.40 6.49
CA GLY E 508 -6.51 44.83 7.34
C GLY E 508 -6.47 46.30 7.68
N TYR E 509 -7.62 46.88 8.01
CA TYR E 509 -7.71 48.28 8.41
C TYR E 509 -7.89 48.34 9.92
N TYR E 510 -6.83 48.74 10.63
CA TYR E 510 -6.84 48.83 12.09
C TYR E 510 -6.46 50.27 12.49
N PRO E 511 -7.37 51.21 12.33
CA PRO E 511 -7.05 52.60 12.59
C PRO E 511 -7.14 52.96 14.07
N TYR E 512 -6.70 54.17 14.38
CA TYR E 512 -6.90 54.77 15.68
C TYR E 512 -8.35 55.27 15.80
N PRO E 513 -8.82 55.53 17.01
CA PRO E 513 -10.23 55.92 17.19
C PRO E 513 -10.60 57.17 16.38
N THR E 514 -11.90 57.30 16.15
CA THR E 514 -12.44 58.41 15.38
C THR E 514 -12.19 59.73 16.08
N ILE E 515 -11.94 60.77 15.30
CA ILE E 515 -11.74 62.12 15.81
C ILE E 515 -12.82 63.00 15.21
N LYS E 516 -13.84 63.33 16.01
CA LYS E 516 -14.96 64.14 15.52
C LYS E 516 -14.51 65.57 15.23
N MET E 517 -14.89 66.07 14.06
CA MET E 517 -14.57 67.44 13.64
C MET E 517 -15.77 68.04 12.91
N ASP E 518 -16.20 69.22 13.36
CA ASP E 518 -17.36 69.88 12.78
C ASP E 518 -17.00 70.56 11.46
N MET E 519 -17.94 70.55 10.52
CA MET E 519 -17.74 71.16 9.21
C MET E 519 -18.15 72.62 9.22
N ALA E 520 -17.40 73.44 8.50
CA ALA E 520 -17.71 74.85 8.35
C ALA E 520 -18.62 75.04 7.14
N VAL E 521 -19.80 75.61 7.36
CA VAL E 521 -20.76 75.82 6.29
C VAL E 521 -20.49 77.15 5.60
PA NDP F . 12.12 43.23 -33.74
O1A NDP F . 12.51 42.04 -34.58
O2A NDP F . 12.53 43.01 -32.32
O5B NDP F . 12.85 44.46 -34.29
C5B NDP F . 12.82 44.72 -35.66
C4B NDP F . 13.82 45.67 -36.18
O4B NDP F . 15.09 45.06 -36.24
C3B NDP F . 13.56 46.07 -37.56
O3B NDP F . 12.62 47.07 -37.64
C2B NDP F . 14.86 46.53 -37.97
O2B NDP F . 15.19 47.74 -37.37
C1B NDP F . 15.74 45.51 -37.41
N9A NDP F . 15.94 44.45 -38.34
C8A NDP F . 15.30 43.26 -38.35
N7A NDP F . 15.76 42.51 -39.37
C5A NDP F . 16.72 43.24 -40.04
C6A NDP F . 17.54 43.00 -41.16
N6A NDP F . 17.44 41.70 -41.88
N1A NDP F . 18.42 43.95 -41.59
C2A NDP F . 18.49 45.13 -40.91
N3A NDP F . 17.73 45.40 -39.85
C4A NDP F . 16.83 44.46 -39.37
O3 NDP F . 10.54 43.48 -33.82
PN NDP F . 9.46 42.33 -33.57
O1N NDP F . 8.07 42.80 -34.02
O2N NDP F . 9.83 41.11 -34.38
O5D NDP F . 9.42 41.98 -31.99
C5D NDP F . 8.73 42.82 -31.11
C4D NDP F . 7.57 42.25 -30.43
O4D NDP F . 7.89 40.93 -29.96
C3D NDP F . 7.23 43.02 -29.23
O3D NDP F . 5.86 42.90 -28.97
C2D NDP F . 7.97 42.39 -28.20
O2D NDP F . 7.39 42.65 -26.96
C1D NDP F . 7.88 40.96 -28.58
N1N NDP F . 8.97 40.23 -28.03
C2N NDP F . 8.72 39.09 -27.35
C3N NDP F . 9.75 38.33 -26.80
C7N NDP F . 9.42 37.05 -26.06
O7N NDP F . 10.34 36.29 -25.71
N7N NDP F . 8.06 36.72 -25.75
C4N NDP F . 11.09 38.77 -26.94
C5N NDP F . 11.31 39.96 -27.64
C6N NDP F . 10.25 40.68 -28.18
P2B NDP F . 15.09 49.08 -38.16
O1X NDP F . 13.61 49.40 -38.42
O2X NDP F . 15.70 50.15 -37.35
O3X NDP F . 15.83 48.97 -39.46
N1 UFP G . -10.66 0.46 -12.74
C2 UFP G . -9.73 1.40 -12.43
N3 UFP G . -10.06 2.47 -11.68
C4 UFP G . -11.31 2.64 -11.21
C5 UFP G . -12.30 1.67 -11.53
C6 UFP G . -11.95 0.61 -12.28
O2 UFP G . -8.57 1.33 -12.81
O4 UFP G . -11.59 3.61 -10.54
F5 UFP G . -13.57 1.80 -11.07
C1' UFP G . -10.43 -0.76 -13.55
C2' UFP G . -9.28 -1.65 -13.03
C3' UFP G . -9.58 -2.96 -13.77
C4' UFP G . -11.12 -2.98 -13.80
O3' UFP G . -9.08 -2.89 -15.11
O4' UFP G . -11.56 -1.65 -13.42
C5' UFP G . -11.69 -4.05 -12.85
O5' UFP G . -10.72 -4.40 -11.86
P UFP G . -10.78 -5.99 -11.61
O1P UFP G . -9.47 -6.44 -11.12
O2P UFP G . -11.12 -6.73 -13.00
O3P UFP G . -11.91 -6.34 -10.53
C1 OFJ H . -14.66 0.17 -14.52
C2 OFJ H . -14.00 1.36 -14.76
C3 OFJ H . -12.82 1.30 -15.66
C4 OFJ H . -13.28 -1.06 -15.82
N5 OFJ H . -12.76 -2.18 -16.45
C6 OFJ H . -15.74 1.78 -13.38
C7 OFJ H . -14.33 3.86 -14.00
C9 OFJ H . -13.60 5.57 -15.74
C10 OFJ H . -13.67 6.12 -17.03
C11 OFJ H . -14.53 5.58 -18.01
C21 OFJ H . -10.95 8.80 -23.30
C22 OFJ H . -15.95 9.42 -20.29
C13 OFJ H . -15.28 3.91 -16.37
C14 OFJ H . -14.59 6.18 -19.40
C15 OFJ H . -13.68 8.20 -20.65
C16 OFJ H . -12.49 8.09 -21.40
C17 OFJ H . -12.22 8.94 -22.49
C12 OFJ H . -15.34 4.48 -17.67
C18 OFJ H . -13.17 9.90 -22.86
C19 OFJ H . -14.36 10.03 -22.12
C20 OFJ H . -14.64 9.19 -21.02
C5 OFJ H . -14.68 2.39 -14.03
C8 OFJ H . -14.41 4.46 -15.39
N1 OFJ H . -14.32 -1.07 -15.04
N2 OFJ H . -12.52 0.08 -16.14
N3 OFJ H . -15.71 0.44 -13.68
N4 OFJ H . -13.88 7.32 -19.54
N6 OFJ H . -11.07 9.01 -24.60
O1 OFJ H . -15.26 5.66 -20.29
O2 OFJ H . -12.16 2.30 -15.95
O3 OFJ H . -9.89 8.53 -22.76
O4 OFJ H . -16.53 10.63 -20.56
O5 OFJ H . -16.46 8.59 -19.54
N1 MTX I . 11.16 35.47 -21.80
C2 MTX I . 12.03 34.57 -22.29
NA2 MTX I . 12.01 33.23 -21.78
N3 MTX I . 12.92 34.89 -23.26
C4 MTX I . 12.96 36.14 -23.76
NA4 MTX I . 13.90 36.50 -24.78
C4A MTX I . 12.07 37.12 -23.26
N5 MTX I . 12.08 38.40 -23.74
C6 MTX I . 11.20 39.29 -23.23
C7 MTX I . 10.29 38.95 -22.24
N8 MTX I . 10.29 37.68 -21.77
C8A MTX I . 11.17 36.76 -22.27
C9 MTX I . 11.25 40.69 -23.77
N10 MTX I . 12.55 41.30 -23.55
CM MTX I . 13.45 41.49 -24.65
C11 MTX I . 13.79 42.23 -19.61
C12 MTX I . 12.45 42.41 -19.98
C13 MTX I . 12.04 42.11 -21.27
C14 MTX I . 12.96 41.63 -22.19
C15 MTX I . 14.29 41.44 -21.83
C16 MTX I . 14.70 41.74 -20.53
C MTX I . 14.27 42.54 -18.22
O MTX I . 13.77 43.43 -17.57
N MTX I . 15.35 41.74 -17.66
CA MTX I . 15.87 41.98 -16.33
CT MTX I . 17.25 41.47 -16.30
O1 MTX I . 17.64 40.70 -17.22
O2 MTX I . 18.03 41.79 -15.36
CB MTX I . 15.05 41.18 -15.37
CG MTX I . 14.93 41.64 -13.95
CD MTX I . 14.33 40.66 -12.99
OE1 MTX I . 15.10 39.94 -12.32
OE2 MTX I . 13.13 40.31 -13.14
S SO4 J . 10.57 -0.14 -12.62
O1 SO4 J . 11.97 -0.37 -12.95
O2 SO4 J . 9.72 -1.06 -13.38
O3 SO4 J . 10.37 -0.37 -11.18
O4 SO4 J . 10.21 1.24 -12.94
PA NDP K . 49.89 -18.82 -7.57
O1A NDP K . 50.16 -17.41 -7.11
O2A NDP K . 48.76 -18.83 -8.56
O5B NDP K . 51.14 -19.36 -8.29
C5B NDP K . 52.40 -19.25 -7.69
C4B NDP K . 53.56 -19.44 -8.55
O4B NDP K . 53.72 -18.34 -9.42
C3B NDP K . 54.82 -19.49 -7.81
O3B NDP K . 55.03 -20.73 -7.22
C2B NDP K . 55.78 -19.21 -8.85
O2B NDP K . 55.93 -20.30 -9.71
C1B NDP K . 55.12 -18.15 -9.60
N9A NDP K . 55.54 -16.88 -9.14
C8A NDP K . 54.87 -16.07 -8.28
N7A NDP K . 55.58 -14.93 -8.09
C5A NDP K . 56.72 -15.01 -8.85
C6A NDP K . 57.84 -14.16 -9.07
N6A NDP K . 57.90 -12.84 -8.39
N1A NDP K . 58.84 -14.54 -9.91
C2A NDP K . 58.75 -15.75 -10.53
N3A NDP K . 57.73 -16.59 -10.36
C4A NDP K . 56.69 -16.24 -9.51
O3 NDP K . 49.55 -19.78 -6.35
PN NDP K . 48.41 -19.45 -5.29
O1N NDP K . 48.54 -20.37 -4.07
O2N NDP K . 48.55 -18.02 -4.83
O5D NDP K . 46.96 -19.70 -5.97
C5D NDP K . 46.39 -20.98 -5.94
C4D NDP K . 45.15 -21.17 -5.21
O4D NDP K . 44.33 -20.00 -5.36
C3D NDP K . 44.37 -22.29 -5.74
O3D NDP K . 43.62 -22.87 -4.72
C2D NDP K . 43.50 -21.68 -6.68
O2D NDP K . 42.36 -22.47 -6.87
C1D NDP K . 43.17 -20.39 -6.02
N1N NDP K . 42.74 -19.42 -6.97
C2N NDP K . 41.61 -18.74 -6.74
C3N NDP K . 41.15 -17.77 -7.66
C7N NDP K . 39.86 -17.03 -7.35
O7N NDP K . 39.53 -16.06 -8.06
N7N NDP K . 39.02 -17.42 -6.25
C4N NDP K . 41.88 -17.51 -8.82
C5N NDP K . 43.06 -18.25 -9.03
C6N NDP K . 43.48 -19.19 -8.10
P2B NDP K . 57.22 -21.16 -9.71
O1X NDP K . 57.29 -21.97 -8.39
O2X NDP K . 57.19 -22.08 -10.86
O3X NDP K . 58.43 -20.29 -9.83
N1 UFP L . 5.85 0.93 13.46
C2 UFP L . 6.24 0.46 12.25
N3 UFP L . 5.99 -0.81 11.89
C4 UFP L . 5.34 -1.65 12.71
C5 UFP L . 4.92 -1.19 13.99
C6 UFP L . 5.19 0.08 14.32
O2 UFP L . 6.83 1.14 11.43
O4 UFP L . 5.12 -2.80 12.36
F5 UFP L . 4.27 -2.01 14.84
C1' UFP L . 6.06 2.30 13.99
C2' UFP L . 5.63 3.43 13.04
C3' UFP L . 5.56 4.62 14.02
C4' UFP L . 5.06 3.95 15.33
O3' UFP L . 6.85 5.18 14.23
O4' UFP L . 5.18 2.52 15.11
C5' UFP L . 3.62 4.36 15.66
O5' UFP L . 2.91 4.61 14.45
P UFP L . 1.84 5.77 14.72
O1P UFP L . 1.55 6.46 13.44
O2P UFP L . 2.42 6.83 15.77
O3P UFP L . 0.48 5.13 15.28
C1 OFJ M . 5.98 -0.01 17.72
C2 OFJ M . 6.88 -0.70 16.96
C3 OFJ M . 8.00 0.08 16.35
C4 OFJ M . 7.02 1.99 17.44
N5 OFJ M . 7.24 3.34 17.57
C6 OFJ M . 5.35 -2.16 17.70
C7 OFJ M . 7.19 -3.22 16.23
C9 OFJ M . 9.63 -3.90 15.96
C10 OFJ M . 10.94 -4.04 16.46
C11 OFJ M . 11.27 -3.65 17.78
C21 OFJ M . 18.18 -3.35 16.14
C22 OFJ M . 14.53 -6.83 19.15
C13 OFJ M . 8.93 -2.99 18.09
C14 OFJ M . 12.67 -3.80 18.32
C15 OFJ M . 14.91 -4.77 17.59
C16 OFJ M . 15.83 -3.98 16.87
C17 OFJ M . 17.21 -4.22 16.90
C12 OFJ M . 10.24 -3.12 18.59
C18 OFJ M . 17.69 -5.31 17.66
C19 OFJ M . 16.79 -6.12 18.36
C20 OFJ M . 15.40 -5.89 18.34
C5 OFJ M . 6.48 -2.08 16.94
C8 OFJ M . 8.61 -3.38 16.77
N1 OFJ M . 6.01 1.35 17.99
N2 OFJ M . 8.00 1.39 16.63
N3 OFJ M . 5.04 -0.90 18.17
N4 OFJ M . 13.51 -4.44 17.48
N6 OFJ M . 17.64 -2.29 15.54
O1 OFJ M . 12.97 -3.36 19.41
O2 OFJ M . 8.87 -0.44 15.65
O3 OFJ M . 19.37 -3.61 16.08
O4 OFJ M . 15.15 -8.01 19.45
O5 OFJ M . 13.40 -6.55 19.53
N1 MTX N . 36.20 -16.24 -10.36
C2 MTX N . 36.50 -14.96 -10.58
NA2 MTX N . 35.46 -13.97 -10.42
N3 MTX N . 37.73 -14.56 -10.94
C4 MTX N . 38.72 -15.46 -11.10
NA4 MTX N . 40.04 -15.05 -11.49
C4A MTX N . 38.45 -16.83 -10.88
N5 MTX N . 39.42 -17.78 -11.02
C6 MTX N . 39.11 -19.07 -10.79
C7 MTX N . 37.82 -19.47 -10.41
N8 MTX N . 36.88 -18.52 -10.28
C8A MTX N . 37.17 -17.20 -10.50
C9 MTX N . 40.20 -20.10 -10.97
N10 MTX N . 40.71 -20.08 -12.32
CM MTX N . 42.02 -19.56 -12.59
C11 MTX N . 38.24 -21.36 -15.53
C12 MTX N . 38.18 -22.01 -14.29
C13 MTX N . 38.99 -21.60 -13.24
C14 MTX N . 39.87 -20.54 -13.41
C15 MTX N . 39.93 -19.88 -14.64
C16 MTX N . 39.12 -20.29 -15.69
C MTX N . 37.38 -21.78 -16.69
O MTX N . 37.04 -22.94 -16.81
N MTX N . 36.94 -20.78 -17.64
CA MTX N . 36.10 -21.10 -18.76
CT MTX N . 36.32 -20.05 -19.79
O1 MTX N . 36.93 -18.99 -19.46
O2 MTX N . 35.91 -20.21 -20.97
CB MTX N . 34.68 -20.99 -18.34
CG MTX N . 33.76 -22.16 -18.51
CD MTX N . 32.30 -21.87 -18.30
OE1 MTX N . 31.59 -21.62 -19.30
OE2 MTX N . 31.75 -22.16 -17.21
S SO4 O . 12.26 10.97 -4.23
O1 SO4 O . 13.63 11.46 -4.46
O2 SO4 O . 12.23 9.52 -4.42
O3 SO4 O . 11.86 11.31 -2.87
O4 SO4 O . 11.36 11.61 -5.18
PA NDP P . -10.74 -5.56 39.47
O1A NDP P . -10.34 -6.96 39.07
O2A NDP P . -11.92 -5.59 40.39
O5B NDP P . -9.57 -4.94 40.26
C5B NDP P . -8.27 -4.98 39.73
C4B NDP P . -7.19 -4.70 40.69
O4B NDP P . -7.01 -5.82 41.54
C3B NDP P . -5.90 -4.51 40.04
O3B NDP P . -5.73 -3.21 39.60
C2B NDP P . -4.98 -4.83 41.12
O2B NDP P . -4.93 -3.80 42.05
C1B NDP P . -5.62 -5.96 41.76
N9A NDP P . -5.16 -7.18 41.21
C8A NDP P . -5.76 -7.91 40.24
N7A NDP P . -5.02 -9.01 39.98
C5A NDP P . -3.92 -8.98 40.81
C6A NDP P . -2.81 -9.84 41.01
N6A NDP P . -2.69 -11.07 40.19
N1A NDP P . -1.87 -9.53 41.93
C2A NDP P . -2.00 -8.38 42.66
N3A NDP P . -3.03 -7.55 42.51
C4A NDP P . -4.01 -7.83 41.58
O3 NDP P . -11.06 -4.62 38.22
PN NDP P . -11.89 -5.11 36.95
O1N NDP P . -11.77 -4.09 35.81
O2N NDP P . -11.35 -6.44 36.45
O5D NDP P . -13.45 -5.25 37.39
C5D NDP P . -14.19 -4.10 37.70
C4D NDP P . -15.32 -3.80 36.84
O4D NDP P . -16.20 -4.93 36.82
C3D NDP P . -16.11 -2.67 37.35
O3D NDP P . -16.75 -2.04 36.30
C2D NDP P . -17.08 -3.30 38.17
O2D NDP P . -18.21 -2.48 38.29
C1D NDP P . -17.39 -4.54 37.44
N1N NDP P . -17.88 -5.54 38.33
C2N NDP P . -18.98 -6.23 37.99
C3N NDP P . -19.49 -7.22 38.84
C7N NDP P . -20.74 -7.98 38.43
O7N NDP P . -21.10 -8.97 39.11
N7N NDP P . -21.52 -7.59 37.29
C4N NDP P . -18.86 -7.48 40.07
C5N NDP P . -17.72 -6.74 40.39
C6N NDP P . -17.24 -5.77 39.52
P2B NDP P . -3.73 -2.80 42.09
O1X NDP P . -3.79 -1.91 40.82
O2X NDP P . -3.84 -1.98 43.30
O3X NDP P . -2.45 -3.55 42.13
N1 UFP Q . -52.36 -28.04 15.90
C2 UFP Q . -51.89 -27.64 17.12
N3 UFP Q . -52.22 -26.43 17.62
C4 UFP Q . -53.01 -25.59 16.94
C5 UFP Q . -53.50 -25.97 15.67
C6 UFP Q . -53.16 -27.18 15.18
O2 UFP Q . -51.17 -28.34 17.81
O4 UFP Q . -53.30 -24.50 17.41
F5 UFP Q . -54.30 -25.14 14.95
C1' UFP Q . -52.08 -29.34 15.24
C2' UFP Q . -52.30 -30.58 16.13
C3' UFP Q . -52.35 -31.70 15.07
C4' UFP Q . -52.96 -31.00 13.84
O3' UFP Q . -51.03 -32.15 14.76
O4' UFP Q . -53.04 -29.58 14.19
C5' UFP Q . -54.33 -31.58 13.45
O5' UFP Q . -55.06 -31.97 14.61
P UFP Q . -55.99 -33.24 14.24
O1P UFP Q . -55.24 -34.19 13.18
O2P UFP Q . -56.27 -34.01 15.46
O3P UFP Q . -57.37 -32.71 13.60
C1 OFJ R . -52.07 -26.97 11.66
C2 OFJ R . -51.23 -26.25 12.47
C3 OFJ R . -50.10 -26.97 13.08
C4 OFJ R . -50.93 -28.92 11.92
N5 OFJ R . -50.63 -30.25 11.76
C6 OFJ R . -52.83 -24.86 11.72
C7 OFJ R . -51.11 -23.73 13.25
C9 OFJ R . -48.74 -22.88 13.63
C10 OFJ R . -47.42 -22.63 13.18
C11 OFJ R . -47.03 -22.96 11.86
C21 OFJ R . -40.11 -22.87 13.55
C22 OFJ R . -44.04 -19.46 10.83
C13 OFJ R . -49.31 -23.79 11.45
C14 OFJ R . -45.62 -22.70 11.38
C15 OFJ R . -43.49 -21.60 12.22
C16 OFJ R . -42.50 -22.38 12.86
C17 OFJ R . -41.13 -22.02 12.86
C12 OFJ R . -47.99 -23.55 11.00
C18 OFJ R . -40.75 -20.84 12.20
C19 OFJ R . -41.72 -20.04 11.55
C20 OFJ R . -43.09 -20.39 11.55
C5 OFJ R . -51.71 -24.89 12.50
C8 OFJ R . -49.69 -23.46 12.77
N1 OFJ R . -51.95 -28.32 11.37
N2 OFJ R . -50.01 -28.28 12.76
N3 OFJ R . -53.05 -26.12 11.20
N4 OFJ R . -44.85 -22.04 12.28
N6 OFJ R . -38.83 -22.46 13.43
O1 OFJ R . -45.25 -23.08 10.27
O2 OFJ R . -49.27 -26.43 13.81
O3 OFJ R . -40.41 -23.87 14.19
O4 OFJ R . -43.53 -18.22 10.59
O5 OFJ R . -45.18 -19.79 10.49
N1 MTX S . -24.41 -8.92 41.43
C2 MTX S . -24.06 -10.21 41.59
NA2 MTX S . -25.07 -11.21 41.32
N3 MTX S . -22.85 -10.59 41.98
C4 MTX S . -21.89 -9.66 42.24
NA4 MTX S . -20.58 -10.05 42.65
C4A MTX S . -22.20 -8.29 42.09
N5 MTX S . -21.26 -7.33 42.33
C6 MTX S . -21.60 -6.03 42.16
C7 MTX S . -22.89 -5.65 41.76
N8 MTX S . -23.80 -6.63 41.52
C8A MTX S . -23.47 -7.95 41.68
C9 MTX S . -20.56 -5.00 42.45
N10 MTX S . -20.14 -5.06 43.83
CM MTX S . -18.86 -5.59 44.20
C11 MTX S . -22.90 -3.86 46.80
C12 MTX S . -22.86 -3.20 45.58
C13 MTX S . -21.95 -3.59 44.60
C14 MTX S . -21.09 -4.64 44.85
C15 MTX S . -21.12 -5.31 46.07
C16 MTX S . -22.03 -4.92 47.05
C MTX S . -23.87 -3.47 47.88
O MTX S . -24.24 -2.32 48.00
N MTX S . -24.37 -4.51 48.75
CA MTX S . -25.30 -4.24 49.81
CT MTX S . -25.13 -5.32 50.82
O1 MTX S . -24.50 -6.36 50.50
O2 MTX S . -25.62 -5.19 51.98
CB MTX S . -26.68 -4.35 49.25
CG MTX S . -27.79 -3.52 49.84
CD MTX S . -29.17 -3.88 49.40
OE1 MTX S . -29.86 -4.65 50.09
OE2 MTX S . -29.51 -3.68 48.20
S SO4 T . -45.88 -37.66 33.62
O1 SO4 T . -44.49 -37.22 33.56
O2 SO4 T . -46.25 -38.31 32.36
O3 SO4 T . -46.04 -38.59 34.72
O4 SO4 T . -46.74 -36.49 33.85
PA NDP U . -3.12 -24.34 -30.17
O1A NDP U . -3.24 -25.54 -31.08
O2A NDP U . -1.66 -23.97 -30.01
O5B NDP U . -3.85 -23.15 -30.79
C5B NDP U . -5.16 -23.30 -31.27
C4B NDP U . -5.67 -22.26 -32.16
O4B NDP U . -5.06 -22.36 -33.44
C3B NDP U . -7.10 -22.40 -32.43
O3B NDP U . -7.87 -21.87 -31.42
C2B NDP U . -7.25 -21.66 -33.66
O2B NDP U . -7.19 -20.28 -33.40
C1B NDP U . -6.05 -22.03 -34.41
N9A NDP U . -6.33 -23.14 -35.24
C8A NDP U . -6.08 -24.45 -34.97
N7A NDP U . -6.49 -25.20 -36.01
C5A NDP U . -7.03 -24.37 -36.97
C6A NDP U . -7.61 -24.58 -38.24
N6A NDP U . -7.73 -25.95 -38.79
N1A NDP U . -8.05 -23.50 -38.96
C2A NDP U . -7.93 -22.25 -38.44
N3A NDP U . -7.39 -22.02 -37.24
C4A NDP U . -6.92 -23.07 -36.48
O3 NDP U . -3.75 -24.64 -28.74
PN NDP U . -3.37 -25.91 -27.87
O1N NDP U . -4.37 -26.09 -26.72
O2N NDP U . -3.42 -27.16 -28.74
O5D NDP U . -1.88 -25.72 -27.24
C5D NDP U . -1.74 -25.02 -26.04
C4D NDP U . -1.23 -25.75 -24.89
O4D NDP U . -0.18 -26.62 -25.29
C3D NDP U . -0.66 -24.84 -23.89
O3D NDP U . -0.82 -25.37 -22.61
C2D NDP U . 0.72 -24.81 -24.22
O2D NDP U . 1.48 -24.46 -23.10
C1D NDP U . 0.98 -26.21 -24.64
N1N NDP U . 2.12 -26.27 -25.51
C2N NDP U . 3.05 -27.21 -25.29
C3N NDP U . 4.19 -27.30 -26.10
C7N NDP U . 5.23 -28.37 -25.82
O7N NDP U . 6.14 -28.56 -26.64
N7N NDP U . 5.18 -29.16 -24.62
C4N NDP U . 4.35 -26.40 -27.17
C5N NDP U . 3.36 -25.43 -27.37
C6N NDP U . 2.25 -25.38 -26.54
P2B NDP U . -8.48 -19.42 -33.44
O1X NDP U . -9.38 -19.79 -32.25
O2X NDP U . -8.11 -17.99 -33.38
O3X NDP U . -9.23 -19.65 -34.72
N1 UFP V . 25.68 -63.89 -10.33
C2 UFP V . 25.83 -62.63 -10.83
N3 UFP V . 25.86 -61.57 -10.00
C4 UFP V . 25.76 -61.71 -8.66
C5 UFP V . 25.60 -63.02 -8.13
C6 UFP V . 25.57 -64.06 -8.98
O2 UFP V . 25.93 -62.39 -12.02
O4 UFP V . 25.79 -60.75 -7.94
F5 UFP V . 25.49 -63.21 -6.79
C1' UFP V . 25.63 -65.13 -11.13
C2' UFP V . 26.78 -65.33 -12.13
C3' UFP V . 26.61 -66.82 -12.44
C4' UFP V . 26.25 -67.41 -11.06
O3' UFP V . 25.51 -67.01 -13.33
O4' UFP V . 25.81 -66.27 -10.25
C5' UFP V . 27.43 -68.13 -10.41
O5' UFP V . 28.66 -67.76 -11.05
P UFP V . 29.56 -69.09 -11.20
O1P UFP V . 30.50 -68.91 -12.34
O2P UFP V . 28.61 -70.36 -11.47
O3P UFP V . 30.41 -69.34 -9.86
C1 OFJ W . 22.91 -66.18 -7.86
C2 OFJ W . 22.45 -64.94 -8.21
C3 OFJ W . 22.17 -64.71 -9.65
C4 OFJ W . 22.87 -67.01 -9.98
N5 OFJ W . 23.01 -67.92 -10.99
C6 OFJ W . 22.78 -64.96 -5.99
C7 OFJ W . 21.90 -62.72 -6.91
C9 OFJ W . 20.03 -61.37 -7.98
C10 OFJ W . 18.71 -61.26 -8.44
C11 OFJ W . 17.80 -62.35 -8.35
C21 OFJ W . 13.35 -59.70 -13.27
C22 OFJ W . 13.69 -60.31 -7.45
C13 OFJ W . 19.59 -63.67 -7.32
C14 OFJ W . 16.39 -62.23 -8.85
C15 OFJ W . 14.79 -60.50 -9.79
C16 OFJ W . 14.67 -60.34 -11.19
C17 OFJ W . 13.47 -59.87 -11.79
C12 OFJ W . 18.26 -63.55 -7.79
C18 OFJ W . 12.39 -59.55 -10.95
C19 OFJ W . 12.49 -59.71 -9.56
C20 OFJ W . 13.68 -60.17 -8.95
C5 OFJ W . 22.37 -64.15 -7.02
C8 OFJ W . 20.48 -62.58 -7.41
N1 OFJ W . 23.14 -67.25 -8.72
N2 OFJ W . 22.39 -65.76 -10.46
N3 OFJ W . 23.11 -66.19 -6.50
N4 OFJ W . 16.03 -60.99 -9.26
N6 OFJ W . 12.25 -59.10 -13.71
O1 OFJ W . 15.65 -63.21 -8.88
O2 OFJ W . 21.75 -63.64 -10.08
O3 OFJ W . 14.25 -60.08 -14.03
O4 OFJ W . 12.69 -59.60 -6.83
O5 OFJ W . 14.52 -60.97 -6.83
N1 MTX X . 9.95 -27.62 -25.61
C2 MTX X . 10.20 -28.26 -26.77
NA2 MTX X . 11.19 -29.29 -26.79
N3 MTX X . 9.52 -27.96 -27.90
C4 MTX X . 8.59 -26.99 -27.90
NA4 MTX X . 7.87 -26.66 -29.09
C4A MTX X . 8.30 -26.29 -26.70
N5 MTX X . 7.36 -25.31 -26.65
C6 MTX X . 7.13 -24.67 -25.48
C7 MTX X . 7.83 -25.00 -24.31
N8 MTX X . 8.76 -25.98 -24.38
C8A MTX X . 9.01 -26.63 -25.56
C9 MTX X . 6.09 -23.59 -25.46
N10 MTX X . 6.42 -22.52 -26.37
CM MTX X . 5.66 -22.35 -27.58
C11 MTX X . 9.75 -20.02 -25.62
C12 MTX X . 8.96 -20.46 -24.55
C13 MTX X . 7.87 -21.28 -24.80
C14 MTX X . 7.56 -21.65 -26.10
C15 MTX X . 8.34 -21.22 -27.16
C16 MTX X . 9.43 -20.40 -26.92
C MTX X . 10.96 -19.13 -25.41
O MTX X . 10.98 -18.33 -24.50
N MTX X . 12.09 -19.26 -26.30
CA MTX X . 13.27 -18.45 -26.15
CT MTX X . 13.99 -18.47 -27.44
O1 MTX X . 13.67 -19.33 -28.31
O2 MTX X . 14.92 -17.64 -27.67
CB MTX X . 14.15 -19.08 -25.14
CG MTX X . 14.96 -18.22 -24.21
CD MTX X . 16.02 -18.93 -23.42
OE1 MTX X . 17.18 -18.95 -23.87
OE2 MTX X . 15.65 -19.85 -22.65
S SO4 Y . 32.85 -56.38 -29.01
O1 SO4 Y . 33.76 -56.14 -30.13
O2 SO4 Y . 31.98 -57.51 -29.32
O3 SO4 Y . 33.64 -56.68 -27.81
O4 SO4 Y . 32.04 -55.19 -28.77
PA NDP Z . 11.35 30.01 22.44
O1A NDP Z . 11.58 31.24 23.29
O2A NDP Z . 11.87 30.24 21.04
O5B NDP Z . 12.14 28.83 23.02
C5B NDP Z . 12.02 28.52 24.38
C4B NDP Z . 13.08 27.65 24.91
O4B NDP Z . 14.29 28.36 24.99
C3B NDP Z . 12.83 27.20 26.28
O3B NDP Z . 11.96 26.12 26.34
C2B NDP Z . 14.16 26.82 26.68
O2B NDP Z . 14.54 25.63 26.06
C1B NDP Z . 14.97 27.89 26.13
N9A NDP Z . 15.13 28.93 27.10
C8A NDP Z . 14.41 30.06 27.19
N7A NDP Z . 14.86 30.79 28.23
C5A NDP Z . 15.89 30.10 28.82
C6A NDP Z . 16.74 30.34 29.92
N6A NDP Z . 16.59 31.59 30.70
N1A NDP Z . 17.70 29.44 30.26
C2A NDP Z . 17.83 28.30 29.52
N3A NDP Z . 17.05 28.03 28.47
C4A NDP Z . 16.06 28.92 28.09
O3 NDP Z . 9.81 29.59 22.37
PN NDP Z . 8.61 30.63 22.21
O1N NDP Z . 7.27 29.94 22.51
O2N NDP Z . 8.79 31.78 23.19
O5D NDP Z . 8.61 31.16 20.68
C5D NDP Z . 8.19 30.32 19.64
C4D NDP Z . 7.01 30.72 18.91
O4D NDP Z . 7.18 32.06 18.44
C3D NDP Z . 6.80 29.89 17.72
O3D NDP Z . 5.44 29.87 17.41
C2D NDP Z . 7.49 30.60 16.69
O2D NDP Z . 6.97 30.28 15.44
C1D NDP Z . 7.23 32.01 17.04
N1N NDP Z . 8.26 32.84 16.52
C2N NDP Z . 7.93 33.93 15.82
C3N NDP Z . 8.92 34.78 15.28
C7N NDP Z . 8.52 36.01 14.48
O7N NDP Z . 9.38 36.84 14.17
N7N NDP Z . 7.15 36.23 14.08
C4N NDP Z . 10.28 34.49 15.50
C5N NDP Z . 10.57 33.34 16.25
C6N NDP Z . 9.57 32.53 16.76
P2B NDP Z . 14.64 24.30 26.88
O1X NDP Z . 13.21 23.87 27.29
O2X NDP Z . 15.27 23.26 26.05
O3X NDP Z . 15.48 24.49 28.10
N1 UFP AA . -13.39 70.89 0.66
C2 UFP AA . -12.34 70.09 0.32
N3 UFP AA . -12.53 69.00 -0.45
C4 UFP AA . -13.74 68.67 -0.91
C5 UFP AA . -14.85 69.50 -0.57
C6 UFP AA . -14.64 70.57 0.20
O2 UFP AA . -11.19 70.29 0.69
O4 UFP AA . -13.89 67.69 -1.61
F5 UFP AA . -16.10 69.21 -1.00
C1' UFP AA . -13.33 72.11 1.48
C2' UFP AA . -12.26 73.14 1.05
C3' UFP AA . -12.77 74.40 1.76
C4' UFP AA . -14.30 74.26 1.64
O3' UFP AA . -12.39 74.37 3.14
O4' UFP AA . -14.54 72.87 1.30
C5' UFP AA . -14.91 75.23 0.61
O5' UFP AA . -13.89 75.69 -0.27
P UFP AA . -14.11 77.25 -0.60
O1P UFP AA . -12.79 77.82 -0.94
O2P UFP AA . -14.73 78.01 0.66
O3P UFP AA . -15.08 77.43 -1.87
C1 OFJ BA . -17.54 70.83 2.29
C2 OFJ BA . -16.84 69.67 2.52
C3 OFJ BA . -15.68 69.77 3.44
C4 OFJ BA . -16.24 72.10 3.62
N5 OFJ BA . -15.78 73.24 4.27
C6 OFJ BA . -18.53 69.19 1.11
C7 OFJ BA . -17.06 67.17 1.74
C9 OFJ BA . -16.30 65.48 3.50
C10 OFJ BA . -16.37 64.93 4.80
C11 OFJ BA . -17.27 65.45 5.77
C21 OFJ BA . -13.47 62.52 11.00
C22 OFJ BA . -18.57 61.52 8.24
C13 OFJ BA . -18.03 67.08 4.10
C14 OFJ BA . -17.32 64.86 7.15
C15 OFJ BA . -16.34 62.89 8.44
C16 OFJ BA . -15.12 63.08 9.15
C17 OFJ BA . -14.77 62.30 10.27
C12 OFJ BA . -18.10 66.53 5.41
C18 OFJ BA . -15.65 61.29 10.70
C19 OFJ BA . -16.87 61.08 10.01
C20 OFJ BA . -17.23 61.86 8.88
C5 OFJ BA . -17.46 68.62 1.78
C8 OFJ BA . -17.13 66.57 3.14
N1 OFJ BA . -17.27 72.08 2.82
N2 OFJ BA . -15.44 70.99 3.93
N3 OFJ BA . -18.57 70.52 1.43
N4 OFJ BA . -16.58 63.75 7.31
N6 OFJ BA . -13.16 61.63 11.95
O1 OFJ BA . -18.02 65.37 8.03
O2 OFJ BA . -14.98 68.80 3.72
O3 OFJ BA . -12.73 63.46 10.74
O4 OFJ BA . -19.03 60.28 8.58
O5 OFJ BA . -19.17 62.28 7.49
N1 MTX CA . 10.45 37.51 10.33
C2 MTX CA . 11.18 38.51 10.87
NA2 MTX CA . 11.05 39.83 10.31
N3 MTX CA . 12.02 38.31 11.89
C4 MTX CA . 12.17 37.08 12.43
NA4 MTX CA . 13.05 36.84 13.52
C4A MTX CA . 11.42 36.00 11.90
N5 MTX CA . 11.53 34.74 12.42
C6 MTX CA . 10.80 33.75 11.88
C7 MTX CA . 9.92 33.96 10.82
N8 MTX CA . 9.82 35.21 10.32
C8A MTX CA . 10.55 36.24 10.85
C9 MTX CA . 10.97 32.38 12.48
N10 MTX CA . 12.35 31.96 12.31
CM MTX CA . 13.24 31.94 13.44
C11 MTX CA . 13.80 31.08 8.43
C12 MTX CA . 12.48 30.75 8.77
C13 MTX CA . 12.00 31.03 10.05
C14 MTX CA . 12.84 31.65 10.98
C15 MTX CA . 14.14 31.99 10.63
C16 MTX CA . 14.61 31.71 9.36
C MTX CA . 14.35 30.81 7.05
O MTX CA . 13.97 29.86 6.40
N MTX CA . 15.34 31.72 6.50
CA MTX CA . 15.92 31.53 5.19
CT MTX CA . 17.29 32.06 5.24
O1 MTX CA . 17.59 32.92 6.11
O2 MTX CA . 18.16 31.67 4.40
CB MTX CA . 15.14 32.34 4.22
CG MTX CA . 14.95 31.84 2.83
CD MTX CA . 14.40 32.82 1.84
OE1 MTX CA . 15.19 33.48 1.11
OE2 MTX CA . 13.16 32.90 1.65
S SO4 DA . 7.57 72.96 1.44
O1 SO4 DA . 8.59 73.84 0.87
O2 SO4 DA . 7.15 71.98 0.43
O3 SO4 DA . 8.12 72.27 2.60
O4 SO4 DA . 6.42 73.76 1.86
S SO4 EA . -1.24 77.14 15.70
O1 SO4 EA . 0.17 77.22 15.32
O2 SO4 EA . -1.52 75.80 16.22
O3 SO4 EA . -1.54 78.14 16.72
O4 SO4 EA . -2.07 77.40 14.53
#